data_6AXF
#
_entry.id   6AXF
#
_cell.length_a   138.998
_cell.length_b   209.258
_cell.length_c   336.765
_cell.angle_alpha   90.00
_cell.angle_beta   90.00
_cell.angle_gamma   90.00
#
_symmetry.space_group_name_H-M   'I 21 21 21'
#
loop_
_entity.id
_entity.type
_entity.pdbx_description
1 polymer 'RAS guanyl-releasing protein 2'
2 polymer 'Ras-related protein Rap-1b'
#
loop_
_entity_poly.entity_id
_entity_poly.type
_entity_poly.pdbx_seq_one_letter_code
_entity_poly.pdbx_strand_id
1 'polypeptide(L)'
;SNA(MSE)AGTLDLDKGCTVEELLRGCIEAFDDSGKVRDPQLVR(MSE)FL(MSE)(MSE)HPWYIPSSQLAAKLLHIYQ
QSRKDNSNSLQVKTCHLVRYWISAFPAEFDLNPELAEQIKELKALLDQEGNRRHSSLIDIDSVPTYKWKRQVTQRNPVGQ
KKRK(MSE)SLLFDHLEP(MSE)ELAEHLTYLEYRSFCKILFQDYHSFVTHGCTVDNPVLERFISLFNSVSQWVQL
(MSE)ILSKPTAPQRALVITHFVHVAEKLLQLQNFNTL(MSE)AVVGGLSHSSISRLKETHSHVSPETIKLWEGLTELVT
ATGNYGNYRRRLAACVGFRFPILGVHLKDLVALQLALPDWLDPARTRLNGAK(MSE)KQLFSILEELA(MSE)VTSLRPP
VQANPDLLSLLTVSLDQYQTEDELYQLSLQREPRSKSSPTS
;
A,C,E,G,I,K,M,O
2 'polypeptide(L)'
;GAMREYKLVVLGSGGVGKSALTVQFVQGIFVEKYDPTIEDSYRKQVEVDAQQCMLEILDTAGTEQFTAMRDLYMKNGQGF
ALVYSITAQSTFNDLQDLREQILRVKDTDDVPMILVGNKCDLEDERVVGKEQGQNLARQWNNCAFLESSAKSKINVNEIF
YDLVRQINR
;
B,D,F,H,J,L,N,P
#
# COMPACT_ATOMS: atom_id res chain seq x y z
N ASP A 11 6.22 45.81 -70.68
CA ASP A 11 5.38 46.57 -69.75
C ASP A 11 4.63 45.63 -68.81
N LYS A 12 3.34 45.40 -69.11
CA LYS A 12 2.51 44.51 -68.32
C LYS A 12 2.31 43.20 -69.06
N GLY A 13 2.59 42.09 -68.39
CA GLY A 13 2.49 40.78 -68.99
C GLY A 13 3.79 40.22 -69.54
N CYS A 14 4.94 40.75 -69.10
CA CYS A 14 6.22 40.30 -69.63
C CYS A 14 6.54 38.90 -69.13
N THR A 15 7.37 38.20 -69.91
CA THR A 15 7.91 36.90 -69.52
C THR A 15 9.40 37.04 -69.22
N VAL A 16 9.96 35.99 -68.63
CA VAL A 16 11.37 36.03 -68.23
C VAL A 16 12.28 36.14 -69.45
N GLU A 17 11.91 35.49 -70.56
CA GLU A 17 12.68 35.62 -71.80
C GLU A 17 12.64 37.05 -72.33
N GLU A 18 11.43 37.60 -72.46
CA GLU A 18 11.28 38.97 -72.94
C GLU A 18 12.01 39.95 -72.03
N LEU A 19 11.94 39.73 -70.72
CA LEU A 19 12.55 40.67 -69.78
C LEU A 19 14.07 40.57 -69.80
N LEU A 20 14.61 39.36 -69.94
CA LEU A 20 16.05 39.19 -70.08
C LEU A 20 16.55 39.86 -71.37
N ARG A 21 15.83 39.64 -72.48
CA ARG A 21 16.16 40.33 -73.71
C ARG A 21 16.12 41.85 -73.53
N GLY A 22 15.12 42.36 -72.83
CA GLY A 22 15.07 43.79 -72.54
C GLY A 22 16.26 44.27 -71.74
N CYS A 23 16.72 43.45 -70.79
CA CYS A 23 17.90 43.81 -70.02
C CYS A 23 19.14 43.82 -70.90
N ILE A 24 19.22 42.90 -71.86
CA ILE A 24 20.34 42.91 -72.81
C ILE A 24 20.30 44.17 -73.65
N GLU A 25 19.12 44.52 -74.19
CA GLU A 25 18.98 45.69 -75.03
C GLU A 25 19.22 46.99 -74.28
N ALA A 26 19.15 46.97 -72.95
CA ALA A 26 19.35 48.18 -72.16
C ALA A 26 20.78 48.70 -72.18
N PHE A 27 21.74 47.90 -72.64
CA PHE A 27 23.13 48.32 -72.64
C PHE A 27 23.51 48.96 -73.97
N ASP A 28 24.68 49.59 -73.98
CA ASP A 28 25.26 50.18 -75.17
C ASP A 28 26.42 49.31 -75.66
N ASP A 29 26.74 49.46 -76.94
CA ASP A 29 27.89 48.74 -77.49
C ASP A 29 29.19 49.17 -76.81
N SER A 30 29.26 50.42 -76.34
CA SER A 30 30.40 50.88 -75.57
C SER A 30 30.40 50.35 -74.15
N GLY A 31 29.26 49.88 -73.66
CA GLY A 31 29.11 49.43 -72.28
C GLY A 31 28.22 50.32 -71.44
N LYS A 32 27.84 51.49 -71.95
CA LYS A 32 26.96 52.38 -71.21
C LYS A 32 25.61 51.71 -70.96
N VAL A 33 25.11 51.88 -69.74
CA VAL A 33 23.80 51.37 -69.36
C VAL A 33 22.79 52.51 -69.50
N ARG A 34 21.73 52.28 -70.29
CA ARG A 34 20.79 53.35 -70.60
C ARG A 34 19.79 53.56 -69.47
N ASP A 35 19.05 52.52 -69.11
CA ASP A 35 18.12 52.56 -67.97
C ASP A 35 18.56 51.52 -66.95
N PRO A 36 19.39 51.92 -65.98
CA PRO A 36 19.92 50.95 -65.01
C PRO A 36 18.88 50.39 -64.06
N GLN A 37 17.74 51.05 -63.89
CA GLN A 37 16.76 50.58 -62.92
C GLN A 37 16.18 49.24 -63.34
N LEU A 38 15.90 49.05 -64.63
CA LEU A 38 15.33 47.80 -65.11
C LEU A 38 16.31 46.64 -64.93
N VAL A 39 17.57 46.84 -65.33
CA VAL A 39 18.55 45.76 -65.26
C VAL A 39 18.89 45.46 -63.80
N ARG A 40 18.97 46.49 -62.94
CA ARG A 40 19.18 46.23 -61.52
C ARG A 40 17.99 45.49 -60.92
N MSE A 41 16.78 45.79 -61.37
CA MSE A 41 15.60 45.11 -60.87
C MSE A 41 15.63 43.63 -61.21
O MSE A 41 15.51 42.78 -60.33
CB MSE A 41 14.33 45.74 -61.43
CG MSE A 41 13.04 45.18 -60.83
SE MSE A 41 11.41 45.86 -61.65
CE MSE A 41 11.52 44.91 -63.35
N PHE A 42 15.81 43.31 -62.49
CA PHE A 42 15.72 41.92 -62.91
C PHE A 42 16.90 41.10 -62.38
N LEU A 43 18.09 41.70 -62.31
CA LEU A 43 19.25 40.95 -61.84
C LEU A 43 19.16 40.61 -60.35
N MSE A 44 18.36 41.33 -59.59
CA MSE A 44 18.19 40.99 -58.18
C MSE A 44 16.94 40.13 -57.97
O MSE A 44 16.95 39.19 -57.18
CB MSE A 44 18.11 42.25 -57.31
CG MSE A 44 17.76 41.95 -55.85
SE MSE A 44 18.19 43.38 -54.61
CE MSE A 44 16.91 44.72 -55.23
N MSE A 45 15.88 40.45 -58.70
CA MSE A 45 14.57 39.86 -58.46
C MSE A 45 14.36 38.49 -59.12
O MSE A 45 13.42 37.77 -58.76
CB MSE A 45 13.46 40.81 -58.92
CG MSE A 45 13.33 42.08 -58.09
SE MSE A 45 13.02 41.70 -56.20
CE MSE A 45 11.57 40.40 -56.39
N HIS A 46 15.21 38.14 -60.07
CA HIS A 46 14.94 36.95 -60.87
C HIS A 46 14.94 35.62 -60.09
N PRO A 47 15.69 35.44 -58.99
CA PRO A 47 15.55 34.19 -58.23
C PRO A 47 14.14 33.94 -57.73
N TRP A 48 13.32 34.98 -57.60
CA TRP A 48 11.92 34.79 -57.24
C TRP A 48 11.20 33.93 -58.28
N TYR A 49 11.60 34.02 -59.55
CA TYR A 49 10.91 33.36 -60.64
C TYR A 49 11.74 32.30 -61.34
N ILE A 50 13.05 32.50 -61.49
CA ILE A 50 13.90 31.55 -62.18
C ILE A 50 15.24 31.46 -61.48
N PRO A 51 15.78 30.26 -61.24
CA PRO A 51 17.09 30.15 -60.59
C PRO A 51 18.18 30.86 -61.39
N SER A 52 19.18 31.36 -60.65
CA SER A 52 20.23 32.16 -61.28
C SER A 52 21.04 31.36 -62.28
N SER A 53 21.29 30.08 -61.98
CA SER A 53 22.03 29.24 -62.92
C SER A 53 21.28 29.09 -64.23
N GLN A 54 19.96 28.96 -64.17
CA GLN A 54 19.17 28.83 -65.39
C GLN A 54 19.16 30.13 -66.19
N LEU A 55 19.10 31.27 -65.51
CA LEU A 55 19.19 32.56 -66.20
C LEU A 55 20.55 32.72 -66.87
N ALA A 56 21.63 32.31 -66.19
CA ALA A 56 22.95 32.34 -66.79
C ALA A 56 23.02 31.43 -68.01
N ALA A 57 22.39 30.25 -67.93
CA ALA A 57 22.34 29.35 -69.08
C ALA A 57 21.59 30.00 -70.25
N LYS A 58 20.53 30.74 -69.95
CA LYS A 58 19.79 31.44 -71.02
C LYS A 58 20.65 32.54 -71.64
N LEU A 59 21.39 33.29 -70.83
CA LEU A 59 22.32 34.27 -71.37
C LEU A 59 23.39 33.60 -72.23
N LEU A 60 23.89 32.45 -71.78
CA LEU A 60 24.84 31.67 -72.56
C LEU A 60 24.27 31.30 -73.93
N HIS A 61 23.04 30.78 -73.94
CA HIS A 61 22.41 30.39 -75.20
C HIS A 61 22.21 31.59 -76.11
N ILE A 62 21.80 32.73 -75.55
CA ILE A 62 21.62 33.94 -76.35
C ILE A 62 22.95 34.36 -76.96
N TYR A 63 24.03 34.31 -76.18
CA TYR A 63 25.34 34.67 -76.71
C TYR A 63 25.77 33.73 -77.83
N GLN A 64 25.57 32.43 -77.64
CA GLN A 64 25.93 31.46 -78.68
C GLN A 64 25.13 31.69 -79.96
N GLN A 65 23.81 31.85 -79.82
CA GLN A 65 22.96 32.04 -80.99
C GLN A 65 23.30 33.34 -81.71
N SER A 66 23.68 34.39 -80.96
CA SER A 66 24.13 35.62 -81.60
C SER A 66 25.49 35.45 -82.27
N ARG A 67 26.36 34.61 -81.69
CA ARG A 67 27.65 34.33 -82.31
C ARG A 67 27.47 33.65 -83.66
N LYS A 68 26.53 32.70 -83.76
CA LYS A 68 26.32 32.02 -85.03
C LYS A 68 25.89 33.00 -86.13
N ASP A 69 25.16 34.05 -85.76
CA ASP A 69 24.68 35.04 -86.73
C ASP A 69 25.61 36.24 -86.87
N ASN A 70 26.80 36.18 -86.26
CA ASN A 70 27.82 37.23 -86.36
C ASN A 70 27.32 38.58 -85.86
N SER A 71 26.27 38.61 -85.05
CA SER A 71 25.75 39.85 -84.50
C SER A 71 26.68 40.32 -83.39
N ASN A 72 27.60 41.22 -83.75
CA ASN A 72 28.58 41.73 -82.78
C ASN A 72 27.89 42.50 -81.65
N SER A 73 26.86 43.28 -81.99
CA SER A 73 26.16 44.07 -80.99
C SER A 73 25.57 43.19 -79.89
N LEU A 74 24.83 42.14 -80.28
CA LEU A 74 24.23 41.28 -79.27
C LEU A 74 25.29 40.60 -78.41
N GLN A 75 26.40 40.19 -79.03
CA GLN A 75 27.49 39.57 -78.27
C GLN A 75 28.03 40.51 -77.21
N VAL A 76 28.43 41.72 -77.61
CA VAL A 76 29.07 42.62 -76.66
C VAL A 76 28.06 43.10 -75.62
N LYS A 77 26.78 43.27 -76.01
CA LYS A 77 25.76 43.66 -75.04
C LYS A 77 25.54 42.56 -73.99
N THR A 78 25.47 41.29 -74.43
CA THR A 78 25.36 40.19 -73.49
C THR A 78 26.54 40.15 -72.54
N CYS A 79 27.76 40.33 -73.08
CA CYS A 79 28.94 40.33 -72.23
C CYS A 79 28.92 41.47 -71.23
N HIS A 80 28.41 42.64 -71.65
CA HIS A 80 28.30 43.77 -70.73
C HIS A 80 27.26 43.49 -69.65
N LEU A 81 26.17 42.81 -70.01
CA LEU A 81 25.18 42.42 -69.01
C LEU A 81 25.78 41.47 -67.98
N VAL A 82 26.54 40.49 -68.44
CA VAL A 82 27.18 39.55 -67.51
C VAL A 82 28.19 40.27 -66.63
N ARG A 83 28.92 41.23 -67.21
CA ARG A 83 29.88 42.00 -66.42
C ARG A 83 29.18 42.81 -65.34
N TYR A 84 28.09 43.49 -65.70
CA TYR A 84 27.33 44.26 -64.72
C TYR A 84 26.76 43.35 -63.64
N TRP A 85 26.30 42.16 -64.03
CA TRP A 85 25.80 41.19 -63.07
C TRP A 85 26.88 40.77 -62.07
N ILE A 86 28.09 40.50 -62.58
CA ILE A 86 29.17 40.05 -61.70
C ILE A 86 29.61 41.17 -60.77
N SER A 87 29.73 42.40 -61.30
CA SER A 87 30.16 43.51 -60.46
C SER A 87 29.11 43.90 -59.43
N ALA A 88 27.82 43.73 -59.77
CA ALA A 88 26.76 44.19 -58.89
C ALA A 88 26.47 43.20 -57.77
N PHE A 89 26.50 41.90 -58.05
CA PHE A 89 26.18 40.86 -57.06
C PHE A 89 27.27 39.79 -57.07
N PRO A 90 28.45 40.10 -56.54
CA PRO A 90 29.54 39.10 -56.56
C PRO A 90 29.34 37.96 -55.57
N ALA A 91 28.73 38.23 -54.42
CA ALA A 91 28.58 37.20 -53.39
C ALA A 91 27.85 35.97 -53.93
N GLU A 92 26.80 36.19 -54.73
CA GLU A 92 26.08 35.07 -55.31
C GLU A 92 26.94 34.30 -56.30
N PHE A 93 27.83 34.99 -57.02
CA PHE A 93 28.71 34.30 -57.95
C PHE A 93 29.75 33.46 -57.22
N ASP A 94 30.18 33.89 -56.03
CA ASP A 94 31.07 33.04 -55.25
C ASP A 94 30.33 31.88 -54.61
N LEU A 95 29.12 32.13 -54.10
CA LEU A 95 28.41 31.13 -53.31
C LEU A 95 27.75 30.06 -54.17
N ASN A 96 27.26 30.42 -55.36
CA ASN A 96 26.51 29.49 -56.19
C ASN A 96 27.47 28.76 -57.13
N PRO A 97 27.68 27.46 -56.95
CA PRO A 97 28.61 26.75 -57.83
C PRO A 97 28.09 26.57 -59.25
N GLU A 98 26.78 26.37 -59.43
CA GLU A 98 26.23 26.14 -60.76
C GLU A 98 26.29 27.43 -61.59
N LEU A 99 25.97 28.56 -60.98
CA LEU A 99 26.11 29.85 -61.65
C LEU A 99 27.57 30.08 -62.07
N ALA A 100 28.50 29.79 -61.17
CA ALA A 100 29.91 29.93 -61.50
C ALA A 100 30.33 28.98 -62.63
N GLU A 101 29.74 27.79 -62.70
CA GLU A 101 30.03 26.89 -63.80
C GLU A 101 29.50 27.43 -65.12
N GLN A 102 28.31 28.02 -65.10
CA GLN A 102 27.78 28.65 -66.31
C GLN A 102 28.68 29.79 -66.77
N ILE A 103 29.15 30.62 -65.85
CA ILE A 103 30.07 31.70 -66.20
C ILE A 103 31.38 31.15 -66.73
N LYS A 104 31.84 30.02 -66.17
CA LYS A 104 33.04 29.35 -66.67
C LYS A 104 32.86 28.94 -68.13
N GLU A 105 31.74 28.28 -68.45
CA GLU A 105 31.47 27.89 -69.82
C GLU A 105 31.41 29.09 -70.75
N LEU A 106 30.78 30.18 -70.31
CA LEU A 106 30.71 31.38 -71.14
C LEU A 106 32.09 31.98 -71.37
N LYS A 107 32.94 31.97 -70.32
CA LYS A 107 34.31 32.44 -70.47
C LYS A 107 35.08 31.60 -71.48
N ALA A 108 34.85 30.28 -71.47
CA ALA A 108 35.49 29.41 -72.45
C ALA A 108 35.03 29.75 -73.86
N LEU A 109 33.72 29.99 -74.03
CA LEU A 109 33.21 30.41 -75.33
C LEU A 109 33.83 31.72 -75.78
N LEU A 110 34.05 32.65 -74.85
CA LEU A 110 34.70 33.91 -75.19
C LEU A 110 36.15 33.68 -75.61
N ASP A 111 36.86 32.80 -74.90
CA ASP A 111 38.25 32.53 -75.28
C ASP A 111 38.32 31.87 -76.65
N GLN A 112 37.33 31.05 -77.00
CA GLN A 112 37.35 30.40 -78.31
C GLN A 112 36.97 31.36 -79.44
N GLU A 113 35.74 31.88 -79.40
CA GLU A 113 35.21 32.64 -80.53
C GLU A 113 35.57 34.12 -80.47
N GLY A 114 35.56 34.71 -79.27
CA GLY A 114 35.92 36.12 -79.15
C GLY A 114 37.39 36.39 -79.40
N ASN A 115 38.24 35.37 -79.32
CA ASN A 115 39.68 35.51 -79.49
C ASN A 115 40.25 36.52 -78.50
N ARG A 116 39.80 36.43 -77.24
CA ARG A 116 40.24 37.28 -76.15
C ARG A 116 39.91 38.75 -76.38
N ARG A 117 39.01 39.05 -77.31
CA ARG A 117 38.60 40.44 -77.51
C ARG A 117 37.64 40.90 -76.42
N HIS A 118 36.67 40.06 -76.06
CA HIS A 118 35.77 40.32 -74.93
C HIS A 118 36.03 39.42 -73.75
N SER A 119 37.03 38.53 -73.82
CA SER A 119 37.28 37.61 -72.72
C SER A 119 37.76 38.33 -71.46
N SER A 120 38.44 39.47 -71.62
CA SER A 120 38.88 40.24 -70.46
C SER A 120 37.70 40.91 -69.75
N LEU A 121 36.53 40.97 -70.40
CA LEU A 121 35.36 41.61 -69.82
C LEU A 121 34.76 40.80 -68.67
N ILE A 122 35.23 39.57 -68.44
CA ILE A 122 34.62 38.67 -67.47
C ILE A 122 35.71 38.05 -66.62
N ASP A 123 35.67 38.32 -65.31
CA ASP A 123 36.64 37.78 -64.36
C ASP A 123 35.90 37.49 -63.06
N ILE A 124 35.99 36.25 -62.59
CA ILE A 124 35.19 35.82 -61.44
C ILE A 124 35.95 35.87 -60.11
N ASP A 125 37.28 35.93 -60.13
CA ASP A 125 38.06 36.00 -58.91
C ASP A 125 38.55 37.41 -58.60
N SER A 126 38.01 38.42 -59.26
CA SER A 126 38.22 39.82 -58.88
C SER A 126 37.29 40.25 -57.76
N VAL A 127 36.70 39.30 -57.06
CA VAL A 127 35.67 39.58 -56.06
C VAL A 127 36.30 39.46 -54.68
N PRO A 128 36.43 40.56 -53.92
CA PRO A 128 36.95 40.47 -52.54
C PRO A 128 35.88 39.98 -51.56
N THR A 129 35.59 38.69 -51.63
CA THR A 129 34.50 38.09 -50.87
C THR A 129 35.03 37.01 -49.94
N TYR A 130 34.28 36.78 -48.87
CA TYR A 130 34.57 35.74 -47.88
C TYR A 130 33.28 34.97 -47.66
N LYS A 131 33.14 33.84 -48.36
CA LYS A 131 31.94 33.02 -48.22
C LYS A 131 31.75 32.56 -46.78
N TRP A 132 32.83 32.04 -46.18
CA TRP A 132 32.76 31.50 -44.84
C TRP A 132 32.27 32.53 -43.82
N LYS A 133 32.24 33.81 -44.17
CA LYS A 133 31.66 34.81 -43.29
C LYS A 133 30.26 34.42 -42.84
N ARG A 134 29.47 33.84 -43.75
CA ARG A 134 28.14 33.41 -43.36
C ARG A 134 28.14 32.05 -42.66
N GLN A 135 29.17 31.23 -42.90
CA GLN A 135 29.28 29.96 -42.20
C GLN A 135 30.02 30.09 -40.88
N VAL A 136 30.88 31.10 -40.74
CA VAL A 136 31.65 31.27 -39.50
C VAL A 136 30.71 31.70 -38.38
N THR A 137 30.76 30.96 -37.28
CA THR A 137 30.08 31.33 -36.04
C THR A 137 31.10 31.63 -34.97
N GLN A 138 30.69 32.43 -33.99
CA GLN A 138 31.61 32.90 -32.96
C GLN A 138 32.03 31.74 -32.05
N ARG A 139 33.09 32.00 -31.28
CA ARG A 139 33.65 31.01 -30.37
C ARG A 139 34.36 31.76 -29.25
N ASN A 140 33.93 31.53 -28.01
CA ASN A 140 34.36 32.30 -26.87
C ASN A 140 34.68 31.37 -25.70
N PRO A 141 35.54 31.80 -24.78
CA PRO A 141 36.05 30.88 -23.76
C PRO A 141 34.98 30.44 -22.77
N VAL A 142 35.22 29.25 -22.18
CA VAL A 142 34.33 28.71 -21.16
C VAL A 142 34.71 29.28 -19.80
N GLY A 143 33.77 29.20 -18.86
CA GLY A 143 34.02 29.67 -17.50
C GLY A 143 34.42 31.11 -17.42
N GLN A 144 33.81 31.97 -18.24
CA GLN A 144 34.23 33.36 -18.30
C GLN A 144 33.76 34.13 -17.06
N LYS A 145 32.57 33.82 -16.56
CA LYS A 145 31.95 34.58 -15.48
C LYS A 145 31.93 36.07 -15.82
N LYS A 146 31.45 36.37 -17.02
CA LYS A 146 31.54 37.73 -17.56
C LYS A 146 30.49 38.64 -16.93
N ARG A 147 30.58 38.77 -15.60
CA ARG A 147 29.76 39.73 -14.88
C ARG A 147 30.39 41.12 -14.85
N LYS A 148 31.58 41.28 -15.42
CA LYS A 148 32.22 42.59 -15.45
C LYS A 148 31.43 43.58 -16.28
N MSE A 149 30.66 43.10 -17.26
CA MSE A 149 29.80 43.96 -18.06
C MSE A 149 28.64 44.51 -17.22
O MSE A 149 28.20 45.65 -17.42
CB MSE A 149 29.25 43.20 -19.27
CG MSE A 149 28.36 44.04 -20.18
SE MSE A 149 29.33 45.50 -21.03
CE MSE A 149 27.83 46.38 -21.90
N SER A 150 28.16 43.70 -16.28
CA SER A 150 27.12 44.15 -15.36
C SER A 150 27.61 45.36 -14.56
N LEU A 151 28.78 45.22 -13.91
CA LEU A 151 29.36 46.35 -13.18
C LEU A 151 29.70 47.50 -14.12
N LEU A 152 30.02 47.21 -15.37
CA LEU A 152 30.56 48.22 -16.27
C LEU A 152 29.48 49.12 -16.86
N PHE A 153 28.35 48.55 -17.30
CA PHE A 153 27.40 49.37 -18.05
C PHE A 153 26.76 50.46 -17.21
N ASP A 154 26.76 50.32 -15.88
CA ASP A 154 26.30 51.41 -15.02
C ASP A 154 27.12 52.68 -15.24
N HIS A 155 28.43 52.54 -15.41
CA HIS A 155 29.32 53.68 -15.58
C HIS A 155 29.56 54.02 -17.04
N LEU A 156 28.93 53.30 -17.96
CA LEU A 156 29.15 53.50 -19.39
C LEU A 156 28.29 54.65 -19.89
N GLU A 157 28.92 55.56 -20.63
CA GLU A 157 28.18 56.65 -21.27
C GLU A 157 27.11 56.06 -22.18
N PRO A 158 25.88 56.59 -22.14
CA PRO A 158 24.80 56.02 -22.96
C PRO A 158 25.12 55.98 -24.44
N MSE A 159 25.43 57.14 -25.02
CA MSE A 159 25.81 57.26 -26.43
C MSE A 159 26.77 56.17 -26.84
O MSE A 159 26.48 55.38 -27.76
CB MSE A 159 26.43 58.63 -26.68
CG MSE A 159 26.98 58.81 -28.09
SE MSE A 159 25.64 58.54 -29.47
CE MSE A 159 26.61 59.29 -30.98
N GLU A 160 27.92 56.10 -26.15
CA GLU A 160 28.91 55.07 -26.41
C GLU A 160 28.25 53.69 -26.53
N LEU A 161 27.54 53.28 -25.49
CA LEU A 161 26.85 52.00 -25.52
C LEU A 161 26.01 51.86 -26.78
N ALA A 162 25.15 52.85 -27.04
CA ALA A 162 24.34 52.84 -28.25
C ALA A 162 25.21 52.57 -29.47
N GLU A 163 26.27 53.37 -29.63
CA GLU A 163 27.18 53.20 -30.75
C GLU A 163 27.58 51.74 -30.90
N HIS A 164 28.11 51.15 -29.83
CA HIS A 164 28.61 49.78 -29.92
C HIS A 164 27.49 48.84 -30.35
N LEU A 165 26.32 48.95 -29.72
CA LEU A 165 25.20 48.11 -30.11
C LEU A 165 24.96 48.22 -31.62
N THR A 166 24.87 49.46 -32.11
CA THR A 166 24.70 49.68 -33.54
C THR A 166 25.69 48.84 -34.34
N TYR A 167 26.97 49.03 -34.03
CA TYR A 167 28.01 48.30 -34.75
C TYR A 167 27.69 46.82 -34.81
N LEU A 168 27.46 46.22 -33.64
CA LEU A 168 27.16 44.79 -33.57
C LEU A 168 26.04 44.44 -34.54
N GLU A 169 24.89 45.11 -34.39
CA GLU A 169 23.75 44.76 -35.23
C GLU A 169 24.09 44.97 -36.70
N TYR A 170 24.77 46.08 -37.01
CA TYR A 170 25.12 46.34 -38.40
C TYR A 170 26.02 45.23 -38.93
N ARG A 171 26.98 44.80 -38.12
CA ARG A 171 27.89 43.75 -38.56
C ARG A 171 27.14 42.46 -38.87
N SER A 172 26.00 42.22 -38.22
CA SER A 172 25.18 41.08 -38.57
C SER A 172 24.37 41.34 -39.82
N PHE A 173 23.80 42.56 -39.93
CA PHE A 173 22.89 42.86 -41.03
C PHE A 173 23.56 42.69 -42.38
N CYS A 174 24.83 43.08 -42.48
CA CYS A 174 25.55 43.00 -43.74
C CYS A 174 25.73 41.57 -44.22
N LYS A 175 25.61 40.58 -43.33
CA LYS A 175 25.77 39.19 -43.75
C LYS A 175 24.53 38.64 -44.44
N ILE A 176 23.44 39.39 -44.48
CA ILE A 176 22.20 38.92 -45.08
C ILE A 176 22.24 39.22 -46.58
N LEU A 177 22.03 38.19 -47.38
CA LEU A 177 21.97 38.33 -48.84
C LEU A 177 20.52 38.25 -49.29
N PHE A 178 20.31 38.44 -50.61
CA PHE A 178 18.98 38.36 -51.18
C PHE A 178 18.36 36.99 -50.98
N GLN A 179 19.18 35.93 -51.03
CA GLN A 179 18.65 34.58 -50.84
C GLN A 179 17.93 34.45 -49.50
N ASP A 180 18.45 35.11 -48.46
CA ASP A 180 17.87 35.00 -47.13
C ASP A 180 16.52 35.69 -47.07
N TYR A 181 16.45 36.92 -47.59
CA TYR A 181 15.16 37.61 -47.69
C TYR A 181 14.15 36.79 -48.47
N HIS A 182 14.58 36.22 -49.60
CA HIS A 182 13.70 35.42 -50.44
C HIS A 182 13.15 34.23 -49.67
N SER A 183 14.03 33.49 -48.99
CA SER A 183 13.60 32.32 -48.25
C SER A 183 12.65 32.70 -47.12
N PHE A 184 12.95 33.80 -46.42
CA PHE A 184 12.06 34.25 -45.36
C PHE A 184 10.67 34.59 -45.89
N VAL A 185 10.61 35.44 -46.91
CA VAL A 185 9.33 35.88 -47.45
C VAL A 185 8.55 34.70 -48.02
N THR A 186 9.25 33.74 -48.63
CA THR A 186 8.58 32.56 -49.16
C THR A 186 7.99 31.71 -48.03
N HIS A 187 8.77 31.45 -46.98
CA HIS A 187 8.32 30.60 -45.88
C HIS A 187 7.53 31.35 -44.82
N GLY A 188 7.65 32.67 -44.77
CA GLY A 188 6.98 33.44 -43.75
C GLY A 188 7.81 33.55 -42.49
N CYS A 189 8.66 32.55 -42.27
CA CYS A 189 9.58 32.50 -41.14
C CYS A 189 10.95 32.05 -41.64
N THR A 190 11.88 31.91 -40.71
CA THR A 190 13.24 31.46 -41.03
C THR A 190 13.26 29.94 -40.98
N VAL A 191 13.28 29.32 -42.15
CA VAL A 191 13.39 27.87 -42.29
C VAL A 191 14.68 27.59 -43.03
N ASP A 192 15.63 26.95 -42.36
CA ASP A 192 16.96 26.67 -42.93
C ASP A 192 17.62 27.96 -43.41
N ASN A 193 17.56 28.99 -42.58
CA ASN A 193 18.04 30.32 -42.90
C ASN A 193 18.90 30.83 -41.74
N PRO A 194 20.11 30.29 -41.57
CA PRO A 194 20.87 30.58 -40.34
C PRO A 194 21.36 32.01 -40.23
N VAL A 195 21.60 32.72 -41.34
CA VAL A 195 22.10 34.08 -41.26
C VAL A 195 21.02 35.02 -40.72
N LEU A 196 19.86 35.03 -41.36
CA LEU A 196 18.76 35.85 -40.89
C LEU A 196 18.29 35.41 -39.50
N GLU A 197 18.33 34.10 -39.24
CA GLU A 197 18.02 33.60 -37.91
C GLU A 197 18.98 34.15 -36.87
N ARG A 198 20.27 34.23 -37.21
CA ARG A 198 21.26 34.77 -36.28
C ARG A 198 21.01 36.26 -36.05
N PHE A 199 20.64 36.99 -37.10
CA PHE A 199 20.33 38.41 -36.93
C PHE A 199 19.14 38.61 -36.00
N ILE A 200 18.06 37.88 -36.24
CA ILE A 200 16.88 37.95 -35.38
C ILE A 200 17.22 37.56 -33.95
N SER A 201 18.04 36.53 -33.78
CA SER A 201 18.46 36.10 -32.45
C SER A 201 19.25 37.19 -31.75
N LEU A 202 20.07 37.94 -32.50
CA LEU A 202 20.81 39.05 -31.88
C LEU A 202 19.86 40.17 -31.47
N PHE A 203 18.86 40.45 -32.31
CA PHE A 203 17.80 41.40 -31.96
C PHE A 203 17.17 41.04 -30.61
N ASN A 204 16.66 39.82 -30.52
CA ASN A 204 16.02 39.36 -29.29
C ASN A 204 17.01 39.27 -28.13
N SER A 205 18.29 39.04 -28.42
CA SER A 205 19.31 39.03 -27.37
C SER A 205 19.49 40.42 -26.80
N VAL A 206 19.46 41.45 -27.64
CA VAL A 206 19.53 42.83 -27.14
C VAL A 206 18.34 43.12 -26.24
N SER A 207 17.13 42.76 -26.70
CA SER A 207 15.95 43.00 -25.87
C SER A 207 16.04 42.28 -24.53
N GLN A 208 16.39 40.99 -24.56
CA GLN A 208 16.49 40.20 -23.34
C GLN A 208 17.62 40.69 -22.45
N TRP A 209 18.67 41.27 -23.03
CA TRP A 209 19.74 41.86 -22.24
C TRP A 209 19.25 43.08 -21.50
N VAL A 210 18.45 43.92 -22.16
CA VAL A 210 17.80 45.03 -21.44
C VAL A 210 17.00 44.49 -20.27
N GLN A 211 16.17 43.47 -20.54
CA GLN A 211 15.34 42.89 -19.47
C GLN A 211 16.19 42.39 -18.31
N LEU A 212 17.25 41.64 -18.60
CA LEU A 212 18.09 41.08 -17.53
C LEU A 212 18.82 42.17 -16.75
N MSE A 213 19.37 43.16 -17.46
CA MSE A 213 20.07 44.26 -16.81
C MSE A 213 19.14 45.02 -15.87
O MSE A 213 19.59 45.52 -14.84
CB MSE A 213 20.64 45.22 -17.86
CG MSE A 213 21.89 44.70 -18.56
SE MSE A 213 23.32 44.30 -17.31
CE MSE A 213 23.10 42.37 -17.16
N ILE A 214 17.86 45.10 -16.24
CA ILE A 214 16.92 45.79 -15.38
C ILE A 214 16.51 44.92 -14.19
N LEU A 215 16.23 43.63 -14.42
CA LEU A 215 15.84 42.76 -13.32
C LEU A 215 16.99 42.38 -12.41
N SER A 216 18.23 42.73 -12.77
CA SER A 216 19.38 42.33 -11.96
C SER A 216 19.47 43.13 -10.67
N LYS A 217 19.02 44.39 -10.67
CA LYS A 217 19.13 45.21 -9.47
C LYS A 217 18.14 44.75 -8.40
N PRO A 218 18.53 44.80 -7.12
CA PRO A 218 17.67 44.22 -6.07
C PRO A 218 16.66 45.20 -5.47
N THR A 219 16.86 46.50 -5.64
CA THR A 219 15.98 47.50 -5.06
C THR A 219 15.35 48.34 -6.17
N ALA A 220 14.10 48.76 -5.94
CA ALA A 220 13.30 49.39 -6.98
C ALA A 220 13.92 50.65 -7.56
N PRO A 221 14.44 51.61 -6.77
CA PRO A 221 15.04 52.81 -7.39
C PRO A 221 16.20 52.49 -8.31
N GLN A 222 17.01 51.48 -7.98
CA GLN A 222 18.10 51.08 -8.87
C GLN A 222 17.58 50.56 -10.20
N ARG A 223 16.53 49.73 -10.16
CA ARG A 223 15.91 49.26 -11.40
C ARG A 223 15.36 50.43 -12.21
N ALA A 224 14.73 51.40 -11.54
CA ALA A 224 14.28 52.61 -12.23
C ALA A 224 15.44 53.36 -12.84
N LEU A 225 16.60 53.36 -12.17
CA LEU A 225 17.78 54.03 -12.69
C LEU A 225 18.27 53.37 -13.97
N VAL A 226 18.32 52.04 -13.99
CA VAL A 226 18.76 51.36 -15.20
C VAL A 226 17.71 51.51 -16.31
N ILE A 227 16.43 51.62 -15.95
CA ILE A 227 15.41 51.91 -16.95
C ILE A 227 15.65 53.28 -17.58
N THR A 228 15.94 54.29 -16.76
CA THR A 228 16.28 55.61 -17.29
C THR A 228 17.50 55.53 -18.20
N HIS A 229 18.49 54.74 -17.79
CA HIS A 229 19.70 54.58 -18.60
C HIS A 229 19.37 54.01 -19.97
N PHE A 230 18.55 52.96 -20.02
CA PHE A 230 18.19 52.37 -21.30
C PHE A 230 17.30 53.31 -22.12
N VAL A 231 16.48 54.13 -21.47
CA VAL A 231 15.74 55.16 -22.20
C VAL A 231 16.71 56.14 -22.86
N HIS A 232 17.79 56.49 -22.16
CA HIS A 232 18.79 57.38 -22.75
C HIS A 232 19.53 56.70 -23.90
N VAL A 233 19.85 55.41 -23.77
CA VAL A 233 20.54 54.75 -24.87
C VAL A 233 19.60 54.61 -26.07
N ALA A 234 18.29 54.52 -25.83
CA ALA A 234 17.34 54.52 -26.94
C ALA A 234 17.26 55.89 -27.59
N GLU A 235 17.27 56.95 -26.78
CA GLU A 235 17.34 58.30 -27.31
C GLU A 235 18.58 58.48 -28.19
N LYS A 236 19.72 57.97 -27.75
CA LYS A 236 20.94 58.09 -28.53
C LYS A 236 20.89 57.22 -29.79
N LEU A 237 20.23 56.06 -29.72
CA LEU A 237 20.04 55.25 -30.91
C LEU A 237 19.21 55.99 -31.94
N LEU A 238 18.16 56.68 -31.50
CA LEU A 238 17.39 57.51 -32.42
C LEU A 238 18.25 58.64 -32.99
N GLN A 239 19.05 59.27 -32.13
CA GLN A 239 20.00 60.28 -32.63
C GLN A 239 20.96 59.67 -33.64
N LEU A 240 21.37 58.42 -33.40
CA LEU A 240 22.23 57.70 -34.33
C LEU A 240 21.50 57.29 -35.61
N GLN A 241 20.19 57.53 -35.70
CA GLN A 241 19.36 57.10 -36.81
C GLN A 241 19.42 55.58 -36.98
N ASN A 242 19.46 54.87 -35.85
CA ASN A 242 19.45 53.41 -35.80
C ASN A 242 18.09 53.00 -35.25
N PHE A 243 17.11 52.85 -36.14
CA PHE A 243 15.76 52.53 -35.72
C PHE A 243 15.60 51.06 -35.33
N ASN A 244 16.42 50.18 -35.90
CA ASN A 244 16.28 48.75 -35.64
C ASN A 244 16.60 48.42 -34.18
N THR A 245 17.77 48.83 -33.70
CA THR A 245 18.13 48.56 -32.32
C THR A 245 17.25 49.33 -31.35
N LEU A 246 16.79 50.53 -31.75
CA LEU A 246 15.85 51.29 -30.94
C LEU A 246 14.65 50.43 -30.55
N MSE A 247 13.97 49.87 -31.54
CA MSE A 247 12.89 48.92 -31.32
C MSE A 247 13.31 47.80 -30.36
O MSE A 247 12.53 47.37 -29.51
CB MSE A 247 12.45 48.30 -32.65
CG MSE A 247 11.43 47.19 -32.51
SE MSE A 247 9.64 47.90 -32.20
CE MSE A 247 9.31 47.09 -30.46
N ALA A 248 14.56 47.34 -30.52
CA ALA A 248 15.05 46.26 -29.67
C ALA A 248 15.01 46.65 -28.20
N VAL A 249 15.41 47.88 -27.87
CA VAL A 249 15.46 48.27 -26.46
C VAL A 249 14.14 48.85 -25.99
N VAL A 250 13.51 49.71 -26.81
CA VAL A 250 12.20 50.27 -26.43
C VAL A 250 11.20 49.15 -26.20
N GLY A 251 11.05 48.26 -27.17
CA GLY A 251 10.19 47.10 -26.96
C GLY A 251 10.67 46.23 -25.82
N GLY A 252 11.99 46.19 -25.59
CA GLY A 252 12.50 45.47 -24.44
C GLY A 252 12.11 46.13 -23.15
N LEU A 253 11.96 47.46 -23.16
CA LEU A 253 11.48 48.16 -21.99
C LEU A 253 9.99 47.92 -21.76
N SER A 254 9.28 47.38 -22.74
CA SER A 254 7.85 47.13 -22.61
C SER A 254 7.54 45.63 -22.53
N HIS A 255 8.54 44.81 -22.20
CA HIS A 255 8.30 43.39 -21.99
C HIS A 255 7.41 43.20 -20.76
N SER A 256 6.70 42.07 -20.76
CA SER A 256 5.77 41.79 -19.66
C SER A 256 6.48 41.79 -18.32
N SER A 257 7.69 41.21 -18.26
CA SER A 257 8.41 41.10 -16.99
C SER A 257 8.70 42.46 -16.38
N ILE A 258 8.98 43.47 -17.20
CA ILE A 258 9.37 44.78 -16.69
C ILE A 258 8.18 45.71 -16.58
N SER A 259 7.19 45.55 -17.47
CA SER A 259 6.05 46.45 -17.43
C SER A 259 5.23 46.29 -16.16
N ARG A 260 5.15 45.08 -15.62
CA ARG A 260 4.41 44.83 -14.40
C ARG A 260 5.15 45.26 -13.14
N LEU A 261 6.35 45.84 -13.29
CA LEU A 261 7.11 46.36 -12.14
C LEU A 261 6.61 47.77 -11.82
N LYS A 262 5.50 47.81 -11.10
CA LYS A 262 4.85 49.08 -10.82
C LYS A 262 5.63 49.92 -9.81
N GLU A 263 6.31 49.27 -8.85
CA GLU A 263 7.01 50.03 -7.81
C GLU A 263 8.27 50.69 -8.36
N THR A 264 9.02 49.99 -9.21
CA THR A 264 10.14 50.66 -9.88
C THR A 264 9.64 51.69 -10.88
N HIS A 265 8.50 51.44 -11.50
CA HIS A 265 7.94 52.41 -12.43
C HIS A 265 7.49 53.67 -11.70
N SER A 266 7.26 53.60 -10.39
CA SER A 266 6.98 54.82 -9.64
C SER A 266 8.23 55.69 -9.49
N HIS A 267 9.42 55.08 -9.51
CA HIS A 267 10.66 55.78 -9.23
C HIS A 267 11.32 56.39 -10.47
N VAL A 268 10.77 56.19 -11.66
CA VAL A 268 11.32 56.84 -12.84
C VAL A 268 10.75 58.26 -12.93
N SER A 269 11.62 59.21 -13.25
CA SER A 269 11.22 60.61 -13.27
C SER A 269 10.18 60.86 -14.36
N PRO A 270 9.30 61.85 -14.15
CA PRO A 270 8.29 62.14 -15.19
C PRO A 270 8.88 62.62 -16.50
N GLU A 271 10.02 63.30 -16.48
CA GLU A 271 10.71 63.65 -17.72
C GLU A 271 11.11 62.41 -18.50
N THR A 272 11.70 61.43 -17.79
CA THR A 272 12.02 60.15 -18.40
C THR A 272 10.79 59.50 -18.99
N ILE A 273 9.65 59.57 -18.29
CA ILE A 273 8.42 58.99 -18.81
C ILE A 273 7.99 59.69 -20.09
N LYS A 274 8.05 61.03 -20.11
CA LYS A 274 7.67 61.77 -21.32
C LYS A 274 8.53 61.34 -22.51
N LEU A 275 9.85 61.36 -22.34
CA LEU A 275 10.74 60.98 -23.43
C LEU A 275 10.52 59.53 -23.85
N TRP A 276 10.34 58.64 -22.87
CA TRP A 276 10.12 57.22 -23.14
C TRP A 276 8.86 57.00 -23.96
N GLU A 277 7.73 57.56 -23.52
CA GLU A 277 6.51 57.41 -24.29
C GLU A 277 6.62 58.05 -25.66
N GLY A 278 7.42 59.11 -25.80
CA GLY A 278 7.67 59.64 -27.13
C GLY A 278 8.37 58.64 -28.02
N LEU A 279 9.40 57.98 -27.49
CA LEU A 279 10.10 56.96 -28.27
C LEU A 279 9.20 55.79 -28.61
N THR A 280 8.39 55.33 -27.65
CA THR A 280 7.46 54.24 -27.91
C THR A 280 6.43 54.63 -28.99
N GLU A 281 5.96 55.88 -28.95
CA GLU A 281 5.05 56.37 -29.98
C GLU A 281 5.74 56.44 -31.33
N LEU A 282 7.04 56.69 -31.36
CA LEU A 282 7.77 56.73 -32.63
C LEU A 282 7.70 55.39 -33.37
N VAL A 283 7.75 54.28 -32.64
CA VAL A 283 7.84 52.96 -33.27
C VAL A 283 6.51 52.22 -33.14
N THR A 284 5.42 52.95 -33.01
CA THR A 284 4.12 52.31 -32.87
C THR A 284 3.70 51.65 -34.18
N ALA A 285 2.93 50.57 -34.05
CA ALA A 285 2.32 49.94 -35.21
C ALA A 285 1.05 50.66 -35.67
N THR A 286 0.57 51.61 -34.88
CA THR A 286 -0.61 52.37 -35.25
C THR A 286 -0.33 53.20 -36.50
N GLY A 287 -1.28 53.19 -37.44
CA GLY A 287 -1.07 53.86 -38.69
C GLY A 287 -0.10 53.16 -39.62
N ASN A 288 0.07 51.85 -39.44
CA ASN A 288 0.99 51.05 -40.25
C ASN A 288 2.42 51.58 -40.14
N TYR A 289 2.85 51.80 -38.90
CA TYR A 289 4.19 52.33 -38.61
C TYR A 289 4.43 53.64 -39.35
N GLY A 290 3.42 54.52 -39.33
CA GLY A 290 3.51 55.75 -40.09
C GLY A 290 4.58 56.69 -39.57
N ASN A 291 4.68 56.83 -38.25
CA ASN A 291 5.71 57.67 -37.65
C ASN A 291 7.10 57.19 -38.04
N TYR A 292 7.35 55.88 -37.89
CA TYR A 292 8.64 55.31 -38.26
C TYR A 292 8.94 55.52 -39.74
N ARG A 293 7.97 55.24 -40.61
CA ARG A 293 8.20 55.39 -42.05
C ARG A 293 8.51 56.84 -42.41
N ARG A 294 7.79 57.78 -41.80
CA ARG A 294 8.03 59.19 -42.07
C ARG A 294 9.41 59.63 -41.59
N ARG A 295 9.79 59.22 -40.38
CA ARG A 295 11.13 59.55 -39.87
C ARG A 295 12.22 58.96 -40.75
N LEU A 296 12.09 57.68 -41.11
CA LEU A 296 13.08 57.04 -41.97
C LEU A 296 13.19 57.73 -43.32
N ALA A 297 12.05 58.12 -43.90
CA ALA A 297 12.09 58.83 -45.18
C ALA A 297 12.80 60.17 -45.04
N ALA A 298 12.58 60.87 -43.93
CA ALA A 298 13.22 62.17 -43.71
C ALA A 298 14.70 62.04 -43.37
N CYS A 299 15.21 60.83 -43.20
CA CYS A 299 16.60 60.66 -42.80
C CYS A 299 17.56 60.96 -43.96
N VAL A 300 18.72 61.50 -43.60
CA VAL A 300 19.80 61.76 -44.55
C VAL A 300 21.08 61.11 -44.00
N GLY A 301 21.84 60.48 -44.89
CA GLY A 301 23.04 59.79 -44.46
C GLY A 301 22.75 58.36 -44.04
N PHE A 302 23.59 57.81 -43.16
CA PHE A 302 23.39 56.43 -42.72
C PHE A 302 22.08 56.29 -41.96
N ARG A 303 21.39 55.17 -42.23
CA ARG A 303 20.17 54.84 -41.51
C ARG A 303 20.09 53.33 -41.35
N PHE A 304 19.55 52.88 -40.22
CA PHE A 304 19.36 51.46 -39.96
C PHE A 304 17.86 51.19 -39.84
N PRO A 305 17.20 50.73 -40.90
CA PRO A 305 15.77 50.46 -40.82
C PRO A 305 15.48 49.28 -39.91
N ILE A 306 14.31 49.31 -39.28
CA ILE A 306 13.87 48.18 -38.48
C ILE A 306 13.45 47.05 -39.42
N LEU A 307 14.32 46.06 -39.59
CA LEU A 307 13.94 44.88 -40.33
C LEU A 307 12.86 44.14 -39.56
N GLY A 308 11.76 43.85 -40.23
CA GLY A 308 10.58 43.28 -39.59
C GLY A 308 9.33 44.06 -39.93
N VAL A 309 9.45 45.38 -40.02
CA VAL A 309 8.42 46.16 -40.68
C VAL A 309 8.48 45.92 -42.19
N HIS A 310 9.69 45.96 -42.75
CA HIS A 310 9.85 45.71 -44.17
C HIS A 310 9.66 44.25 -44.50
N LEU A 311 10.05 43.35 -43.59
CA LEU A 311 9.72 41.94 -43.76
C LEU A 311 8.21 41.73 -43.73
N LYS A 312 7.51 42.45 -42.85
CA LYS A 312 6.05 42.40 -42.83
C LYS A 312 5.48 42.83 -44.17
N ASP A 313 5.99 43.93 -44.72
CA ASP A 313 5.53 44.41 -46.03
C ASP A 313 5.79 43.38 -47.12
N LEU A 314 6.98 42.76 -47.10
CA LEU A 314 7.32 41.77 -48.12
C LEU A 314 6.42 40.54 -48.02
N VAL A 315 6.14 40.08 -46.80
CA VAL A 315 5.28 38.92 -46.61
C VAL A 315 3.85 39.25 -47.06
N ALA A 316 3.37 40.44 -46.73
CA ALA A 316 2.05 40.87 -47.20
C ALA A 316 1.97 40.87 -48.72
N LEU A 317 2.99 41.44 -49.38
CA LEU A 317 3.02 41.47 -50.84
C LEU A 317 3.05 40.06 -51.42
N GLN A 318 3.85 39.17 -50.81
CA GLN A 318 3.97 37.81 -51.31
C GLN A 318 2.66 37.05 -51.21
N LEU A 319 1.98 37.16 -50.06
CA LEU A 319 0.75 36.40 -49.87
C LEU A 319 -0.43 37.00 -50.62
N ALA A 320 -0.47 38.32 -50.77
CA ALA A 320 -1.64 38.96 -51.38
C ALA A 320 -1.59 38.85 -52.90
N LEU A 321 -0.46 39.20 -53.52
CA LEU A 321 -0.40 39.25 -54.97
C LEU A 321 0.22 37.98 -55.54
N PRO A 322 -0.22 37.56 -56.71
CA PRO A 322 0.35 36.36 -57.33
C PRO A 322 1.65 36.66 -58.07
N ASP A 323 2.52 35.65 -58.10
CA ASP A 323 3.79 35.79 -58.81
C ASP A 323 3.56 35.96 -60.31
N TRP A 324 2.75 35.10 -60.90
CA TRP A 324 2.45 35.12 -62.33
C TRP A 324 1.00 35.49 -62.57
N LEU A 325 0.74 36.03 -63.76
CA LEU A 325 -0.61 36.40 -64.15
C LEU A 325 -1.36 35.30 -64.89
N ASP A 326 -0.64 34.33 -65.48
CA ASP A 326 -1.29 33.24 -66.17
C ASP A 326 -1.15 31.94 -65.39
N PRO A 327 -2.06 30.99 -65.56
CA PRO A 327 -1.90 29.68 -64.89
C PRO A 327 -0.72 28.89 -65.40
N ALA A 328 -0.24 29.15 -66.62
CA ALA A 328 0.95 28.48 -67.12
C ALA A 328 2.22 28.92 -66.41
N ARG A 329 2.16 30.02 -65.65
CA ARG A 329 3.29 30.53 -64.86
C ARG A 329 4.46 30.88 -65.78
N THR A 330 4.19 31.79 -66.72
CA THR A 330 5.20 32.30 -67.63
C THR A 330 5.22 33.81 -67.75
N ARG A 331 4.13 34.52 -67.43
CA ARG A 331 4.08 35.97 -67.50
C ARG A 331 4.22 36.54 -66.09
N LEU A 332 5.17 37.44 -65.91
CA LEU A 332 5.48 37.99 -64.59
C LEU A 332 4.48 39.07 -64.20
N ASN A 333 4.02 39.02 -62.96
CA ASN A 333 3.19 40.09 -62.42
C ASN A 333 4.09 41.30 -62.22
N GLY A 334 4.02 42.23 -63.17
CA GLY A 334 4.96 43.34 -63.17
C GLY A 334 4.88 44.20 -61.93
N ALA A 335 3.66 44.40 -61.41
CA ALA A 335 3.49 45.26 -60.24
C ALA A 335 4.20 44.66 -59.02
N LYS A 336 3.85 43.42 -58.67
CA LYS A 336 4.45 42.75 -57.52
C LYS A 336 5.98 42.85 -57.55
N MSE A 337 6.58 42.39 -58.66
CA MSE A 337 8.03 42.44 -58.83
C MSE A 337 8.58 43.83 -58.54
O MSE A 337 9.61 43.98 -57.89
CB MSE A 337 8.44 42.02 -60.24
CG MSE A 337 9.91 42.27 -60.55
SE MSE A 337 10.52 41.55 -62.25
CE MSE A 337 8.79 41.46 -63.16
N LYS A 338 7.88 44.85 -59.04
CA LYS A 338 8.30 46.22 -58.75
C LYS A 338 8.18 46.52 -57.26
N GLN A 339 7.00 46.26 -56.68
CA GLN A 339 6.78 46.60 -55.29
C GLN A 339 7.79 45.91 -54.38
N LEU A 340 7.90 44.59 -54.49
CA LEU A 340 8.95 43.85 -53.79
C LEU A 340 10.30 44.52 -53.98
N PHE A 341 10.66 44.80 -55.23
CA PHE A 341 11.95 45.45 -55.51
C PHE A 341 12.09 46.72 -54.70
N SER A 342 11.05 47.57 -54.71
CA SER A 342 11.13 48.86 -54.04
C SER A 342 11.51 48.70 -52.57
N ILE A 343 11.11 47.59 -51.96
CA ILE A 343 11.53 47.32 -50.59
C ILE A 343 12.96 46.81 -50.56
N LEU A 344 13.24 45.73 -51.31
CA LEU A 344 14.50 45.02 -51.14
C LEU A 344 15.69 45.89 -51.48
N GLU A 345 15.59 46.66 -52.57
CA GLU A 345 16.66 47.59 -52.92
C GLU A 345 17.00 48.50 -51.75
N GLU A 346 15.97 49.04 -51.08
CA GLU A 346 16.21 49.85 -49.89
C GLU A 346 17.02 49.07 -48.88
N LEU A 347 16.58 47.85 -48.56
CA LEU A 347 17.32 47.01 -47.62
C LEU A 347 18.75 46.79 -48.08
N ALA A 348 18.97 46.73 -49.41
CA ALA A 348 20.32 46.58 -49.91
C ALA A 348 21.15 47.84 -49.66
N MSE A 349 20.56 49.01 -49.88
CA MSE A 349 21.30 50.27 -49.83
C MSE A 349 21.83 50.54 -48.42
O MSE A 349 22.75 51.34 -48.24
CB MSE A 349 20.44 51.43 -50.30
CG MSE A 349 20.11 51.39 -51.79
SE MSE A 349 21.69 51.45 -52.92
CE MSE A 349 22.34 53.23 -52.43
N VAL A 350 21.26 49.85 -47.43
CA VAL A 350 21.72 49.99 -46.07
C VAL A 350 23.17 49.56 -45.94
N THR A 351 23.56 48.52 -46.68
CA THR A 351 24.95 48.08 -46.67
C THR A 351 25.88 49.04 -47.40
N SER A 352 25.35 49.99 -48.17
CA SER A 352 26.22 50.92 -48.90
C SER A 352 26.96 51.85 -47.95
N LEU A 353 26.35 52.24 -46.85
CA LEU A 353 26.93 53.18 -45.91
C LEU A 353 27.26 52.48 -44.60
N ARG A 354 28.35 52.90 -43.97
CA ARG A 354 28.72 52.38 -42.66
C ARG A 354 28.32 53.37 -41.58
N PRO A 355 27.97 52.89 -40.38
CA PRO A 355 27.56 53.78 -39.31
C PRO A 355 28.71 54.65 -38.83
N PRO A 356 28.48 55.95 -38.64
CA PRO A 356 29.55 56.82 -38.14
C PRO A 356 29.81 56.56 -36.66
N VAL A 357 30.44 55.42 -36.38
CA VAL A 357 30.55 54.91 -35.02
C VAL A 357 32.00 54.51 -34.75
N GLN A 358 32.55 55.02 -33.65
CA GLN A 358 33.81 54.52 -33.12
C GLN A 358 33.52 53.43 -32.10
N ALA A 359 34.32 52.38 -32.10
CA ALA A 359 34.04 51.23 -31.25
C ALA A 359 35.34 50.47 -30.98
N ASN A 360 35.71 50.34 -29.70
CA ASN A 360 36.88 49.55 -29.34
C ASN A 360 36.49 48.08 -29.22
N PRO A 361 37.25 47.17 -29.85
CA PRO A 361 36.83 45.75 -29.90
C PRO A 361 36.68 45.09 -28.54
N ASP A 362 37.34 45.60 -27.49
CA ASP A 362 37.21 44.98 -26.17
C ASP A 362 35.77 45.08 -25.67
N LEU A 363 35.18 46.27 -25.77
CA LEU A 363 33.78 46.44 -25.37
C LEU A 363 32.86 45.65 -26.29
N LEU A 364 33.21 45.52 -27.57
CA LEU A 364 32.45 44.65 -28.47
C LEU A 364 32.41 43.22 -27.94
N SER A 365 33.57 42.69 -27.56
CA SER A 365 33.64 41.34 -27.02
C SER A 365 32.81 41.21 -25.75
N LEU A 366 32.96 42.17 -24.82
CA LEU A 366 32.19 42.12 -23.58
C LEU A 366 30.69 42.12 -23.87
N LEU A 367 30.26 43.01 -24.77
CA LEU A 367 28.86 43.12 -25.13
C LEU A 367 28.34 41.83 -25.75
N THR A 368 29.11 41.23 -26.66
CA THR A 368 28.68 39.97 -27.27
C THR A 368 28.53 38.87 -26.22
N VAL A 369 29.51 38.75 -25.32
CA VAL A 369 29.43 37.72 -24.28
C VAL A 369 28.21 37.95 -23.40
N SER A 370 27.90 39.21 -23.10
CA SER A 370 26.72 39.49 -22.27
C SER A 370 25.43 39.18 -23.02
N LEU A 371 25.36 39.55 -24.31
CA LEU A 371 24.18 39.26 -25.12
C LEU A 371 23.98 37.78 -25.33
N ASP A 372 25.03 36.97 -25.17
CA ASP A 372 24.91 35.53 -25.41
C ASP A 372 23.93 34.87 -24.45
N GLN A 373 23.96 35.24 -23.17
CA GLN A 373 23.16 34.56 -22.16
C GLN A 373 21.68 34.56 -22.53
N TYR A 374 21.07 33.39 -22.44
CA TYR A 374 19.66 33.20 -22.82
C TYR A 374 18.86 32.74 -21.62
N GLN A 375 17.73 33.40 -21.39
CA GLN A 375 16.73 33.00 -20.41
C GLN A 375 15.40 32.83 -21.13
N THR A 376 14.63 31.82 -20.71
CA THR A 376 13.30 31.69 -21.27
C THR A 376 12.41 32.82 -20.79
N GLU A 377 11.33 33.07 -21.53
CA GLU A 377 10.36 34.09 -21.15
C GLU A 377 9.87 33.86 -19.72
N ASP A 378 9.56 32.60 -19.39
CA ASP A 378 9.06 32.27 -18.07
C ASP A 378 10.09 32.57 -16.98
N GLU A 379 11.37 32.38 -17.28
CA GLU A 379 12.41 32.68 -16.29
C GLU A 379 12.47 34.16 -15.96
N LEU A 380 12.41 35.02 -16.98
CA LEU A 380 12.38 36.45 -16.74
C LEU A 380 11.13 36.86 -15.98
N TYR A 381 9.99 36.23 -16.31
CA TYR A 381 8.77 36.54 -15.56
C TYR A 381 8.89 36.12 -14.10
N GLN A 382 9.49 34.97 -13.84
CA GLN A 382 9.72 34.52 -12.47
C GLN A 382 10.64 35.48 -11.71
N LEU A 383 11.71 35.94 -12.38
CA LEU A 383 12.59 36.93 -11.77
C LEU A 383 11.83 38.21 -11.43
N SER A 384 10.96 38.66 -12.34
CA SER A 384 10.13 39.82 -12.07
C SER A 384 9.24 39.59 -10.85
N LEU A 385 8.66 38.39 -10.74
CA LEU A 385 7.85 38.06 -9.57
C LEU A 385 8.68 38.12 -8.29
N GLN A 386 9.93 37.65 -8.35
CA GLN A 386 10.80 37.75 -7.19
C GLN A 386 11.03 39.20 -6.79
N ARG A 387 11.31 40.06 -7.79
CA ARG A 387 11.59 41.45 -7.49
C ARG A 387 10.36 42.15 -6.91
N GLU A 388 9.18 41.87 -7.45
CA GLU A 388 7.93 42.48 -6.99
C GLU A 388 6.80 41.47 -7.05
N PRO A 389 6.46 40.84 -5.93
CA PRO A 389 5.30 39.95 -5.91
C PRO A 389 4.00 40.74 -6.07
N ARG A 390 2.91 40.00 -6.26
CA ARG A 390 1.60 40.62 -6.40
C ARG A 390 1.01 40.97 -5.03
N MET B 3 -16.99 59.20 -34.21
CA MET B 3 -16.64 57.85 -34.63
C MET B 3 -15.47 57.32 -33.83
N ARG B 4 -15.63 56.13 -33.26
CA ARG B 4 -14.65 55.54 -32.36
C ARG B 4 -13.64 54.71 -33.14
N GLU B 5 -12.38 54.77 -32.72
CA GLU B 5 -11.29 54.05 -33.38
C GLU B 5 -10.94 52.79 -32.58
N TYR B 6 -10.72 51.70 -33.31
CA TYR B 6 -10.41 50.40 -32.71
C TYR B 6 -9.11 49.86 -33.28
N LYS B 7 -8.24 49.37 -32.40
CA LYS B 7 -7.01 48.68 -32.77
C LYS B 7 -7.21 47.18 -32.59
N LEU B 8 -7.28 46.44 -33.69
CA LEU B 8 -7.49 45.01 -33.65
C LEU B 8 -6.25 44.30 -34.19
N VAL B 9 -5.67 43.41 -33.40
CA VAL B 9 -4.42 42.74 -33.72
C VAL B 9 -4.72 41.29 -34.06
N VAL B 10 -4.14 40.79 -35.14
CA VAL B 10 -4.39 39.43 -35.61
C VAL B 10 -3.18 38.58 -35.32
N LEU B 11 -3.36 37.57 -34.46
CA LEU B 11 -2.32 36.63 -34.08
C LEU B 11 -2.63 35.25 -34.64
N GLY B 12 -1.59 34.44 -34.76
CA GLY B 12 -1.75 33.08 -35.24
C GLY B 12 -0.43 32.50 -35.67
N SER B 13 -0.46 31.19 -35.93
CA SER B 13 0.73 30.47 -36.36
C SER B 13 0.96 30.70 -37.85
N GLY B 14 1.83 29.91 -38.45
CA GLY B 14 2.25 30.12 -39.83
C GLY B 14 1.21 29.83 -40.88
N GLY B 15 0.77 28.58 -40.99
CA GLY B 15 -0.11 28.18 -42.06
C GLY B 15 -1.58 28.39 -41.76
N VAL B 16 -1.92 29.56 -41.20
CA VAL B 16 -3.29 29.84 -40.81
C VAL B 16 -3.97 30.70 -41.86
N GLY B 17 -3.18 31.52 -42.55
CA GLY B 17 -3.77 32.46 -43.50
C GLY B 17 -4.46 33.62 -42.84
N LYS B 18 -3.90 34.14 -41.75
CA LYS B 18 -4.47 35.32 -41.11
C LYS B 18 -4.35 36.54 -42.01
N SER B 19 -3.26 36.63 -42.78
CA SER B 19 -3.16 37.69 -43.77
C SER B 19 -4.26 37.60 -44.81
N ALA B 20 -4.66 36.38 -45.16
CA ALA B 20 -5.77 36.21 -46.09
C ALA B 20 -7.05 36.81 -45.52
N LEU B 21 -7.34 36.54 -44.24
CA LEU B 21 -8.52 37.11 -43.61
C LEU B 21 -8.43 38.63 -43.54
N THR B 22 -7.24 39.15 -43.21
CA THR B 22 -7.06 40.60 -43.13
C THR B 22 -7.33 41.27 -44.48
N VAL B 23 -6.73 40.75 -45.54
CA VAL B 23 -6.89 41.35 -46.86
C VAL B 23 -8.34 41.18 -47.34
N GLN B 24 -8.96 40.04 -47.05
CA GLN B 24 -10.35 39.83 -47.44
C GLN B 24 -11.27 40.79 -46.72
N PHE B 25 -10.98 41.07 -45.44
CA PHE B 25 -11.80 41.99 -44.67
C PHE B 25 -11.63 43.43 -45.16
N VAL B 26 -10.38 43.90 -45.24
CA VAL B 26 -10.13 45.31 -45.53
C VAL B 26 -10.24 45.60 -47.02
N GLN B 27 -9.57 44.81 -47.85
CA GLN B 27 -9.52 45.07 -49.28
C GLN B 27 -10.68 44.43 -50.05
N GLY B 28 -11.27 43.37 -49.51
CA GLY B 28 -12.34 42.70 -50.21
C GLY B 28 -11.82 41.64 -51.18
N ILE B 29 -12.75 41.16 -52.00
CA ILE B 29 -12.43 40.06 -52.91
C ILE B 29 -11.57 40.55 -54.08
N PHE B 30 -11.81 41.77 -54.54
CA PHE B 30 -11.02 42.37 -55.62
C PHE B 30 -10.03 43.36 -55.01
N VAL B 31 -8.74 43.06 -55.15
CA VAL B 31 -7.68 43.78 -54.46
C VAL B 31 -6.98 44.78 -55.37
N GLU B 32 -7.57 45.10 -56.52
CA GLU B 32 -6.85 45.17 -57.79
C GLU B 32 -5.43 45.72 -57.60
N LYS B 33 -5.28 46.94 -57.07
CA LYS B 33 -3.95 47.43 -56.74
C LYS B 33 -3.76 47.39 -55.23
N TYR B 34 -2.61 46.88 -54.79
CA TYR B 34 -2.44 46.64 -53.37
C TYR B 34 -1.08 47.16 -52.92
N ASP B 35 -1.06 47.76 -51.74
CA ASP B 35 0.15 48.36 -51.19
C ASP B 35 0.09 48.30 -49.67
N PRO B 36 0.88 47.46 -49.01
CA PRO B 36 0.82 47.33 -47.55
C PRO B 36 1.71 48.29 -46.77
N THR B 37 2.47 49.17 -47.44
CA THR B 37 3.30 50.14 -46.75
C THR B 37 2.63 51.51 -46.64
N ILE B 38 1.39 51.63 -47.14
CA ILE B 38 0.60 52.85 -47.05
C ILE B 38 -0.29 52.77 -45.82
N GLU B 39 -0.58 53.94 -45.22
CA GLU B 39 -1.25 54.00 -43.93
C GLU B 39 -2.60 53.30 -43.94
N ASP B 40 -3.49 53.71 -44.85
CA ASP B 40 -4.88 53.26 -44.81
C ASP B 40 -5.10 51.96 -45.57
N SER B 41 -4.06 51.15 -45.71
CA SER B 41 -4.20 49.82 -46.29
C SER B 41 -4.82 48.82 -45.33
N TYR B 42 -4.82 49.11 -44.03
CA TYR B 42 -5.42 48.25 -43.02
C TYR B 42 -6.56 48.93 -42.28
N ARG B 43 -7.06 50.04 -42.78
CA ARG B 43 -8.13 50.80 -42.14
C ARG B 43 -9.44 50.56 -42.88
N LYS B 44 -10.49 50.22 -42.14
CA LYS B 44 -11.81 50.04 -42.73
C LYS B 44 -12.86 50.67 -41.83
N GLN B 45 -13.76 51.46 -42.43
CA GLN B 45 -14.88 52.02 -41.69
C GLN B 45 -16.04 51.02 -41.72
N VAL B 46 -16.57 50.72 -40.53
CA VAL B 46 -17.50 49.62 -40.35
C VAL B 46 -18.57 50.06 -39.35
N GLU B 47 -19.81 49.67 -39.61
CA GLU B 47 -20.90 49.88 -38.66
C GLU B 47 -21.18 48.59 -37.90
N VAL B 48 -21.17 48.67 -36.58
CA VAL B 48 -21.52 47.55 -35.71
C VAL B 48 -22.42 48.07 -34.60
N ASP B 49 -23.55 47.40 -34.40
CA ASP B 49 -24.53 47.77 -33.37
C ASP B 49 -24.88 49.25 -33.45
N ALA B 50 -25.25 49.69 -34.65
CA ALA B 50 -25.67 51.05 -34.96
C ALA B 50 -24.58 52.08 -34.71
N GLN B 51 -23.34 51.65 -34.48
CA GLN B 51 -22.23 52.55 -34.20
C GLN B 51 -21.26 52.54 -35.38
N GLN B 52 -20.88 53.72 -35.84
CA GLN B 52 -19.84 53.86 -36.85
C GLN B 52 -18.47 53.81 -36.19
N CYS B 53 -17.59 52.95 -36.70
CA CYS B 53 -16.28 52.73 -36.11
C CYS B 53 -15.23 52.68 -37.21
N MET B 54 -14.05 53.18 -36.89
CA MET B 54 -12.88 53.06 -37.76
C MET B 54 -11.97 51.97 -37.19
N LEU B 55 -11.83 50.86 -37.92
CA LEU B 55 -11.02 49.74 -37.48
C LEU B 55 -9.67 49.80 -38.15
N GLU B 56 -8.61 49.56 -37.37
CA GLU B 56 -7.26 49.37 -37.90
C GLU B 56 -6.79 47.97 -37.53
N ILE B 57 -6.41 47.20 -38.55
CA ILE B 57 -5.98 45.82 -38.38
C ILE B 57 -4.47 45.79 -38.35
N LEU B 58 -3.91 45.27 -37.26
CA LEU B 58 -2.47 45.10 -37.09
C LEU B 58 -2.17 43.62 -37.37
N ASP B 59 -1.69 43.35 -38.57
CA ASP B 59 -1.34 42.00 -39.00
C ASP B 59 0.08 41.68 -38.58
N THR B 60 0.26 40.60 -37.83
CA THR B 60 1.58 40.10 -37.46
C THR B 60 2.07 39.05 -38.45
N ALA B 61 2.11 39.43 -39.74
CA ALA B 61 2.38 38.48 -40.80
C ALA B 61 3.78 37.88 -40.67
N GLY B 62 4.81 38.74 -40.71
CA GLY B 62 6.17 38.26 -40.63
C GLY B 62 6.94 38.84 -39.46
N THR B 63 6.22 39.19 -38.38
CA THR B 63 6.82 39.83 -37.22
C THR B 63 6.81 38.97 -35.97
N GLU B 64 6.23 37.77 -36.03
CA GLU B 64 6.09 36.94 -34.83
C GLU B 64 7.42 36.43 -34.30
N GLN B 65 8.51 36.55 -35.06
CA GLN B 65 9.83 36.17 -34.58
C GLN B 65 10.57 37.30 -33.87
N PHE B 66 10.08 38.54 -33.99
CA PHE B 66 10.69 39.69 -33.33
C PHE B 66 9.90 39.94 -32.04
N THR B 67 10.47 39.49 -30.92
CA THR B 67 9.73 39.52 -29.65
C THR B 67 9.35 40.94 -29.24
N ALA B 68 10.26 41.89 -29.43
CA ALA B 68 9.96 43.27 -29.07
C ALA B 68 8.75 43.79 -29.84
N MET B 69 8.72 43.53 -31.15
CA MET B 69 7.58 43.95 -31.96
C MET B 69 6.29 43.27 -31.50
N ARG B 70 6.38 41.99 -31.12
CA ARG B 70 5.22 41.27 -30.63
C ARG B 70 4.68 41.88 -29.34
N ASP B 71 5.57 42.19 -28.40
CA ASP B 71 5.14 42.82 -27.15
C ASP B 71 4.53 44.19 -27.40
N LEU B 72 5.09 44.97 -28.33
CA LEU B 72 4.48 46.26 -28.64
C LEU B 72 3.12 46.09 -29.33
N TYR B 73 2.97 45.06 -30.16
CA TYR B 73 1.66 44.74 -30.72
C TYR B 73 0.65 44.47 -29.62
N MET B 74 1.03 43.62 -28.66
CA MET B 74 0.12 43.27 -27.58
C MET B 74 -0.21 44.47 -26.69
N LYS B 75 0.80 45.29 -26.38
CA LYS B 75 0.57 46.49 -25.58
C LYS B 75 -0.35 47.47 -26.29
N ASN B 76 -0.10 47.72 -27.57
CA ASN B 76 -0.83 48.74 -28.31
C ASN B 76 -2.21 48.28 -28.76
N GLY B 77 -2.48 46.98 -28.76
CA GLY B 77 -3.71 46.46 -29.33
C GLY B 77 -4.85 46.43 -28.32
N GLN B 78 -6.03 46.85 -28.79
CA GLN B 78 -7.24 46.84 -27.96
C GLN B 78 -7.96 45.51 -28.03
N GLY B 79 -8.07 44.92 -29.22
CA GLY B 79 -8.68 43.61 -29.39
C GLY B 79 -7.70 42.66 -30.05
N PHE B 80 -7.87 41.37 -29.78
CA PHE B 80 -6.96 40.35 -30.29
C PHE B 80 -7.76 39.21 -30.90
N ALA B 81 -7.43 38.84 -32.14
CA ALA B 81 -8.04 37.71 -32.81
C ALA B 81 -6.98 36.62 -32.94
N LEU B 82 -7.20 35.52 -32.22
CA LEU B 82 -6.26 34.39 -32.21
C LEU B 82 -6.78 33.37 -33.22
N VAL B 83 -6.14 33.30 -34.38
CA VAL B 83 -6.61 32.50 -35.50
C VAL B 83 -5.83 31.20 -35.53
N TYR B 84 -6.53 30.09 -35.71
CA TYR B 84 -5.92 28.80 -35.96
C TYR B 84 -6.54 28.19 -37.20
N SER B 85 -5.96 27.07 -37.64
CA SER B 85 -6.42 26.36 -38.83
C SER B 85 -7.04 25.04 -38.41
N ILE B 86 -8.27 24.79 -38.86
CA ILE B 86 -8.97 23.58 -38.48
C ILE B 86 -8.33 22.31 -39.04
N THR B 87 -7.31 22.45 -39.89
CA THR B 87 -6.62 21.31 -40.47
C THR B 87 -5.39 20.89 -39.66
N ALA B 88 -5.01 21.65 -38.64
CA ALA B 88 -3.81 21.36 -37.86
C ALA B 88 -4.09 21.52 -36.37
N GLN B 89 -3.81 20.47 -35.61
CA GLN B 89 -3.99 20.54 -34.16
C GLN B 89 -2.92 21.41 -33.52
N SER B 90 -1.69 21.36 -34.03
CA SER B 90 -0.60 22.13 -33.44
C SER B 90 -0.89 23.62 -33.53
N THR B 91 -1.49 24.06 -34.64
CA THR B 91 -1.83 25.46 -34.80
C THR B 91 -2.89 25.90 -33.80
N PHE B 92 -3.77 24.98 -33.39
CA PHE B 92 -4.73 25.28 -32.33
C PHE B 92 -4.03 25.36 -30.98
N ASN B 93 -3.17 24.38 -30.68
CA ASN B 93 -2.49 24.36 -29.38
C ASN B 93 -1.56 25.56 -29.20
N ASP B 94 -1.03 26.11 -30.28
CA ASP B 94 -0.11 27.24 -30.17
C ASP B 94 -0.75 28.50 -29.61
N LEU B 95 -2.08 28.56 -29.51
CA LEU B 95 -2.76 29.78 -29.09
C LEU B 95 -2.73 30.02 -27.57
N GLN B 96 -2.57 28.97 -26.77
CA GLN B 96 -2.50 29.14 -25.32
C GLN B 96 -1.36 30.07 -24.93
N ASP B 97 -0.16 29.81 -25.44
CA ASP B 97 0.99 30.65 -25.11
C ASP B 97 0.77 32.10 -25.56
N LEU B 98 0.16 32.28 -26.74
CA LEU B 98 -0.16 33.62 -27.22
C LEU B 98 -1.09 34.34 -26.26
N ARG B 99 -2.15 33.66 -25.83
CA ARG B 99 -3.07 34.24 -24.86
C ARG B 99 -2.37 34.60 -23.57
N GLU B 100 -1.50 33.71 -23.06
CA GLU B 100 -0.77 34.01 -21.84
C GLU B 100 0.12 35.24 -22.01
N GLN B 101 0.76 35.39 -23.17
CA GLN B 101 1.61 36.56 -23.37
C GLN B 101 0.79 37.83 -23.43
N ILE B 102 -0.40 37.77 -24.04
CA ILE B 102 -1.29 38.93 -24.00
C ILE B 102 -1.70 39.25 -22.57
N LEU B 103 -2.05 38.22 -21.79
CA LEU B 103 -2.43 38.41 -20.40
C LEU B 103 -1.28 38.89 -19.53
N ARG B 104 -0.04 38.69 -19.97
CA ARG B 104 1.09 39.22 -19.22
C ARG B 104 1.41 40.66 -19.61
N VAL B 105 1.31 40.99 -20.90
CA VAL B 105 1.56 42.37 -21.32
C VAL B 105 0.50 43.30 -20.73
N LYS B 106 -0.76 42.87 -20.74
CA LYS B 106 -1.85 43.56 -20.05
C LYS B 106 -2.06 42.87 -18.72
N ASP B 107 -1.65 43.51 -17.64
CA ASP B 107 -1.60 42.86 -16.32
C ASP B 107 -2.91 42.17 -15.93
N THR B 108 -4.04 42.58 -16.51
CA THR B 108 -5.33 42.01 -16.17
C THR B 108 -5.50 40.63 -16.79
N ASP B 109 -6.61 39.97 -16.46
CA ASP B 109 -7.02 38.74 -17.10
C ASP B 109 -8.11 38.95 -18.15
N ASP B 110 -8.87 40.04 -18.03
CA ASP B 110 -9.96 40.34 -18.95
C ASP B 110 -9.39 41.09 -20.15
N VAL B 111 -9.36 40.42 -21.30
CA VAL B 111 -8.85 41.02 -22.54
C VAL B 111 -9.83 40.74 -23.68
N PRO B 112 -10.24 41.75 -24.44
CA PRO B 112 -11.12 41.51 -25.60
C PRO B 112 -10.44 40.59 -26.60
N MET B 113 -11.09 39.48 -26.92
CA MET B 113 -10.43 38.43 -27.66
C MET B 113 -11.46 37.49 -28.30
N ILE B 114 -11.20 37.09 -29.53
CA ILE B 114 -12.03 36.13 -30.26
C ILE B 114 -11.16 34.98 -30.70
N LEU B 115 -11.67 33.76 -30.57
CA LEU B 115 -10.99 32.54 -30.99
C LEU B 115 -11.56 32.11 -32.34
N VAL B 116 -10.69 32.07 -33.36
CA VAL B 116 -11.13 31.91 -34.74
C VAL B 116 -10.52 30.63 -35.31
N GLY B 117 -11.38 29.74 -35.81
CA GLY B 117 -10.94 28.59 -36.57
C GLY B 117 -11.07 28.82 -38.06
N ASN B 118 -9.96 29.14 -38.71
CA ASN B 118 -9.98 29.51 -40.11
C ASN B 118 -9.94 28.27 -41.01
N LYS B 119 -10.12 28.49 -42.32
CA LYS B 119 -10.16 27.43 -43.31
C LYS B 119 -11.24 26.41 -42.99
N CYS B 120 -12.42 26.91 -42.61
CA CYS B 120 -13.52 26.04 -42.19
C CYS B 120 -14.12 25.25 -43.35
N ASP B 121 -13.93 25.71 -44.59
CA ASP B 121 -14.53 25.03 -45.73
C ASP B 121 -13.88 23.68 -46.00
N LEU B 122 -12.61 23.52 -45.61
CA LEU B 122 -11.88 22.28 -45.83
C LEU B 122 -12.31 21.22 -44.80
N GLU B 123 -13.60 20.86 -44.86
CA GLU B 123 -14.16 19.93 -43.90
C GLU B 123 -13.57 18.53 -44.04
N ASP B 124 -13.15 18.16 -45.26
CA ASP B 124 -12.56 16.85 -45.47
C ASP B 124 -11.16 16.73 -44.88
N GLU B 125 -10.54 17.85 -44.48
CA GLU B 125 -9.22 17.85 -43.87
C GLU B 125 -9.25 18.27 -42.40
N ARG B 126 -10.43 18.51 -41.85
CA ARG B 126 -10.53 19.01 -40.48
C ARG B 126 -9.99 17.98 -39.49
N VAL B 127 -9.20 18.46 -38.54
CA VAL B 127 -8.69 17.60 -37.47
C VAL B 127 -9.06 18.11 -36.08
N VAL B 128 -9.44 19.37 -35.92
CA VAL B 128 -9.91 19.90 -34.64
C VAL B 128 -11.41 20.13 -34.75
N GLY B 129 -12.15 19.63 -33.76
CA GLY B 129 -13.58 19.83 -33.76
C GLY B 129 -13.96 21.23 -33.35
N LYS B 130 -15.17 21.63 -33.75
CA LYS B 130 -15.72 22.91 -33.29
C LYS B 130 -15.86 22.91 -31.77
N GLU B 131 -16.16 21.75 -31.18
CA GLU B 131 -16.33 21.67 -29.74
C GLU B 131 -15.04 22.02 -29.00
N GLN B 132 -13.87 21.78 -29.63
CA GLN B 132 -12.62 22.15 -29.00
C GLN B 132 -12.52 23.66 -28.83
N GLY B 133 -12.78 24.40 -29.90
CA GLY B 133 -12.75 25.85 -29.82
C GLY B 133 -13.82 26.39 -28.90
N GLN B 134 -15.01 25.76 -28.92
CA GLN B 134 -16.07 26.18 -28.01
C GLN B 134 -15.64 26.03 -26.56
N ASN B 135 -15.10 24.86 -26.20
CA ASN B 135 -14.65 24.62 -24.83
C ASN B 135 -13.53 25.57 -24.44
N LEU B 136 -12.57 25.79 -25.35
CA LEU B 136 -11.44 26.66 -25.02
C LEU B 136 -11.90 28.11 -24.82
N ALA B 137 -12.71 28.63 -25.75
CA ALA B 137 -13.23 29.99 -25.60
C ALA B 137 -14.09 30.11 -24.35
N ARG B 138 -14.81 29.06 -23.99
CA ARG B 138 -15.56 29.06 -22.73
C ARG B 138 -14.62 29.16 -21.54
N GLN B 139 -13.52 28.41 -21.57
CA GLN B 139 -12.53 28.50 -20.50
C GLN B 139 -11.88 29.87 -20.46
N TRP B 140 -11.60 30.45 -21.62
CA TRP B 140 -10.93 31.75 -21.72
C TRP B 140 -11.91 32.89 -21.40
N ASN B 141 -12.42 32.87 -20.17
CA ASN B 141 -13.33 33.91 -19.68
C ASN B 141 -14.58 34.02 -20.55
N ASN B 142 -14.99 32.90 -21.14
CA ASN B 142 -16.19 32.83 -21.97
C ASN B 142 -16.18 33.90 -23.07
N CYS B 143 -15.17 33.81 -23.93
CA CYS B 143 -15.00 34.78 -25.00
C CYS B 143 -15.66 34.28 -26.29
N ALA B 144 -15.61 35.11 -27.33
CA ALA B 144 -16.25 34.77 -28.58
C ALA B 144 -15.47 33.69 -29.33
N PHE B 145 -16.21 32.85 -30.06
CA PHE B 145 -15.62 31.79 -30.85
C PHE B 145 -16.33 31.75 -32.21
N LEU B 146 -15.54 31.59 -33.27
CA LEU B 146 -16.08 31.59 -34.62
C LEU B 146 -15.29 30.62 -35.49
N GLU B 147 -15.92 30.18 -36.56
CA GLU B 147 -15.27 29.36 -37.58
C GLU B 147 -15.47 30.04 -38.93
N SER B 148 -14.37 30.30 -39.63
CA SER B 148 -14.41 31.13 -40.83
C SER B 148 -13.60 30.47 -41.96
N SER B 149 -13.82 30.98 -43.16
CA SER B 149 -13.09 30.55 -44.35
C SER B 149 -12.84 31.77 -45.23
N ALA B 150 -11.57 32.13 -45.41
CA ALA B 150 -11.24 33.29 -46.23
C ALA B 150 -11.63 33.07 -47.69
N LYS B 151 -11.46 31.84 -48.18
CA LYS B 151 -11.81 31.54 -49.56
C LYS B 151 -13.32 31.51 -49.76
N SER B 152 -14.04 30.85 -48.85
CA SER B 152 -15.48 30.74 -48.95
C SER B 152 -16.21 31.97 -48.41
N LYS B 153 -15.49 32.97 -47.92
CA LYS B 153 -16.07 34.24 -47.49
C LYS B 153 -17.09 34.04 -46.37
N ILE B 154 -16.80 33.12 -45.46
CA ILE B 154 -17.67 32.82 -44.33
C ILE B 154 -17.11 33.52 -43.10
N ASN B 155 -17.94 34.36 -42.47
CA ASN B 155 -17.64 34.98 -41.18
C ASN B 155 -16.36 35.82 -41.21
N VAL B 156 -16.07 36.45 -42.35
CA VAL B 156 -14.89 37.30 -42.43
C VAL B 156 -15.11 38.60 -41.66
N ASN B 157 -16.18 39.33 -42.01
CA ASN B 157 -16.47 40.57 -41.32
C ASN B 157 -16.91 40.34 -39.87
N GLU B 158 -17.56 39.19 -39.62
CA GLU B 158 -18.04 38.90 -38.27
C GLU B 158 -16.90 38.77 -37.28
N ILE B 159 -15.71 38.40 -37.75
CA ILE B 159 -14.54 38.33 -36.87
C ILE B 159 -14.36 39.66 -36.14
N PHE B 160 -14.27 40.75 -36.91
CA PHE B 160 -14.03 42.05 -36.31
C PHE B 160 -15.30 42.64 -35.72
N TYR B 161 -16.46 42.27 -36.25
CA TYR B 161 -17.72 42.66 -35.63
C TYR B 161 -17.78 42.19 -34.19
N ASP B 162 -17.61 40.88 -33.97
CA ASP B 162 -17.64 40.32 -32.62
C ASP B 162 -16.46 40.82 -31.79
N LEU B 163 -15.30 41.09 -32.40
CA LEU B 163 -14.20 41.68 -31.66
C LEU B 163 -14.58 43.06 -31.10
N VAL B 164 -15.16 43.92 -31.94
CA VAL B 164 -15.61 45.23 -31.47
C VAL B 164 -16.67 45.08 -30.39
N ARG B 165 -17.58 44.12 -30.56
CA ARG B 165 -18.57 43.85 -29.51
C ARG B 165 -17.89 43.53 -28.19
N GLN B 166 -16.89 42.64 -28.22
CA GLN B 166 -16.17 42.28 -27.01
C GLN B 166 -15.45 43.49 -26.42
N ILE B 167 -14.93 44.38 -27.27
CA ILE B 167 -14.28 45.58 -26.76
C ILE B 167 -15.28 46.47 -26.04
N ASN B 168 -16.47 46.64 -26.62
CA ASN B 168 -17.50 47.45 -25.96
C ASN B 168 -18.14 46.73 -24.79
N ARG B 169 -18.07 45.40 -24.77
CA ARG B 169 -18.65 44.63 -23.67
C ARG B 169 -17.88 44.85 -22.37
N LEU C 10 70.56 9.21 6.23
CA LEU C 10 71.18 9.97 5.14
C LEU C 10 70.26 11.11 4.69
N ASP C 11 68.95 10.84 4.68
CA ASP C 11 67.95 11.81 4.23
C ASP C 11 67.63 12.85 5.28
N LYS C 12 68.45 12.99 6.32
CA LYS C 12 68.21 13.96 7.40
C LYS C 12 69.39 14.93 7.41
N GLY C 13 69.16 16.11 6.85
CA GLY C 13 70.19 17.13 6.75
C GLY C 13 70.89 17.24 5.42
N CYS C 14 70.26 16.79 4.33
CA CYS C 14 70.90 16.82 3.02
C CYS C 14 70.75 18.19 2.37
N THR C 15 71.73 18.54 1.55
CA THR C 15 71.66 19.72 0.71
C THR C 15 71.38 19.31 -0.73
N VAL C 16 70.99 20.29 -1.54
CA VAL C 16 70.54 19.99 -2.89
C VAL C 16 71.68 19.42 -3.73
N GLU C 17 72.91 19.90 -3.52
CA GLU C 17 74.06 19.32 -4.23
C GLU C 17 74.29 17.87 -3.83
N GLU C 18 74.32 17.59 -2.53
CA GLU C 18 74.48 16.22 -2.06
C GLU C 18 73.39 15.31 -2.60
N LEU C 19 72.15 15.81 -2.65
CA LEU C 19 71.03 14.99 -3.11
C LEU C 19 71.11 14.76 -4.61
N LEU C 20 71.57 15.77 -5.36
CA LEU C 20 71.80 15.59 -6.79
C LEU C 20 72.87 14.54 -7.04
N ARG C 21 73.97 14.60 -6.28
CA ARG C 21 74.97 13.54 -6.35
C ARG C 21 74.37 12.18 -6.04
N GLY C 22 73.52 12.10 -5.02
CA GLY C 22 72.86 10.84 -4.71
C GLY C 22 72.01 10.33 -5.85
N CYS C 23 71.34 11.23 -6.56
CA CYS C 23 70.54 10.84 -7.71
C CYS C 23 71.43 10.35 -8.86
N ILE C 24 72.58 10.98 -9.04
CA ILE C 24 73.52 10.53 -10.08
C ILE C 24 74.03 9.13 -9.75
N GLU C 25 74.49 8.93 -8.51
CA GLU C 25 75.06 7.66 -8.11
C GLU C 25 74.03 6.53 -8.08
N ALA C 26 72.74 6.86 -8.07
CA ALA C 26 71.70 5.84 -8.04
C ALA C 26 71.64 5.03 -9.34
N PHE C 27 72.34 5.46 -10.39
CA PHE C 27 72.33 4.77 -11.67
C PHE C 27 73.56 3.88 -11.81
N ASP C 28 73.41 2.81 -12.58
CA ASP C 28 74.54 2.00 -12.99
C ASP C 28 75.08 2.52 -14.32
N ASP C 29 76.33 2.15 -14.62
CA ASP C 29 76.94 2.56 -15.88
C ASP C 29 76.19 2.01 -17.09
N SER C 30 75.43 0.93 -16.91
CA SER C 30 74.62 0.37 -17.98
C SER C 30 73.31 1.12 -18.18
N GLY C 31 72.97 2.05 -17.30
CA GLY C 31 71.70 2.74 -17.33
C GLY C 31 70.69 2.22 -16.33
N LYS C 32 70.96 1.08 -15.70
CA LYS C 32 70.07 0.54 -14.68
C LYS C 32 70.01 1.48 -13.48
N VAL C 33 68.80 1.73 -12.99
CA VAL C 33 68.58 2.57 -11.83
C VAL C 33 68.35 1.68 -10.62
N ARG C 34 69.14 1.89 -9.55
CA ARG C 34 69.05 1.07 -8.36
C ARG C 34 67.97 1.56 -7.41
N ASP C 35 67.95 2.87 -7.13
CA ASP C 35 66.96 3.46 -6.23
C ASP C 35 66.05 4.38 -7.03
N PRO C 36 65.05 3.83 -7.73
CA PRO C 36 64.18 4.70 -8.54
C PRO C 36 63.30 5.61 -7.71
N GLN C 37 63.04 5.28 -6.45
CA GLN C 37 62.18 6.13 -5.63
C GLN C 37 62.86 7.46 -5.31
N LEU C 38 64.15 7.42 -4.98
CA LEU C 38 64.87 8.65 -4.66
C LEU C 38 64.98 9.56 -5.87
N VAL C 39 65.36 9.00 -7.02
CA VAL C 39 65.54 9.81 -8.22
C VAL C 39 64.19 10.32 -8.72
N ARG C 40 63.14 9.51 -8.58
CA ARG C 40 61.80 9.98 -8.93
C ARG C 40 61.37 11.13 -8.02
N MSE C 41 61.70 11.03 -6.74
CA MSE C 41 61.34 12.06 -5.77
C MSE C 41 62.02 13.38 -6.05
O MSE C 41 61.37 14.42 -6.17
CB MSE C 41 61.67 11.59 -4.35
CG MSE C 41 61.23 12.55 -3.25
SE MSE C 41 61.83 12.03 -1.48
CE MSE C 41 63.75 12.29 -1.72
N PHE C 42 63.36 13.36 -6.16
CA PHE C 42 64.08 14.61 -6.34
C PHE C 42 63.80 15.25 -7.69
N LEU C 43 63.63 14.44 -8.74
CA LEU C 43 63.35 14.98 -10.06
C LEU C 43 61.97 15.64 -10.13
N MSE C 44 61.07 15.34 -9.20
CA MSE C 44 59.77 15.98 -9.17
C MSE C 44 59.73 17.12 -8.16
O MSE C 44 59.15 18.18 -8.41
CB MSE C 44 58.67 14.97 -8.87
CG MSE C 44 57.39 15.61 -8.33
SE MSE C 44 55.74 14.63 -8.69
CE MSE C 44 56.11 13.01 -7.71
N MSE C 45 60.37 16.91 -7.00
CA MSE C 45 60.23 17.81 -5.87
C MSE C 45 61.21 18.99 -5.86
O MSE C 45 61.05 19.91 -5.07
CB MSE C 45 60.38 17.03 -4.56
CG MSE C 45 59.29 16.00 -4.32
SE MSE C 45 57.51 16.80 -4.39
CE MSE C 45 57.80 18.23 -3.10
N HIS C 46 62.22 18.95 -6.73
CA HIS C 46 63.29 19.94 -6.66
C HIS C 46 62.85 21.38 -6.98
N PRO C 47 61.82 21.63 -7.80
CA PRO C 47 61.39 23.03 -8.00
C PRO C 47 60.94 23.71 -6.72
N TRP C 48 60.57 22.94 -5.70
CA TRP C 48 60.26 23.53 -4.40
C TRP C 48 61.46 24.27 -3.82
N TYR C 49 62.68 23.81 -4.12
CA TYR C 49 63.88 24.32 -3.50
C TYR C 49 64.83 25.03 -4.46
N ILE C 50 64.85 24.63 -5.73
CA ILE C 50 65.73 25.23 -6.72
C ILE C 50 65.07 25.14 -8.09
N PRO C 51 65.09 26.19 -8.90
CA PRO C 51 64.49 26.12 -10.24
C PRO C 51 65.11 25.01 -11.07
N SER C 52 64.28 24.42 -11.94
CA SER C 52 64.71 23.27 -12.73
C SER C 52 65.85 23.63 -13.67
N SER C 53 65.83 24.86 -14.22
CA SER C 53 66.90 25.29 -15.10
C SER C 53 68.24 25.31 -14.37
N GLN C 54 68.24 25.73 -13.11
CA GLN C 54 69.48 25.75 -12.33
C GLN C 54 69.96 24.34 -12.04
N LEU C 55 69.04 23.41 -11.78
CA LEU C 55 69.45 22.01 -11.60
C LEU C 55 70.05 21.44 -12.87
N ALA C 56 69.46 21.76 -14.03
CA ALA C 56 70.05 21.34 -15.30
C ALA C 56 71.44 21.95 -15.50
N ALA C 57 71.60 23.23 -15.14
CA ALA C 57 72.92 23.87 -15.21
C ALA C 57 73.93 23.17 -14.30
N LYS C 58 73.49 22.75 -13.12
CA LYS C 58 74.40 22.04 -12.22
C LYS C 58 74.78 20.68 -12.80
N LEU C 59 73.82 19.97 -13.40
CA LEU C 59 74.15 18.72 -14.10
C LEU C 59 75.13 18.97 -15.23
N LEU C 60 74.95 20.07 -15.97
CA LEU C 60 75.88 20.46 -17.02
C LEU C 60 77.29 20.65 -16.47
N HIS C 61 77.41 21.40 -15.36
CA HIS C 61 78.71 21.62 -14.75
C HIS C 61 79.33 20.32 -14.27
N ILE C 62 78.51 19.43 -13.70
CA ILE C 62 79.01 18.14 -13.25
C ILE C 62 79.54 17.35 -14.43
N TYR C 63 78.83 17.37 -15.55
CA TYR C 63 79.28 16.66 -16.74
C TYR C 63 80.60 17.23 -17.27
N GLN C 64 80.71 18.56 -17.29
CA GLN C 64 81.96 19.18 -17.75
C GLN C 64 83.14 18.79 -16.87
N GLN C 65 82.95 18.90 -15.55
CA GLN C 65 84.02 18.53 -14.63
C GLN C 65 84.34 17.04 -14.73
N SER C 66 83.34 16.21 -15.04
CA SER C 66 83.56 14.79 -15.27
C SER C 66 84.31 14.54 -16.57
N ARG C 67 84.09 15.38 -17.60
CA ARG C 67 84.91 15.30 -18.81
C ARG C 67 86.37 15.59 -18.50
N LYS C 68 86.62 16.65 -17.74
CA LYS C 68 87.92 16.73 -17.09
C LYS C 68 88.02 15.63 -16.04
N ASP C 69 89.25 15.35 -15.60
CA ASP C 69 89.54 14.27 -14.66
C ASP C 69 89.19 12.90 -15.23
N ASN C 70 88.69 12.89 -16.48
CA ASN C 70 88.39 11.66 -17.23
C ASN C 70 87.60 10.64 -16.41
N SER C 71 86.59 11.11 -15.68
CA SER C 71 85.72 10.22 -14.91
C SER C 71 84.58 9.79 -15.83
N ASN C 72 84.76 8.65 -16.49
CA ASN C 72 83.77 8.18 -17.46
C ASN C 72 82.48 7.74 -16.76
N SER C 73 82.61 7.09 -15.60
CA SER C 73 81.43 6.66 -14.86
C SER C 73 80.52 7.84 -14.54
N LEU C 74 81.10 8.92 -14.00
CA LEU C 74 80.31 10.09 -13.68
C LEU C 74 79.65 10.67 -14.93
N GLN C 75 80.35 10.67 -16.06
CA GLN C 75 79.79 11.17 -17.32
C GLN C 75 78.56 10.39 -17.70
N VAL C 76 78.69 9.07 -17.79
CA VAL C 76 77.58 8.25 -18.28
C VAL C 76 76.43 8.23 -17.27
N LYS C 77 76.73 8.28 -15.96
CA LYS C 77 75.67 8.34 -14.96
C LYS C 77 74.90 9.66 -15.05
N THR C 78 75.61 10.78 -15.22
CA THR C 78 74.95 12.07 -15.39
C THR C 78 74.05 12.05 -16.63
N CYS C 79 74.55 11.50 -17.73
CA CYS C 79 73.74 11.43 -18.94
C CYS C 79 72.51 10.54 -18.74
N HIS C 80 72.66 9.45 -17.98
CA HIS C 80 71.51 8.59 -17.69
C HIS C 80 70.50 9.30 -16.80
N LEU C 81 70.99 10.12 -15.85
CA LEU C 81 70.08 10.91 -15.02
C LEU C 81 69.30 11.90 -15.88
N VAL C 82 69.98 12.57 -16.81
CA VAL C 82 69.29 13.53 -17.67
C VAL C 82 68.28 12.81 -18.56
N ARG C 83 68.63 11.62 -19.06
CA ARG C 83 67.72 10.85 -19.90
C ARG C 83 66.48 10.44 -19.12
N TYR C 84 66.67 9.90 -17.91
CA TYR C 84 65.55 9.51 -17.06
C TYR C 84 64.67 10.72 -16.73
N TRP C 85 65.31 11.87 -16.48
CA TRP C 85 64.57 13.10 -16.21
C TRP C 85 63.70 13.50 -17.40
N ILE C 86 64.27 13.42 -18.61
CA ILE C 86 63.52 13.84 -19.79
C ILE C 86 62.37 12.88 -20.07
N SER C 87 62.62 11.58 -19.94
CA SER C 87 61.57 10.61 -20.21
C SER C 87 60.47 10.66 -19.16
N ALA C 88 60.82 11.00 -17.91
CA ALA C 88 59.84 10.97 -16.84
C ALA C 88 58.96 12.21 -16.81
N PHE C 89 59.50 13.38 -17.14
CA PHE C 89 58.78 14.64 -17.07
C PHE C 89 59.04 15.46 -18.34
N PRO C 90 58.45 15.06 -19.47
CA PRO C 90 58.70 15.80 -20.71
C PRO C 90 57.99 17.14 -20.79
N ALA C 91 56.81 17.26 -20.17
CA ALA C 91 56.03 18.48 -20.26
C ALA C 91 56.83 19.71 -19.81
N GLU C 92 57.58 19.57 -18.72
CA GLU C 92 58.41 20.69 -18.26
C GLU C 92 59.52 21.01 -19.24
N PHE C 93 60.06 20.00 -19.93
CA PHE C 93 61.11 20.26 -20.90
C PHE C 93 60.58 20.97 -22.14
N ASP C 94 59.32 20.71 -22.51
CA ASP C 94 58.74 21.47 -23.62
C ASP C 94 58.34 22.89 -23.18
N LEU C 95 57.77 23.02 -21.98
CA LEU C 95 57.19 24.30 -21.57
C LEU C 95 58.25 25.29 -21.07
N ASN C 96 59.30 24.82 -20.42
CA ASN C 96 60.28 25.70 -19.81
C ASN C 96 61.36 26.04 -20.83
N PRO C 97 61.49 27.29 -21.28
CA PRO C 97 62.52 27.59 -22.29
C PRO C 97 63.93 27.57 -21.74
N GLU C 98 64.13 27.99 -20.49
CA GLU C 98 65.49 28.02 -19.94
C GLU C 98 66.01 26.60 -19.70
N LEU C 99 65.16 25.72 -19.19
CA LEU C 99 65.53 24.31 -19.04
C LEU C 99 65.89 23.69 -20.38
N ALA C 100 65.06 23.95 -21.41
CA ALA C 100 65.36 23.44 -22.74
C ALA C 100 66.66 24.01 -23.28
N GLU C 101 66.98 25.27 -22.96
CA GLU C 101 68.24 25.86 -23.39
C GLU C 101 69.43 25.19 -22.70
N GLN C 102 69.29 24.87 -21.42
CA GLN C 102 70.34 24.14 -20.72
C GLN C 102 70.55 22.77 -21.35
N ILE C 103 69.46 22.07 -21.67
CA ILE C 103 69.59 20.77 -22.32
C ILE C 103 70.19 20.92 -23.71
N LYS C 104 69.89 22.02 -24.41
CA LYS C 104 70.51 22.32 -25.69
C LYS C 104 72.02 22.43 -25.57
N GLU C 105 72.48 23.21 -24.59
CA GLU C 105 73.93 23.34 -24.37
C GLU C 105 74.55 21.99 -24.03
N LEU C 106 73.87 21.20 -23.20
CA LEU C 106 74.39 19.89 -22.84
C LEU C 106 74.48 18.96 -24.06
N LYS C 107 73.46 18.99 -24.92
CA LYS C 107 73.48 18.19 -26.14
C LYS C 107 74.61 18.62 -27.06
N ALA C 108 74.86 19.93 -27.15
CA ALA C 108 75.98 20.40 -27.96
C ALA C 108 77.31 19.90 -27.40
N LEU C 109 77.46 19.95 -26.08
CA LEU C 109 78.66 19.41 -25.45
C LEU C 109 78.83 17.93 -25.76
N LEU C 110 77.72 17.18 -25.78
CA LEU C 110 77.79 15.77 -26.13
C LEU C 110 78.18 15.58 -27.60
N ASP C 111 77.63 16.39 -28.49
CA ASP C 111 77.94 16.27 -29.91
C ASP C 111 79.40 16.62 -30.20
N GLN C 112 80.02 17.47 -29.38
CA GLN C 112 81.40 17.84 -29.66
C GLN C 112 82.38 16.68 -29.40
N GLU C 113 82.03 15.74 -28.52
CA GLU C 113 82.94 14.64 -28.28
C GLU C 113 82.97 13.71 -29.49
N GLY C 114 83.87 12.72 -29.43
CA GLY C 114 84.21 11.96 -30.63
C GLY C 114 83.05 11.15 -31.19
N ASN C 115 82.26 10.54 -30.33
CA ASN C 115 81.24 9.58 -30.73
C ASN C 115 79.85 10.05 -30.32
N ARG C 116 78.87 9.17 -30.51
CA ARG C 116 77.51 9.38 -30.03
C ARG C 116 77.14 8.38 -28.93
N ARG C 117 78.13 7.90 -28.17
CA ARG C 117 77.85 6.95 -27.10
C ARG C 117 76.92 7.56 -26.06
N HIS C 118 77.28 8.74 -25.54
CA HIS C 118 76.42 9.45 -24.62
C HIS C 118 75.48 10.42 -25.32
N SER C 119 75.85 10.87 -26.53
CA SER C 119 75.02 11.83 -27.24
C SER C 119 73.67 11.24 -27.64
N SER C 120 73.61 9.93 -27.91
CA SER C 120 72.35 9.30 -28.26
C SER C 120 71.37 9.27 -27.10
N LEU C 121 71.84 9.51 -25.88
CA LEU C 121 70.98 9.44 -24.71
C LEU C 121 70.08 10.66 -24.53
N ILE C 122 70.46 11.80 -25.11
CA ILE C 122 69.71 13.04 -24.94
C ILE C 122 68.93 13.29 -26.22
N ASP C 123 67.61 13.10 -26.16
CA ASP C 123 66.74 13.30 -27.30
C ASP C 123 65.60 14.22 -26.90
N ILE C 124 65.45 15.33 -27.62
CA ILE C 124 64.33 16.25 -27.42
C ILE C 124 63.44 16.33 -28.66
N ASP C 125 63.47 15.29 -29.50
CA ASP C 125 62.62 15.27 -30.68
C ASP C 125 61.21 14.80 -30.35
N SER C 126 61.07 13.91 -29.36
CA SER C 126 59.79 13.34 -28.97
C SER C 126 59.12 14.10 -27.83
N VAL C 127 59.78 15.13 -27.30
CA VAL C 127 59.28 15.91 -26.17
C VAL C 127 58.01 16.71 -26.43
N PRO C 128 57.63 17.09 -27.71
CA PRO C 128 56.42 17.90 -27.85
C PRO C 128 55.24 17.33 -27.09
N THR C 129 54.87 18.03 -26.02
CA THR C 129 53.71 17.70 -25.19
C THR C 129 52.49 18.47 -25.62
N TYR C 130 52.56 19.12 -26.78
CA TYR C 130 51.53 20.04 -27.25
C TYR C 130 51.32 21.15 -26.22
N LYS C 131 52.35 21.99 -26.07
CA LYS C 131 52.30 23.16 -25.21
C LYS C 131 50.94 23.87 -25.27
N TRP C 132 50.25 23.74 -26.41
CA TRP C 132 48.88 24.18 -26.57
C TRP C 132 47.88 23.32 -25.81
N LYS C 133 48.34 22.31 -25.06
CA LYS C 133 47.46 21.55 -24.20
C LYS C 133 46.82 22.44 -23.14
N ARG C 134 47.65 23.12 -22.35
CA ARG C 134 47.16 24.03 -21.34
C ARG C 134 46.64 25.31 -22.00
N GLN C 135 45.55 25.16 -22.73
CA GLN C 135 44.93 26.22 -23.50
C GLN C 135 43.61 26.63 -22.86
N VAL C 136 43.17 27.84 -23.19
CA VAL C 136 41.83 28.28 -22.78
C VAL C 136 40.82 27.51 -23.63
N THR C 137 40.13 26.56 -23.02
CA THR C 137 39.13 25.77 -23.74
C THR C 137 37.97 26.67 -24.13
N GLN C 138 37.64 26.67 -25.43
CA GLN C 138 36.69 27.60 -25.98
C GLN C 138 35.29 27.01 -26.03
N ARG C 139 34.32 27.85 -26.38
CA ARG C 139 32.92 27.46 -26.40
C ARG C 139 32.18 28.31 -27.44
N ASN C 140 31.17 27.71 -28.04
CA ASN C 140 30.34 28.48 -28.97
C ASN C 140 29.11 29.05 -28.26
N PRO C 141 28.56 30.16 -28.75
CA PRO C 141 27.49 30.82 -28.01
C PRO C 141 26.26 29.94 -27.86
N VAL C 142 25.67 29.96 -26.67
CA VAL C 142 24.50 29.14 -26.35
C VAL C 142 23.28 29.76 -27.04
N GLY C 143 22.84 29.14 -28.13
CA GLY C 143 21.59 29.53 -28.75
C GLY C 143 20.39 29.01 -27.99
N GLN C 144 20.22 27.68 -27.99
CA GLN C 144 19.17 27.03 -27.22
C GLN C 144 19.70 25.78 -26.52
N LYS C 145 21.03 25.65 -26.38
CA LYS C 145 21.62 24.43 -25.85
C LYS C 145 21.21 24.17 -24.41
N LYS C 146 21.06 25.24 -23.62
CA LYS C 146 20.61 25.07 -22.24
C LYS C 146 19.22 24.45 -22.20
N ARG C 147 18.30 24.98 -23.03
CA ARG C 147 16.96 24.41 -23.13
C ARG C 147 17.01 22.94 -23.54
N LYS C 148 17.80 22.63 -24.58
CA LYS C 148 17.88 21.25 -25.07
C LYS C 148 18.39 20.31 -23.99
N MSE C 149 19.51 20.64 -23.37
CA MSE C 149 20.08 19.81 -22.31
C MSE C 149 19.14 19.69 -21.10
O MSE C 149 19.09 18.64 -20.46
CB MSE C 149 21.43 20.35 -21.88
CG MSE C 149 22.12 19.51 -20.80
SE MSE C 149 22.59 17.72 -21.40
CE MSE C 149 23.20 16.97 -19.71
N SER C 150 18.42 20.77 -20.81
CA SER C 150 17.43 20.72 -19.73
C SER C 150 16.38 19.66 -20.01
N LEU C 151 15.76 19.71 -21.20
CA LEU C 151 14.80 18.66 -21.54
C LEU C 151 15.47 17.29 -21.61
N LEU C 152 16.75 17.22 -21.98
CA LEU C 152 17.36 15.94 -22.28
C LEU C 152 17.78 15.17 -21.03
N PHE C 153 18.41 15.85 -20.06
CA PHE C 153 19.01 15.11 -18.95
C PHE C 153 17.98 14.40 -18.07
N ASP C 154 16.71 14.80 -18.13
CA ASP C 154 15.68 14.09 -17.39
C ASP C 154 15.62 12.62 -17.79
N HIS C 155 15.67 12.34 -19.10
CA HIS C 155 15.54 11.00 -19.62
C HIS C 155 16.88 10.35 -19.93
N LEU C 156 17.98 10.99 -19.56
CA LEU C 156 19.30 10.43 -19.81
C LEU C 156 19.62 9.34 -18.80
N GLU C 157 20.27 8.28 -19.28
CA GLU C 157 20.70 7.21 -18.40
C GLU C 157 21.64 7.77 -17.33
N PRO C 158 21.47 7.39 -16.05
CA PRO C 158 22.33 7.95 -15.00
C PRO C 158 23.80 7.65 -15.25
N MSE C 159 24.14 6.37 -15.34
CA MSE C 159 25.52 5.93 -15.58
C MSE C 159 26.17 6.71 -16.70
O MSE C 159 27.22 7.33 -16.51
CB MSE C 159 25.55 4.43 -15.90
CG MSE C 159 26.88 3.94 -16.46
SE MSE C 159 28.39 4.18 -15.23
CE MSE C 159 28.13 2.60 -14.11
N GLU C 160 25.52 6.69 -17.87
CA GLU C 160 25.98 7.46 -19.02
C GLU C 160 26.37 8.88 -18.62
N LEU C 161 25.43 9.62 -18.02
CA LEU C 161 25.72 10.97 -17.57
C LEU C 161 26.98 11.00 -16.72
N ALA C 162 27.02 10.16 -15.69
CA ALA C 162 28.20 10.05 -14.85
C ALA C 162 29.46 9.91 -15.70
N GLU C 163 29.45 8.91 -16.59
CA GLU C 163 30.59 8.69 -17.48
C GLU C 163 31.03 10.01 -18.12
N HIS C 164 30.10 10.70 -18.78
CA HIS C 164 30.46 11.92 -19.48
C HIS C 164 31.07 12.92 -18.51
N LEU C 165 30.42 13.13 -17.36
CA LEU C 165 30.98 14.03 -16.36
C LEU C 165 32.42 13.66 -16.06
N THR C 166 32.64 12.38 -15.74
CA THR C 166 33.99 11.90 -15.48
C THR C 166 34.94 12.35 -16.57
N TYR C 167 34.60 12.02 -17.82
CA TYR C 167 35.46 12.38 -18.95
C TYR C 167 35.85 13.84 -18.86
N LEU C 168 34.84 14.72 -18.79
CA LEU C 168 35.10 16.16 -18.75
C LEU C 168 36.11 16.48 -17.66
N GLU C 169 35.79 16.08 -16.42
CA GLU C 169 36.68 16.43 -15.32
C GLU C 169 38.06 15.83 -15.53
N TYR C 170 38.11 14.57 -15.99
CA TYR C 170 39.41 13.95 -16.21
C TYR C 170 40.19 14.72 -17.26
N ARG C 171 39.51 15.13 -18.33
CA ARG C 171 40.18 15.88 -19.39
C ARG C 171 40.78 17.18 -18.88
N SER C 172 40.18 17.76 -17.83
CA SER C 172 40.79 18.92 -17.22
C SER C 172 41.94 18.53 -16.30
N PHE C 173 41.76 17.45 -15.53
CA PHE C 173 42.75 17.08 -14.53
C PHE C 173 44.10 16.80 -15.16
N CYS C 174 44.11 16.16 -16.34
CA CYS C 174 45.36 15.82 -17.00
C CYS C 174 46.18 17.05 -17.38
N LYS C 175 45.55 18.21 -17.48
CA LYS C 175 46.30 19.41 -17.84
C LYS C 175 47.07 20.01 -16.68
N ILE C 176 46.86 19.50 -15.47
CA ILE C 176 47.54 20.04 -14.29
C ILE C 176 48.92 19.43 -14.20
N LEU C 177 49.94 20.30 -14.20
CA LEU C 177 51.31 19.87 -14.01
C LEU C 177 51.77 20.19 -12.59
N PHE C 178 52.99 19.74 -12.27
CA PHE C 178 53.53 19.95 -10.93
C PHE C 178 53.63 21.44 -10.60
N GLN C 179 53.92 22.28 -11.60
CA GLN C 179 54.04 23.71 -11.35
C GLN C 179 52.76 24.28 -10.75
N ASP C 180 51.61 23.77 -11.18
CA ASP C 180 50.33 24.30 -10.72
C ASP C 180 50.10 23.93 -9.25
N TYR C 181 50.32 22.65 -8.90
CA TYR C 181 50.26 22.25 -7.51
C TYR C 181 51.22 23.05 -6.65
N HIS C 182 52.45 23.25 -7.14
CA HIS C 182 53.45 24.01 -6.39
C HIS C 182 52.96 25.43 -6.11
N SER C 183 52.46 26.11 -7.15
CA SER C 183 52.00 27.48 -6.98
C SER C 183 50.80 27.54 -6.04
N PHE C 184 49.89 26.58 -6.15
CA PHE C 184 48.74 26.54 -5.26
C PHE C 184 49.17 26.39 -3.81
N VAL C 185 49.97 25.37 -3.52
CA VAL C 185 50.39 25.09 -2.15
C VAL C 185 51.20 26.26 -1.60
N THR C 186 52.01 26.89 -2.44
CA THR C 186 52.79 28.05 -1.99
C THR C 186 51.88 29.22 -1.65
N HIS C 187 50.92 29.54 -2.51
CA HIS C 187 50.04 30.68 -2.28
C HIS C 187 48.86 30.35 -1.38
N GLY C 188 48.52 29.08 -1.22
CA GLY C 188 47.31 28.70 -0.52
C GLY C 188 46.05 28.80 -1.35
N CYS C 189 46.12 29.41 -2.53
CA CYS C 189 45.00 29.53 -3.45
C CYS C 189 45.56 29.50 -4.87
N THR C 190 44.69 29.79 -5.85
CA THR C 190 45.09 29.83 -7.25
C THR C 190 45.40 31.27 -7.62
N VAL C 191 46.68 31.61 -7.65
CA VAL C 191 47.16 32.92 -8.04
C VAL C 191 47.96 32.76 -9.33
N ASP C 192 47.47 33.36 -10.41
CA ASP C 192 48.10 33.27 -11.72
C ASP C 192 48.29 31.80 -12.11
N ASN C 193 47.24 31.01 -11.90
CA ASN C 193 47.27 29.56 -12.10
C ASN C 193 46.03 29.15 -12.90
N PRO C 194 46.00 29.47 -14.20
CA PRO C 194 44.74 29.31 -14.95
C PRO C 194 44.31 27.87 -15.16
N VAL C 195 45.23 26.91 -15.19
CA VAL C 195 44.84 25.52 -15.42
C VAL C 195 44.09 24.96 -14.21
N LEU C 196 44.71 25.05 -13.03
CA LEU C 196 44.06 24.60 -11.82
C LEU C 196 42.80 25.40 -11.52
N GLU C 197 42.83 26.71 -11.81
CA GLU C 197 41.63 27.53 -11.69
C GLU C 197 40.51 27.01 -12.58
N ARG C 198 40.86 26.60 -13.81
CA ARG C 198 39.84 26.07 -14.73
C ARG C 198 39.27 24.75 -14.20
N PHE C 199 40.13 23.90 -13.63
CA PHE C 199 39.64 22.65 -13.07
C PHE C 199 38.68 22.90 -11.91
N ILE C 200 39.08 23.78 -10.97
CA ILE C 200 38.22 24.12 -9.83
C ILE C 200 36.92 24.75 -10.31
N SER C 201 36.99 25.61 -11.32
CA SER C 201 35.79 26.23 -11.87
C SER C 201 34.87 25.19 -12.49
N LEU C 202 35.43 24.16 -13.12
CA LEU C 202 34.61 23.09 -13.67
C LEU C 202 33.95 22.27 -12.57
N PHE C 203 34.69 22.01 -11.49
CA PHE C 203 34.15 21.39 -10.29
C PHE C 203 32.90 22.13 -9.80
N ASN C 204 33.07 23.43 -9.55
CA ASN C 204 31.96 24.26 -9.08
C ASN C 204 30.86 24.38 -10.13
N SER C 205 31.21 24.26 -11.41
CA SER C 205 30.20 24.27 -12.45
C SER C 205 29.33 23.04 -12.38
N VAL C 206 29.93 21.88 -12.08
CA VAL C 206 29.15 20.66 -11.89
C VAL C 206 28.20 20.83 -10.71
N SER C 207 28.71 21.33 -9.59
CA SER C 207 27.86 21.52 -8.42
C SER C 207 26.70 22.49 -8.72
N GLN C 208 27.02 23.63 -9.31
CA GLN C 208 25.99 24.62 -9.62
C GLN C 208 25.02 24.11 -10.68
N TRP C 209 25.48 23.23 -11.58
CA TRP C 209 24.57 22.63 -12.54
C TRP C 209 23.58 21.72 -11.84
N VAL C 210 24.05 20.93 -10.87
CA VAL C 210 23.12 20.15 -10.05
C VAL C 210 22.08 21.06 -9.42
N GLN C 211 22.53 22.15 -8.79
CA GLN C 211 21.61 23.07 -8.15
C GLN C 211 20.59 23.65 -9.14
N LEU C 212 21.05 24.09 -10.30
CA LEU C 212 20.16 24.69 -11.29
C LEU C 212 19.17 23.67 -11.84
N MSE C 213 19.63 22.44 -12.07
CA MSE C 213 18.76 21.40 -12.62
C MSE C 213 17.69 21.00 -11.61
O MSE C 213 16.62 20.53 -11.98
CB MSE C 213 19.57 20.18 -13.05
CG MSE C 213 20.44 20.40 -14.28
SE MSE C 213 19.45 21.04 -15.83
CE MSE C 213 19.78 22.96 -15.66
N ILE C 214 18.00 21.20 -10.32
CA ILE C 214 16.96 20.97 -9.32
C ILE C 214 16.00 22.14 -9.22
N LEU C 215 16.52 23.37 -9.22
CA LEU C 215 15.65 24.55 -9.08
C LEU C 215 14.89 24.88 -10.36
N SER C 216 15.19 24.21 -11.48
CA SER C 216 14.51 24.54 -12.72
C SER C 216 13.08 24.03 -12.73
N LYS C 217 12.78 22.97 -11.98
CA LYS C 217 11.44 22.41 -11.95
C LYS C 217 10.52 23.29 -11.10
N PRO C 218 9.25 23.44 -11.49
CA PRO C 218 8.34 24.35 -10.79
C PRO C 218 7.45 23.71 -9.72
N THR C 219 7.61 22.42 -9.45
CA THR C 219 6.76 21.73 -8.48
C THR C 219 7.59 20.74 -7.69
N ALA C 220 7.17 20.51 -6.44
CA ALA C 220 8.01 19.75 -5.51
C ALA C 220 8.28 18.31 -5.95
N PRO C 221 7.31 17.53 -6.41
CA PRO C 221 7.64 16.15 -6.82
C PRO C 221 8.65 16.08 -7.96
N GLN C 222 8.59 17.00 -8.92
CA GLN C 222 9.56 17.02 -10.02
C GLN C 222 10.97 17.30 -9.50
N ARG C 223 11.09 18.29 -8.59
CA ARG C 223 12.39 18.56 -7.98
C ARG C 223 12.91 17.36 -7.20
N ALA C 224 12.03 16.68 -6.47
CA ALA C 224 12.42 15.46 -5.78
C ALA C 224 12.88 14.39 -6.77
N LEU C 225 12.25 14.33 -7.93
CA LEU C 225 12.64 13.37 -8.96
C LEU C 225 14.05 13.65 -9.47
N VAL C 226 14.35 14.92 -9.74
CA VAL C 226 15.70 15.22 -10.22
C VAL C 226 16.72 15.04 -9.10
N ILE C 227 16.32 15.24 -7.85
CA ILE C 227 17.22 14.94 -6.73
C ILE C 227 17.55 13.46 -6.69
N THR C 228 16.53 12.61 -6.83
CA THR C 228 16.77 11.16 -6.90
C THR C 228 17.68 10.82 -8.07
N HIS C 229 17.46 11.48 -9.22
CA HIS C 229 18.30 11.22 -10.38
C HIS C 229 19.76 11.54 -10.10
N PHE C 230 20.03 12.69 -9.48
CA PHE C 230 21.41 13.04 -9.16
C PHE C 230 22.00 12.14 -8.08
N VAL C 231 21.17 11.65 -7.15
CA VAL C 231 21.66 10.66 -6.20
C VAL C 231 22.08 9.39 -6.93
N HIS C 232 21.32 9.00 -7.95
CA HIS C 232 21.69 7.83 -8.73
C HIS C 232 22.96 8.07 -9.53
N VAL C 233 23.13 9.26 -10.10
CA VAL C 233 24.37 9.52 -10.83
C VAL C 233 25.56 9.59 -9.88
N ALA C 234 25.32 9.99 -8.62
CA ALA C 234 26.40 9.99 -7.64
C ALA C 234 26.78 8.57 -7.23
N GLU C 235 25.79 7.70 -7.01
CA GLU C 235 26.10 6.30 -6.75
C GLU C 235 26.86 5.69 -7.93
N LYS C 236 26.48 6.04 -9.16
CA LYS C 236 27.19 5.52 -10.33
C LYS C 236 28.60 6.08 -10.43
N LEU C 237 28.80 7.34 -10.03
CA LEU C 237 30.15 7.89 -9.97
C LEU C 237 31.00 7.13 -8.97
N LEU C 238 30.42 6.79 -7.82
CA LEU C 238 31.13 5.96 -6.85
C LEU C 238 31.47 4.59 -7.44
N GLN C 239 30.51 3.98 -8.14
CA GLN C 239 30.79 2.74 -8.85
C GLN C 239 31.89 2.94 -9.88
N LEU C 240 31.90 4.10 -10.54
CA LEU C 240 32.94 4.48 -11.48
C LEU C 240 34.26 4.80 -10.79
N GLN C 241 34.29 4.77 -9.46
CA GLN C 241 35.48 5.11 -8.67
C GLN C 241 35.98 6.52 -9.00
N ASN C 242 35.04 7.43 -9.22
CA ASN C 242 35.32 8.84 -9.47
C ASN C 242 34.82 9.63 -8.25
N PHE C 243 35.71 9.79 -7.27
CA PHE C 243 35.31 10.45 -6.02
C PHE C 243 35.26 11.96 -6.15
N ASN C 244 36.04 12.54 -7.07
CA ASN C 244 36.08 14.00 -7.20
C ASN C 244 34.74 14.54 -7.66
N THR C 245 34.22 14.04 -8.76
CA THR C 245 32.90 14.48 -9.24
C THR C 245 31.80 14.05 -8.28
N LEU C 246 31.96 12.90 -7.63
CA LEU C 246 31.01 12.47 -6.62
C LEU C 246 30.77 13.57 -5.60
N MSE C 247 31.83 14.00 -4.93
CA MSE C 247 31.78 15.18 -4.08
C MSE C 247 31.02 16.30 -4.77
O MSE C 247 30.02 16.80 -4.25
CB MSE C 247 33.19 15.64 -3.73
CG MSE C 247 33.25 16.99 -3.05
SE MSE C 247 32.99 16.82 -1.13
CE MSE C 247 31.36 17.86 -0.98
N ALA C 248 31.48 16.63 -5.98
CA ALA C 248 30.89 17.73 -6.76
C ALA C 248 29.38 17.68 -6.75
N VAL C 249 28.81 16.49 -6.92
CA VAL C 249 27.36 16.40 -6.96
C VAL C 249 26.79 16.23 -5.56
N VAL C 250 27.44 15.41 -4.73
CA VAL C 250 26.99 15.24 -3.35
C VAL C 250 26.96 16.58 -2.63
N GLY C 251 28.09 17.30 -2.65
CA GLY C 251 28.11 18.64 -2.10
C GLY C 251 27.14 19.58 -2.79
N GLY C 252 26.85 19.34 -4.06
CA GLY C 252 25.83 20.11 -4.74
C GLY C 252 24.44 19.77 -4.23
N LEU C 253 24.21 18.53 -3.84
CA LEU C 253 22.94 18.12 -3.27
C LEU C 253 22.73 18.64 -1.85
N SER C 254 23.79 19.13 -1.21
CA SER C 254 23.68 19.66 0.15
C SER C 254 23.84 21.17 0.20
N HIS C 255 23.77 21.86 -0.95
CA HIS C 255 23.85 23.30 -0.96
C HIS C 255 22.69 23.90 -0.16
N SER C 256 22.91 25.11 0.35
CA SER C 256 21.90 25.75 1.19
C SER C 256 20.60 25.96 0.43
N SER C 257 20.68 26.38 -0.84
CA SER C 257 19.47 26.71 -1.59
C SER C 257 18.54 25.51 -1.74
N ILE C 258 19.09 24.30 -1.91
CA ILE C 258 18.21 23.16 -2.19
C ILE C 258 17.92 22.40 -0.90
N SER C 259 18.83 22.47 0.08
CA SER C 259 18.61 21.76 1.33
C SER C 259 17.44 22.34 2.10
N ARG C 260 17.20 23.65 1.99
CA ARG C 260 16.10 24.31 2.69
C ARG C 260 14.75 24.06 2.03
N LEU C 261 14.70 23.30 0.95
CA LEU C 261 13.43 22.96 0.28
C LEU C 261 12.84 21.74 0.98
N LYS C 262 12.14 22.01 2.09
CA LYS C 262 11.60 20.93 2.90
C LYS C 262 10.50 20.17 2.18
N GLU C 263 9.72 20.87 1.34
CA GLU C 263 8.56 20.24 0.72
C GLU C 263 8.99 19.27 -0.38
N THR C 264 10.00 19.61 -1.17
CA THR C 264 10.55 18.63 -2.11
C THR C 264 11.28 17.52 -1.37
N HIS C 265 11.92 17.84 -0.24
CA HIS C 265 12.60 16.82 0.55
C HIS C 265 11.61 15.84 1.17
N SER C 266 10.33 16.21 1.28
CA SER C 266 9.34 15.24 1.71
C SER C 266 9.04 14.21 0.63
N HIS C 267 9.21 14.58 -0.64
CA HIS C 267 8.82 13.74 -1.76
C HIS C 267 9.90 12.78 -2.24
N VAL C 268 11.11 12.85 -1.69
CA VAL C 268 12.15 11.89 -2.08
C VAL C 268 11.94 10.60 -1.31
N SER C 269 12.17 9.48 -1.99
CA SER C 269 11.89 8.17 -1.40
C SER C 269 12.80 7.93 -0.19
N PRO C 270 12.29 7.26 0.86
CA PRO C 270 13.16 6.90 1.98
C PRO C 270 14.31 6.00 1.57
N GLU C 271 14.13 5.15 0.57
CA GLU C 271 15.26 4.39 0.01
C GLU C 271 16.28 5.34 -0.61
N THR C 272 15.80 6.30 -1.40
CA THR C 272 16.68 7.33 -1.95
C THR C 272 17.39 8.09 -0.84
N ILE C 273 16.69 8.39 0.25
CA ILE C 273 17.31 9.08 1.39
C ILE C 273 18.41 8.22 2.00
N LYS C 274 18.15 6.93 2.18
CA LYS C 274 19.16 6.02 2.73
C LYS C 274 20.42 6.03 1.87
N LEU C 275 20.26 5.83 0.57
CA LEU C 275 21.41 5.81 -0.33
C LEU C 275 22.12 7.16 -0.36
N TRP C 276 21.35 8.25 -0.36
CA TRP C 276 21.92 9.59 -0.39
C TRP C 276 22.76 9.85 0.85
N GLU C 277 22.21 9.60 2.04
CA GLU C 277 22.99 9.80 3.27
C GLU C 277 24.18 8.86 3.34
N GLY C 278 24.08 7.68 2.74
CA GLY C 278 25.27 6.82 2.65
C GLY C 278 26.37 7.48 1.84
N LEU C 279 26.03 8.04 0.68
CA LEU C 279 27.03 8.73 -0.12
C LEU C 279 27.58 9.95 0.60
N THR C 280 26.72 10.71 1.26
CA THR C 280 27.18 11.88 2.01
C THR C 280 28.12 11.49 3.15
N GLU C 281 27.83 10.37 3.82
CA GLU C 281 28.73 9.86 4.86
C GLU C 281 30.06 9.41 4.26
N LEU C 282 30.04 8.90 3.03
CA LEU C 282 31.29 8.50 2.40
C LEU C 282 32.27 9.66 2.28
N VAL C 283 31.76 10.85 1.98
CA VAL C 283 32.61 12.00 1.69
C VAL C 283 32.57 13.00 2.83
N THR C 284 32.33 12.52 4.05
CA THR C 284 32.32 13.42 5.20
C THR C 284 33.75 13.84 5.55
N ALA C 285 33.86 15.07 6.07
CA ALA C 285 35.13 15.55 6.58
C ALA C 285 35.41 15.08 8.00
N THR C 286 34.43 14.45 8.65
CA THR C 286 34.63 13.91 9.98
C THR C 286 35.70 12.83 9.96
N GLY C 287 36.59 12.86 10.95
CA GLY C 287 37.70 11.93 10.96
C GLY C 287 38.77 12.23 9.95
N ASN C 288 38.86 13.48 9.49
CA ASN C 288 39.82 13.90 8.47
C ASN C 288 39.65 13.07 7.19
N TYR C 289 38.41 12.94 6.75
CA TYR C 289 38.06 12.22 5.53
C TYR C 289 38.54 10.76 5.59
N GLY C 290 38.33 10.12 6.73
CA GLY C 290 38.80 8.76 6.91
C GLY C 290 38.10 7.76 6.01
N ASN C 291 36.77 7.89 5.89
CA ASN C 291 36.02 7.00 5.02
C ASN C 291 36.50 7.12 3.57
N TYR C 292 36.64 8.36 3.09
CA TYR C 292 37.14 8.58 1.73
C TYR C 292 38.53 8.00 1.54
N ARG C 293 39.44 8.26 2.48
CA ARG C 293 40.80 7.77 2.35
C ARG C 293 40.83 6.24 2.32
N ARG C 294 40.04 5.59 3.17
CA ARG C 294 40.00 4.12 3.18
C ARG C 294 39.45 3.58 1.88
N ARG C 295 38.35 4.15 1.39
CA ARG C 295 37.79 3.68 0.12
C ARG C 295 38.77 3.88 -1.03
N LEU C 296 39.40 5.05 -1.10
CA LEU C 296 40.37 5.31 -2.17
C LEU C 296 41.53 4.34 -2.10
N ALA C 297 42.05 4.08 -0.89
CA ALA C 297 43.15 3.13 -0.75
C ALA C 297 42.73 1.73 -1.18
N ALA C 298 41.49 1.33 -0.86
CA ALA C 298 41.01 -0.01 -1.22
C ALA C 298 40.73 -0.15 -2.71
N CYS C 299 40.75 0.94 -3.47
CA CYS C 299 40.41 0.87 -4.89
C CYS C 299 41.49 0.14 -5.68
N VAL C 300 41.09 -0.40 -6.83
CA VAL C 300 41.99 -1.05 -7.77
C VAL C 300 41.63 -0.59 -9.17
N GLY C 301 42.64 -0.35 -9.99
CA GLY C 301 42.42 0.18 -11.33
C GLY C 301 42.33 1.69 -11.33
N PHE C 302 41.54 2.24 -12.26
CA PHE C 302 41.42 3.68 -12.36
C PHE C 302 40.71 4.27 -11.15
N ARG C 303 41.27 5.33 -10.60
CA ARG C 303 40.63 6.08 -9.53
C ARG C 303 40.79 7.57 -9.79
N PHE C 304 39.83 8.34 -9.28
CA PHE C 304 39.83 9.80 -9.44
C PHE C 304 39.70 10.39 -8.04
N PRO C 305 40.81 10.65 -7.37
CA PRO C 305 40.75 11.22 -6.02
C PRO C 305 40.15 12.61 -6.03
N ILE C 306 39.49 12.97 -4.93
CA ILE C 306 38.94 14.32 -4.80
C ILE C 306 40.10 15.28 -4.55
N LEU C 307 40.50 15.99 -5.59
CA LEU C 307 41.46 17.06 -5.42
C LEU C 307 40.86 18.15 -4.54
N GLY C 308 41.58 18.49 -3.48
CA GLY C 308 41.07 19.43 -2.49
C GLY C 308 41.22 18.86 -1.09
N VAL C 309 41.01 17.55 -0.94
CA VAL C 309 41.47 16.87 0.26
C VAL C 309 42.99 16.79 0.24
N HIS C 310 43.55 16.38 -0.90
CA HIS C 310 45.00 16.28 -1.04
C HIS C 310 45.64 17.67 -1.12
N LEU C 311 44.96 18.63 -1.74
CA LEU C 311 45.43 20.01 -1.68
C LEU C 311 45.44 20.50 -0.23
N LYS C 312 44.42 20.13 0.55
CA LYS C 312 44.40 20.48 1.97
C LYS C 312 45.59 19.88 2.70
N ASP C 313 45.89 18.60 2.44
CA ASP C 313 47.04 17.97 3.07
C ASP C 313 48.34 18.67 2.68
N LEU C 314 48.48 19.03 1.40
CA LEU C 314 49.69 19.70 0.95
C LEU C 314 49.84 21.07 1.60
N VAL C 315 48.75 21.82 1.71
CA VAL C 315 48.82 23.13 2.34
C VAL C 315 49.16 23.00 3.83
N ALA C 316 48.57 22.00 4.50
CA ALA C 316 48.92 21.75 5.89
C ALA C 316 50.39 21.45 6.05
N LEU C 317 50.94 20.57 5.19
CA LEU C 317 52.36 20.25 5.23
C LEU C 317 53.21 21.49 4.98
N GLN C 318 52.80 22.33 4.03
CA GLN C 318 53.58 23.51 3.68
C GLN C 318 53.63 24.50 4.83
N LEU C 319 52.48 24.77 5.46
CA LEU C 319 52.42 25.76 6.52
C LEU C 319 53.02 25.24 7.83
N ALA C 320 52.87 23.95 8.13
CA ALA C 320 53.32 23.44 9.41
C ALA C 320 54.82 23.21 9.44
N LEU C 321 55.36 22.57 8.41
CA LEU C 321 56.77 22.21 8.42
C LEU C 321 57.59 23.18 7.57
N PRO C 322 58.84 23.41 7.94
CA PRO C 322 59.68 24.33 7.17
C PRO C 322 60.38 23.65 6.00
N ASP C 323 60.67 24.45 4.97
CA ASP C 323 61.37 23.94 3.80
C ASP C 323 62.78 23.47 4.17
N TRP C 324 63.54 24.33 4.85
CA TRP C 324 64.92 24.05 5.18
C TRP C 324 65.09 23.90 6.70
N LEU C 325 66.10 23.13 7.08
CA LEU C 325 66.40 22.94 8.50
C LEU C 325 67.28 24.05 9.05
N ASP C 326 68.16 24.61 8.23
CA ASP C 326 69.06 25.67 8.67
C ASP C 326 68.54 27.03 8.24
N PRO C 327 68.93 28.09 8.95
CA PRO C 327 68.60 29.45 8.49
C PRO C 327 69.29 29.82 7.19
N ALA C 328 70.40 29.18 6.85
CA ALA C 328 71.13 29.48 5.62
C ALA C 328 70.40 29.00 4.38
N ARG C 329 69.27 28.29 4.53
CA ARG C 329 68.47 27.82 3.40
C ARG C 329 69.27 26.87 2.52
N THR C 330 69.96 25.92 3.15
CA THR C 330 70.83 25.00 2.43
C THR C 330 70.50 23.53 2.64
N ARG C 331 70.10 23.13 3.85
CA ARG C 331 69.83 21.74 4.15
C ARG C 331 68.35 21.45 4.00
N LEU C 332 68.04 20.36 3.30
CA LEU C 332 66.66 20.04 2.95
C LEU C 332 65.98 19.29 4.08
N ASN C 333 64.78 19.74 4.45
CA ASN C 333 63.95 19.00 5.40
C ASN C 333 63.52 17.70 4.75
N GLY C 334 64.11 16.59 5.21
CA GLY C 334 63.89 15.32 4.53
C GLY C 334 62.48 14.80 4.69
N ALA C 335 61.88 15.00 5.85
CA ALA C 335 60.53 14.49 6.10
C ALA C 335 59.52 15.18 5.18
N LYS C 336 59.45 16.50 5.25
CA LYS C 336 58.50 17.27 4.43
C LYS C 336 58.55 16.84 2.97
N MSE C 337 59.73 16.92 2.35
CA MSE C 337 59.92 16.52 0.96
C MSE C 337 59.32 15.15 0.68
O MSE C 337 58.65 14.95 -0.33
CB MSE C 337 61.40 16.53 0.58
CG MSE C 337 61.64 16.18 -0.87
SE MSE C 337 63.51 15.90 -1.29
CE MSE C 337 64.28 17.01 0.11
N LYS C 338 59.59 14.19 1.58
CA LYS C 338 59.00 12.87 1.41
C LYS C 338 57.49 12.92 1.52
N GLN C 339 56.97 13.54 2.59
CA GLN C 339 55.54 13.56 2.81
C GLN C 339 54.82 14.22 1.63
N LEU C 340 55.24 15.44 1.27
CA LEU C 340 54.75 16.08 0.06
C LEU C 340 54.76 15.12 -1.12
N PHE C 341 55.91 14.48 -1.35
CA PHE C 341 56.04 13.53 -2.45
C PHE C 341 54.95 12.48 -2.39
N SER C 342 54.75 11.88 -1.20
CA SER C 342 53.78 10.80 -1.08
C SER C 342 52.40 11.22 -1.55
N ILE C 343 52.07 12.50 -1.40
CA ILE C 343 50.80 13.00 -1.93
C ILE C 343 50.90 13.20 -3.43
N LEU C 344 51.88 14.01 -3.85
CA LEU C 344 51.92 14.47 -5.24
C LEU C 344 52.11 13.30 -6.19
N GLU C 345 52.97 12.33 -5.81
CA GLU C 345 53.15 11.13 -6.62
C GLU C 345 51.82 10.47 -6.91
N GLU C 346 50.97 10.33 -5.88
CA GLU C 346 49.64 9.79 -6.10
C GLU C 346 48.89 10.60 -7.15
N LEU C 347 48.86 11.93 -6.98
CA LEU C 347 48.21 12.79 -7.96
C LEU C 347 48.78 12.59 -9.35
N ALA C 348 50.07 12.29 -9.46
CA ALA C 348 50.64 12.04 -10.78
C ALA C 348 50.10 10.74 -11.36
N MSE C 349 50.02 9.69 -10.56
CA MSE C 349 49.68 8.36 -11.06
C MSE C 349 48.24 8.30 -11.58
O MSE C 349 47.88 7.38 -12.32
CB MSE C 349 49.89 7.32 -9.97
CG MSE C 349 51.36 7.09 -9.64
SE MSE C 349 52.41 6.57 -11.18
CE MSE C 349 53.32 8.27 -11.53
N VAL C 350 47.43 9.29 -11.20
CA VAL C 350 46.07 9.38 -11.71
C VAL C 350 46.08 9.54 -13.23
N THR C 351 47.07 10.29 -13.75
CA THR C 351 47.19 10.44 -15.18
C THR C 351 47.66 9.17 -15.88
N SER C 352 48.12 8.17 -15.12
CA SER C 352 48.62 6.94 -15.72
C SER C 352 47.49 6.16 -16.41
N LEU C 353 46.30 6.15 -15.81
CA LEU C 353 45.21 5.31 -16.27
C LEU C 353 44.08 6.18 -16.81
N ARG C 354 43.67 5.91 -18.04
CA ARG C 354 42.50 6.56 -18.61
C ARG C 354 41.23 5.91 -18.07
N PRO C 355 40.17 6.69 -17.86
CA PRO C 355 38.95 6.13 -17.30
C PRO C 355 38.23 5.24 -18.29
N PRO C 356 37.73 4.08 -17.86
CA PRO C 356 37.03 3.19 -18.79
C PRO C 356 35.65 3.75 -19.12
N VAL C 357 35.60 4.69 -20.05
CA VAL C 357 34.39 5.47 -20.32
C VAL C 357 34.25 5.71 -21.81
N GLN C 358 33.06 5.48 -22.34
CA GLN C 358 32.69 5.90 -23.68
C GLN C 358 32.00 7.26 -23.58
N ALA C 359 32.27 8.14 -24.55
CA ALA C 359 31.80 9.51 -24.50
C ALA C 359 31.40 9.99 -25.89
N ASN C 360 30.11 10.19 -26.11
CA ASN C 360 29.63 10.77 -27.35
C ASN C 360 29.91 12.26 -27.39
N PRO C 361 30.66 12.76 -28.39
CA PRO C 361 31.12 14.16 -28.32
C PRO C 361 30.01 15.19 -28.35
N ASP C 362 28.84 14.85 -28.91
CA ASP C 362 27.72 15.78 -28.92
C ASP C 362 27.25 16.07 -27.51
N LEU C 363 27.09 15.01 -26.70
CA LEU C 363 26.72 15.20 -25.31
C LEU C 363 27.80 15.93 -24.55
N LEU C 364 29.08 15.71 -24.89
CA LEU C 364 30.16 16.47 -24.29
C LEU C 364 29.99 17.98 -24.53
N SER C 365 29.76 18.36 -25.79
CA SER C 365 29.59 19.77 -26.11
C SER C 365 28.39 20.35 -25.40
N LEU C 366 27.24 19.67 -25.48
CA LEU C 366 26.03 20.16 -24.84
C LEU C 366 26.22 20.30 -23.33
N LEU C 367 26.84 19.29 -22.70
CA LEU C 367 27.09 19.32 -21.26
C LEU C 367 27.99 20.48 -20.88
N THR C 368 29.07 20.71 -21.63
CA THR C 368 29.95 21.84 -21.32
C THR C 368 29.20 23.16 -21.42
N VAL C 369 28.42 23.34 -22.49
CA VAL C 369 27.65 24.57 -22.65
C VAL C 369 26.69 24.75 -21.48
N SER C 370 26.09 23.67 -21.02
CA SER C 370 25.17 23.77 -19.88
C SER C 370 25.91 24.11 -18.60
N LEU C 371 27.07 23.48 -18.37
CA LEU C 371 27.85 23.74 -17.17
C LEU C 371 28.39 25.16 -17.13
N ASP C 372 28.56 25.82 -18.27
CA ASP C 372 29.14 27.16 -18.26
C ASP C 372 28.26 28.18 -17.55
N GLN C 373 26.94 27.99 -17.56
CA GLN C 373 26.05 28.99 -16.98
C GLN C 373 26.39 29.23 -15.52
N TYR C 374 26.57 30.50 -15.16
CA TYR C 374 27.01 30.89 -13.83
C TYR C 374 25.93 31.72 -13.15
N GLN C 375 25.44 31.23 -12.01
CA GLN C 375 24.56 31.98 -11.13
C GLN C 375 25.31 32.25 -9.83
N THR C 376 25.27 33.50 -9.36
CA THR C 376 25.85 33.79 -8.06
C THR C 376 25.06 33.05 -6.97
N GLU C 377 25.71 32.91 -5.81
CA GLU C 377 25.07 32.20 -4.70
C GLU C 377 23.73 32.83 -4.33
N ASP C 378 23.70 34.17 -4.27
CA ASP C 378 22.47 34.87 -3.90
C ASP C 378 21.37 34.62 -4.91
N GLU C 379 21.71 34.49 -6.20
CA GLU C 379 20.70 34.22 -7.22
C GLU C 379 20.07 32.85 -7.02
N LEU C 380 20.88 31.83 -6.74
CA LEU C 380 20.34 30.51 -6.48
C LEU C 380 19.48 30.51 -5.21
N TYR C 381 19.90 31.25 -4.19
CA TYR C 381 19.09 31.34 -2.98
C TYR C 381 17.76 32.03 -3.25
N GLN C 382 17.76 33.09 -4.07
CA GLN C 382 16.52 33.75 -4.43
C GLN C 382 15.59 32.81 -5.22
N LEU C 383 16.14 32.05 -6.15
CA LEU C 383 15.34 31.06 -6.87
C LEU C 383 14.73 30.04 -5.92
N SER C 384 15.54 29.56 -4.97
CA SER C 384 15.04 28.63 -3.96
C SER C 384 13.91 29.23 -3.15
N LEU C 385 14.05 30.50 -2.74
CA LEU C 385 12.98 31.16 -2.00
C LEU C 385 11.72 31.27 -2.84
N GLN C 386 11.87 31.56 -4.13
CA GLN C 386 10.70 31.61 -5.02
C GLN C 386 10.00 30.26 -5.08
N ARG C 387 10.78 29.18 -5.23
CA ARG C 387 10.17 27.86 -5.32
C ARG C 387 9.42 27.49 -4.05
N GLU C 388 9.99 27.80 -2.89
CA GLU C 388 9.34 27.53 -1.60
C GLU C 388 9.60 28.70 -0.66
N PRO C 389 8.66 29.63 -0.53
CA PRO C 389 8.86 30.76 0.40
C PRO C 389 8.88 30.33 1.86
N ARG C 390 9.12 31.29 2.75
CA ARG C 390 9.14 31.02 4.18
C ARG C 390 7.78 31.26 4.83
N MET D 3 31.96 10.28 26.89
CA MET D 3 32.74 11.46 26.55
C MET D 3 32.23 12.09 25.25
N ARG D 4 31.75 13.33 25.35
CA ARG D 4 31.08 13.97 24.22
C ARG D 4 32.09 14.38 23.15
N GLU D 5 31.69 14.23 21.90
CA GLU D 5 32.51 14.59 20.75
C GLU D 5 32.00 15.90 20.14
N TYR D 6 32.93 16.78 19.78
CA TYR D 6 32.59 18.09 19.23
C TYR D 6 33.28 18.28 17.88
N LYS D 7 32.51 18.77 16.90
CA LYS D 7 33.03 19.11 15.58
C LYS D 7 33.18 20.63 15.50
N LEU D 8 34.42 21.12 15.50
CA LEU D 8 34.69 22.55 15.44
C LEU D 8 35.38 22.85 14.12
N VAL D 9 34.83 23.76 13.33
CA VAL D 9 35.30 24.06 11.99
C VAL D 9 35.92 25.45 12.00
N VAL D 10 37.11 25.58 11.40
CA VAL D 10 37.86 26.84 11.39
C VAL D 10 37.77 27.44 10.00
N LEU D 11 37.16 28.62 9.90
CA LEU D 11 37.01 29.34 8.65
C LEU D 11 37.86 30.61 8.68
N GLY D 12 38.37 30.99 7.51
CA GLY D 12 39.22 32.17 7.42
C GLY D 12 39.53 32.48 5.97
N SER D 13 40.25 33.58 5.78
CA SER D 13 40.57 34.09 4.46
C SER D 13 41.97 33.73 4.00
N GLY D 14 42.57 32.69 4.57
CA GLY D 14 43.87 32.20 4.12
C GLY D 14 45.09 32.88 4.69
N GLY D 15 45.17 34.20 4.57
CA GLY D 15 46.28 34.95 5.12
C GLY D 15 46.24 35.18 6.62
N VAL D 16 45.33 34.49 7.32
CA VAL D 16 45.11 34.72 8.73
C VAL D 16 45.75 33.66 9.61
N GLY D 17 46.40 32.67 9.00
CA GLY D 17 47.05 31.63 9.79
C GLY D 17 46.12 30.84 10.68
N LYS D 18 44.95 30.47 10.16
CA LYS D 18 44.04 29.62 10.93
C LYS D 18 44.63 28.23 11.12
N SER D 19 45.35 27.73 10.11
CA SER D 19 46.05 26.45 10.26
C SER D 19 47.09 26.53 11.38
N ALA D 20 47.73 27.69 11.54
CA ALA D 20 48.66 27.87 12.65
C ALA D 20 47.96 27.69 13.98
N LEU D 21 46.78 28.30 14.13
CA LEU D 21 46.01 28.14 15.37
C LEU D 21 45.59 26.69 15.57
N THR D 22 45.19 26.01 14.48
CA THR D 22 44.80 24.60 14.59
C THR D 22 45.95 23.74 15.08
N VAL D 23 47.11 23.89 14.45
CA VAL D 23 48.27 23.08 14.83
C VAL D 23 48.74 23.42 16.24
N GLN D 24 48.68 24.70 16.62
CA GLN D 24 49.05 25.10 17.96
C GLN D 24 48.09 24.51 18.99
N PHE D 25 46.81 24.41 18.64
CA PHE D 25 45.85 23.81 19.56
C PHE D 25 46.08 22.32 19.71
N VAL D 26 46.12 21.59 18.60
CA VAL D 26 46.15 20.13 18.67
C VAL D 26 47.55 19.62 18.97
N GLN D 27 48.53 20.06 18.18
CA GLN D 27 49.90 19.59 18.34
C GLN D 27 50.71 20.46 19.30
N GLY D 28 50.31 21.70 19.52
CA GLY D 28 51.11 22.60 20.32
C GLY D 28 52.38 23.00 19.60
N ILE D 29 53.40 23.32 20.40
CA ILE D 29 54.74 23.59 19.90
C ILE D 29 55.39 22.23 19.61
N PHE D 30 56.58 22.24 18.99
CA PHE D 30 57.37 21.04 18.67
C PHE D 30 56.53 20.00 17.90
N VAL D 31 56.27 20.35 16.65
CA VAL D 31 55.39 19.63 15.74
C VAL D 31 55.94 18.25 15.38
N GLU D 32 57.06 17.87 15.98
CA GLU D 32 58.17 17.19 15.32
C GLU D 32 57.75 16.29 14.15
N LYS D 33 57.00 15.23 14.42
CA LYS D 33 56.49 14.38 13.35
C LYS D 33 55.01 14.67 13.17
N TYR D 34 54.68 15.32 12.07
CA TYR D 34 53.33 15.84 11.86
C TYR D 34 52.82 15.31 10.53
N ASP D 35 51.64 14.69 10.56
CA ASP D 35 51.08 14.03 9.39
C ASP D 35 49.61 14.42 9.27
N PRO D 36 49.28 15.36 8.38
CA PRO D 36 47.89 15.80 8.24
C PRO D 36 46.98 14.80 7.52
N THR D 37 47.49 13.62 7.16
CA THR D 37 46.71 12.65 6.42
C THR D 37 46.04 11.60 7.31
N ILE D 38 46.45 11.49 8.57
CA ILE D 38 45.91 10.48 9.46
C ILE D 38 44.82 11.12 10.30
N GLU D 39 43.96 10.28 10.88
CA GLU D 39 42.73 10.75 11.52
C GLU D 39 43.01 11.51 12.81
N ASP D 40 44.00 11.06 13.58
CA ASP D 40 44.27 11.66 14.88
C ASP D 40 44.96 13.03 14.79
N SER D 41 45.24 13.53 13.58
CA SER D 41 45.98 14.78 13.45
C SER D 41 45.18 15.99 13.95
N TYR D 42 43.86 15.87 14.05
CA TYR D 42 43.02 17.01 14.42
C TYR D 42 42.13 16.74 15.61
N ARG D 43 42.29 15.59 16.28
CA ARG D 43 41.58 15.28 17.52
C ARG D 43 42.44 15.63 18.73
N LYS D 44 41.83 16.31 19.69
CA LYS D 44 42.47 16.62 20.96
C LYS D 44 41.48 16.35 22.09
N GLN D 45 41.95 15.63 23.11
CA GLN D 45 41.16 15.38 24.31
C GLN D 45 41.36 16.55 25.28
N VAL D 46 40.26 17.15 25.71
CA VAL D 46 40.31 18.41 26.45
C VAL D 46 39.24 18.40 27.54
N GLU D 47 39.58 18.93 28.70
CA GLU D 47 38.59 19.14 29.75
C GLU D 47 38.20 20.61 29.77
N VAL D 48 36.89 20.86 29.69
CA VAL D 48 36.35 22.22 29.77
C VAL D 48 35.13 22.17 30.69
N ASP D 49 35.09 23.10 31.65
CA ASP D 49 34.00 23.18 32.63
C ASP D 49 33.79 21.84 33.33
N ALA D 50 34.90 21.23 33.75
CA ALA D 50 34.93 19.95 34.45
C ALA D 50 34.34 18.81 33.63
N GLN D 51 34.20 18.99 32.31
CA GLN D 51 33.68 17.98 31.41
C GLN D 51 34.76 17.54 30.45
N GLN D 52 34.95 16.23 30.31
CA GLN D 52 35.88 15.68 29.33
C GLN D 52 35.21 15.62 27.96
N CYS D 53 35.89 16.17 26.95
CA CYS D 53 35.37 16.26 25.60
C CYS D 53 36.46 15.90 24.61
N MET D 54 36.08 15.27 23.52
CA MET D 54 36.98 15.01 22.40
C MET D 54 36.65 15.99 21.29
N LEU D 55 37.59 16.88 20.98
CA LEU D 55 37.39 17.88 19.95
C LEU D 55 38.04 17.42 18.66
N GLU D 56 37.33 17.60 17.54
CA GLU D 56 37.90 17.39 16.21
C GLU D 56 37.83 18.72 15.47
N ILE D 57 38.98 19.17 14.99
CA ILE D 57 39.10 20.45 14.29
C ILE D 57 39.09 20.18 12.80
N LEU D 58 38.14 20.80 12.11
CA LEU D 58 38.02 20.71 10.66
C LEU D 58 38.62 22.00 10.10
N ASP D 59 39.86 21.89 9.63
CA ASP D 59 40.58 23.02 9.06
C ASP D 59 40.26 23.13 7.58
N THR D 60 39.82 24.31 7.16
CA THR D 60 39.56 24.60 5.75
C THR D 60 40.78 25.27 5.12
N ALA D 61 41.91 24.57 5.16
CA ALA D 61 43.19 25.17 4.76
C ALA D 61 43.22 25.50 3.27
N GLY D 62 43.09 24.50 2.43
CA GLY D 62 43.13 24.73 1.00
C GLY D 62 41.87 24.27 0.29
N THR D 63 40.72 24.45 0.95
CA THR D 63 39.46 23.99 0.42
C THR D 63 38.45 25.10 0.19
N GLU D 64 38.77 26.35 0.55
CA GLU D 64 37.81 27.45 0.45
C GLU D 64 37.46 27.83 -0.98
N GLN D 65 38.07 27.20 -1.98
CA GLN D 65 37.67 27.42 -3.37
C GLN D 65 36.74 26.33 -3.88
N PHE D 66 36.65 25.21 -3.20
CA PHE D 66 35.76 24.11 -3.58
C PHE D 66 34.45 24.31 -2.82
N THR D 67 33.42 24.79 -3.54
CA THR D 67 32.18 25.21 -2.89
C THR D 67 31.46 24.04 -2.24
N ALA D 68 31.43 22.89 -2.92
CA ALA D 68 30.76 21.71 -2.37
C ALA D 68 31.37 21.30 -1.03
N MET D 69 32.70 21.26 -0.97
CA MET D 69 33.36 20.90 0.29
C MET D 69 33.04 21.91 1.39
N ARG D 70 32.97 23.19 1.04
CA ARG D 70 32.61 24.22 2.00
C ARG D 70 31.21 24.01 2.56
N ASP D 71 30.25 23.72 1.67
CA ASP D 71 28.89 23.46 2.12
C ASP D 71 28.81 22.24 3.02
N LEU D 72 29.56 21.18 2.69
CA LEU D 72 29.56 20.01 3.56
C LEU D 72 30.24 20.30 4.90
N TYR D 73 31.26 21.15 4.90
CA TYR D 73 31.87 21.59 6.15
C TYR D 73 30.84 22.30 7.02
N MET D 74 30.10 23.24 6.43
CA MET D 74 29.13 23.99 7.21
C MET D 74 28.00 23.10 7.71
N LYS D 75 27.52 22.18 6.88
CA LYS D 75 26.47 21.26 7.33
C LYS D 75 26.96 20.36 8.46
N ASN D 76 28.15 19.78 8.29
CA ASN D 76 28.66 18.78 9.23
C ASN D 76 29.24 19.38 10.50
N GLY D 77 29.51 20.69 10.52
CA GLY D 77 30.16 21.31 11.65
C GLY D 77 29.17 21.73 12.74
N GLN D 78 29.56 21.52 13.99
CA GLN D 78 28.76 21.92 15.13
C GLN D 78 29.08 23.33 15.59
N GLY D 79 30.37 23.64 15.74
CA GLY D 79 30.80 24.99 16.09
C GLY D 79 31.66 25.56 14.99
N PHE D 80 31.68 26.89 14.90
CA PHE D 80 32.40 27.59 13.84
C PHE D 80 33.23 28.72 14.40
N ALA D 81 34.51 28.74 14.05
CA ALA D 81 35.43 29.80 14.44
C ALA D 81 35.78 30.61 13.19
N LEU D 82 35.32 31.85 13.15
CA LEU D 82 35.56 32.74 12.01
C LEU D 82 36.75 33.63 12.34
N VAL D 83 37.90 33.33 11.71
CA VAL D 83 39.16 33.97 12.02
C VAL D 83 39.44 35.04 10.98
N TYR D 84 39.87 36.22 11.43
CA TYR D 84 40.37 37.28 10.58
C TYR D 84 41.71 37.74 11.12
N SER D 85 42.37 38.63 10.39
CA SER D 85 43.67 39.16 10.78
C SER D 85 43.51 40.63 11.14
N ILE D 86 44.09 41.02 12.29
CA ILE D 86 44.02 42.41 12.71
C ILE D 86 44.88 43.33 11.86
N THR D 87 45.75 42.76 11.02
CA THR D 87 46.61 43.54 10.15
C THR D 87 46.00 43.76 8.76
N ALA D 88 44.85 43.17 8.47
CA ALA D 88 44.19 43.36 7.19
C ALA D 88 42.70 43.54 7.42
N GLN D 89 42.11 44.54 6.76
CA GLN D 89 40.69 44.82 6.93
C GLN D 89 39.84 43.90 6.05
N SER D 90 40.33 43.58 4.86
CA SER D 90 39.55 42.78 3.92
C SER D 90 39.22 41.40 4.49
N THR D 91 40.17 40.79 5.21
CA THR D 91 39.88 39.49 5.82
C THR D 91 38.80 39.62 6.89
N PHE D 92 38.72 40.78 7.54
CA PHE D 92 37.64 41.02 8.49
C PHE D 92 36.31 41.14 7.76
N ASN D 93 36.28 41.91 6.67
CA ASN D 93 35.04 42.08 5.92
C ASN D 93 34.57 40.79 5.27
N ASP D 94 35.50 39.88 4.94
CA ASP D 94 35.14 38.62 4.32
C ASP D 94 34.32 37.71 5.22
N LEU D 95 34.25 37.99 6.52
CA LEU D 95 33.56 37.11 7.45
C LEU D 95 32.04 37.25 7.39
N GLN D 96 31.55 38.40 6.93
CA GLN D 96 30.11 38.63 6.83
C GLN D 96 29.45 37.57 5.93
N ASP D 97 29.96 37.41 4.71
CA ASP D 97 29.41 36.43 3.78
C ASP D 97 29.55 35.01 4.30
N LEU D 98 30.68 34.72 4.96
CA LEU D 98 30.87 33.40 5.55
C LEU D 98 29.79 33.10 6.57
N ARG D 99 29.53 34.06 7.46
CA ARG D 99 28.44 33.91 8.43
C ARG D 99 27.10 33.71 7.73
N GLU D 100 26.84 34.49 6.67
CA GLU D 100 25.60 34.32 5.93
C GLU D 100 25.46 32.91 5.36
N GLN D 101 26.55 32.35 4.85
CA GLN D 101 26.48 31.01 4.28
C GLN D 101 26.26 29.96 5.37
N ILE D 102 26.87 30.14 6.54
CA ILE D 102 26.59 29.24 7.66
C ILE D 102 25.13 29.34 8.07
N LEU D 103 24.60 30.56 8.18
CA LEU D 103 23.20 30.76 8.54
C LEU D 103 22.24 30.27 7.46
N ARG D 104 22.72 30.10 6.23
CA ARG D 104 21.86 29.56 5.17
C ARG D 104 21.87 28.04 5.16
N VAL D 105 23.03 27.41 5.40
CA VAL D 105 23.07 25.94 5.43
C VAL D 105 22.25 25.42 6.60
N LYS D 106 22.62 25.80 7.82
CA LYS D 106 21.75 25.57 8.97
C LYS D 106 20.60 26.56 8.92
N ASP D 107 19.38 26.05 8.80
CA ASP D 107 18.22 26.90 8.60
C ASP D 107 17.99 27.90 9.73
N THR D 108 18.68 27.74 10.86
CA THR D 108 18.45 28.57 12.02
C THR D 108 19.33 29.81 12.02
N ASP D 109 19.03 30.73 12.93
CA ASP D 109 19.85 31.90 13.20
C ASP D 109 20.80 31.68 14.37
N ASP D 110 20.56 30.65 15.18
CA ASP D 110 21.36 30.37 16.37
C ASP D 110 22.38 29.29 16.01
N VAL D 111 23.63 29.71 15.81
CA VAL D 111 24.71 28.80 15.46
C VAL D 111 25.88 29.03 16.42
N PRO D 112 26.47 27.97 16.99
CA PRO D 112 27.65 28.16 17.86
C PRO D 112 28.82 28.72 17.08
N MET D 113 29.24 29.92 17.45
CA MET D 113 30.18 30.67 16.62
C MET D 113 31.03 31.59 17.48
N ILE D 114 32.32 31.64 17.18
CA ILE D 114 33.26 32.54 17.84
C ILE D 114 33.98 33.35 16.78
N LEU D 115 34.13 34.65 17.03
CA LEU D 115 34.84 35.57 16.15
C LEU D 115 36.25 35.79 16.68
N VAL D 116 37.25 35.44 15.87
CA VAL D 116 38.64 35.41 16.31
C VAL D 116 39.43 36.43 15.51
N GLY D 117 40.12 37.33 16.22
CA GLY D 117 41.09 38.19 15.59
C GLY D 117 42.50 37.71 15.86
N ASN D 118 43.10 37.03 14.88
CA ASN D 118 44.40 36.41 15.05
C ASN D 118 45.52 37.42 14.76
N LYS D 119 46.75 37.00 15.04
CA LYS D 119 47.94 37.83 14.86
C LYS D 119 47.83 39.13 15.66
N CYS D 120 47.35 39.02 16.90
CA CYS D 120 47.16 40.17 17.76
C CYS D 120 48.46 40.69 18.36
N ASP D 121 49.56 39.92 18.25
CA ASP D 121 50.84 40.37 18.78
C ASP D 121 51.47 41.46 17.92
N LEU D 122 51.08 41.58 16.66
CA LEU D 122 51.61 42.61 15.76
C LEU D 122 50.84 43.92 15.98
N GLU D 123 51.02 44.48 17.18
CA GLU D 123 50.34 45.73 17.51
C GLU D 123 50.82 46.90 16.67
N ASP D 124 52.03 46.82 16.11
CA ASP D 124 52.51 47.87 15.22
C ASP D 124 51.76 47.86 13.90
N GLU D 125 51.30 46.68 13.44
CA GLU D 125 50.70 46.52 12.13
C GLU D 125 49.18 46.43 12.19
N ARG D 126 48.57 46.81 13.31
CA ARG D 126 47.12 46.68 13.45
C ARG D 126 46.41 47.72 12.60
N VAL D 127 45.33 47.31 11.94
CA VAL D 127 44.46 48.20 11.18
C VAL D 127 43.02 47.98 11.60
N VAL D 128 42.76 46.89 12.32
CA VAL D 128 41.42 46.52 12.76
C VAL D 128 41.40 46.63 14.28
N GLY D 129 40.65 47.61 14.80
CA GLY D 129 40.56 47.78 16.23
C GLY D 129 39.80 46.66 16.91
N LYS D 130 39.94 46.61 18.24
CA LYS D 130 39.22 45.62 19.03
C LYS D 130 37.72 45.93 19.07
N GLU D 131 37.39 47.22 19.10
CA GLU D 131 35.98 47.61 19.16
C GLU D 131 35.22 47.16 17.92
N GLN D 132 35.91 47.02 16.78
CA GLN D 132 35.25 46.52 15.58
C GLN D 132 34.76 45.10 15.77
N GLY D 133 35.65 44.23 16.26
CA GLY D 133 35.26 42.86 16.51
C GLY D 133 34.22 42.74 17.61
N GLN D 134 34.34 43.59 18.63
CA GLN D 134 33.32 43.60 19.68
C GLN D 134 31.94 43.96 19.11
N ASN D 135 31.86 45.02 18.31
CA ASN D 135 30.60 45.42 17.70
C ASN D 135 30.05 44.33 16.80
N LEU D 136 30.92 43.70 16.00
CA LEU D 136 30.45 42.67 15.08
C LEU D 136 29.91 41.46 15.84
N ALA D 137 30.67 40.99 16.84
CA ALA D 137 30.18 39.87 17.64
C ALA D 137 28.90 40.21 18.37
N ARG D 138 28.74 41.46 18.79
CA ARG D 138 27.48 41.90 19.39
C ARG D 138 26.34 41.78 18.39
N GLN D 139 26.58 42.23 17.14
CA GLN D 139 25.57 42.14 16.10
C GLN D 139 25.23 40.69 15.77
N TRP D 140 26.23 39.80 15.83
CA TRP D 140 26.03 38.39 15.49
C TRP D 140 25.40 37.63 16.65
N ASN D 141 24.21 38.09 17.06
CA ASN D 141 23.45 37.47 18.14
C ASN D 141 24.25 37.40 19.44
N ASN D 142 25.12 38.39 19.65
CA ASN D 142 25.97 38.48 20.84
C ASN D 142 26.77 37.20 21.06
N CYS D 143 27.60 36.88 20.06
CA CYS D 143 28.43 35.69 20.11
C CYS D 143 29.81 36.02 20.68
N ALA D 144 30.58 34.97 20.95
CA ALA D 144 31.88 35.14 21.58
C ALA D 144 32.86 35.83 20.64
N PHE D 145 33.76 36.62 21.23
CA PHE D 145 34.79 37.35 20.50
C PHE D 145 36.10 37.26 21.26
N LEU D 146 37.18 37.01 20.53
CA LEU D 146 38.51 36.86 21.12
C LEU D 146 39.55 37.45 20.19
N GLU D 147 40.70 37.80 20.77
CA GLU D 147 41.87 38.23 20.02
C GLU D 147 43.03 37.34 20.42
N SER D 148 43.54 36.55 19.47
CA SER D 148 44.50 35.50 19.76
C SER D 148 45.75 35.69 18.92
N SER D 149 46.76 34.87 19.20
CA SER D 149 48.03 34.91 18.48
C SER D 149 48.67 33.54 18.58
N ALA D 150 48.88 32.90 17.42
CA ALA D 150 49.56 31.61 17.40
C ALA D 150 51.04 31.75 17.74
N LYS D 151 51.64 32.90 17.43
CA LYS D 151 53.05 33.12 17.72
C LYS D 151 53.28 33.24 19.23
N SER D 152 52.66 34.25 19.85
CA SER D 152 52.88 34.50 21.27
C SER D 152 52.09 33.58 22.19
N LYS D 153 51.32 32.64 21.63
CA LYS D 153 50.58 31.64 22.40
C LYS D 153 49.51 32.28 23.28
N ILE D 154 48.71 33.17 22.68
CA ILE D 154 47.63 33.87 23.37
C ILE D 154 46.30 33.32 22.86
N ASN D 155 45.44 32.91 23.80
CA ASN D 155 44.03 32.61 23.53
C ASN D 155 43.83 31.52 22.48
N VAL D 156 44.80 30.61 22.34
CA VAL D 156 44.65 29.53 21.36
C VAL D 156 43.61 28.52 21.84
N ASN D 157 43.80 27.99 23.05
CA ASN D 157 42.86 27.01 23.59
C ASN D 157 41.52 27.65 23.90
N GLU D 158 41.51 28.93 24.27
CA GLU D 158 40.27 29.60 24.66
C GLU D 158 39.29 29.67 23.50
N ILE D 159 39.79 29.71 22.27
CA ILE D 159 38.92 29.74 21.10
C ILE D 159 37.97 28.55 21.14
N PHE D 160 38.53 27.35 21.22
CA PHE D 160 37.74 26.14 21.18
C PHE D 160 37.05 25.86 22.52
N TYR D 161 37.63 26.31 23.63
CA TYR D 161 36.91 26.24 24.90
C TYR D 161 35.60 27.00 24.82
N ASP D 162 35.66 28.27 24.42
CA ASP D 162 34.46 29.08 24.28
C ASP D 162 33.53 28.53 23.20
N LEU D 163 34.09 27.90 22.16
CA LEU D 163 33.23 27.23 21.18
C LEU D 163 32.42 26.12 21.83
N VAL D 164 33.07 25.28 22.64
CA VAL D 164 32.34 24.22 23.34
C VAL D 164 31.30 24.81 24.27
N ARG D 165 31.65 25.92 24.94
CA ARG D 165 30.68 26.61 25.79
C ARG D 165 29.46 27.04 24.99
N GLN D 166 29.69 27.65 23.82
CA GLN D 166 28.58 28.08 22.97
C GLN D 166 27.75 26.89 22.50
N ILE D 167 28.40 25.75 22.24
CA ILE D 167 27.66 24.55 21.85
C ILE D 167 26.75 24.08 22.97
N ASN D 168 27.27 24.07 24.21
CA ASN D 168 26.43 23.67 25.34
C ASN D 168 25.43 24.76 25.70
N ARG D 169 25.69 26.01 25.29
CA ARG D 169 24.78 27.12 25.50
C ARG D 169 23.52 26.99 24.65
N LEU E 10 14.83 -20.92 -59.88
CA LEU E 10 13.69 -21.83 -59.87
C LEU E 10 13.58 -22.52 -58.50
N ASP E 11 12.99 -21.82 -57.55
CA ASP E 11 13.05 -22.23 -56.15
C ASP E 11 11.94 -23.20 -55.74
N LYS E 12 10.78 -23.15 -56.40
CA LYS E 12 9.62 -23.97 -56.00
C LYS E 12 9.59 -25.22 -56.88
N GLY E 13 9.89 -26.36 -56.26
CA GLY E 13 9.94 -27.63 -56.96
C GLY E 13 11.33 -28.17 -57.27
N CYS E 14 12.35 -27.75 -56.52
CA CYS E 14 13.72 -28.17 -56.82
C CYS E 14 13.92 -29.65 -56.51
N THR E 15 14.71 -30.31 -57.35
CA THR E 15 15.27 -31.60 -57.01
C THR E 15 16.70 -31.40 -56.53
N VAL E 16 17.24 -32.44 -55.88
CA VAL E 16 18.58 -32.33 -55.30
C VAL E 16 19.62 -32.09 -56.37
N GLU E 17 19.44 -32.68 -57.56
CA GLU E 17 20.37 -32.44 -58.66
C GLU E 17 20.33 -30.99 -59.12
N GLU E 18 19.12 -30.46 -59.37
CA GLU E 18 18.99 -29.07 -59.77
C GLU E 18 19.57 -28.12 -58.73
N LEU E 19 19.35 -28.41 -57.46
CA LEU E 19 19.83 -27.50 -56.41
C LEU E 19 21.34 -27.58 -56.26
N LEU E 20 21.92 -28.77 -56.43
CA LEU E 20 23.37 -28.91 -56.43
C LEU E 20 23.98 -28.14 -57.60
N ARG E 21 23.38 -28.27 -58.79
CA ARG E 21 23.80 -27.45 -59.92
C ARG E 21 23.71 -25.96 -59.63
N GLY E 22 22.62 -25.54 -58.99
CA GLY E 22 22.49 -24.14 -58.62
C GLY E 22 23.59 -23.68 -57.68
N CYS E 23 23.98 -24.54 -56.74
CA CYS E 23 25.07 -24.18 -55.84
C CYS E 23 26.39 -24.11 -56.58
N ILE E 24 26.60 -24.99 -57.56
CA ILE E 24 27.82 -24.92 -58.36
C ILE E 24 27.87 -23.62 -59.16
N GLU E 25 26.77 -23.32 -59.86
CA GLU E 25 26.71 -22.12 -60.70
C GLU E 25 26.73 -20.83 -59.89
N ALA E 26 26.44 -20.90 -58.59
CA ALA E 26 26.43 -19.71 -57.74
C ALA E 26 27.82 -19.12 -57.51
N PHE E 27 28.88 -19.76 -57.99
CA PHE E 27 30.23 -19.28 -57.81
C PHE E 27 30.73 -18.57 -59.06
N ASP E 28 31.97 -18.09 -59.00
CA ASP E 28 32.64 -17.47 -60.13
C ASP E 28 33.91 -18.26 -60.45
N ASP E 29 34.38 -18.11 -61.69
CA ASP E 29 35.60 -18.78 -62.10
C ASP E 29 36.80 -18.33 -61.27
N SER E 30 36.74 -17.14 -60.69
CA SER E 30 37.80 -16.65 -59.81
C SER E 30 37.66 -17.17 -58.38
N GLY E 31 36.52 -17.75 -58.02
CA GLY E 31 36.24 -18.18 -56.66
C GLY E 31 35.23 -17.34 -55.94
N LYS E 32 34.90 -16.17 -56.47
CA LYS E 32 33.87 -15.32 -55.87
C LYS E 32 32.53 -16.03 -55.86
N VAL E 33 31.79 -15.87 -54.77
CA VAL E 33 30.47 -16.49 -54.62
C VAL E 33 29.41 -15.43 -54.88
N ARG E 34 28.52 -15.71 -55.83
CA ARG E 34 27.50 -14.75 -56.20
C ARG E 34 26.36 -14.73 -55.18
N ASP E 35 25.75 -15.89 -54.93
CA ASP E 35 24.66 -16.01 -53.97
C ASP E 35 25.12 -16.87 -52.80
N PRO E 36 25.73 -16.29 -51.77
CA PRO E 36 26.26 -17.11 -50.67
C PRO E 36 25.18 -17.68 -49.78
N GLN E 37 23.98 -17.09 -49.75
CA GLN E 37 22.93 -17.61 -48.88
C GLN E 37 22.44 -18.96 -49.38
N LEU E 38 22.29 -19.11 -50.70
CA LEU E 38 21.83 -20.38 -51.26
C LEU E 38 22.83 -21.50 -51.00
N VAL E 39 24.11 -21.23 -51.26
CA VAL E 39 25.13 -22.25 -51.07
C VAL E 39 25.31 -22.58 -49.60
N ARG E 40 25.19 -21.58 -48.72
CA ARG E 40 25.22 -21.85 -47.28
C ARG E 40 24.03 -22.71 -46.87
N MSE E 41 22.85 -22.42 -47.40
CA MSE E 41 21.64 -23.15 -47.06
C MSE E 41 21.76 -24.61 -47.46
O MSE E 41 21.56 -25.50 -46.63
CB MSE E 41 20.42 -22.51 -47.74
CG MSE E 41 19.09 -23.03 -47.24
SE MSE E 41 17.58 -22.32 -48.24
CE MSE E 41 17.91 -23.21 -49.95
N PHE E 42 22.07 -24.87 -48.74
CA PHE E 42 22.11 -26.26 -49.19
C PHE E 42 23.25 -27.04 -48.55
N LEU E 43 24.41 -26.40 -48.34
CA LEU E 43 25.53 -27.10 -47.74
C LEU E 43 25.29 -27.47 -46.29
N MSE E 44 24.34 -26.81 -45.62
CA MSE E 44 24.02 -27.15 -44.24
C MSE E 44 22.80 -28.07 -44.16
O MSE E 44 22.76 -28.98 -43.34
CB MSE E 44 23.76 -25.88 -43.42
CG MSE E 44 23.06 -26.12 -42.09
SE MSE E 44 23.45 -24.81 -40.70
CE MSE E 44 22.72 -23.23 -41.55
N MSE E 45 21.83 -27.84 -45.03
CA MSE E 45 20.53 -28.51 -44.92
C MSE E 45 20.43 -29.83 -45.68
O MSE E 45 19.45 -30.56 -45.51
CB MSE E 45 19.42 -27.57 -45.41
CG MSE E 45 19.28 -26.28 -44.63
SE MSE E 45 19.00 -26.62 -42.73
CE MSE E 45 17.49 -27.84 -42.87
N HIS E 46 21.42 -30.14 -46.51
CA HIS E 46 21.31 -31.30 -47.40
C HIS E 46 21.25 -32.64 -46.69
N PRO E 47 21.85 -32.84 -45.50
CA PRO E 47 21.66 -34.14 -44.82
C PRO E 47 20.22 -34.46 -44.50
N TRP E 48 19.35 -33.46 -44.44
CA TRP E 48 17.93 -33.72 -44.26
C TRP E 48 17.35 -34.57 -45.40
N TYR E 49 17.89 -34.40 -46.61
CA TYR E 49 17.34 -35.03 -47.79
C TYR E 49 18.26 -36.05 -48.45
N ILE E 50 19.56 -35.92 -48.27
CA ILE E 50 20.53 -36.85 -48.87
C ILE E 50 21.79 -36.89 -48.01
N PRO E 51 22.35 -38.07 -47.72
CA PRO E 51 23.57 -38.12 -46.91
C PRO E 51 24.71 -37.36 -47.55
N SER E 52 25.58 -36.81 -46.69
CA SER E 52 26.67 -35.96 -47.17
C SER E 52 27.62 -36.73 -48.07
N SER E 53 27.86 -38.01 -47.75
CA SER E 53 28.75 -38.82 -48.58
C SER E 53 28.21 -38.96 -50.00
N GLN E 54 26.89 -39.13 -50.12
CA GLN E 54 26.29 -39.25 -51.46
C GLN E 54 26.36 -37.92 -52.21
N LEU E 55 26.18 -36.80 -51.51
CA LEU E 55 26.33 -35.50 -52.16
C LEU E 55 27.76 -35.29 -52.64
N ALA E 56 28.75 -35.67 -51.83
CA ALA E 56 30.14 -35.59 -52.26
C ALA E 56 30.40 -36.49 -53.46
N ALA E 57 29.81 -37.69 -53.47
CA ALA E 57 29.93 -38.56 -54.63
C ALA E 57 29.31 -37.93 -55.87
N LYS E 58 28.19 -37.23 -55.71
CA LYS E 58 27.57 -36.55 -56.84
C LYS E 58 28.46 -35.42 -57.36
N LEU E 59 29.08 -34.66 -56.47
CA LEU E 59 30.05 -33.64 -56.90
C LEU E 59 31.23 -34.27 -57.62
N LEU E 60 31.71 -35.41 -57.12
CA LEU E 60 32.78 -36.15 -57.79
C LEU E 60 32.37 -36.53 -59.21
N HIS E 61 31.17 -37.09 -59.37
CA HIS E 61 30.69 -37.48 -60.69
C HIS E 61 30.55 -36.26 -61.60
N ILE E 62 30.06 -35.14 -61.05
CA ILE E 62 29.93 -33.92 -61.86
C ILE E 62 31.29 -33.45 -62.34
N TYR E 63 32.30 -33.48 -61.47
CA TYR E 63 33.63 -33.06 -61.89
C TYR E 63 34.20 -34.00 -62.94
N GLN E 64 34.00 -35.32 -62.76
CA GLN E 64 34.48 -36.29 -63.75
C GLN E 64 33.81 -36.08 -65.11
N GLN E 65 32.49 -35.90 -65.11
CA GLN E 65 31.78 -35.64 -66.36
C GLN E 65 32.21 -34.32 -66.98
N SER E 66 32.55 -33.32 -66.16
CA SER E 66 33.07 -32.07 -66.71
C SER E 66 34.46 -32.26 -67.29
N ARG E 67 35.26 -33.16 -66.71
CA ARG E 67 36.55 -33.49 -67.29
C ARG E 67 36.38 -34.15 -68.65
N LYS E 68 35.39 -35.03 -68.78
CA LYS E 68 35.14 -35.65 -70.07
C LYS E 68 34.61 -34.64 -71.08
N ASP E 69 33.68 -33.78 -70.67
CA ASP E 69 33.14 -32.74 -71.55
C ASP E 69 34.02 -31.50 -71.61
N ASN E 70 35.04 -31.41 -70.76
CA ASN E 70 36.03 -30.33 -70.80
C ASN E 70 35.38 -28.96 -70.60
N SER E 71 34.52 -28.88 -69.59
CA SER E 71 33.94 -27.59 -69.17
C SER E 71 34.81 -27.08 -68.03
N ASN E 72 35.77 -26.23 -68.37
CA ASN E 72 36.69 -25.70 -67.37
C ASN E 72 35.94 -24.90 -66.30
N SER E 73 34.93 -24.13 -66.72
CA SER E 73 34.13 -23.38 -65.77
C SER E 73 33.47 -24.30 -64.74
N LEU E 74 32.83 -25.37 -65.23
CA LEU E 74 32.18 -26.31 -64.31
C LEU E 74 33.20 -26.94 -63.36
N GLN E 75 34.40 -27.26 -63.87
CA GLN E 75 35.43 -27.85 -63.03
C GLN E 75 35.83 -26.91 -61.89
N VAL E 76 36.20 -25.67 -62.24
CA VAL E 76 36.69 -24.76 -61.22
C VAL E 76 35.56 -24.35 -60.26
N LYS E 77 34.32 -24.24 -60.76
CA LYS E 77 33.20 -23.95 -59.87
C LYS E 77 32.95 -25.10 -58.90
N THR E 78 33.01 -26.34 -59.39
CA THR E 78 32.87 -27.50 -58.51
C THR E 78 33.95 -27.51 -57.43
N CYS E 79 35.20 -27.25 -57.84
CA CYS E 79 36.28 -27.23 -56.85
C CYS E 79 36.09 -26.12 -55.83
N HIS E 80 35.60 -24.95 -56.27
CA HIS E 80 35.34 -23.87 -55.34
C HIS E 80 34.18 -24.20 -54.41
N LEU E 81 33.16 -24.92 -54.91
CA LEU E 81 32.07 -25.37 -54.06
C LEU E 81 32.58 -26.33 -52.99
N VAL E 82 33.44 -27.27 -53.38
CA VAL E 82 33.98 -28.21 -52.40
C VAL E 82 34.86 -27.48 -51.38
N ARG E 83 35.63 -26.49 -51.85
CA ARG E 83 36.47 -25.70 -50.96
C ARG E 83 35.64 -24.91 -49.95
N TYR E 84 34.59 -24.24 -50.43
CA TYR E 84 33.70 -23.50 -49.55
C TYR E 84 33.02 -24.44 -48.56
N TRP E 85 32.64 -25.64 -49.02
CA TRP E 85 32.04 -26.63 -48.13
C TRP E 85 33.01 -27.03 -47.03
N ILE E 86 34.28 -27.27 -47.39
CA ILE E 86 35.26 -27.71 -46.40
C ILE E 86 35.56 -26.59 -45.42
N SER E 87 35.73 -25.36 -45.90
CA SER E 87 36.07 -24.25 -45.02
C SER E 87 34.91 -23.86 -44.12
N ALA E 88 33.66 -24.01 -44.60
CA ALA E 88 32.52 -23.56 -43.81
C ALA E 88 32.10 -24.58 -42.77
N PHE E 89 32.26 -25.88 -43.04
CA PHE E 89 31.84 -26.93 -42.14
C PHE E 89 32.92 -28.00 -42.07
N PRO E 90 34.01 -27.73 -41.33
CA PRO E 90 35.12 -28.68 -41.28
C PRO E 90 34.85 -29.90 -40.40
N ALA E 91 34.08 -29.69 -39.34
CA ALA E 91 33.83 -30.77 -38.38
C ALA E 91 33.25 -32.01 -39.05
N GLU E 92 32.32 -31.83 -39.99
CA GLU E 92 31.75 -32.97 -40.69
C GLU E 92 32.79 -33.68 -41.54
N PHE E 93 33.73 -32.92 -42.12
CA PHE E 93 34.78 -33.54 -42.93
C PHE E 93 35.77 -34.31 -42.05
N ASP E 94 35.98 -33.87 -40.81
CA ASP E 94 36.83 -34.62 -39.91
C ASP E 94 36.12 -35.87 -39.41
N LEU E 95 34.81 -35.78 -39.13
CA LEU E 95 34.08 -36.87 -38.50
C LEU E 95 33.71 -37.96 -39.51
N ASN E 96 33.00 -37.59 -40.55
CA ASN E 96 32.44 -38.55 -41.50
C ASN E 96 33.52 -39.27 -42.27
N PRO E 97 33.71 -40.58 -42.09
CA PRO E 97 34.76 -41.28 -42.84
C PRO E 97 34.44 -41.42 -44.31
N GLU E 98 33.17 -41.61 -44.66
CA GLU E 98 32.79 -41.79 -46.06
C GLU E 98 32.92 -40.48 -46.84
N LEU E 99 32.50 -39.36 -46.23
CA LEU E 99 32.70 -38.06 -46.84
C LEU E 99 34.19 -37.77 -47.07
N ALA E 100 35.01 -38.03 -46.05
CA ALA E 100 36.44 -37.83 -46.18
C ALA E 100 37.04 -38.74 -47.25
N GLU E 101 36.52 -39.95 -47.38
CA GLU E 101 37.00 -40.85 -48.44
C GLU E 101 36.64 -40.33 -49.82
N GLN E 102 35.43 -39.79 -49.97
CA GLN E 102 35.05 -39.19 -51.24
C GLN E 102 35.96 -38.00 -51.59
N ILE E 103 36.24 -37.15 -50.60
CA ILE E 103 37.14 -36.02 -50.84
C ILE E 103 38.55 -36.50 -51.15
N LYS E 104 38.97 -37.61 -50.52
CA LYS E 104 40.26 -38.22 -50.84
C LYS E 104 40.32 -38.64 -52.30
N GLU E 105 39.28 -39.33 -52.78
CA GLU E 105 39.23 -39.73 -54.18
C GLU E 105 39.24 -38.51 -55.11
N LEU E 106 38.52 -37.45 -54.73
CA LEU E 106 38.51 -36.24 -55.56
C LEU E 106 39.90 -35.60 -55.60
N LYS E 107 40.60 -35.60 -54.46
CA LYS E 107 41.97 -35.07 -54.42
C LYS E 107 42.88 -35.90 -55.31
N ALA E 108 42.70 -37.22 -55.32
CA ALA E 108 43.49 -38.07 -56.21
C ALA E 108 43.22 -37.74 -57.67
N LEU E 109 41.93 -37.56 -58.01
CA LEU E 109 41.57 -37.17 -59.38
C LEU E 109 42.23 -35.86 -59.78
N LEU E 110 42.27 -34.89 -58.86
CA LEU E 110 42.93 -33.63 -59.16
C LEU E 110 44.43 -33.78 -59.28
N ASP E 111 45.03 -34.62 -58.43
CA ASP E 111 46.48 -34.82 -58.51
C ASP E 111 46.86 -35.50 -59.82
N GLN E 112 45.96 -36.30 -60.40
CA GLN E 112 46.28 -36.92 -61.67
C GLN E 112 46.31 -35.93 -62.82
N GLU E 113 45.65 -34.79 -62.69
CA GLU E 113 45.71 -33.79 -63.74
C GLU E 113 47.08 -33.11 -63.75
N GLY E 114 47.32 -32.31 -64.78
CA GLY E 114 48.65 -31.76 -64.99
C GLY E 114 49.06 -30.75 -63.92
N ASN E 115 48.19 -29.78 -63.65
CA ASN E 115 48.54 -28.64 -62.82
C ASN E 115 48.07 -28.82 -61.39
N ARG E 116 48.73 -28.12 -60.47
CA ARG E 116 48.32 -28.01 -59.08
C ARG E 116 47.39 -26.84 -58.85
N ARG E 117 46.86 -26.22 -59.91
CA ARG E 117 45.95 -25.10 -59.73
C ARG E 117 44.60 -25.55 -59.18
N HIS E 118 44.05 -26.64 -59.72
CA HIS E 118 42.82 -27.19 -59.18
C HIS E 118 43.06 -27.94 -57.88
N SER E 119 44.14 -28.72 -57.81
CA SER E 119 44.48 -29.44 -56.60
C SER E 119 44.80 -28.52 -55.44
N SER E 120 45.03 -27.23 -55.69
CA SER E 120 45.32 -26.28 -54.62
C SER E 120 44.09 -25.93 -53.78
N LEU E 121 42.89 -26.11 -54.33
CA LEU E 121 41.69 -25.67 -53.61
C LEU E 121 41.37 -26.60 -52.44
N ILE E 122 41.53 -27.90 -52.62
CA ILE E 122 41.17 -28.89 -51.61
C ILE E 122 42.41 -29.26 -50.80
N ASP E 123 42.38 -28.94 -49.50
CA ASP E 123 43.48 -29.25 -48.60
C ASP E 123 42.88 -29.77 -47.30
N ILE E 124 43.31 -30.98 -46.90
CA ILE E 124 42.85 -31.56 -45.64
C ILE E 124 43.82 -31.29 -44.49
N ASP E 125 44.99 -30.73 -44.78
CA ASP E 125 45.94 -30.43 -43.70
C ASP E 125 45.43 -29.32 -42.79
N SER E 126 44.66 -28.38 -43.33
CA SER E 126 44.21 -27.23 -42.54
C SER E 126 43.08 -27.58 -41.58
N VAL E 127 42.40 -28.71 -41.79
CA VAL E 127 41.24 -29.03 -40.94
C VAL E 127 41.73 -29.36 -39.53
N PRO E 128 41.07 -28.87 -38.49
CA PRO E 128 41.44 -29.26 -37.12
C PRO E 128 40.93 -30.66 -36.78
N THR E 129 41.37 -31.16 -35.63
CA THR E 129 41.06 -32.50 -35.18
C THR E 129 39.85 -32.50 -34.24
N TYR E 130 38.71 -32.09 -34.79
CA TYR E 130 37.48 -32.04 -34.01
C TYR E 130 36.92 -33.42 -33.72
N LYS E 131 37.45 -34.47 -34.35
CA LYS E 131 36.96 -35.82 -34.10
C LYS E 131 37.03 -36.20 -32.63
N TRP E 132 37.99 -35.63 -31.90
CA TRP E 132 38.14 -35.90 -30.48
C TRP E 132 37.28 -35.01 -29.60
N LYS E 133 36.78 -33.89 -30.12
CA LYS E 133 36.21 -32.86 -29.25
C LYS E 133 34.79 -33.19 -28.82
N ARG E 134 33.92 -33.57 -29.76
CA ARG E 134 32.52 -33.78 -29.37
C ARG E 134 32.34 -35.11 -28.65
N GLN E 135 32.98 -36.17 -29.12
CA GLN E 135 32.81 -37.48 -28.48
C GLN E 135 33.48 -37.56 -27.12
N VAL E 136 34.27 -36.56 -26.72
CA VAL E 136 34.86 -36.58 -25.39
C VAL E 136 33.76 -36.48 -24.36
N THR E 137 33.78 -37.37 -23.38
CA THR E 137 32.82 -37.31 -22.28
C THR E 137 33.39 -36.38 -21.21
N GLN E 138 32.59 -35.40 -20.79
CA GLN E 138 33.05 -34.46 -19.78
C GLN E 138 33.43 -35.21 -18.50
N ARG E 139 34.46 -34.72 -17.82
CA ARG E 139 35.04 -35.45 -16.71
C ARG E 139 35.12 -34.55 -15.48
N ASN E 140 34.82 -35.14 -14.31
CA ASN E 140 35.00 -34.48 -13.03
C ASN E 140 35.63 -35.49 -12.08
N PRO E 141 36.61 -35.06 -11.27
CA PRO E 141 37.36 -36.04 -10.46
C PRO E 141 36.50 -36.69 -9.39
N VAL E 142 37.11 -37.56 -8.58
CA VAL E 142 36.42 -38.15 -7.44
C VAL E 142 35.93 -37.02 -6.54
N GLY E 143 34.62 -36.92 -6.35
CA GLY E 143 34.03 -35.74 -5.75
C GLY E 143 34.12 -35.65 -4.23
N GLN E 144 34.96 -36.47 -3.61
CA GLN E 144 34.76 -36.97 -2.25
C GLN E 144 34.21 -35.95 -1.26
N LYS E 145 34.90 -34.82 -1.09
CA LYS E 145 34.53 -33.86 -0.05
C LYS E 145 34.59 -32.47 -0.67
N LYS E 146 33.46 -32.00 -1.20
CA LYS E 146 33.37 -30.71 -1.85
C LYS E 146 32.17 -29.93 -1.33
N ARG E 147 32.01 -29.91 0.00
CA ARG E 147 31.08 -28.98 0.61
C ARG E 147 31.59 -27.55 0.59
N LYS E 148 32.83 -27.34 0.13
CA LYS E 148 33.39 -25.99 0.08
C LYS E 148 32.60 -25.08 -0.86
N MSE E 149 32.03 -25.64 -1.92
CA MSE E 149 31.32 -24.83 -2.90
C MSE E 149 30.03 -24.21 -2.35
O MSE E 149 29.66 -23.13 -2.76
CB MSE E 149 31.03 -25.64 -4.17
CG MSE E 149 30.13 -24.94 -5.19
SE MSE E 149 30.76 -23.17 -5.74
CE MSE E 149 32.02 -23.69 -7.13
N SER E 150 29.36 -24.87 -1.39
CA SER E 150 28.17 -24.27 -0.79
C SER E 150 28.54 -23.05 0.06
N LEU E 151 29.48 -23.25 0.99
CA LEU E 151 29.96 -22.14 1.82
C LEU E 151 30.53 -21.04 0.95
N LEU E 152 31.08 -21.40 -0.20
CA LEU E 152 31.72 -20.44 -1.09
C LEU E 152 30.67 -19.67 -1.88
N PHE E 153 29.64 -20.38 -2.36
CA PHE E 153 28.58 -19.76 -3.13
C PHE E 153 27.81 -18.78 -2.27
N ASP E 154 27.81 -19.00 -0.95
CA ASP E 154 27.28 -17.96 -0.05
C ASP E 154 28.04 -16.64 -0.24
N HIS E 155 29.36 -16.72 -0.41
CA HIS E 155 30.24 -15.56 -0.49
C HIS E 155 30.53 -15.13 -1.92
N LEU E 156 30.16 -15.93 -2.93
CA LEU E 156 30.53 -15.64 -4.30
C LEU E 156 29.84 -14.39 -4.83
N GLU E 157 30.57 -13.63 -5.64
CA GLU E 157 29.99 -12.48 -6.33
C GLU E 157 29.00 -12.97 -7.37
N PRO E 158 27.80 -12.37 -7.46
CA PRO E 158 26.79 -12.87 -8.41
C PRO E 158 27.27 -12.85 -9.85
N MSE E 159 27.65 -11.67 -10.34
CA MSE E 159 28.15 -11.50 -11.70
C MSE E 159 29.16 -12.58 -12.07
O MSE E 159 28.92 -13.36 -13.01
CB MSE E 159 28.79 -10.12 -11.87
CG MSE E 159 29.63 -9.96 -13.13
SE MSE E 159 28.67 -10.38 -14.76
CE MSE E 159 30.06 -9.97 -16.05
N GLU E 160 30.24 -12.63 -11.31
CA GLU E 160 31.26 -13.66 -11.46
C GLU E 160 30.63 -15.04 -11.65
N LEU E 161 29.80 -15.45 -10.67
CA LEU E 161 29.13 -16.75 -10.77
C LEU E 161 28.41 -16.88 -12.10
N ALA E 162 27.55 -15.92 -12.43
CA ALA E 162 26.87 -15.92 -13.71
C ALA E 162 27.86 -16.14 -14.84
N GLU E 163 28.91 -15.32 -14.87
CA GLU E 163 29.95 -15.46 -15.89
C GLU E 163 30.39 -16.90 -16.02
N HIS E 164 30.81 -17.51 -14.90
CA HIS E 164 31.31 -18.89 -14.95
C HIS E 164 30.26 -19.82 -15.53
N LEU E 165 29.01 -19.69 -15.04
CA LEU E 165 27.94 -20.52 -15.57
C LEU E 165 27.89 -20.40 -17.08
N THR E 166 27.86 -19.15 -17.57
CA THR E 166 27.86 -18.91 -19.00
C THR E 166 28.95 -19.73 -19.68
N TYR E 167 30.19 -19.55 -19.20
CA TYR E 167 31.32 -20.25 -19.79
C TYR E 167 31.02 -21.74 -19.91
N LEU E 168 30.65 -22.37 -18.79
CA LEU E 168 30.36 -23.79 -18.80
C LEU E 168 29.38 -24.13 -19.89
N GLU E 169 28.21 -23.48 -19.86
CA GLU E 169 27.18 -23.80 -20.83
C GLU E 169 27.69 -23.55 -22.25
N TYR E 170 28.40 -22.45 -22.44
CA TYR E 170 28.90 -22.15 -23.77
C TYR E 170 29.84 -23.24 -24.26
N ARG E 171 30.71 -23.73 -23.37
CA ARG E 171 31.64 -24.77 -23.79
C ARG E 171 30.92 -26.02 -24.24
N SER E 172 29.72 -26.26 -23.70
CA SER E 172 28.91 -27.39 -24.17
C SER E 172 28.25 -27.07 -25.50
N PHE E 173 27.71 -25.84 -25.63
CA PHE E 173 26.93 -25.51 -26.82
C PHE E 173 27.76 -25.64 -28.09
N CYS E 174 29.03 -25.24 -28.03
CA CYS E 174 29.88 -25.32 -29.21
C CYS E 174 30.12 -26.74 -29.67
N LYS E 175 29.92 -27.73 -28.81
CA LYS E 175 30.13 -29.11 -29.22
C LYS E 175 28.97 -29.68 -30.03
N ILE E 176 27.86 -28.98 -30.09
CA ILE E 176 26.70 -29.45 -30.86
C ILE E 176 26.94 -29.14 -32.33
N LEU E 177 26.77 -30.16 -33.17
CA LEU E 177 26.89 -30.02 -34.62
C LEU E 177 25.52 -30.13 -35.26
N PHE E 178 25.49 -29.99 -36.59
CA PHE E 178 24.22 -30.07 -37.30
C PHE E 178 23.59 -31.46 -37.21
N GLN E 179 24.42 -32.50 -37.18
CA GLN E 179 23.90 -33.86 -37.07
C GLN E 179 23.05 -34.02 -35.81
N ASP E 180 23.45 -33.38 -34.72
CA ASP E 180 22.73 -33.53 -33.46
C ASP E 180 21.38 -32.84 -33.51
N TYR E 181 21.34 -31.61 -34.01
CA TYR E 181 20.05 -30.94 -34.22
C TYR E 181 19.16 -31.75 -35.14
N HIS E 182 19.72 -32.28 -36.23
CA HIS E 182 18.94 -33.07 -37.18
C HIS E 182 18.32 -34.28 -36.49
N SER E 183 19.12 -35.04 -35.74
CA SER E 183 18.61 -36.22 -35.07
C SER E 183 17.55 -35.86 -34.04
N PHE E 184 17.77 -34.75 -33.31
CA PHE E 184 16.77 -34.32 -32.34
C PHE E 184 15.44 -34.00 -33.01
N VAL E 185 15.48 -33.14 -34.02
CA VAL E 185 14.24 -32.72 -34.69
C VAL E 185 13.55 -33.91 -35.34
N THR E 186 14.33 -34.85 -35.88
CA THR E 186 13.74 -36.04 -36.49
C THR E 186 13.05 -36.90 -35.44
N HIS E 187 13.72 -37.16 -34.31
CA HIS E 187 13.15 -38.01 -33.28
C HIS E 187 12.22 -37.28 -32.32
N GLY E 188 12.28 -35.94 -32.30
CA GLY E 188 11.54 -35.17 -31.31
C GLY E 188 12.14 -35.18 -29.92
N CYS E 189 13.17 -35.98 -29.69
CA CYS E 189 13.84 -36.06 -28.40
C CYS E 189 15.30 -36.45 -28.66
N THR E 190 16.02 -36.79 -27.59
CA THR E 190 17.43 -37.19 -27.68
C THR E 190 17.49 -38.71 -27.71
N VAL E 191 17.84 -39.27 -28.88
CA VAL E 191 18.01 -40.70 -29.05
C VAL E 191 19.38 -40.94 -29.68
N ASP E 192 20.25 -41.63 -28.95
CA ASP E 192 21.62 -41.90 -29.40
C ASP E 192 22.35 -40.60 -29.74
N ASN E 193 22.05 -39.53 -29.01
CA ASN E 193 22.54 -38.19 -29.29
C ASN E 193 23.25 -37.67 -28.04
N PRO E 194 24.48 -38.12 -27.79
CA PRO E 194 25.10 -37.85 -26.48
C PRO E 194 25.53 -36.40 -26.27
N VAL E 195 25.85 -35.66 -27.32
CA VAL E 195 26.31 -34.28 -27.15
C VAL E 195 25.15 -33.38 -26.70
N LEU E 196 24.07 -33.39 -27.46
CA LEU E 196 22.90 -32.60 -27.09
C LEU E 196 22.30 -33.09 -25.79
N GLU E 197 22.32 -34.41 -25.55
CA GLU E 197 21.88 -34.95 -24.28
C GLU E 197 22.70 -34.40 -23.13
N ARG E 198 24.02 -34.30 -23.31
CA ARG E 198 24.87 -33.76 -22.25
C ARG E 198 24.57 -32.28 -22.02
N PHE E 199 24.32 -31.53 -23.10
CA PHE E 199 23.97 -30.12 -22.93
C PHE E 199 22.66 -29.95 -22.15
N ILE E 200 21.64 -30.72 -22.53
CA ILE E 200 20.36 -30.66 -21.81
C ILE E 200 20.53 -31.06 -20.36
N SER E 201 21.34 -32.10 -20.11
CA SER E 201 21.59 -32.54 -18.74
C SER E 201 22.29 -31.44 -17.94
N LEU E 202 23.19 -30.68 -18.58
CA LEU E 202 23.84 -29.58 -17.89
C LEU E 202 22.87 -28.46 -17.57
N PHE E 203 21.97 -28.15 -18.51
CA PHE E 203 20.88 -27.20 -18.27
C PHE E 203 20.08 -27.60 -17.02
N ASN E 204 19.57 -28.82 -17.02
CA ASN E 204 18.79 -29.29 -15.87
C ASN E 204 19.65 -29.38 -14.61
N SER E 205 20.95 -29.60 -14.76
CA SER E 205 21.84 -29.61 -13.61
C SER E 205 21.95 -28.22 -12.99
N VAL E 206 22.00 -27.18 -13.82
CA VAL E 206 22.00 -25.81 -13.30
C VAL E 206 20.71 -25.53 -12.54
N SER E 207 19.58 -25.89 -13.15
CA SER E 207 18.29 -25.67 -12.47
C SER E 207 18.23 -26.43 -11.14
N GLN E 208 18.59 -27.71 -11.15
CA GLN E 208 18.56 -28.51 -9.94
C GLN E 208 19.57 -28.04 -8.91
N TRP E 209 20.68 -27.44 -9.34
CA TRP E 209 21.63 -26.86 -8.40
C TRP E 209 21.02 -25.65 -7.71
N VAL E 210 20.31 -24.81 -8.47
CA VAL E 210 19.56 -23.72 -7.83
C VAL E 210 18.61 -24.28 -6.78
N GLN E 211 17.84 -25.30 -7.15
CA GLN E 211 16.90 -25.91 -6.21
C GLN E 211 17.60 -26.43 -4.95
N LEU E 212 18.70 -27.16 -5.14
CA LEU E 212 19.43 -27.74 -4.01
C LEU E 212 20.04 -26.67 -3.12
N MSE E 213 20.58 -25.61 -3.71
CA MSE E 213 21.17 -24.53 -2.95
C MSE E 213 20.12 -23.83 -2.10
O MSE E 213 20.39 -23.41 -0.98
CB MSE E 213 21.87 -23.53 -3.87
CG MSE E 213 23.25 -23.97 -4.34
SE MSE E 213 24.41 -24.47 -2.85
CE MSE E 213 24.29 -26.41 -3.01
N ILE E 214 18.91 -23.68 -2.65
CA ILE E 214 17.85 -23.07 -1.88
C ILE E 214 17.38 -23.99 -0.75
N LEU E 215 17.19 -25.28 -1.06
CA LEU E 215 16.70 -26.22 -0.05
C LEU E 215 17.77 -26.63 0.96
N SER E 216 19.02 -26.23 0.76
CA SER E 216 20.08 -26.64 1.68
C SER E 216 19.97 -25.92 3.02
N LYS E 217 19.56 -24.66 3.01
CA LYS E 217 19.46 -23.90 4.25
C LYS E 217 18.28 -24.42 5.07
N PRO E 218 18.40 -24.49 6.39
CA PRO E 218 17.33 -25.04 7.24
C PRO E 218 16.38 -24.01 7.82
N THR E 219 16.48 -22.74 7.42
CA THR E 219 15.65 -21.69 7.98
C THR E 219 15.16 -20.78 6.86
N ALA E 220 13.97 -20.22 7.06
CA ALA E 220 13.32 -19.46 6.00
C ALA E 220 14.08 -18.21 5.56
N PRO E 221 14.59 -17.36 6.46
CA PRO E 221 15.33 -16.17 5.99
C PRO E 221 16.56 -16.49 5.17
N GLN E 222 17.31 -17.55 5.51
CA GLN E 222 18.47 -17.92 4.72
C GLN E 222 18.08 -18.37 3.32
N ARG E 223 17.01 -19.18 3.23
CA ARG E 223 16.51 -19.59 1.93
C ARG E 223 16.06 -18.40 1.10
N ALA E 224 15.39 -17.42 1.75
CA ALA E 224 15.04 -16.20 1.04
C ALA E 224 16.28 -15.44 0.58
N LEU E 225 17.34 -15.47 1.37
CA LEU E 225 18.58 -14.79 0.99
C LEU E 225 19.18 -15.44 -0.25
N VAL E 226 19.23 -16.76 -0.28
CA VAL E 226 19.80 -17.43 -1.46
C VAL E 226 18.87 -17.27 -2.67
N ILE E 227 17.56 -17.14 -2.44
CA ILE E 227 16.64 -16.84 -3.54
C ILE E 227 16.97 -15.48 -4.13
N THR E 228 17.16 -14.48 -3.27
CA THR E 228 17.56 -13.15 -3.76
C THR E 228 18.88 -13.22 -4.51
N HIS E 229 19.84 -14.01 -3.99
CA HIS E 229 21.13 -14.16 -4.66
C HIS E 229 20.97 -14.72 -6.07
N PHE E 230 20.16 -15.78 -6.20
CA PHE E 230 19.95 -16.35 -7.53
C PHE E 230 19.16 -15.41 -8.45
N VAL E 231 18.27 -14.60 -7.88
CA VAL E 231 17.61 -13.57 -8.69
C VAL E 231 18.65 -12.59 -9.22
N HIS E 232 19.65 -12.25 -8.39
CA HIS E 232 20.70 -11.34 -8.84
C HIS E 232 21.58 -12.00 -9.90
N VAL E 233 21.88 -13.28 -9.75
CA VAL E 233 22.70 -13.94 -10.78
C VAL E 233 21.90 -14.06 -12.08
N ALA E 234 20.56 -14.16 -11.99
CA ALA E 234 19.75 -14.15 -13.20
C ALA E 234 19.75 -12.78 -13.85
N GLU E 235 19.67 -11.73 -13.04
CA GLU E 235 19.80 -10.37 -13.55
C GLU E 235 21.14 -10.19 -14.27
N LYS E 236 22.22 -10.71 -13.69
CA LYS E 236 23.53 -10.59 -14.31
C LYS E 236 23.64 -11.43 -15.58
N LEU E 237 22.97 -12.59 -15.61
CA LEU E 237 22.92 -13.38 -16.84
C LEU E 237 22.20 -12.62 -17.93
N LEU E 238 21.09 -11.94 -17.59
CA LEU E 238 20.39 -11.12 -18.57
C LEU E 238 21.28 -9.98 -19.07
N GLN E 239 22.00 -9.33 -18.14
CA GLN E 239 22.96 -8.30 -18.56
C GLN E 239 24.03 -8.91 -19.45
N LEU E 240 24.45 -10.13 -19.17
CA LEU E 240 25.39 -10.85 -20.02
C LEU E 240 24.78 -11.31 -21.34
N GLN E 241 23.48 -11.09 -21.53
CA GLN E 241 22.75 -11.54 -22.72
C GLN E 241 22.86 -13.06 -22.88
N ASN E 242 22.72 -13.78 -21.77
CA ASN E 242 22.72 -15.24 -21.73
C ASN E 242 21.32 -15.68 -21.33
N PHE E 243 20.46 -15.88 -22.35
CA PHE E 243 19.07 -16.23 -22.08
C PHE E 243 18.90 -17.70 -21.73
N ASN E 244 19.80 -18.56 -22.21
CA ASN E 244 19.64 -19.99 -21.97
C ASN E 244 19.80 -20.32 -20.48
N THR E 245 20.91 -19.89 -19.87
CA THR E 245 21.10 -20.13 -18.46
C THR E 245 20.11 -19.33 -17.62
N LEU E 246 19.73 -18.14 -18.08
CA LEU E 246 18.72 -17.34 -17.40
C LEU E 246 17.47 -18.16 -17.14
N MSE E 247 16.87 -18.67 -18.21
CA MSE E 247 15.79 -19.64 -18.12
C MSE E 247 16.11 -20.69 -17.06
O MSE E 247 15.37 -20.85 -16.08
CB MSE E 247 15.57 -20.31 -19.48
CG MSE E 247 14.67 -21.51 -19.45
SE MSE E 247 12.79 -21.01 -19.44
CE MSE E 247 12.41 -21.44 -17.59
N ALA E 248 17.27 -21.34 -17.25
CA ALA E 248 17.70 -22.42 -16.37
C ALA E 248 17.54 -22.06 -14.91
N VAL E 249 17.90 -20.82 -14.53
CA VAL E 249 17.80 -20.45 -13.13
C VAL E 249 16.41 -19.91 -12.82
N VAL E 250 15.84 -19.10 -13.72
CA VAL E 250 14.49 -18.58 -13.50
C VAL E 250 13.51 -19.74 -13.34
N GLY E 251 13.50 -20.67 -14.29
CA GLY E 251 12.69 -21.85 -14.15
C GLY E 251 13.06 -22.70 -12.94
N GLY E 252 14.32 -22.64 -12.53
CA GLY E 252 14.71 -23.29 -11.30
C GLY E 252 14.15 -22.60 -10.08
N LEU E 253 14.01 -21.27 -10.14
CA LEU E 253 13.40 -20.53 -9.05
C LEU E 253 11.89 -20.74 -8.97
N SER E 254 11.28 -21.26 -10.04
CA SER E 254 9.85 -21.49 -10.08
C SER E 254 9.49 -22.97 -10.03
N HIS E 255 10.44 -23.83 -9.65
CA HIS E 255 10.16 -25.24 -9.50
C HIS E 255 9.11 -25.46 -8.41
N SER E 256 8.44 -26.61 -8.49
CA SER E 256 7.37 -26.92 -7.54
C SER E 256 7.89 -26.93 -6.10
N SER E 257 9.08 -27.50 -5.88
CA SER E 257 9.63 -27.60 -4.54
C SER E 257 9.81 -26.23 -3.89
N ILE E 258 10.15 -25.21 -4.67
CA ILE E 258 10.43 -23.90 -4.10
C ILE E 258 9.21 -22.99 -4.12
N SER E 259 8.30 -23.18 -5.09
CA SER E 259 7.12 -22.33 -5.16
C SER E 259 6.19 -22.56 -3.97
N ARG E 260 6.13 -23.78 -3.46
CA ARG E 260 5.26 -24.09 -2.34
C ARG E 260 5.80 -23.61 -1.00
N LEU E 261 7.07 -23.19 -0.94
CA LEU E 261 7.65 -22.65 0.29
C LEU E 261 7.17 -21.22 0.47
N LYS E 262 5.99 -21.08 1.08
CA LYS E 262 5.41 -19.75 1.26
C LYS E 262 6.10 -18.95 2.36
N GLU E 263 6.62 -19.63 3.39
CA GLU E 263 7.19 -18.90 4.52
C GLU E 263 8.53 -18.25 4.15
N THR E 264 9.35 -18.94 3.36
CA THR E 264 10.54 -18.27 2.82
C THR E 264 10.15 -17.21 1.79
N HIS E 265 9.06 -17.45 1.05
CA HIS E 265 8.58 -16.47 0.08
C HIS E 265 8.06 -15.20 0.75
N SER E 266 7.73 -15.27 2.05
CA SER E 266 7.37 -14.06 2.78
C SER E 266 8.59 -13.20 3.07
N HIS E 267 9.77 -13.81 3.18
CA HIS E 267 10.98 -13.09 3.61
C HIS E 267 11.75 -12.45 2.46
N VAL E 268 11.45 -12.78 1.21
CA VAL E 268 12.16 -12.15 0.10
C VAL E 268 11.67 -10.72 -0.06
N SER E 269 12.59 -9.85 -0.51
CA SER E 269 12.28 -8.43 -0.60
C SER E 269 11.23 -8.17 -1.68
N PRO E 270 10.32 -7.23 -1.46
CA PRO E 270 9.38 -6.85 -2.53
C PRO E 270 10.07 -6.30 -3.76
N GLU E 271 11.21 -5.61 -3.58
CA GLU E 271 12.03 -5.21 -4.73
C GLU E 271 12.56 -6.44 -5.45
N THR E 272 13.08 -7.40 -4.70
CA THR E 272 13.51 -8.67 -5.27
C THR E 272 12.36 -9.35 -5.99
N ILE E 273 11.15 -9.30 -5.42
CA ILE E 273 9.98 -9.88 -6.07
C ILE E 273 9.69 -9.19 -7.39
N LYS E 274 9.75 -7.85 -7.41
CA LYS E 274 9.53 -7.11 -8.64
C LYS E 274 10.51 -7.53 -9.73
N LEU E 275 11.81 -7.49 -9.41
CA LEU E 275 12.82 -7.87 -10.41
C LEU E 275 12.67 -9.32 -10.84
N TRP E 276 12.43 -10.21 -9.89
CA TRP E 276 12.28 -11.63 -10.17
C TRP E 276 11.11 -11.89 -11.12
N GLU E 277 9.92 -11.40 -10.77
CA GLU E 277 8.76 -11.60 -11.63
C GLU E 277 8.92 -10.89 -12.97
N GLY E 278 9.67 -9.79 -13.02
CA GLY E 278 9.98 -9.18 -14.31
C GLY E 278 10.80 -10.12 -15.18
N LEU E 279 11.82 -10.75 -14.60
CA LEU E 279 12.62 -11.71 -15.35
C LEU E 279 11.78 -12.90 -15.78
N THR E 280 10.90 -13.38 -14.89
CA THR E 280 10.01 -14.49 -15.24
C THR E 280 9.09 -14.11 -16.39
N GLU E 281 8.61 -12.86 -16.40
CA GLU E 281 7.80 -12.37 -17.52
C GLU E 281 8.62 -12.29 -18.79
N LEU E 282 9.92 -12.02 -18.68
CA LEU E 282 10.76 -11.98 -19.87
C LEU E 282 10.77 -13.31 -20.61
N VAL E 283 10.75 -14.42 -19.87
CA VAL E 283 10.89 -15.74 -20.46
C VAL E 283 9.55 -16.47 -20.41
N THR E 284 8.45 -15.71 -20.45
CA THR E 284 7.13 -16.33 -20.47
C THR E 284 6.87 -17.00 -21.81
N ALA E 285 6.16 -18.13 -21.77
CA ALA E 285 5.70 -18.77 -23.00
C ALA E 285 4.50 -18.04 -23.59
N THR E 286 3.92 -17.09 -22.87
CA THR E 286 2.81 -16.30 -23.39
C THR E 286 3.25 -15.54 -24.63
N GLY E 287 2.41 -15.57 -25.67
CA GLY E 287 2.76 -14.92 -26.91
C GLY E 287 3.85 -15.63 -27.69
N ASN E 288 3.94 -16.95 -27.57
CA ASN E 288 4.93 -17.76 -28.27
C ASN E 288 6.35 -17.24 -28.00
N TYR E 289 6.63 -16.97 -26.72
CA TYR E 289 7.91 -16.42 -26.29
C TYR E 289 8.22 -15.11 -27.03
N GLY E 290 7.20 -14.26 -27.17
CA GLY E 290 7.37 -13.03 -27.94
C GLY E 290 8.36 -12.07 -27.30
N ASN E 291 8.27 -11.90 -25.98
CA ASN E 291 9.21 -11.03 -25.28
C ASN E 291 10.65 -11.50 -25.48
N TYR E 292 10.88 -12.81 -25.31
CA TYR E 292 12.21 -13.36 -25.53
C TYR E 292 12.68 -13.13 -26.96
N ARG E 293 11.81 -13.41 -27.93
CA ARG E 293 12.22 -13.24 -29.33
C ARG E 293 12.58 -11.79 -29.63
N ARG E 294 11.79 -10.85 -29.11
CA ARG E 294 12.08 -9.43 -29.34
C ARG E 294 13.40 -9.03 -28.68
N ARG E 295 13.62 -9.45 -27.43
CA ARG E 295 14.87 -9.13 -26.76
C ARG E 295 16.07 -9.71 -27.49
N LEU E 296 15.97 -10.98 -27.91
CA LEU E 296 17.05 -11.62 -28.64
C LEU E 296 17.33 -10.89 -29.95
N ALA E 297 16.29 -10.50 -30.68
CA ALA E 297 16.48 -9.75 -31.92
C ALA E 297 17.16 -8.42 -31.66
N ALA E 298 16.79 -7.74 -30.57
CA ALA E 298 17.36 -6.44 -30.25
C ALA E 298 18.80 -6.54 -29.74
N CYS E 299 19.30 -7.74 -29.46
CA CYS E 299 20.63 -7.88 -28.89
C CYS E 299 21.71 -7.62 -29.94
N VAL E 300 22.84 -7.09 -29.47
CA VAL E 300 24.01 -6.84 -30.31
C VAL E 300 25.22 -7.48 -29.64
N GLY E 301 26.12 -8.02 -30.46
CA GLY E 301 27.29 -8.68 -29.91
C GLY E 301 26.97 -10.11 -29.51
N PHE E 302 27.40 -10.49 -28.31
CA PHE E 302 27.19 -11.85 -27.84
C PHE E 302 25.74 -12.07 -27.41
N ARG E 303 25.21 -13.24 -27.76
CA ARG E 303 23.90 -13.66 -27.31
C ARG E 303 23.91 -15.17 -27.14
N PHE E 304 23.25 -15.65 -26.08
CA PHE E 304 23.09 -17.07 -25.82
C PHE E 304 21.60 -17.36 -25.87
N PRO E 305 21.08 -17.72 -27.04
CA PRO E 305 19.63 -17.98 -27.15
C PRO E 305 19.23 -19.19 -26.34
N ILE E 306 18.00 -19.18 -25.83
CA ILE E 306 17.50 -20.32 -25.07
C ILE E 306 17.19 -21.44 -26.05
N LEU E 307 18.10 -22.41 -26.12
CA LEU E 307 17.83 -23.60 -26.92
C LEU E 307 16.68 -24.38 -26.30
N GLY E 308 15.72 -24.77 -27.14
CA GLY E 308 14.49 -25.36 -26.65
C GLY E 308 13.28 -24.61 -27.14
N VAL E 309 13.38 -23.28 -27.19
CA VAL E 309 12.41 -22.50 -27.96
C VAL E 309 12.62 -22.77 -29.45
N HIS E 310 13.89 -22.71 -29.88
CA HIS E 310 14.21 -22.96 -31.27
C HIS E 310 14.07 -24.43 -31.61
N LEU E 311 14.37 -25.33 -30.66
CA LEU E 311 14.08 -26.74 -30.87
C LEU E 311 12.58 -26.97 -31.00
N LYS E 312 11.77 -26.26 -30.23
CA LYS E 312 10.32 -26.33 -30.37
C LYS E 312 9.88 -25.90 -31.75
N ASP E 313 10.42 -24.77 -32.24
CA ASP E 313 10.08 -24.30 -33.57
C ASP E 313 10.49 -25.31 -34.65
N LEU E 314 11.68 -25.88 -34.51
CA LEU E 314 12.15 -26.85 -35.49
C LEU E 314 11.29 -28.10 -35.50
N VAL E 315 10.89 -28.58 -34.32
CA VAL E 315 10.03 -29.77 -34.25
C VAL E 315 8.66 -29.46 -34.86
N ALA E 316 8.13 -28.27 -34.59
CA ALA E 316 6.87 -27.88 -35.19
C ALA E 316 6.97 -27.86 -36.71
N LEU E 317 8.04 -27.27 -37.24
CA LEU E 317 8.25 -27.23 -38.69
C LEU E 317 8.38 -28.64 -39.27
N GLN E 318 9.10 -29.52 -38.58
CA GLN E 318 9.31 -30.87 -39.08
C GLN E 318 8.01 -31.64 -39.13
N LEU E 319 7.20 -31.55 -38.08
CA LEU E 319 5.96 -32.31 -38.02
C LEU E 319 4.87 -31.74 -38.93
N ALA E 320 4.84 -30.41 -39.10
CA ALA E 320 3.74 -29.80 -39.84
C ALA E 320 3.93 -29.93 -41.35
N LEU E 321 5.13 -29.61 -41.86
CA LEU E 321 5.32 -29.58 -43.31
C LEU E 321 6.07 -30.81 -43.79
N PRO E 322 5.81 -31.26 -45.02
CA PRO E 322 6.51 -32.43 -45.54
C PRO E 322 7.88 -32.08 -46.08
N ASP E 323 8.78 -33.07 -46.06
CA ASP E 323 10.12 -32.89 -46.60
C ASP E 323 10.07 -32.67 -48.10
N TRP E 324 9.39 -33.56 -48.83
CA TRP E 324 9.28 -33.49 -50.27
C TRP E 324 7.87 -33.06 -50.66
N LEU E 325 7.73 -32.66 -51.93
CA LEU E 325 6.43 -32.29 -52.48
C LEU E 325 5.79 -33.40 -53.30
N ASP E 326 6.60 -34.24 -53.97
CA ASP E 326 6.03 -35.35 -54.74
C ASP E 326 6.05 -36.63 -53.91
N PRO E 327 5.14 -37.57 -54.20
CA PRO E 327 5.20 -38.87 -53.52
C PRO E 327 6.46 -39.66 -53.83
N ALA E 328 7.08 -39.43 -54.99
CA ALA E 328 8.33 -40.11 -55.33
C ALA E 328 9.50 -39.65 -54.47
N ARG E 329 9.32 -38.59 -53.67
CA ARG E 329 10.36 -38.04 -52.80
C ARG E 329 11.59 -37.65 -53.61
N THR E 330 11.38 -36.72 -54.55
CA THR E 330 12.46 -36.24 -55.41
C THR E 330 12.52 -34.72 -55.47
N ARG E 331 11.39 -34.04 -55.28
CA ARG E 331 11.35 -32.58 -55.33
C ARG E 331 11.26 -32.02 -53.93
N LEU E 332 12.11 -31.03 -53.64
CA LEU E 332 12.27 -30.51 -52.30
C LEU E 332 11.20 -29.47 -51.99
N ASN E 333 10.64 -29.54 -50.77
CA ASN E 333 9.75 -28.51 -50.27
C ASN E 333 10.59 -27.27 -49.98
N GLY E 334 10.58 -26.31 -50.90
CA GLY E 334 11.47 -25.17 -50.78
C GLY E 334 11.22 -24.35 -49.53
N ALA E 335 9.94 -24.23 -49.13
CA ALA E 335 9.61 -23.42 -47.97
C ALA E 335 10.23 -23.99 -46.70
N LYS E 336 9.92 -25.25 -46.39
CA LYS E 336 10.45 -25.91 -45.20
C LYS E 336 11.95 -25.71 -45.07
N MSE E 337 12.70 -26.14 -46.09
CA MSE E 337 14.15 -26.02 -46.12
C MSE E 337 14.61 -24.62 -45.74
O MSE E 337 15.58 -24.45 -45.00
CB MSE E 337 14.71 -26.39 -47.48
CG MSE E 337 16.22 -26.31 -47.56
SE MSE E 337 16.90 -26.72 -49.34
CE MSE E 337 15.26 -27.39 -50.13
N LYS E 338 13.90 -23.60 -46.26
CA LYS E 338 14.26 -22.23 -45.91
C LYS E 338 13.97 -21.95 -44.44
N GLN E 339 12.75 -22.25 -43.98
CA GLN E 339 12.36 -21.92 -42.61
C GLN E 339 13.30 -22.58 -41.62
N LEU E 340 13.47 -23.91 -41.73
CA LEU E 340 14.46 -24.62 -40.92
C LEU E 340 15.79 -23.89 -40.94
N PHE E 341 16.28 -23.58 -42.15
CA PHE E 341 17.55 -22.87 -42.29
C PHE E 341 17.56 -21.60 -41.45
N SER E 342 16.52 -20.79 -41.58
CA SER E 342 16.48 -19.50 -40.88
C SER E 342 16.67 -19.69 -39.38
N ILE E 343 16.21 -20.81 -38.83
CA ILE E 343 16.45 -21.09 -37.42
C ILE E 343 17.88 -21.58 -37.22
N LEU E 344 18.27 -22.63 -37.95
CA LEU E 344 19.51 -23.33 -37.64
C LEU E 344 20.72 -22.44 -37.83
N GLU E 345 20.73 -21.63 -38.89
CA GLU E 345 21.82 -20.67 -39.09
C GLU E 345 22.01 -19.80 -37.85
N GLU E 346 20.92 -19.34 -37.24
CA GLU E 346 21.03 -18.59 -36.00
C GLU E 346 21.81 -19.37 -34.97
N LEU E 347 21.40 -20.63 -34.74
CA LEU E 347 22.11 -21.49 -33.80
C LEU E 347 23.57 -21.63 -34.18
N ALA E 348 23.87 -21.63 -35.49
CA ALA E 348 25.27 -21.71 -35.91
C ALA E 348 26.04 -20.46 -35.54
N MSE E 349 25.44 -19.29 -35.74
CA MSE E 349 26.17 -18.03 -35.58
C MSE E 349 26.56 -17.76 -34.13
O MSE E 349 27.42 -16.93 -33.85
CB MSE E 349 25.34 -16.87 -36.12
CG MSE E 349 25.14 -16.90 -37.63
SE MSE E 349 26.83 -16.87 -38.60
CE MSE E 349 26.14 -16.96 -40.43
N VAL E 350 25.93 -18.49 -33.20
CA VAL E 350 26.31 -18.40 -31.79
C VAL E 350 27.77 -18.83 -31.62
N THR E 351 28.20 -19.83 -32.39
CA THR E 351 29.59 -20.26 -32.35
C THR E 351 30.54 -19.26 -33.01
N SER E 352 30.01 -18.26 -33.72
CA SER E 352 30.88 -17.32 -34.42
C SER E 352 31.73 -16.50 -33.46
N LEU E 353 31.11 -15.96 -32.40
CA LEU E 353 31.82 -15.12 -31.45
C LEU E 353 31.66 -15.70 -30.04
N ARG E 354 32.71 -15.53 -29.25
CA ARG E 354 32.81 -16.06 -27.89
C ARG E 354 32.28 -15.07 -26.88
N PRO E 355 31.85 -15.54 -25.71
CA PRO E 355 31.34 -14.63 -24.68
C PRO E 355 32.47 -13.81 -24.07
N PRO E 356 32.25 -12.51 -23.85
CA PRO E 356 33.24 -11.68 -23.12
C PRO E 356 33.19 -12.00 -21.63
N VAL E 357 33.82 -13.11 -21.27
CA VAL E 357 33.69 -13.70 -19.94
C VAL E 357 35.08 -14.04 -19.41
N GLN E 358 35.36 -13.62 -18.18
CA GLN E 358 36.57 -14.01 -17.46
C GLN E 358 36.25 -15.21 -16.59
N ALA E 359 37.03 -16.27 -16.73
CA ALA E 359 36.75 -17.53 -16.04
C ALA E 359 38.05 -18.14 -15.56
N ASN E 360 38.21 -18.26 -14.24
CA ASN E 360 39.36 -19.00 -13.73
C ASN E 360 38.99 -20.48 -13.59
N PRO E 361 39.89 -21.37 -14.02
CA PRO E 361 39.51 -22.80 -14.13
C PRO E 361 39.24 -23.48 -12.79
N ASP E 362 39.75 -22.96 -11.68
CA ASP E 362 39.53 -23.60 -10.39
C ASP E 362 38.05 -23.59 -10.01
N LEU E 363 37.43 -22.41 -10.10
CA LEU E 363 36.01 -22.29 -9.82
C LEU E 363 35.19 -23.06 -10.86
N LEU E 364 35.66 -23.11 -12.11
CA LEU E 364 35.01 -23.95 -13.12
C LEU E 364 34.96 -25.41 -12.68
N SER E 365 36.09 -25.96 -12.24
CA SER E 365 36.13 -27.34 -11.80
C SER E 365 35.20 -27.57 -10.61
N LEU E 366 35.31 -26.71 -9.60
CA LEU E 366 34.46 -26.85 -8.42
C LEU E 366 32.98 -26.77 -8.79
N LEU E 367 32.62 -25.82 -9.65
CA LEU E 367 31.24 -25.65 -10.09
C LEU E 367 30.75 -26.89 -10.84
N THR E 368 31.59 -27.42 -11.74
CA THR E 368 31.21 -28.63 -12.47
C THR E 368 30.95 -29.79 -11.52
N VAL E 369 31.83 -29.98 -10.55
CA VAL E 369 31.64 -31.05 -9.57
C VAL E 369 30.35 -30.85 -8.79
N SER E 370 30.04 -29.60 -8.43
CA SER E 370 28.82 -29.35 -7.66
C SER E 370 27.57 -29.59 -8.51
N LEU E 371 27.57 -29.14 -9.76
CA LEU E 371 26.43 -29.34 -10.65
C LEU E 371 26.19 -30.80 -10.97
N ASP E 372 27.22 -31.64 -10.81
CA ASP E 372 27.12 -33.04 -11.19
C ASP E 372 26.09 -33.81 -10.36
N GLN E 373 25.80 -33.35 -9.14
CA GLN E 373 24.89 -34.09 -8.28
C GLN E 373 23.48 -34.13 -8.87
N TYR E 374 22.80 -35.26 -8.66
CA TYR E 374 21.46 -35.46 -9.19
C TYR E 374 20.51 -35.83 -8.05
N GLN E 375 19.37 -35.15 -8.01
CA GLN E 375 18.29 -35.47 -7.08
C GLN E 375 17.01 -35.64 -7.88
N THR E 376 16.31 -36.75 -7.66
CA THR E 376 15.05 -36.96 -8.35
C THR E 376 14.02 -35.92 -7.88
N GLU E 377 12.98 -35.76 -8.68
CA GLU E 377 11.92 -34.80 -8.34
C GLU E 377 11.34 -35.08 -6.97
N ASP E 378 11.08 -36.36 -6.67
CA ASP E 378 10.50 -36.73 -5.39
C ASP E 378 11.42 -36.38 -4.23
N GLU E 379 12.74 -36.49 -4.43
CA GLU E 379 13.68 -36.16 -3.36
C GLU E 379 13.64 -34.68 -3.02
N LEU E 380 13.64 -33.82 -4.04
CA LEU E 380 13.54 -32.38 -3.80
C LEU E 380 12.20 -32.02 -3.16
N TYR E 381 11.12 -32.67 -3.60
CA TYR E 381 9.82 -32.39 -2.99
C TYR E 381 9.80 -32.81 -1.53
N GLN E 382 10.38 -33.96 -1.21
CA GLN E 382 10.47 -34.40 0.18
C GLN E 382 11.29 -33.43 1.02
N LEU E 383 12.40 -32.94 0.47
CA LEU E 383 13.20 -31.94 1.18
C LEU E 383 12.38 -30.68 1.46
N SER E 384 11.63 -30.21 0.45
CA SER E 384 10.76 -29.05 0.67
C SER E 384 9.72 -29.32 1.75
N LEU E 385 9.12 -30.51 1.74
CA LEU E 385 8.16 -30.85 2.78
C LEU E 385 8.80 -30.87 4.16
N GLN E 386 10.04 -31.38 4.26
CA GLN E 386 10.75 -31.37 5.53
C GLN E 386 10.99 -29.95 6.02
N ARG E 387 11.41 -29.07 5.12
CA ARG E 387 11.71 -27.70 5.51
C ARG E 387 10.47 -26.99 6.04
N GLU E 388 9.35 -27.12 5.32
CA GLU E 388 8.10 -26.47 5.70
C GLU E 388 6.94 -27.43 5.44
N PRO E 389 6.51 -28.17 6.45
CA PRO E 389 5.40 -29.11 6.27
C PRO E 389 4.09 -28.40 5.98
N ARG E 390 3.09 -29.19 5.61
CA ARG E 390 1.75 -28.67 5.35
C ARG E 390 0.99 -28.42 6.65
N MET F 3 -13.27 -9.47 -24.65
CA MET F 3 -12.95 -10.82 -25.10
C MET F 3 -11.88 -11.45 -24.22
N ARG F 4 -12.23 -12.55 -23.58
CA ARG F 4 -11.35 -13.17 -22.59
C ARG F 4 -10.28 -14.02 -23.27
N GLU F 5 -9.07 -13.96 -22.72
CA GLU F 5 -7.93 -14.69 -23.24
C GLU F 5 -7.65 -15.92 -22.38
N TYR F 6 -7.38 -17.04 -23.03
CA TYR F 6 -7.14 -18.32 -22.36
C TYR F 6 -5.80 -18.88 -22.77
N LYS F 7 -5.04 -19.36 -21.78
CA LYS F 7 -3.77 -20.04 -22.00
C LYS F 7 -3.99 -21.54 -21.81
N LEU F 8 -3.94 -22.29 -22.91
CA LEU F 8 -4.15 -23.73 -22.88
C LEU F 8 -2.85 -24.43 -23.28
N VAL F 9 -2.36 -25.31 -22.41
CA VAL F 9 -1.07 -25.97 -22.59
C VAL F 9 -1.32 -27.43 -22.93
N VAL F 10 -0.61 -27.93 -23.93
CA VAL F 10 -0.78 -29.30 -24.41
C VAL F 10 0.43 -30.12 -23.97
N LEU F 11 0.19 -31.12 -23.12
CA LEU F 11 1.23 -32.01 -22.63
C LEU F 11 1.01 -33.41 -23.21
N GLY F 12 2.12 -34.07 -23.56
CA GLY F 12 2.07 -35.39 -24.16
C GLY F 12 3.41 -36.09 -24.05
N SER F 13 3.39 -37.39 -24.35
CA SER F 13 4.57 -38.22 -24.18
C SER F 13 5.52 -38.13 -25.38
N GLY F 14 5.02 -37.75 -26.55
CA GLY F 14 5.86 -37.50 -27.70
C GLY F 14 5.50 -38.31 -28.93
N GLY F 15 5.13 -39.57 -28.71
CA GLY F 15 4.53 -40.40 -29.72
C GLY F 15 3.06 -40.13 -29.87
N VAL F 16 2.59 -39.08 -29.21
CA VAL F 16 1.16 -38.82 -29.11
C VAL F 16 0.63 -38.17 -30.38
N GLY F 17 1.37 -37.21 -30.92
CA GLY F 17 0.84 -36.38 -31.98
C GLY F 17 0.11 -35.16 -31.48
N LYS F 18 0.54 -34.59 -30.35
CA LYS F 18 -0.11 -33.40 -29.81
C LYS F 18 0.08 -32.20 -30.72
N SER F 19 1.25 -32.09 -31.37
CA SER F 19 1.46 -31.04 -32.34
C SER F 19 0.48 -31.16 -33.49
N ALA F 20 0.15 -32.39 -33.89
CA ALA F 20 -0.85 -32.60 -34.92
C ALA F 20 -2.20 -32.02 -34.50
N LEU F 21 -2.63 -32.30 -33.25
CA LEU F 21 -3.88 -31.74 -32.76
C LEU F 21 -3.83 -30.22 -32.71
N THR F 22 -2.71 -29.66 -32.28
CA THR F 22 -2.57 -28.20 -32.22
C THR F 22 -2.72 -27.57 -33.60
N VAL F 23 -1.99 -28.11 -34.58
CA VAL F 23 -2.03 -27.55 -35.93
C VAL F 23 -3.41 -27.75 -36.55
N GLN F 24 -4.05 -28.89 -36.28
CA GLN F 24 -5.40 -29.12 -36.78
C GLN F 24 -6.39 -28.14 -36.15
N PHE F 25 -6.19 -27.80 -34.88
CA PHE F 25 -7.08 -26.85 -34.23
C PHE F 25 -6.90 -25.44 -34.80
N VAL F 26 -5.68 -24.93 -34.78
CA VAL F 26 -5.46 -23.52 -35.10
C VAL F 26 -5.44 -23.30 -36.61
N GLN F 27 -4.64 -24.07 -37.32
CA GLN F 27 -4.51 -23.90 -38.76
C GLN F 27 -5.51 -24.75 -39.54
N GLY F 28 -6.10 -25.76 -38.91
CA GLY F 28 -6.98 -26.65 -39.65
C GLY F 28 -6.20 -27.46 -40.67
N ILE F 29 -6.90 -27.89 -41.71
CA ILE F 29 -6.30 -28.53 -42.87
C ILE F 29 -5.69 -27.42 -43.72
N PHE F 30 -4.94 -27.79 -44.76
CA PHE F 30 -4.30 -26.86 -45.72
C PHE F 30 -3.46 -25.80 -44.98
N VAL F 31 -2.33 -26.29 -44.47
CA VAL F 31 -1.41 -25.53 -43.62
C VAL F 31 -0.72 -24.39 -44.36
N GLU F 32 -1.08 -24.19 -45.63
CA GLU F 32 -0.16 -23.91 -46.73
C GLU F 32 1.09 -23.15 -46.30
N LYS F 33 0.95 -21.93 -45.80
CA LYS F 33 2.08 -21.18 -45.28
C LYS F 33 2.00 -21.19 -43.75
N TYR F 34 3.01 -21.75 -43.11
CA TYR F 34 2.94 -21.99 -41.69
C TYR F 34 4.28 -21.61 -41.06
N ASP F 35 4.22 -20.80 -40.01
CA ASP F 35 5.42 -20.26 -39.38
C ASP F 35 5.26 -20.36 -37.87
N PRO F 36 5.90 -21.34 -37.24
CA PRO F 36 5.76 -21.52 -35.79
C PRO F 36 6.54 -20.52 -34.94
N THR F 37 7.25 -19.58 -35.56
CA THR F 37 8.07 -18.65 -34.81
C THR F 37 7.40 -17.30 -34.57
N ILE F 38 6.23 -17.06 -35.16
CA ILE F 38 5.55 -15.78 -35.02
C ILE F 38 4.43 -15.95 -34.01
N GLU F 39 3.99 -14.82 -33.44
CA GLU F 39 3.14 -14.84 -32.26
C GLU F 39 1.81 -15.54 -32.51
N ASP F 40 1.08 -15.10 -33.53
CA ASP F 40 -0.30 -15.54 -33.73
C ASP F 40 -0.43 -16.89 -34.44
N SER F 41 0.63 -17.70 -34.49
CA SER F 41 0.51 -19.02 -35.08
C SER F 41 -0.26 -19.98 -34.18
N TYR F 42 -0.24 -19.72 -32.87
CA TYR F 42 -0.93 -20.56 -31.90
C TYR F 42 -2.13 -19.86 -31.28
N ARG F 43 -2.58 -18.75 -31.89
CA ARG F 43 -3.71 -17.98 -31.40
C ARG F 43 -4.91 -18.22 -32.32
N LYS F 44 -6.05 -18.55 -31.71
CA LYS F 44 -7.28 -18.73 -32.47
C LYS F 44 -8.44 -18.07 -31.73
N GLN F 45 -9.23 -17.28 -32.46
CA GLN F 45 -10.44 -16.69 -31.91
C GLN F 45 -11.60 -17.66 -32.09
N VAL F 46 -12.29 -17.98 -31.00
CA VAL F 46 -13.28 -19.04 -30.97
C VAL F 46 -14.46 -18.61 -30.11
N GLU F 47 -15.67 -18.96 -30.53
CA GLU F 47 -16.85 -18.76 -29.72
C GLU F 47 -17.25 -20.06 -29.05
N VAL F 48 -17.39 -20.03 -27.73
CA VAL F 48 -17.85 -21.18 -26.96
C VAL F 48 -18.88 -20.68 -25.94
N ASP F 49 -20.02 -21.38 -25.87
CA ASP F 49 -21.10 -21.04 -24.95
C ASP F 49 -21.52 -19.58 -25.10
N ALA F 50 -21.65 -19.14 -26.35
CA ALA F 50 -22.05 -17.79 -26.70
C ALA F 50 -21.08 -16.74 -26.16
N GLN F 51 -19.83 -17.13 -25.94
CA GLN F 51 -18.78 -16.23 -25.47
C GLN F 51 -17.64 -16.22 -26.47
N GLN F 52 -17.20 -15.03 -26.86
CA GLN F 52 -16.03 -14.88 -27.71
C GLN F 52 -14.76 -14.93 -26.87
N CYS F 53 -13.83 -15.81 -27.25
CA CYS F 53 -12.61 -16.02 -26.49
C CYS F 53 -11.43 -16.12 -27.44
N MET F 54 -10.29 -15.62 -26.99
CA MET F 54 -9.03 -15.79 -27.71
C MET F 54 -8.19 -16.85 -27.02
N LEU F 55 -7.96 -17.97 -27.70
CA LEU F 55 -7.20 -19.07 -27.15
C LEU F 55 -5.77 -19.02 -27.66
N GLU F 56 -4.81 -19.25 -26.76
CA GLU F 56 -3.42 -19.44 -27.13
C GLU F 56 -3.00 -20.83 -26.70
N ILE F 57 -2.51 -21.61 -27.67
CA ILE F 57 -2.11 -22.99 -27.45
C ILE F 57 -0.61 -23.02 -27.24
N LEU F 58 -0.18 -23.53 -26.09
CA LEU F 58 1.22 -23.68 -25.75
C LEU F 58 1.58 -25.15 -25.99
N ASP F 59 2.22 -25.41 -27.12
CA ASP F 59 2.65 -26.75 -27.48
C ASP F 59 4.02 -27.03 -26.89
N THR F 60 4.15 -28.20 -26.26
CA THR F 60 5.40 -28.64 -25.63
C THR F 60 6.11 -29.68 -26.49
N ALA F 61 6.09 -29.48 -27.81
CA ALA F 61 6.57 -30.49 -28.75
C ALA F 61 8.02 -30.88 -28.48
N GLY F 62 8.90 -29.90 -28.37
CA GLY F 62 10.32 -30.19 -28.23
C GLY F 62 10.96 -29.67 -26.96
N THR F 63 10.16 -29.44 -25.92
CA THR F 63 10.65 -28.84 -24.69
C THR F 63 10.49 -29.74 -23.46
N GLU F 64 9.93 -30.94 -23.62
CA GLU F 64 9.66 -31.80 -22.46
C GLU F 64 10.92 -32.29 -21.77
N GLN F 65 12.10 -32.08 -22.36
CA GLN F 65 13.35 -32.45 -21.72
C GLN F 65 14.02 -31.29 -21.01
N PHE F 66 13.47 -30.07 -21.13
CA PHE F 66 13.98 -28.90 -20.41
C PHE F 66 13.06 -28.68 -19.22
N THR F 67 13.51 -29.10 -18.04
CA THR F 67 12.64 -29.10 -16.86
C THR F 67 12.18 -27.70 -16.48
N ALA F 68 13.09 -26.73 -16.55
CA ALA F 68 12.73 -25.34 -16.23
C ALA F 68 11.61 -24.84 -17.13
N MET F 69 11.73 -25.09 -18.44
CA MET F 69 10.69 -24.67 -19.37
C MET F 69 9.37 -25.37 -19.05
N ARG F 70 9.42 -26.64 -18.67
CA ARG F 70 8.21 -27.37 -18.29
C ARG F 70 7.54 -26.73 -17.08
N ASP F 71 8.34 -26.38 -16.07
CA ASP F 71 7.80 -25.74 -14.88
C ASP F 71 7.18 -24.39 -15.22
N LEU F 72 7.82 -23.62 -16.10
CA LEU F 72 7.23 -22.34 -16.50
C LEU F 72 5.96 -22.54 -17.31
N TYR F 73 5.90 -23.59 -18.13
CA TYR F 73 4.67 -23.93 -18.83
C TYR F 73 3.54 -24.20 -17.84
N MET F 74 3.82 -25.02 -16.82
CA MET F 74 2.79 -25.37 -15.86
C MET F 74 2.35 -24.16 -15.05
N LYS F 75 3.30 -23.32 -14.62
CA LYS F 75 2.93 -22.12 -13.86
C LYS F 75 2.12 -21.15 -14.71
N ASN F 76 2.55 -20.91 -15.96
CA ASN F 76 1.94 -19.89 -16.78
C ASN F 76 0.60 -20.32 -17.38
N GLY F 77 0.43 -21.62 -17.64
CA GLY F 77 -0.79 -22.07 -18.29
C GLY F 77 -1.98 -22.06 -17.35
N GLN F 78 -3.16 -21.85 -17.94
CA GLN F 78 -4.42 -21.89 -17.21
C GLN F 78 -5.17 -23.20 -17.36
N GLY F 79 -5.20 -23.78 -18.56
CA GLY F 79 -5.77 -25.09 -18.77
C GLY F 79 -4.71 -26.04 -19.30
N PHE F 80 -4.91 -27.33 -19.04
CA PHE F 80 -3.94 -28.35 -19.42
C PHE F 80 -4.64 -29.52 -20.09
N ALA F 81 -4.16 -29.91 -21.27
CA ALA F 81 -4.66 -31.07 -21.99
C ALA F 81 -3.58 -32.14 -21.97
N LEU F 82 -3.83 -33.23 -21.25
CA LEU F 82 -2.88 -34.33 -21.11
C LEU F 82 -3.28 -35.40 -22.14
N VAL F 83 -2.54 -35.46 -23.23
CA VAL F 83 -2.88 -36.31 -24.37
C VAL F 83 -2.02 -37.56 -24.35
N TYR F 84 -2.64 -38.70 -24.60
CA TYR F 84 -1.93 -39.96 -24.79
C TYR F 84 -2.40 -40.60 -26.09
N SER F 85 -1.74 -41.70 -26.45
CA SER F 85 -2.05 -42.45 -27.66
C SER F 85 -2.67 -43.79 -27.28
N ILE F 86 -3.82 -44.10 -27.88
CA ILE F 86 -4.50 -45.36 -27.59
C ILE F 86 -3.76 -46.57 -28.12
N THR F 87 -2.71 -46.37 -28.92
CA THR F 87 -1.93 -47.47 -29.46
C THR F 87 -0.79 -47.89 -28.54
N ALA F 88 -0.35 -47.01 -27.64
CA ALA F 88 0.72 -47.31 -26.70
C ALA F 88 0.21 -47.16 -25.28
N GLN F 89 0.64 -48.08 -24.41
CA GLN F 89 0.24 -48.02 -23.00
C GLN F 89 1.14 -47.07 -22.22
N SER F 90 2.43 -47.02 -22.57
CA SER F 90 3.38 -46.21 -21.82
C SER F 90 3.02 -44.73 -21.86
N THR F 91 2.52 -44.24 -23.00
CA THR F 91 2.13 -42.84 -23.08
C THR F 91 0.95 -42.54 -22.16
N PHE F 92 0.09 -43.53 -21.91
CA PHE F 92 -0.98 -43.36 -20.94
C PHE F 92 -0.42 -43.29 -19.52
N ASN F 93 0.48 -44.20 -19.18
CA ASN F 93 1.04 -44.23 -17.83
C ASN F 93 1.89 -42.98 -17.54
N ASP F 94 2.50 -42.38 -18.56
CA ASP F 94 3.34 -41.20 -18.37
C ASP F 94 2.55 -39.99 -17.90
N LEU F 95 1.22 -40.02 -17.96
CA LEU F 95 0.39 -38.87 -17.62
C LEU F 95 0.25 -38.68 -16.11
N GLN F 96 0.43 -39.74 -15.33
CA GLN F 96 0.30 -39.65 -13.88
C GLN F 96 1.29 -38.63 -13.31
N ASP F 97 2.57 -38.77 -13.65
CA ASP F 97 3.60 -37.86 -13.15
C ASP F 97 3.38 -36.43 -13.64
N LEU F 98 2.94 -36.28 -14.89
CA LEU F 98 2.64 -34.96 -15.42
C LEU F 98 1.54 -34.28 -14.59
N ARG F 99 0.46 -35.02 -14.32
CA ARG F 99 -0.60 -34.47 -13.47
C ARG F 99 -0.08 -34.10 -12.08
N GLU F 100 0.75 -34.97 -11.50
CA GLU F 100 1.33 -34.66 -10.19
C GLU F 100 2.15 -33.38 -10.23
N GLN F 101 2.93 -33.17 -11.29
CA GLN F 101 3.74 -31.96 -11.39
C GLN F 101 2.87 -30.72 -11.58
N ILE F 102 1.77 -30.86 -12.32
CA ILE F 102 0.83 -29.73 -12.43
C ILE F 102 0.23 -29.41 -11.06
N LEU F 103 -0.18 -30.44 -10.32
CA LEU F 103 -0.74 -30.24 -8.98
C LEU F 103 0.30 -29.73 -7.98
N ARG F 104 1.60 -29.92 -8.27
CA ARG F 104 2.63 -29.39 -7.40
C ARG F 104 2.96 -27.93 -7.71
N VAL F 105 3.01 -27.57 -8.99
CA VAL F 105 3.27 -26.18 -9.35
C VAL F 105 2.14 -25.29 -8.86
N LYS F 106 0.91 -25.60 -9.29
CA LYS F 106 -0.29 -24.94 -8.75
C LYS F 106 -0.63 -25.61 -7.42
N ASP F 107 -0.46 -24.89 -6.31
CA ASP F 107 -0.61 -25.46 -4.99
C ASP F 107 -2.01 -26.02 -4.73
N THR F 108 -2.96 -25.77 -5.62
CA THR F 108 -4.31 -26.30 -5.47
C THR F 108 -4.40 -27.73 -5.99
N ASP F 109 -5.44 -28.43 -5.55
CA ASP F 109 -5.73 -29.78 -6.01
C ASP F 109 -6.68 -29.81 -7.20
N ASP F 110 -7.17 -28.65 -7.63
CA ASP F 110 -8.15 -28.55 -8.72
C ASP F 110 -7.58 -27.64 -9.80
N VAL F 111 -7.22 -28.23 -10.94
CA VAL F 111 -6.70 -27.48 -12.08
C VAL F 111 -7.53 -27.83 -13.31
N PRO F 112 -7.95 -26.86 -14.12
CA PRO F 112 -8.70 -27.18 -15.35
C PRO F 112 -7.89 -28.08 -16.25
N MET F 113 -8.45 -29.26 -16.54
CA MET F 113 -7.66 -30.31 -17.18
C MET F 113 -8.58 -31.26 -17.93
N ILE F 114 -8.16 -31.65 -19.13
CA ILE F 114 -8.87 -32.63 -19.95
C ILE F 114 -7.90 -33.76 -20.31
N LEU F 115 -8.40 -34.99 -20.23
CA LEU F 115 -7.63 -36.18 -20.58
C LEU F 115 -8.02 -36.63 -21.97
N VAL F 116 -7.05 -36.66 -22.89
CA VAL F 116 -7.31 -36.89 -24.31
C VAL F 116 -6.60 -38.17 -24.74
N GLY F 117 -7.38 -39.09 -25.33
CA GLY F 117 -6.82 -40.24 -25.99
C GLY F 117 -6.81 -40.06 -27.49
N ASN F 118 -5.65 -39.72 -28.04
CA ASN F 118 -5.54 -39.38 -29.45
C ASN F 118 -5.38 -40.64 -30.30
N LYS F 119 -5.37 -40.44 -31.62
CA LYS F 119 -5.23 -41.53 -32.59
C LYS F 119 -6.35 -42.56 -32.45
N CYS F 120 -7.56 -42.07 -32.17
CA CYS F 120 -8.70 -42.95 -31.98
C CYS F 120 -9.20 -43.56 -33.28
N ASP F 121 -8.62 -43.19 -34.43
CA ASP F 121 -9.02 -43.79 -35.69
C ASP F 121 -8.37 -45.14 -35.94
N LEU F 122 -7.25 -45.42 -35.30
CA LEU F 122 -6.55 -46.70 -35.45
C LEU F 122 -7.14 -47.72 -34.48
N GLU F 123 -8.40 -48.08 -34.75
CA GLU F 123 -9.10 -49.04 -33.91
C GLU F 123 -8.45 -50.42 -33.98
N ASP F 124 -7.77 -50.72 -35.09
CA ASP F 124 -7.10 -52.02 -35.22
C ASP F 124 -5.87 -52.10 -34.31
N GLU F 125 -5.28 -50.96 -33.97
CA GLU F 125 -4.03 -50.93 -33.22
C GLU F 125 -4.21 -50.57 -31.75
N ARG F 126 -5.44 -50.32 -31.30
CA ARG F 126 -5.63 -49.80 -29.95
C ARG F 126 -5.28 -50.86 -28.90
N VAL F 127 -4.71 -50.39 -27.79
CA VAL F 127 -4.35 -51.26 -26.68
C VAL F 127 -4.89 -50.66 -25.38
N VAL F 128 -5.31 -49.40 -25.44
CA VAL F 128 -5.82 -48.68 -24.27
C VAL F 128 -7.31 -48.49 -24.47
N GLY F 129 -8.12 -49.23 -23.72
CA GLY F 129 -9.55 -49.14 -23.84
C GLY F 129 -10.09 -47.81 -23.36
N LYS F 130 -11.28 -47.47 -23.86
CA LYS F 130 -11.94 -46.22 -23.46
C LYS F 130 -12.22 -46.20 -21.97
N GLU F 131 -12.54 -47.36 -21.40
CA GLU F 131 -12.85 -47.43 -19.97
C GLU F 131 -11.65 -47.05 -19.12
N GLN F 132 -10.44 -47.27 -19.61
CA GLN F 132 -9.24 -46.87 -18.87
C GLN F 132 -9.20 -45.36 -18.70
N GLY F 133 -9.36 -44.63 -19.80
CA GLY F 133 -9.36 -43.18 -19.73
C GLY F 133 -10.54 -42.64 -18.94
N GLN F 134 -11.69 -43.29 -19.06
CA GLN F 134 -12.84 -42.88 -18.26
C GLN F 134 -12.55 -43.02 -16.77
N ASN F 135 -12.02 -44.17 -16.36
CA ASN F 135 -11.68 -44.38 -14.96
C ASN F 135 -10.64 -43.39 -14.48
N LEU F 136 -9.61 -43.12 -15.30
CA LEU F 136 -8.56 -42.21 -14.88
C LEU F 136 -9.10 -40.79 -14.72
N ALA F 137 -9.86 -40.30 -15.70
CA ALA F 137 -10.44 -38.97 -15.58
C ALA F 137 -11.39 -38.89 -14.40
N ARG F 138 -12.11 -39.98 -14.10
CA ARG F 138 -12.95 -40.00 -12.91
C ARG F 138 -12.11 -39.87 -11.64
N GLN F 139 -10.99 -40.58 -11.57
CA GLN F 139 -10.10 -40.47 -10.42
C GLN F 139 -9.50 -39.07 -10.31
N TRP F 140 -9.31 -38.39 -11.44
CA TRP F 140 -8.70 -37.06 -11.46
C TRP F 140 -9.75 -35.98 -11.23
N ASN F 141 -10.36 -36.02 -10.04
CA ASN F 141 -11.37 -35.05 -9.64
C ASN F 141 -12.54 -35.01 -10.63
N ASN F 142 -12.82 -36.15 -11.26
CA ASN F 142 -13.91 -36.27 -12.25
C ASN F 142 -13.77 -35.23 -13.35
N CYS F 143 -12.60 -35.19 -13.97
CA CYS F 143 -12.30 -34.20 -14.98
C CYS F 143 -12.77 -34.69 -16.36
N ALA F 144 -12.60 -33.84 -17.37
CA ALA F 144 -13.08 -34.14 -18.71
C ALA F 144 -12.24 -35.24 -19.36
N PHE F 145 -12.90 -36.05 -20.18
CA PHE F 145 -12.24 -37.13 -20.91
C PHE F 145 -12.77 -37.17 -22.34
N LEU F 146 -11.86 -37.34 -23.30
CA LEU F 146 -12.24 -37.37 -24.70
C LEU F 146 -11.32 -38.34 -25.44
N GLU F 147 -11.80 -38.82 -26.58
CA GLU F 147 -10.99 -39.61 -27.52
C GLU F 147 -11.06 -38.94 -28.88
N SER F 148 -9.92 -38.53 -29.41
CA SER F 148 -9.86 -37.70 -30.61
C SER F 148 -8.97 -38.35 -31.66
N SER F 149 -9.04 -37.80 -32.87
CA SER F 149 -8.22 -38.26 -33.99
C SER F 149 -7.96 -37.07 -34.89
N ALA F 150 -6.69 -36.66 -35.00
CA ALA F 150 -6.35 -35.54 -35.86
C ALA F 150 -6.52 -35.89 -37.33
N LYS F 151 -6.27 -37.14 -37.70
CA LYS F 151 -6.43 -37.56 -39.09
C LYS F 151 -7.90 -37.55 -39.50
N SER F 152 -8.75 -38.22 -38.72
CA SER F 152 -10.17 -38.31 -39.04
C SER F 152 -10.98 -37.11 -38.56
N LYS F 153 -10.32 -36.09 -38.00
CA LYS F 153 -10.98 -34.84 -37.61
C LYS F 153 -12.11 -35.10 -36.62
N ILE F 154 -11.80 -35.86 -35.58
CA ILE F 154 -12.78 -36.24 -34.55
C ILE F 154 -12.37 -35.59 -33.24
N ASN F 155 -13.26 -34.76 -32.69
CA ASN F 155 -13.11 -34.19 -31.35
C ASN F 155 -11.84 -33.35 -31.20
N VAL F 156 -11.45 -32.63 -32.25
CA VAL F 156 -10.27 -31.77 -32.15
C VAL F 156 -10.63 -30.47 -31.44
N ASN F 157 -11.64 -29.77 -31.95
CA ASN F 157 -12.05 -28.50 -31.33
C ASN F 157 -12.67 -28.72 -29.96
N GLU F 158 -13.31 -29.87 -29.75
CA GLU F 158 -14.01 -30.12 -28.49
C GLU F 158 -13.04 -30.18 -27.32
N ILE F 159 -11.79 -30.57 -27.58
CA ILE F 159 -10.77 -30.63 -26.53
C ILE F 159 -10.64 -29.25 -25.87
N PHE F 160 -10.39 -28.23 -26.67
CA PHE F 160 -10.16 -26.89 -26.14
C PHE F 160 -11.47 -26.23 -25.75
N TYR F 161 -12.57 -26.58 -26.41
CA TYR F 161 -13.88 -26.13 -25.95
C TYR F 161 -14.13 -26.55 -24.50
N ASP F 162 -13.99 -27.85 -24.23
CA ASP F 162 -14.17 -28.36 -22.88
C ASP F 162 -13.13 -27.80 -21.92
N LEU F 163 -11.91 -27.52 -22.40
CA LEU F 163 -10.94 -26.85 -21.55
C LEU F 163 -11.45 -25.48 -21.09
N VAL F 164 -11.96 -24.69 -22.04
CA VAL F 164 -12.52 -23.38 -21.69
C VAL F 164 -13.68 -23.53 -20.73
N ARG F 165 -14.53 -24.54 -20.96
CA ARG F 165 -15.63 -24.83 -20.03
C ARG F 165 -15.09 -25.11 -18.62
N GLN F 166 -14.06 -25.96 -18.52
CA GLN F 166 -13.49 -26.29 -17.22
C GLN F 166 -12.93 -25.06 -16.53
N ILE F 167 -12.35 -24.12 -17.30
CA ILE F 167 -11.84 -22.90 -16.69
C ILE F 167 -12.98 -22.10 -16.07
N ASN F 168 -14.09 -21.96 -16.79
CA ASN F 168 -15.25 -21.26 -16.26
C ASN F 168 -15.99 -22.12 -15.23
N LEU G 10 71.71 -57.94 24.32
CA LEU G 10 71.55 -56.54 23.97
C LEU G 10 70.08 -56.13 23.86
N ASP G 11 69.78 -55.22 22.93
CA ASP G 11 68.46 -54.68 22.64
C ASP G 11 67.88 -53.87 23.78
N LYS G 12 68.61 -53.69 24.88
CA LYS G 12 68.20 -52.85 26.00
C LYS G 12 69.28 -51.79 26.19
N GLY G 13 69.14 -50.68 25.47
CA GLY G 13 70.12 -49.62 25.50
C GLY G 13 70.89 -49.41 24.21
N CYS G 14 70.52 -50.09 23.13
CA CYS G 14 71.28 -50.01 21.89
C CYS G 14 71.08 -48.66 21.21
N THR G 15 72.08 -48.25 20.44
CA THR G 15 72.01 -47.06 19.61
C THR G 15 71.90 -47.45 18.15
N VAL G 16 71.68 -46.45 17.30
CA VAL G 16 71.48 -46.71 15.88
C VAL G 16 72.75 -47.25 15.24
N GLU G 17 73.91 -46.76 15.67
CA GLU G 17 75.19 -47.28 15.16
C GLU G 17 75.39 -48.74 15.57
N GLU G 18 75.22 -49.03 16.86
CA GLU G 18 75.37 -50.40 17.34
C GLU G 18 74.39 -51.33 16.65
N LEU G 19 73.15 -50.88 16.44
CA LEU G 19 72.13 -51.74 15.86
C LEU G 19 72.38 -51.95 14.37
N LEU G 20 72.84 -50.91 13.67
CA LEU G 20 73.19 -51.06 12.25
C LEU G 20 74.35 -52.03 12.06
N ARG G 21 75.42 -51.88 12.86
CA ARG G 21 76.50 -52.85 12.81
C ARG G 21 76.01 -54.26 13.13
N GLY G 22 75.13 -54.39 14.12
CA GLY G 22 74.55 -55.69 14.41
C GLY G 22 73.80 -56.28 13.23
N CYS G 23 73.11 -55.43 12.48
CA CYS G 23 72.41 -55.89 11.29
C CYS G 23 73.40 -56.34 10.21
N ILE G 24 74.53 -55.64 10.10
CA ILE G 24 75.55 -56.06 9.14
C ILE G 24 76.13 -57.42 9.54
N GLU G 25 76.49 -57.56 10.82
CA GLU G 25 77.08 -58.81 11.30
C GLU G 25 76.10 -59.97 11.25
N ALA G 26 74.80 -59.69 11.15
CA ALA G 26 73.80 -60.75 11.06
C ALA G 26 73.88 -61.52 9.75
N PHE G 27 74.71 -61.07 8.81
CA PHE G 27 74.86 -61.72 7.51
C PHE G 27 76.13 -62.58 7.48
N ASP G 28 76.14 -63.53 6.57
CA ASP G 28 77.28 -64.38 6.31
C ASP G 28 78.05 -63.87 5.10
N ASP G 29 79.29 -64.34 4.96
CA ASP G 29 80.08 -63.95 3.79
C ASP G 29 79.47 -64.49 2.51
N SER G 30 78.71 -65.59 2.59
CA SER G 30 78.03 -66.14 1.44
C SER G 30 76.70 -65.48 1.15
N GLY G 31 76.21 -64.61 2.03
CA GLY G 31 74.92 -63.98 1.89
C GLY G 31 73.84 -64.53 2.80
N LYS G 32 74.07 -65.71 3.38
CA LYS G 32 73.11 -66.29 4.31
C LYS G 32 72.85 -65.34 5.47
N VAL G 33 71.57 -65.14 5.79
CA VAL G 33 71.17 -64.28 6.89
C VAL G 33 70.90 -65.16 8.11
N ARG G 34 71.63 -64.90 9.20
CA ARG G 34 71.50 -65.72 10.40
C ARG G 34 70.26 -65.32 11.20
N ASP G 35 70.10 -64.01 11.45
CA ASP G 35 69.00 -63.49 12.26
C ASP G 35 68.15 -62.59 11.37
N PRO G 36 67.18 -63.15 10.65
CA PRO G 36 66.35 -62.31 9.77
C PRO G 36 65.36 -61.44 10.51
N GLN G 37 65.00 -61.78 11.74
CA GLN G 37 64.02 -60.97 12.47
C GLN G 37 64.59 -59.61 12.82
N LEU G 38 65.84 -59.57 13.27
CA LEU G 38 66.48 -58.31 13.64
C LEU G 38 66.63 -57.39 12.44
N VAL G 39 67.14 -57.94 11.32
CA VAL G 39 67.38 -57.11 10.15
C VAL G 39 66.06 -56.67 9.54
N ARG G 40 65.03 -57.53 9.55
CA ARG G 40 63.71 -57.12 9.09
C ARG G 40 63.13 -56.02 9.98
N MSE G 41 63.40 -56.09 11.28
CA MSE G 41 62.92 -55.09 12.21
C MSE G 41 63.55 -53.73 11.95
O MSE G 41 62.84 -52.74 11.76
CB MSE G 41 63.17 -55.52 13.65
CG MSE G 41 62.60 -54.57 14.69
SE MSE G 41 63.16 -55.03 16.49
CE MSE G 41 62.56 -56.88 16.53
N PHE G 42 64.88 -53.69 11.93
CA PHE G 42 65.55 -52.39 11.82
C PHE G 42 65.38 -51.79 10.43
N LEU G 43 65.36 -52.62 9.38
CA LEU G 43 65.20 -52.10 8.03
C LEU G 43 63.82 -51.50 7.80
N MSE G 44 62.84 -51.83 8.63
CA MSE G 44 61.51 -51.25 8.50
C MSE G 44 61.30 -50.11 9.50
O MSE G 44 60.74 -49.08 9.15
CB MSE G 44 60.43 -52.33 8.70
CG MSE G 44 59.07 -51.77 9.13
SE MSE G 44 57.53 -52.81 8.55
CE MSE G 44 58.05 -54.57 9.21
N MSE G 45 61.78 -50.31 10.72
CA MSE G 45 61.49 -49.38 11.81
C MSE G 45 62.43 -48.18 11.88
O MSE G 45 62.13 -47.22 12.60
CB MSE G 45 61.54 -50.13 13.14
CG MSE G 45 60.47 -51.20 13.30
SE MSE G 45 58.69 -50.48 13.02
CE MSE G 45 58.75 -49.02 14.31
N HIS G 46 63.54 -48.22 11.15
CA HIS G 46 64.55 -47.17 11.32
C HIS G 46 64.08 -45.76 10.96
N PRO G 47 63.13 -45.53 10.04
CA PRO G 47 62.66 -44.15 9.83
C PRO G 47 62.05 -43.52 11.07
N TRP G 48 61.61 -44.33 12.04
CA TRP G 48 61.14 -43.78 13.31
C TRP G 48 62.24 -43.00 14.01
N TYR G 49 63.50 -43.42 13.85
CA TYR G 49 64.61 -42.85 14.60
C TYR G 49 65.63 -42.10 13.75
N ILE G 50 65.81 -42.50 12.48
CA ILE G 50 66.79 -41.87 11.62
C ILE G 50 66.31 -41.93 10.17
N PRO G 51 66.43 -40.85 9.39
CA PRO G 51 66.01 -40.91 7.99
C PRO G 51 66.77 -41.99 7.23
N SER G 52 66.09 -42.54 6.21
CA SER G 52 66.65 -43.68 5.48
C SER G 52 67.89 -43.26 4.68
N SER G 53 67.89 -42.04 4.14
CA SER G 53 69.05 -41.56 3.41
C SER G 53 70.28 -41.48 4.31
N GLN G 54 70.07 -41.06 5.56
CA GLN G 54 71.18 -40.98 6.50
C GLN G 54 71.71 -42.37 6.87
N LEU G 55 70.81 -43.34 7.00
CA LEU G 55 71.24 -44.72 7.24
C LEU G 55 72.04 -45.26 6.06
N ALA G 56 71.58 -44.95 4.84
CA ALA G 56 72.33 -45.35 3.65
C ALA G 56 73.71 -44.68 3.63
N ALA G 57 73.78 -43.41 4.02
CA ALA G 57 75.07 -42.73 4.13
C ALA G 57 75.98 -43.41 5.14
N LYS G 58 75.41 -43.86 6.26
CA LYS G 58 76.22 -44.57 7.26
C LYS G 58 76.73 -45.91 6.72
N LEU G 59 75.87 -46.64 6.00
CA LEU G 59 76.33 -47.88 5.35
C LEU G 59 77.42 -47.59 4.33
N LEU G 60 77.28 -46.50 3.57
CA LEU G 60 78.31 -46.06 2.63
C LEU G 60 79.63 -45.82 3.35
N HIS G 61 79.59 -45.10 4.48
CA HIS G 61 80.79 -44.81 5.23
C HIS G 61 81.43 -46.09 5.75
N ILE G 62 80.61 -47.03 6.22
CA ILE G 62 81.14 -48.30 6.71
C ILE G 62 81.83 -49.06 5.58
N TYR G 63 81.21 -49.07 4.39
CA TYR G 63 81.81 -49.76 3.26
C TYR G 63 83.13 -49.12 2.84
N GLN G 64 83.17 -47.79 2.80
CA GLN G 64 84.40 -47.09 2.44
C GLN G 64 85.51 -47.39 3.44
N GLN G 65 85.19 -47.32 4.73
CA GLN G 65 86.19 -47.62 5.76
C GLN G 65 86.65 -49.07 5.68
N SER G 66 85.76 -49.98 5.28
CA SER G 66 86.16 -51.36 5.06
C SER G 66 87.05 -51.49 3.83
N ARG G 67 86.84 -50.65 2.83
CA ARG G 67 87.73 -50.62 1.67
C ARG G 67 89.14 -50.22 2.08
N LYS G 68 89.26 -49.12 2.83
CA LYS G 68 90.58 -48.64 3.22
C LYS G 68 91.27 -49.59 4.18
N ASP G 69 90.50 -50.32 4.99
CA ASP G 69 91.05 -51.30 5.93
C ASP G 69 91.19 -52.70 5.34
N ASN G 70 90.77 -52.89 4.08
CA ASN G 70 90.86 -54.16 3.37
C ASN G 70 90.13 -55.30 4.10
N SER G 71 89.17 -54.96 4.96
CA SER G 71 88.33 -55.96 5.62
C SER G 71 87.27 -56.40 4.62
N ASN G 72 87.55 -57.51 3.92
CA ASN G 72 86.66 -57.97 2.85
C ASN G 72 85.32 -58.44 3.41
N SER G 73 85.35 -59.10 4.58
CA SER G 73 84.12 -59.58 5.20
C SER G 73 83.14 -58.45 5.43
N LEU G 74 83.60 -57.33 6.00
CA LEU G 74 82.70 -56.20 6.23
C LEU G 74 82.13 -55.68 4.92
N GLN G 75 82.95 -55.63 3.86
CA GLN G 75 82.47 -55.17 2.57
C GLN G 75 81.33 -56.06 2.07
N VAL G 76 81.57 -57.37 2.01
CA VAL G 76 80.57 -58.25 1.43
C VAL G 76 79.32 -58.32 2.32
N LYS G 77 79.48 -58.25 3.64
CA LYS G 77 78.33 -58.23 4.53
C LYS G 77 77.50 -56.96 4.34
N THR G 78 78.16 -55.80 4.25
CA THR G 78 77.46 -54.55 4.00
C THR G 78 76.69 -54.60 2.69
N CYS G 79 77.33 -55.11 1.64
CA CYS G 79 76.67 -55.21 0.35
C CYS G 79 75.48 -56.16 0.42
N HIS G 80 75.60 -57.25 1.19
CA HIS G 80 74.47 -58.16 1.36
C HIS G 80 73.33 -57.49 2.14
N LEU G 81 73.67 -56.66 3.12
CA LEU G 81 72.64 -55.91 3.84
C LEU G 81 71.91 -54.96 2.90
N VAL G 82 72.65 -54.25 2.05
CA VAL G 82 72.01 -53.33 1.10
C VAL G 82 71.14 -54.13 0.13
N ARG G 83 71.60 -55.31 -0.28
CA ARG G 83 70.83 -56.17 -1.17
C ARG G 83 69.51 -56.56 -0.53
N TYR G 84 69.57 -57.04 0.71
CA TYR G 84 68.36 -57.43 1.43
C TYR G 84 67.42 -56.24 1.60
N TRP G 85 67.98 -55.06 1.89
CA TRP G 85 67.17 -53.85 2.02
C TRP G 85 66.45 -53.51 0.72
N ILE G 86 67.17 -53.59 -0.41
CA ILE G 86 66.56 -53.23 -1.69
C ILE G 86 65.50 -54.26 -2.08
N SER G 87 65.79 -55.54 -1.89
CA SER G 87 64.81 -56.57 -2.25
C SER G 87 63.58 -56.53 -1.35
N ALA G 88 63.76 -56.15 -0.09
CA ALA G 88 62.64 -56.19 0.86
C ALA G 88 61.75 -54.96 0.75
N PHE G 89 62.33 -53.78 0.53
CA PHE G 89 61.58 -52.52 0.53
C PHE G 89 61.92 -51.73 -0.73
N PRO G 90 61.42 -52.16 -1.90
CA PRO G 90 61.73 -51.43 -3.13
C PRO G 90 60.99 -50.11 -3.28
N ALA G 91 59.76 -50.04 -2.78
CA ALA G 91 58.95 -48.83 -2.95
C ALA G 91 59.66 -47.61 -2.40
N GLU G 92 60.30 -47.74 -1.22
CA GLU G 92 61.03 -46.61 -0.65
C GLU G 92 62.22 -46.21 -1.51
N PHE G 93 62.88 -47.18 -2.14
CA PHE G 93 64.01 -46.86 -3.00
C PHE G 93 63.55 -46.14 -4.27
N ASP G 94 62.34 -46.43 -4.74
CA ASP G 94 61.80 -45.69 -5.87
C ASP G 94 61.36 -44.29 -5.45
N LEU G 95 60.72 -44.17 -4.28
CA LEU G 95 60.10 -42.91 -3.89
C LEU G 95 61.11 -41.90 -3.37
N ASN G 96 62.13 -42.35 -2.63
CA ASN G 96 63.04 -41.45 -1.95
C ASN G 96 64.19 -41.09 -2.89
N PRO G 97 64.31 -39.84 -3.33
CA PRO G 97 65.41 -39.52 -4.26
C PRO G 97 66.77 -39.49 -3.59
N GLU G 98 66.84 -39.04 -2.34
CA GLU G 98 68.12 -38.96 -1.65
C GLU G 98 68.66 -40.36 -1.31
N LEU G 99 67.77 -41.26 -0.88
CA LEU G 99 68.17 -42.65 -0.66
C LEU G 99 68.69 -43.27 -1.96
N ALA G 100 67.99 -43.03 -3.07
CA ALA G 100 68.45 -43.54 -4.36
C ALA G 100 69.79 -42.94 -4.75
N GLU G 101 70.03 -41.67 -4.41
CA GLU G 101 71.32 -41.06 -4.69
C GLU G 101 72.43 -41.70 -3.86
N GLN G 102 72.15 -42.00 -2.60
CA GLN G 102 73.14 -42.69 -1.77
C GLN G 102 73.48 -44.06 -2.35
N ILE G 103 72.46 -44.81 -2.77
CA ILE G 103 72.72 -46.10 -3.40
C ILE G 103 73.47 -45.93 -4.71
N LYS G 104 73.20 -44.86 -5.46
CA LYS G 104 73.96 -44.54 -6.66
C LYS G 104 75.44 -44.37 -6.36
N GLU G 105 75.75 -43.56 -5.36
CA GLU G 105 77.14 -43.35 -4.96
C GLU G 105 77.80 -44.65 -4.51
N LEU G 106 77.06 -45.48 -3.77
CA LEU G 106 77.63 -46.76 -3.33
C LEU G 106 77.91 -47.67 -4.52
N LYS G 107 77.00 -47.69 -5.51
CA LYS G 107 77.23 -48.46 -6.73
C LYS G 107 78.46 -47.95 -7.47
N ALA G 108 78.66 -46.63 -7.49
CA ALA G 108 79.86 -46.09 -8.12
C ALA G 108 81.12 -46.56 -7.40
N LEU G 109 81.10 -46.54 -6.07
CA LEU G 109 82.23 -47.05 -5.30
C LEU G 109 82.48 -48.52 -5.59
N LEU G 110 81.41 -49.30 -5.77
CA LEU G 110 81.58 -50.71 -6.12
C LEU G 110 82.18 -50.88 -7.51
N ASP G 111 81.72 -50.07 -8.47
CA ASP G 111 82.26 -50.15 -9.83
C ASP G 111 83.72 -49.73 -9.90
N GLN G 112 84.16 -48.84 -9.01
CA GLN G 112 85.56 -48.43 -9.05
C GLN G 112 86.48 -49.56 -8.60
N GLU G 113 86.09 -50.29 -7.56
CA GLU G 113 86.76 -51.53 -7.25
C GLU G 113 86.54 -52.52 -8.38
N GLY G 114 87.58 -53.29 -8.72
CA GLY G 114 87.35 -54.43 -9.58
C GLY G 114 86.41 -55.35 -8.84
N ASN G 115 85.15 -55.39 -9.26
CA ASN G 115 84.12 -56.00 -8.43
C ASN G 115 84.33 -57.50 -8.30
N ARG G 116 84.25 -57.99 -7.07
CA ARG G 116 84.30 -59.43 -6.81
C ARG G 116 82.90 -60.03 -6.92
N ARG G 117 82.27 -59.78 -8.07
CA ARG G 117 80.83 -59.94 -8.28
C ARG G 117 80.03 -59.04 -7.34
N HIS G 118 80.67 -58.02 -6.77
CA HIS G 118 80.00 -57.16 -5.79
C HIS G 118 79.10 -56.15 -6.46
N SER G 119 79.53 -55.56 -7.59
CA SER G 119 78.73 -54.55 -8.26
C SER G 119 77.42 -55.12 -8.78
N SER G 120 77.39 -56.42 -9.08
CA SER G 120 76.17 -57.06 -9.54
C SER G 120 75.15 -57.23 -8.41
N LEU G 121 75.60 -57.19 -7.16
CA LEU G 121 74.69 -57.36 -6.03
C LEU G 121 73.60 -56.29 -6.03
N ILE G 122 73.96 -55.06 -6.36
CA ILE G 122 73.10 -53.91 -6.14
C ILE G 122 72.55 -53.44 -7.49
N ASP G 123 71.25 -53.62 -7.68
CA ASP G 123 70.56 -53.22 -8.90
C ASP G 123 69.24 -52.56 -8.52
N ILE G 124 69.01 -51.36 -9.04
CA ILE G 124 67.75 -50.66 -8.86
C ILE G 124 66.87 -50.75 -10.11
N ASP G 125 67.08 -51.77 -10.94
CA ASP G 125 66.37 -51.91 -12.20
C ASP G 125 65.21 -52.90 -12.13
N SER G 126 65.35 -53.99 -11.37
CA SER G 126 64.37 -55.08 -11.28
C SER G 126 63.12 -54.70 -10.50
N VAL G 127 62.93 -53.43 -10.17
CA VAL G 127 61.85 -53.00 -9.29
C VAL G 127 60.68 -52.51 -10.15
N PRO G 128 59.45 -52.95 -9.87
CA PRO G 128 58.31 -52.56 -10.73
C PRO G 128 58.11 -51.05 -10.80
N THR G 129 58.13 -50.38 -9.66
CA THR G 129 58.19 -48.91 -9.57
C THR G 129 57.08 -48.22 -10.36
N TYR G 130 55.84 -48.49 -9.97
CA TYR G 130 54.74 -47.60 -10.34
C TYR G 130 54.40 -46.74 -9.12
N LYS G 131 55.26 -45.75 -8.87
CA LYS G 131 54.99 -44.79 -7.81
C LYS G 131 53.70 -44.03 -8.06
N TRP G 132 53.37 -43.80 -9.33
CA TRP G 132 52.17 -43.05 -9.70
C TRP G 132 50.91 -43.64 -9.08
N LYS G 133 50.91 -44.93 -8.72
CA LYS G 133 49.72 -45.53 -8.14
C LYS G 133 49.33 -44.86 -6.83
N ARG G 134 50.30 -44.29 -6.10
CA ARG G 134 49.96 -43.54 -4.90
C ARG G 134 49.66 -42.07 -5.18
N GLN G 135 50.07 -41.58 -6.36
CA GLN G 135 49.83 -40.21 -6.79
C GLN G 135 48.64 -40.07 -7.72
N VAL G 136 48.44 -41.03 -8.61
CA VAL G 136 47.43 -40.93 -9.66
C VAL G 136 46.16 -41.73 -9.31
N THR G 137 45.99 -42.10 -8.03
CA THR G 137 44.81 -42.85 -7.62
C THR G 137 43.61 -41.90 -7.69
N GLN G 138 43.13 -41.69 -8.92
CA GLN G 138 42.00 -40.82 -9.17
C GLN G 138 41.24 -41.37 -10.36
N ARG G 139 39.98 -40.92 -10.47
CA ARG G 139 39.14 -41.22 -11.63
C ARG G 139 38.28 -40.01 -11.91
N ASN G 140 37.73 -39.96 -13.12
CA ASN G 140 36.87 -38.82 -13.41
C ASN G 140 35.69 -39.17 -14.33
N PRO G 141 34.86 -40.15 -13.99
CA PRO G 141 33.64 -40.37 -14.77
C PRO G 141 32.57 -39.36 -14.41
N VAL G 142 31.62 -39.19 -15.35
CA VAL G 142 30.54 -38.22 -15.16
C VAL G 142 29.77 -38.52 -13.89
N GLY G 143 29.67 -39.78 -13.50
CA GLY G 143 28.63 -40.22 -12.61
C GLY G 143 27.31 -40.44 -13.30
N GLN G 144 27.15 -39.90 -14.52
CA GLN G 144 26.07 -40.23 -15.45
C GLN G 144 24.69 -40.07 -14.82
N LYS G 145 24.60 -39.30 -13.74
CA LYS G 145 23.41 -39.11 -12.90
C LYS G 145 22.85 -40.46 -12.47
N LYS G 146 23.64 -41.52 -12.65
CA LYS G 146 23.11 -42.87 -12.55
C LYS G 146 22.83 -43.24 -11.11
N ARG G 147 21.65 -43.81 -10.89
CA ARG G 147 21.32 -44.48 -9.65
C ARG G 147 21.20 -45.98 -9.85
N LYS G 148 21.57 -46.48 -11.04
CA LYS G 148 21.33 -47.87 -11.41
C LYS G 148 21.85 -48.86 -10.39
N MSE G 149 22.82 -48.48 -9.56
CA MSE G 149 23.29 -49.35 -8.50
C MSE G 149 22.22 -49.54 -7.45
O MSE G 149 22.13 -50.60 -6.83
CB MSE G 149 24.57 -48.79 -7.87
CG MSE G 149 25.15 -49.64 -6.76
SE MSE G 149 25.79 -51.37 -7.38
CE MSE G 149 26.26 -52.17 -5.68
N SER G 150 21.39 -48.52 -7.24
CA SER G 150 20.28 -48.64 -6.31
C SER G 150 19.34 -49.76 -6.72
N LEU G 151 18.87 -49.74 -7.98
CA LEU G 151 18.04 -50.83 -8.47
C LEU G 151 18.81 -52.14 -8.53
N LEU G 152 20.12 -52.09 -8.78
CA LEU G 152 20.86 -53.32 -9.08
C LEU G 152 21.19 -54.10 -7.82
N PHE G 153 21.65 -53.43 -6.75
CA PHE G 153 22.08 -54.16 -5.56
C PHE G 153 20.92 -54.89 -4.90
N ASP G 154 19.68 -54.46 -5.19
CA ASP G 154 18.52 -55.19 -4.71
C ASP G 154 18.55 -56.65 -5.18
N HIS G 155 18.94 -56.88 -6.43
CA HIS G 155 19.01 -58.22 -6.99
C HIS G 155 20.40 -58.82 -6.91
N LEU G 156 21.37 -58.10 -6.36
CA LEU G 156 22.73 -58.58 -6.28
C LEU G 156 22.86 -59.64 -5.19
N GLU G 157 23.49 -60.76 -5.53
CA GLU G 157 23.83 -61.76 -4.53
C GLU G 157 24.69 -61.12 -3.44
N PRO G 158 24.41 -61.36 -2.16
CA PRO G 158 25.17 -60.69 -1.09
C PRO G 158 26.66 -60.98 -1.18
N MSE G 159 27.02 -62.26 -1.14
CA MSE G 159 28.41 -62.70 -1.25
C MSE G 159 29.17 -61.95 -2.33
O MSE G 159 30.17 -61.29 -2.05
CB MSE G 159 28.45 -64.21 -1.53
CG MSE G 159 29.83 -64.76 -1.86
SE MSE G 159 31.18 -64.36 -0.51
CE MSE G 159 32.26 -65.97 -0.68
N GLU G 160 28.65 -62.03 -3.56
CA GLU G 160 29.23 -61.31 -4.69
C GLU G 160 29.54 -59.86 -4.32
N LEU G 161 28.51 -59.11 -3.88
CA LEU G 161 28.73 -57.74 -3.46
C LEU G 161 29.87 -57.65 -2.46
N ALA G 162 29.79 -58.44 -1.39
CA ALA G 162 30.86 -58.48 -0.41
C ALA G 162 32.22 -58.63 -1.10
N GLU G 163 32.35 -59.66 -1.93
CA GLU G 163 33.59 -59.89 -2.65
C GLU G 163 34.08 -58.61 -3.31
N HIS G 164 33.21 -57.98 -4.12
CA HIS G 164 33.62 -56.78 -4.83
C HIS G 164 34.05 -55.70 -3.86
N LEU G 165 33.26 -55.47 -2.80
CA LEU G 165 33.64 -54.49 -1.79
C LEU G 165 35.04 -54.80 -1.28
N THR G 166 35.28 -56.05 -0.88
CA THR G 166 36.59 -56.47 -0.42
C THR G 166 37.67 -55.99 -1.39
N TYR G 167 37.51 -56.36 -2.66
CA TYR G 167 38.49 -55.99 -3.67
C TYR G 167 38.83 -54.52 -3.58
N LEU G 168 37.79 -53.67 -3.65
CA LEU G 168 38.01 -52.23 -3.61
C LEU G 168 38.90 -51.85 -2.44
N GLU G 169 38.47 -52.23 -1.22
CA GLU G 169 39.23 -51.83 -0.04
C GLU G 169 40.65 -52.37 -0.11
N TYR G 170 40.81 -53.62 -0.54
CA TYR G 170 42.14 -54.19 -0.62
C TYR G 170 43.00 -53.40 -1.59
N ARG G 171 42.42 -53.01 -2.73
CA ARG G 171 43.17 -52.24 -3.72
C ARG G 171 43.66 -50.92 -3.14
N SER G 172 42.92 -50.36 -2.19
CA SER G 172 43.40 -49.16 -1.51
C SER G 172 44.46 -49.50 -0.47
N PHE G 173 44.23 -50.59 0.28
CA PHE G 173 45.11 -50.93 1.39
C PHE G 173 46.54 -51.16 0.92
N CYS G 174 46.70 -51.80 -0.24
CA CYS G 174 48.02 -52.10 -0.75
C CYS G 174 48.83 -50.85 -1.08
N LYS G 175 48.17 -49.71 -1.29
CA LYS G 175 48.88 -48.49 -1.61
C LYS G 175 49.47 -47.80 -0.38
N ILE G 176 49.26 -48.35 0.81
CA ILE G 176 49.75 -47.75 2.05
C ILE G 176 51.15 -48.29 2.32
N LEU G 177 52.11 -47.39 2.46
CA LEU G 177 53.48 -47.75 2.81
C LEU G 177 53.76 -47.42 4.27
N PHE G 178 54.94 -47.85 4.74
CA PHE G 178 55.33 -47.62 6.12
C PHE G 178 55.38 -46.13 6.44
N GLN G 179 55.78 -45.30 5.48
CA GLN G 179 55.85 -43.85 5.71
C GLN G 179 54.50 -43.32 6.16
N ASP G 180 53.42 -43.85 5.60
CA ASP G 180 52.08 -43.36 5.91
C ASP G 180 51.67 -43.73 7.33
N TYR G 181 51.90 -44.99 7.71
CA TYR G 181 51.67 -45.40 9.10
C TYR G 181 52.48 -44.54 10.06
N HIS G 182 53.76 -44.31 9.74
CA HIS G 182 54.61 -43.51 10.59
C HIS G 182 54.06 -42.11 10.78
N SER G 183 53.67 -41.46 9.67
CA SER G 183 53.13 -40.10 9.76
C SER G 183 51.83 -40.08 10.55
N PHE G 184 50.97 -41.08 10.36
CA PHE G 184 49.72 -41.15 11.11
C PHE G 184 49.99 -41.27 12.60
N VAL G 185 50.79 -42.25 12.99
CA VAL G 185 51.04 -42.50 14.41
C VAL G 185 51.75 -41.31 15.05
N THR G 186 52.64 -40.65 14.31
CA THR G 186 53.30 -39.47 14.83
C THR G 186 52.32 -38.32 15.05
N HIS G 187 51.47 -38.06 14.05
CA HIS G 187 50.53 -36.94 14.16
C HIS G 187 49.24 -37.31 14.89
N GLY G 188 48.97 -38.60 15.07
CA GLY G 188 47.70 -39.03 15.62
C GLY G 188 46.55 -38.98 14.66
N CYS G 189 46.72 -38.35 13.50
CA CYS G 189 45.70 -38.27 12.47
C CYS G 189 46.41 -38.19 11.12
N THR G 190 45.62 -38.09 10.05
CA THR G 190 46.16 -37.99 8.70
C THR G 190 46.45 -36.52 8.41
N VAL G 191 47.73 -36.16 8.46
CA VAL G 191 48.19 -34.82 8.10
C VAL G 191 49.15 -34.96 6.93
N ASP G 192 48.78 -34.37 5.79
CA ASP G 192 49.57 -34.47 4.57
C ASP G 192 49.84 -35.93 4.20
N ASN G 193 48.82 -36.77 4.39
CA ASN G 193 48.92 -38.21 4.16
C ASN G 193 47.77 -38.63 3.24
N PRO G 194 47.88 -38.33 1.94
CA PRO G 194 46.73 -38.54 1.05
C PRO G 194 46.37 -40.00 0.82
N VAL G 195 47.33 -40.92 0.91
CA VAL G 195 47.02 -42.33 0.65
C VAL G 195 46.16 -42.91 1.78
N LEU G 196 46.64 -42.78 3.02
CA LEU G 196 45.86 -43.26 4.15
C LEU G 196 44.56 -42.49 4.28
N GLU G 197 44.59 -41.19 3.98
CA GLU G 197 43.36 -40.40 3.97
C GLU G 197 42.36 -40.94 2.96
N ARG G 198 42.84 -41.33 1.78
CA ARG G 198 41.93 -41.88 0.76
C ARG G 198 41.38 -43.22 1.20
N PHE G 199 42.20 -44.06 1.84
CA PHE G 199 41.70 -45.34 2.35
C PHE G 199 40.62 -45.13 3.40
N ILE G 200 40.87 -44.26 4.37
CA ILE G 200 39.89 -43.95 5.41
C ILE G 200 38.62 -43.38 4.80
N SER G 201 38.77 -42.48 3.82
CA SER G 201 37.60 -41.91 3.16
C SER G 201 36.80 -42.97 2.43
N LEU G 202 37.46 -43.98 1.85
CA LEU G 202 36.74 -45.07 1.20
C LEU G 202 35.99 -45.92 2.23
N PHE G 203 36.63 -46.18 3.38
CA PHE G 203 35.96 -46.84 4.50
C PHE G 203 34.66 -46.12 4.86
N ASN G 204 34.78 -44.81 5.14
CA ASN G 204 33.60 -44.04 5.50
C ASN G 204 32.62 -43.95 4.34
N SER G 205 33.11 -44.06 3.10
CA SER G 205 32.22 -44.09 1.96
C SER G 205 31.39 -45.36 1.94
N VAL G 206 31.99 -46.49 2.31
CA VAL G 206 31.25 -47.74 2.41
C VAL G 206 30.15 -47.61 3.46
N SER G 207 30.52 -47.09 4.64
CA SER G 207 29.52 -46.92 5.69
C SER G 207 28.38 -45.99 5.27
N GLN G 208 28.73 -44.84 4.70
CA GLN G 208 27.72 -43.87 4.27
C GLN G 208 26.90 -44.40 3.11
N TRP G 209 27.47 -45.27 2.28
CA TRP G 209 26.70 -45.91 1.23
C TRP G 209 25.67 -46.85 1.79
N VAL G 210 26.05 -47.62 2.82
CA VAL G 210 25.06 -48.43 3.54
C VAL G 210 23.93 -47.55 4.05
N GLN G 211 24.29 -46.44 4.70
CA GLN G 211 23.28 -45.51 5.23
C GLN G 211 22.35 -45.01 4.12
N LEU G 212 22.92 -44.57 3.00
CA LEU G 212 22.12 -44.03 1.90
C LEU G 212 21.23 -45.10 1.27
N MSE G 213 21.73 -46.32 1.15
CA MSE G 213 20.92 -47.39 0.57
C MSE G 213 19.77 -47.77 1.50
O MSE G 213 18.72 -48.20 1.03
CB MSE G 213 21.78 -48.63 0.29
CG MSE G 213 22.75 -48.47 -0.88
SE MSE G 213 21.87 -48.03 -2.57
CE MSE G 213 22.08 -46.10 -2.56
N ILE G 214 19.95 -47.58 2.80
CA ILE G 214 18.85 -47.81 3.73
C ILE G 214 17.82 -46.68 3.64
N LEU G 215 18.30 -45.43 3.65
CA LEU G 215 17.41 -44.28 3.60
C LEU G 215 16.81 -44.03 2.22
N SER G 216 17.25 -44.75 1.19
CA SER G 216 16.73 -44.50 -0.16
C SER G 216 15.30 -44.98 -0.33
N LYS G 217 14.93 -46.08 0.33
CA LYS G 217 13.59 -46.62 0.18
C LYS G 217 12.58 -45.75 0.93
N PRO G 218 11.35 -45.63 0.40
CA PRO G 218 10.38 -44.72 0.99
C PRO G 218 9.46 -45.35 2.04
N THR G 219 9.44 -46.67 2.16
CA THR G 219 8.55 -47.35 3.10
C THR G 219 9.37 -48.24 4.03
N ALA G 220 8.83 -48.45 5.24
CA ALA G 220 9.59 -49.11 6.30
C ALA G 220 9.96 -50.56 5.98
N PRO G 221 9.06 -51.42 5.49
CA PRO G 221 9.49 -52.81 5.19
C PRO G 221 10.60 -52.89 4.16
N GLN G 222 10.60 -52.01 3.16
CA GLN G 222 11.68 -52.01 2.16
C GLN G 222 13.02 -51.64 2.81
N ARG G 223 13.01 -50.63 3.68
CA ARG G 223 14.23 -50.29 4.41
C ARG G 223 14.69 -51.44 5.29
N ALA G 224 13.77 -52.13 5.95
CA ALA G 224 14.12 -53.32 6.71
C ALA G 224 14.73 -54.39 5.81
N LEU G 225 14.21 -54.50 4.58
CA LEU G 225 14.76 -55.47 3.63
C LEU G 225 16.19 -55.15 3.28
N VAL G 226 16.48 -53.89 3.00
CA VAL G 226 17.87 -53.54 2.65
C VAL G 226 18.77 -53.67 3.87
N ILE G 227 18.25 -53.45 5.08
CA ILE G 227 19.03 -53.71 6.29
C ILE G 227 19.38 -55.19 6.39
N THR G 228 18.40 -56.05 6.15
CA THR G 228 18.66 -57.50 6.13
C THR G 228 19.70 -57.85 5.08
N HIS G 229 19.60 -57.23 3.91
CA HIS G 229 20.57 -57.50 2.84
C HIS G 229 21.99 -57.13 3.28
N PHE G 230 22.15 -55.96 3.88
CA PHE G 230 23.48 -55.57 4.34
C PHE G 230 23.97 -56.42 5.51
N VAL G 231 23.06 -56.92 6.35
CA VAL G 231 23.47 -57.87 7.36
C VAL G 231 24.02 -59.14 6.72
N HIS G 232 23.39 -59.58 5.62
CA HIS G 232 23.91 -60.75 4.92
C HIS G 232 25.25 -60.47 4.25
N VAL G 233 25.43 -59.28 3.69
CA VAL G 233 26.73 -58.98 3.08
C VAL G 233 27.80 -58.87 4.16
N ALA G 234 27.42 -58.45 5.38
CA ALA G 234 28.38 -58.45 6.48
C ALA G 234 28.73 -59.87 6.91
N GLU G 235 27.72 -60.75 6.97
CA GLU G 235 27.98 -62.16 7.23
C GLU G 235 28.95 -62.74 6.21
N LYS G 236 28.76 -62.42 4.93
CA LYS G 236 29.64 -62.93 3.89
C LYS G 236 31.04 -62.31 3.98
N LEU G 237 31.12 -61.05 4.39
CA LEU G 237 32.43 -60.43 4.63
C LEU G 237 33.16 -61.15 5.75
N LEU G 238 32.44 -61.52 6.81
CA LEU G 238 33.05 -62.30 7.87
C LEU G 238 33.51 -63.66 7.37
N GLN G 239 32.67 -64.32 6.56
CA GLN G 239 33.09 -65.57 5.93
C GLN G 239 34.30 -65.35 5.03
N LEU G 240 34.35 -64.20 4.35
CA LEU G 240 35.49 -63.84 3.52
C LEU G 240 36.72 -63.48 4.35
N GLN G 241 36.59 -63.44 5.68
CA GLN G 241 37.67 -63.04 6.58
C GLN G 241 38.17 -61.63 6.28
N ASN G 242 37.23 -60.76 5.90
CA ASN G 242 37.49 -59.34 5.66
C ASN G 242 36.83 -58.58 6.79
N PHE G 243 37.57 -58.41 7.89
CA PHE G 243 37.04 -57.76 9.08
C PHE G 243 36.96 -56.24 8.91
N ASN G 244 37.82 -55.66 8.07
CA ASN G 244 37.86 -54.21 7.91
C ASN G 244 36.55 -53.69 7.31
N THR G 245 36.15 -54.23 6.17
CA THR G 245 34.90 -53.82 5.55
C THR G 245 33.69 -54.23 6.40
N LEU G 246 33.81 -55.36 7.10
CA LEU G 246 32.77 -55.78 8.04
C LEU G 246 32.44 -54.65 9.02
N MSE G 247 33.45 -54.20 9.76
CA MSE G 247 33.33 -53.03 10.63
C MSE G 247 32.73 -51.85 9.89
O MSE G 247 31.95 -51.07 10.45
CB MSE G 247 34.71 -52.65 11.18
CG MSE G 247 34.78 -51.29 11.86
SE MSE G 247 34.15 -51.31 13.70
CE MSE G 247 32.54 -50.26 13.50
N ALA G 248 33.07 -51.71 8.60
CA ALA G 248 32.55 -50.62 7.80
C ALA G 248 31.04 -50.69 7.67
N VAL G 249 30.49 -51.88 7.45
CA VAL G 249 29.05 -52.00 7.23
C VAL G 249 28.30 -52.16 8.55
N VAL G 250 28.81 -53.00 9.46
CA VAL G 250 28.18 -53.15 10.77
C VAL G 250 28.08 -51.80 11.47
N GLY G 251 29.21 -51.11 11.59
CA GLY G 251 29.19 -49.77 12.14
C GLY G 251 28.32 -48.81 11.34
N GLY G 252 28.19 -49.07 10.04
CA GLY G 252 27.27 -48.28 9.23
C GLY G 252 25.82 -48.57 9.55
N LEU G 253 25.52 -49.82 9.93
CA LEU G 253 24.17 -50.18 10.32
C LEU G 253 23.76 -49.61 11.67
N SER G 254 24.71 -49.11 12.46
CA SER G 254 24.44 -48.56 13.78
C SER G 254 24.59 -47.04 13.81
N HIS G 255 24.63 -46.40 12.64
CA HIS G 255 24.66 -44.95 12.60
C HIS G 255 23.38 -44.37 13.17
N SER G 256 23.47 -43.15 13.70
CA SER G 256 22.32 -42.52 14.34
C SER G 256 21.12 -42.46 13.40
N SER G 257 21.36 -42.14 12.12
CA SER G 257 20.27 -42.02 11.16
C SER G 257 19.48 -43.31 11.01
N ILE G 258 20.15 -44.47 11.12
CA ILE G 258 19.46 -45.73 10.92
C ILE G 258 18.98 -46.34 12.23
N SER G 259 19.70 -46.10 13.33
CA SER G 259 19.30 -46.69 14.61
C SER G 259 17.99 -46.10 15.13
N ARG G 260 17.73 -44.83 14.86
CA ARG G 260 16.51 -44.19 15.33
C ARG G 260 15.29 -44.56 14.51
N LEU G 261 15.47 -45.33 13.43
CA LEU G 261 14.36 -45.79 12.60
C LEU G 261 13.73 -47.02 13.25
N LYS G 262 13.00 -46.76 14.34
CA LYS G 262 12.39 -47.85 15.11
C LYS G 262 11.29 -48.55 14.32
N GLU G 263 10.61 -47.83 13.43
CA GLU G 263 9.49 -48.43 12.71
C GLU G 263 9.96 -49.44 11.67
N THR G 264 11.05 -49.14 10.96
CA THR G 264 11.66 -50.16 10.10
C THR G 264 12.31 -51.26 10.92
N HIS G 265 12.83 -50.92 12.09
CA HIS G 265 13.44 -51.91 12.97
C HIS G 265 12.41 -52.90 13.50
N SER G 266 11.12 -52.57 13.44
CA SER G 266 10.10 -53.55 13.80
C SER G 266 9.95 -54.63 12.73
N HIS G 267 10.28 -54.29 11.47
CA HIS G 267 10.04 -55.19 10.35
C HIS G 267 11.20 -56.15 10.06
N VAL G 268 12.38 -55.92 10.64
CA VAL G 268 13.49 -56.86 10.43
C VAL G 268 13.20 -58.15 11.18
N SER G 269 13.59 -59.27 10.57
CA SER G 269 13.31 -60.57 11.15
C SER G 269 14.08 -60.78 12.45
N PRO G 270 13.50 -61.51 13.40
CA PRO G 270 14.25 -61.82 14.63
C PRO G 270 15.50 -62.65 14.38
N GLU G 271 15.49 -63.53 13.37
CA GLU G 271 16.71 -64.23 12.98
C GLU G 271 17.77 -63.24 12.50
N THR G 272 17.35 -62.31 11.65
CA THR G 272 18.25 -61.25 11.20
C THR G 272 18.79 -60.45 12.38
N ILE G 273 17.94 -60.17 13.37
CA ILE G 273 18.39 -59.44 14.55
C ILE G 273 19.44 -60.24 15.31
N LYS G 274 19.19 -61.55 15.50
CA LYS G 274 20.14 -62.39 16.21
C LYS G 274 21.51 -62.37 15.51
N LEU G 275 21.52 -62.62 14.21
CA LEU G 275 22.77 -62.64 13.45
C LEU G 275 23.45 -61.27 13.49
N TRP G 276 22.66 -60.20 13.35
CA TRP G 276 23.18 -58.84 13.36
C TRP G 276 23.87 -58.52 14.69
N GLU G 277 23.18 -58.76 15.81
CA GLU G 277 23.79 -58.50 17.12
C GLU G 277 25.00 -59.39 17.36
N GLY G 278 25.02 -60.60 16.79
CA GLY G 278 26.23 -61.40 16.88
C GLY G 278 27.40 -60.74 16.17
N LEU G 279 27.16 -60.25 14.96
CA LEU G 279 28.23 -59.56 14.23
C LEU G 279 28.68 -58.29 14.96
N THR G 280 27.74 -57.53 15.50
CA THR G 280 28.09 -56.33 16.25
C THR G 280 28.92 -56.68 17.49
N GLU G 281 28.58 -57.78 18.16
CA GLU G 281 29.38 -58.23 19.30
C GLU G 281 30.77 -58.67 18.87
N LEU G 282 30.90 -59.21 17.66
CA LEU G 282 32.23 -59.61 17.18
C LEU G 282 33.19 -58.44 17.15
N VAL G 283 32.70 -57.25 16.79
CA VAL G 283 33.57 -56.11 16.58
C VAL G 283 33.40 -55.11 17.71
N THR G 284 33.05 -55.61 18.90
CA THR G 284 32.88 -54.74 20.04
C THR G 284 34.23 -54.23 20.53
N ALA G 285 34.23 -52.99 21.02
CA ALA G 285 35.41 -52.46 21.69
C ALA G 285 35.53 -52.96 23.12
N THR G 286 34.46 -53.53 23.67
CA THR G 286 34.52 -54.15 24.99
C THR G 286 35.59 -55.23 25.02
N GLY G 287 36.37 -55.24 26.09
CA GLY G 287 37.48 -56.16 26.18
C GLY G 287 38.64 -55.82 25.28
N ASN G 288 38.74 -54.55 24.85
CA ASN G 288 39.80 -54.09 23.97
C ASN G 288 39.81 -54.89 22.66
N TYR G 289 38.63 -54.98 22.04
CA TYR G 289 38.46 -55.70 20.78
C TYR G 289 38.94 -57.14 20.88
N GLY G 290 38.66 -57.77 22.02
CA GLY G 290 39.16 -59.11 22.26
C GLY G 290 38.59 -60.14 21.32
N ASN G 291 37.28 -60.07 21.06
CA ASN G 291 36.65 -61.01 20.14
C ASN G 291 37.27 -60.90 18.74
N TYR G 292 37.40 -59.67 18.24
CA TYR G 292 38.02 -59.45 16.93
C TYR G 292 39.44 -59.98 16.89
N ARG G 293 40.24 -59.66 17.91
CA ARG G 293 41.63 -60.09 17.94
C ARG G 293 41.74 -61.61 17.96
N ARG G 294 40.88 -62.26 18.75
CA ARG G 294 40.91 -63.72 18.83
C ARG G 294 40.52 -64.35 17.51
N ARG G 295 39.47 -63.83 16.87
CA ARG G 295 39.06 -64.36 15.57
C ARG G 295 40.16 -64.16 14.53
N LEU G 296 40.76 -62.97 14.49
CA LEU G 296 41.83 -62.70 13.53
C LEU G 296 43.01 -63.62 13.75
N ALA G 297 43.39 -63.87 15.01
CA ALA G 297 44.49 -64.78 15.29
C ALA G 297 44.17 -66.19 14.83
N ALA G 298 42.91 -66.63 15.01
CA ALA G 298 42.49 -67.96 14.61
C ALA G 298 42.34 -68.13 13.11
N CYS G 299 42.57 -67.08 12.32
CA CYS G 299 42.39 -67.16 10.88
C CYS G 299 43.57 -67.86 10.22
N VAL G 300 43.34 -68.34 9.00
CA VAL G 300 44.37 -68.94 8.16
C VAL G 300 44.12 -68.49 6.72
N GLY G 301 45.21 -68.29 5.99
CA GLY G 301 45.09 -67.79 4.63
C GLY G 301 44.96 -66.28 4.61
N PHE G 302 44.20 -65.79 3.63
CA PHE G 302 44.00 -64.35 3.51
C PHE G 302 43.14 -63.82 4.65
N ARG G 303 43.48 -62.60 5.11
CA ARG G 303 42.70 -61.92 6.12
C ARG G 303 42.90 -60.43 5.95
N PHE G 304 41.86 -59.66 6.27
CA PHE G 304 41.87 -58.21 6.16
C PHE G 304 41.56 -57.63 7.54
N PRO G 305 42.58 -57.31 8.33
CA PRO G 305 42.34 -56.73 9.66
C PRO G 305 41.66 -55.37 9.56
N ILE G 306 40.87 -55.04 10.57
CA ILE G 306 40.26 -53.72 10.63
C ILE G 306 41.35 -52.73 11.02
N LEU G 307 41.87 -52.01 10.02
CA LEU G 307 42.79 -50.92 10.30
C LEU G 307 42.07 -49.84 11.09
N GLY G 308 42.71 -49.37 12.16
CA GLY G 308 42.08 -48.45 13.08
C GLY G 308 42.09 -48.98 14.49
N VAL G 309 41.87 -50.29 14.64
CA VAL G 309 42.18 -50.94 15.91
C VAL G 309 43.69 -50.99 16.09
N HIS G 310 44.40 -51.42 15.04
CA HIS G 310 45.85 -51.50 15.10
C HIS G 310 46.47 -50.11 15.05
N LEU G 311 45.84 -49.17 14.33
CA LEU G 311 46.26 -47.78 14.42
C LEU G 311 46.09 -47.24 15.83
N LYS G 312 45.00 -47.62 16.50
CA LYS G 312 44.80 -47.24 17.89
C LYS G 312 45.92 -47.80 18.77
N ASP G 313 46.28 -49.07 18.57
CA ASP G 313 47.38 -49.66 19.32
C ASP G 313 48.69 -48.92 19.08
N LEU G 314 48.96 -48.58 17.82
CA LEU G 314 50.20 -47.87 17.50
C LEU G 314 50.23 -46.49 18.14
N VAL G 315 49.11 -45.78 18.12
CA VAL G 315 49.06 -44.45 18.73
C VAL G 315 49.25 -44.56 20.24
N ALA G 316 48.63 -45.57 20.86
CA ALA G 316 48.83 -45.79 22.29
C ALA G 316 50.29 -46.04 22.61
N LEU G 317 50.94 -46.90 21.84
CA LEU G 317 52.36 -47.17 22.05
C LEU G 317 53.20 -45.91 21.86
N GLN G 318 52.88 -45.11 20.85
CA GLN G 318 53.66 -43.91 20.56
C GLN G 318 53.55 -42.90 21.70
N LEU G 319 52.33 -42.68 22.19
CA LEU G 319 52.14 -41.67 23.23
C LEU G 319 52.61 -42.14 24.60
N ALA G 320 52.48 -43.45 24.89
CA ALA G 320 52.80 -43.93 26.23
C ALA G 320 54.31 -44.10 26.42
N LEU G 321 54.97 -44.78 25.49
CA LEU G 321 56.39 -45.07 25.69
C LEU G 321 57.26 -44.07 24.94
N PRO G 322 58.43 -43.74 25.46
CA PRO G 322 59.33 -42.83 24.76
C PRO G 322 60.10 -43.51 23.65
N ASP G 323 60.45 -42.73 22.62
CA ASP G 323 61.26 -43.25 21.54
C ASP G 323 62.63 -43.67 22.03
N TRP G 324 63.25 -42.85 22.88
CA TRP G 324 64.59 -43.09 23.38
C TRP G 324 64.57 -43.24 24.90
N LEU G 325 65.63 -43.85 25.44
CA LEU G 325 65.76 -44.01 26.87
C LEU G 325 66.61 -42.92 27.52
N ASP G 326 67.53 -42.33 26.79
CA ASP G 326 68.38 -41.29 27.34
C ASP G 326 67.88 -39.92 26.89
N PRO G 327 68.17 -38.86 27.66
CA PRO G 327 67.79 -37.51 27.23
C PRO G 327 68.53 -37.04 25.99
N ALA G 328 69.74 -37.55 25.73
CA ALA G 328 70.49 -37.17 24.54
C ALA G 328 69.87 -37.73 23.26
N ARG G 329 68.91 -38.65 23.38
CA ARG G 329 68.23 -39.26 22.22
C ARG G 329 69.21 -40.00 21.32
N THR G 330 69.90 -40.97 21.92
CA THR G 330 70.86 -41.79 21.19
C THR G 330 70.61 -43.28 21.38
N ARG G 331 70.11 -43.66 22.56
CA ARG G 331 69.84 -45.06 22.85
C ARG G 331 68.38 -45.38 22.56
N LEU G 332 68.15 -46.48 21.85
CA LEU G 332 66.84 -46.85 21.35
C LEU G 332 66.05 -47.58 22.43
N ASN G 333 64.79 -47.21 22.61
CA ASN G 333 63.89 -47.96 23.46
C ASN G 333 63.60 -49.29 22.77
N GLY G 334 64.24 -50.35 23.25
CA GLY G 334 64.13 -51.63 22.56
C GLY G 334 62.74 -52.21 22.60
N ALA G 335 62.03 -52.03 23.72
CA ALA G 335 60.69 -52.60 23.86
C ALA G 335 59.74 -51.97 22.85
N LYS G 336 59.60 -50.65 22.89
CA LYS G 336 58.72 -49.93 21.97
C LYS G 336 58.96 -50.37 20.52
N MSE G 337 60.20 -50.26 20.06
CA MSE G 337 60.56 -50.64 18.69
C MSE G 337 60.09 -52.04 18.35
O MSE G 337 59.62 -52.29 17.25
CB MSE G 337 62.06 -50.54 18.47
CG MSE G 337 62.46 -50.66 17.01
SE MSE G 337 64.32 -51.18 16.76
CE MSE G 337 65.09 -50.19 18.24
N LYS G 338 60.23 -52.96 19.32
CA LYS G 338 59.73 -54.31 19.08
C LYS G 338 58.21 -54.31 19.00
N GLN G 339 57.54 -53.72 19.99
CA GLN G 339 56.08 -53.76 20.03
C GLN G 339 55.49 -53.14 18.76
N LEU G 340 55.90 -51.91 18.45
CA LEU G 340 55.50 -51.29 17.19
C LEU G 340 55.71 -52.24 16.02
N PHE G 341 56.91 -52.82 15.92
CA PHE G 341 57.21 -53.74 14.84
C PHE G 341 56.17 -54.84 14.76
N SER G 342 55.88 -55.47 15.92
CA SER G 342 54.95 -56.60 15.94
C SER G 342 53.61 -56.22 15.33
N ILE G 343 53.19 -54.95 15.46
CA ILE G 343 51.97 -54.51 14.82
C ILE G 343 52.19 -54.29 13.33
N LEU G 344 53.19 -53.46 12.98
CA LEU G 344 53.32 -52.98 11.62
C LEU G 344 53.59 -54.12 10.65
N GLU G 345 54.47 -55.05 11.04
CA GLU G 345 54.72 -56.22 10.22
C GLU G 345 53.43 -56.94 9.87
N GLU G 346 52.53 -57.08 10.86
CA GLU G 346 51.21 -57.66 10.60
C GLU G 346 50.53 -56.92 9.46
N LEU G 347 50.44 -55.59 9.58
CA LEU G 347 49.83 -54.78 8.53
C LEU G 347 50.54 -54.99 7.21
N ALA G 348 51.86 -55.21 7.23
CA ALA G 348 52.59 -55.47 6.00
C ALA G 348 52.20 -56.83 5.41
N MSE G 349 52.06 -57.85 6.25
CA MSE G 349 51.88 -59.21 5.76
C MSE G 349 50.55 -59.37 5.01
O MSE G 349 50.39 -60.31 4.22
CB MSE G 349 51.95 -60.22 6.91
CG MSE G 349 53.34 -60.37 7.52
SE MSE G 349 54.66 -60.95 6.19
CE MSE G 349 53.95 -62.72 5.81
N VAL G 350 49.63 -58.45 5.27
CA VAL G 350 48.35 -58.48 4.56
C VAL G 350 48.57 -58.31 3.07
N THR G 351 49.57 -57.51 2.68
CA THR G 351 49.89 -57.35 1.26
C THR G 351 50.49 -58.60 0.63
N SER G 352 50.90 -59.57 1.44
CA SER G 352 51.49 -60.79 0.88
C SER G 352 50.46 -61.61 0.11
N LEU G 353 49.26 -61.74 0.66
CA LEU G 353 48.22 -62.60 0.09
C LEU G 353 47.11 -61.75 -0.52
N ARG G 354 46.77 -62.05 -1.76
CA ARG G 354 45.61 -61.42 -2.38
C ARG G 354 44.35 -62.19 -2.00
N PRO G 355 43.21 -61.49 -1.90
CA PRO G 355 41.98 -62.16 -1.46
C PRO G 355 41.51 -63.16 -2.50
N PRO G 356 40.95 -64.29 -2.06
CA PRO G 356 40.41 -65.26 -3.02
C PRO G 356 39.09 -64.77 -3.59
N VAL G 357 39.15 -63.78 -4.47
CA VAL G 357 37.98 -63.07 -4.95
C VAL G 357 38.11 -62.88 -6.46
N GLN G 358 37.06 -63.27 -7.19
CA GLN G 358 36.94 -62.94 -8.60
C GLN G 358 35.97 -61.78 -8.73
N ALA G 359 36.33 -60.79 -9.55
CA ALA G 359 35.57 -59.55 -9.64
C ALA G 359 35.56 -59.06 -11.08
N ASN G 360 34.37 -58.83 -11.63
CA ASN G 360 34.29 -58.25 -12.96
C ASN G 360 34.42 -56.72 -12.87
N PRO G 361 35.19 -56.10 -13.75
CA PRO G 361 35.50 -54.67 -13.59
C PRO G 361 34.31 -53.74 -13.76
N ASP G 362 33.25 -54.17 -14.47
CA ASP G 362 32.09 -53.31 -14.64
C ASP G 362 31.44 -52.99 -13.31
N LEU G 363 31.21 -54.02 -12.49
CA LEU G 363 30.63 -53.79 -11.17
C LEU G 363 31.59 -53.01 -10.28
N LEU G 364 32.90 -53.21 -10.43
CA LEU G 364 33.85 -52.39 -9.68
C LEU G 364 33.70 -50.90 -10.00
N SER G 365 33.64 -50.56 -11.28
CA SER G 365 33.48 -49.17 -11.68
C SER G 365 32.15 -48.62 -11.18
N LEU G 366 31.07 -49.37 -11.38
CA LEU G 366 29.74 -48.94 -10.92
C LEU G 366 29.74 -48.70 -9.41
N LEU G 367 30.33 -49.64 -8.66
CA LEU G 367 30.42 -49.52 -7.22
C LEU G 367 31.22 -48.29 -6.80
N THR G 368 32.34 -48.04 -7.48
CA THR G 368 33.13 -46.84 -7.19
C THR G 368 32.31 -45.58 -7.39
N VAL G 369 31.57 -45.50 -8.50
CA VAL G 369 30.74 -44.34 -8.76
C VAL G 369 29.68 -44.18 -7.66
N SER G 370 29.11 -45.30 -7.21
CA SER G 370 28.10 -45.20 -6.16
C SER G 370 28.69 -44.77 -4.82
N LEU G 371 29.84 -45.34 -4.45
CA LEU G 371 30.52 -44.97 -3.21
C LEU G 371 31.00 -43.53 -3.24
N ASP G 372 31.19 -42.95 -4.44
CA ASP G 372 31.68 -41.59 -4.55
C ASP G 372 30.70 -40.57 -3.95
N GLN G 373 29.40 -40.86 -3.99
CA GLN G 373 28.40 -39.93 -3.49
C GLN G 373 28.63 -39.66 -2.01
N TYR G 374 28.63 -38.37 -1.65
CA TYR G 374 28.91 -37.95 -0.28
C TYR G 374 27.77 -37.09 0.26
N GLN G 375 27.37 -37.38 1.49
CA GLN G 375 26.41 -36.58 2.24
C GLN G 375 27.02 -36.23 3.59
N THR G 376 26.75 -35.03 4.08
CA THR G 376 27.20 -34.69 5.42
C THR G 376 26.36 -35.45 6.44
N GLU G 377 26.88 -35.51 7.67
CA GLU G 377 26.17 -36.20 8.75
C GLU G 377 24.78 -35.61 8.95
N ASP G 378 24.69 -34.27 8.94
CA ASP G 378 23.42 -33.60 9.16
C ASP G 378 22.42 -33.94 8.05
N GLU G 379 22.90 -34.10 6.81
CA GLU G 379 22.01 -34.44 5.71
C GLU G 379 21.40 -35.82 5.89
N LEU G 380 22.22 -36.81 6.28
CA LEU G 380 21.68 -38.14 6.55
C LEU G 380 20.70 -38.12 7.72
N TYR G 381 20.99 -37.33 8.75
CA TYR G 381 20.05 -37.22 9.87
C TYR G 381 18.73 -36.60 9.42
N GLN G 382 18.79 -35.58 8.56
CA GLN G 382 17.58 -34.96 8.03
C GLN G 382 16.78 -35.97 7.19
N LEU G 383 17.46 -36.76 6.37
CA LEU G 383 16.77 -37.79 5.60
C LEU G 383 16.09 -38.80 6.54
N SER G 384 16.78 -39.20 7.60
CA SER G 384 16.17 -40.09 8.59
C SER G 384 14.92 -39.46 9.20
N LEU G 385 14.98 -38.17 9.51
CA LEU G 385 13.80 -37.47 10.02
C LEU G 385 12.67 -37.47 9.00
N GLN G 386 13.01 -37.32 7.73
CA GLN G 386 11.99 -37.36 6.67
C GLN G 386 11.30 -38.71 6.64
N ARG G 387 12.07 -39.79 6.66
CA ARG G 387 11.48 -41.12 6.59
C ARG G 387 10.61 -41.42 7.80
N GLU G 388 11.07 -41.01 8.99
CA GLU G 388 10.32 -41.22 10.23
C GLU G 388 10.47 -39.98 11.11
N PRO G 389 9.46 -39.11 11.17
CA PRO G 389 9.56 -37.94 12.05
C PRO G 389 9.46 -38.30 13.52
N ARG G 390 9.63 -37.32 14.39
CA ARG G 390 9.51 -37.55 15.83
C ARG G 390 8.04 -37.52 16.27
N MET H 3 30.45 -57.21 41.57
CA MET H 3 30.76 -55.83 41.25
C MET H 3 30.30 -55.45 39.84
N ARG H 4 29.72 -54.26 39.72
CA ARG H 4 29.15 -53.83 38.45
C ARG H 4 30.26 -53.43 37.48
N GLU H 5 30.04 -53.74 36.20
CA GLU H 5 30.96 -53.38 35.14
C GLU H 5 30.51 -52.08 34.48
N TYR H 6 31.46 -51.19 34.22
CA TYR H 6 31.18 -49.90 33.61
C TYR H 6 32.02 -49.72 32.36
N LYS H 7 31.39 -49.27 31.28
CA LYS H 7 32.07 -48.93 30.03
C LYS H 7 32.17 -47.41 29.94
N LEU H 8 33.38 -46.88 30.09
CA LEU H 8 33.60 -45.44 30.04
C LEU H 8 34.43 -45.12 28.81
N VAL H 9 33.93 -44.24 27.96
CA VAL H 9 34.57 -43.91 26.68
C VAL H 9 35.13 -42.51 26.79
N VAL H 10 36.38 -42.34 26.33
CA VAL H 10 37.07 -41.06 26.43
C VAL H 10 37.14 -40.44 25.04
N LEU H 11 36.50 -39.29 24.87
CA LEU H 11 36.45 -38.56 23.62
C LEU H 11 37.26 -37.27 23.75
N GLY H 12 37.85 -36.84 22.63
CA GLY H 12 38.69 -35.66 22.67
C GLY H 12 39.15 -35.26 21.28
N SER H 13 39.86 -34.14 21.22
CA SER H 13 40.24 -33.52 19.97
C SER H 13 41.70 -33.72 19.61
N GLY H 14 42.37 -34.69 20.23
CA GLY H 14 43.72 -35.05 19.83
C GLY H 14 44.82 -34.33 20.59
N GLY H 15 44.86 -33.01 20.49
CA GLY H 15 45.89 -32.22 21.17
C GLY H 15 45.60 -32.05 22.64
N VAL H 16 44.74 -32.91 23.17
CA VAL H 16 44.21 -32.77 24.52
C VAL H 16 44.95 -33.70 25.48
N GLY H 17 45.45 -34.83 24.97
CA GLY H 17 46.10 -35.78 25.83
C GLY H 17 45.14 -36.64 26.63
N LYS H 18 44.09 -37.14 25.99
CA LYS H 18 43.17 -38.06 26.67
C LYS H 18 43.84 -39.40 26.94
N SER H 19 44.74 -39.85 26.05
CA SER H 19 45.49 -41.06 26.30
C SER H 19 46.32 -40.94 27.57
N ALA H 20 46.86 -39.74 27.83
CA ALA H 20 47.59 -39.50 29.06
C ALA H 20 46.72 -39.75 30.29
N LEU H 21 45.49 -39.21 30.27
CA LEU H 21 44.58 -39.43 31.39
C LEU H 21 44.21 -40.90 31.53
N THR H 22 43.99 -41.58 30.41
CA THR H 22 43.65 -43.00 30.46
C THR H 22 44.78 -43.81 31.11
N VAL H 23 46.01 -43.59 30.64
CA VAL H 23 47.15 -44.35 31.17
C VAL H 23 47.41 -43.99 32.63
N GLN H 24 47.26 -42.71 32.98
CA GLN H 24 47.45 -42.32 34.38
C GLN H 24 46.39 -42.94 35.28
N PHE H 25 45.16 -43.06 34.79
CA PHE H 25 44.11 -43.68 35.59
C PHE H 25 44.37 -45.16 35.76
N VAL H 26 44.57 -45.89 34.66
CA VAL H 26 44.64 -47.35 34.73
C VAL H 26 46.02 -47.79 35.20
N GLN H 27 47.07 -47.28 34.56
CA GLN H 27 48.43 -47.68 34.89
C GLN H 27 49.05 -46.84 35.99
N GLY H 28 48.72 -45.55 36.04
CA GLY H 28 49.39 -44.65 36.95
C GLY H 28 50.74 -44.24 36.39
N ILE H 29 51.78 -44.38 37.19
CA ILE H 29 53.15 -44.13 36.76
C ILE H 29 53.85 -45.49 36.77
N PHE H 30 55.13 -45.52 36.42
CA PHE H 30 55.90 -46.74 36.16
C PHE H 30 55.13 -47.71 35.25
N VAL H 31 55.02 -47.27 34.00
CA VAL H 31 54.31 -47.94 32.92
C VAL H 31 54.93 -49.29 32.57
N GLU H 32 55.90 -49.72 33.36
CA GLU H 32 57.12 -50.43 32.95
C GLU H 32 56.97 -51.26 31.68
N LYS H 33 56.11 -52.28 31.69
CA LYS H 33 55.82 -53.08 30.50
C LYS H 33 54.36 -52.83 30.14
N TYR H 34 54.16 -52.10 29.05
CA TYR H 34 52.84 -51.62 28.68
C TYR H 34 52.46 -52.23 27.35
N ASP H 35 51.28 -52.84 27.30
CA ASP H 35 50.78 -53.53 26.11
C ASP H 35 49.34 -53.12 25.86
N PRO H 36 49.07 -52.28 24.86
CA PRO H 36 47.68 -51.86 24.61
C PRO H 36 46.80 -52.90 23.94
N THR H 37 47.36 -54.01 23.45
CA THR H 37 46.58 -54.99 22.71
C THR H 37 46.02 -56.10 23.59
N ILE H 38 46.44 -56.20 24.85
CA ILE H 38 45.96 -57.24 25.74
C ILE H 38 44.72 -56.72 26.46
N GLU H 39 43.87 -57.65 26.90
CA GLU H 39 42.54 -57.31 27.39
C GLU H 39 42.59 -56.40 28.61
N ASP H 40 43.51 -56.65 29.53
CA ASP H 40 43.50 -55.97 30.83
C ASP H 40 44.11 -54.58 30.81
N SER H 41 44.61 -54.11 29.66
CA SER H 41 45.31 -52.83 29.62
C SER H 41 44.43 -51.65 30.02
N TYR H 42 43.12 -51.77 29.85
CA TYR H 42 42.21 -50.66 30.13
C TYR H 42 41.19 -50.99 31.21
N ARG H 43 41.36 -52.10 31.91
CA ARG H 43 40.51 -52.45 33.05
C ARG H 43 41.16 -52.01 34.36
N LYS H 44 40.38 -51.34 35.20
CA LYS H 44 40.82 -50.98 36.54
C LYS H 44 39.69 -51.26 37.51
N GLN H 45 40.00 -51.96 38.60
CA GLN H 45 39.02 -52.18 39.66
C GLN H 45 39.08 -51.00 40.62
N VAL H 46 37.92 -50.42 40.90
CA VAL H 46 37.82 -49.14 41.59
C VAL H 46 36.65 -49.19 42.56
N GLU H 47 36.84 -48.60 43.75
CA GLU H 47 35.76 -48.43 44.70
C GLU H 47 35.22 -47.01 44.62
N VAL H 48 33.91 -46.89 44.43
CA VAL H 48 33.22 -45.60 44.45
C VAL H 48 31.94 -45.75 45.25
N ASP H 49 31.73 -44.84 46.20
CA ASP H 49 30.53 -44.79 47.03
C ASP H 49 30.26 -46.15 47.68
N ALA H 50 31.28 -46.68 48.35
CA ALA H 50 31.24 -47.96 49.06
C ALA H 50 30.91 -49.14 48.14
N GLN H 51 30.98 -48.95 46.83
CA GLN H 51 30.67 -50.00 45.87
C GLN H 51 31.92 -50.37 45.09
N GLN H 52 32.18 -51.67 44.97
CA GLN H 52 33.25 -52.18 44.14
C GLN H 52 32.77 -52.24 42.69
N CYS H 53 33.54 -51.67 41.77
CA CYS H 53 33.17 -51.59 40.37
C CYS H 53 34.38 -51.93 39.52
N MET H 54 34.13 -52.57 38.38
CA MET H 54 35.16 -52.83 37.38
C MET H 54 34.96 -51.87 36.21
N LEU H 55 35.92 -50.97 36.00
CA LEU H 55 35.83 -49.99 34.94
C LEU H 55 36.67 -50.45 33.75
N GLU H 56 36.10 -50.31 32.55
CA GLU H 56 36.84 -50.50 31.31
C GLU H 56 36.80 -49.20 30.53
N ILE H 57 37.99 -48.68 30.19
CA ILE H 57 38.14 -47.41 29.50
C ILE H 57 38.34 -47.68 28.02
N LEU H 58 37.46 -47.11 27.20
CA LEU H 58 37.55 -47.18 25.74
C LEU H 58 38.12 -45.86 25.25
N ASP H 59 39.41 -45.87 24.94
CA ASP H 59 40.10 -44.70 24.44
C ASP H 59 39.96 -44.63 22.93
N THR H 60 39.79 -43.42 22.41
CA THR H 60 39.58 -43.16 20.98
C THR H 60 40.81 -42.51 20.37
N ALA H 61 42.00 -43.01 20.74
CA ALA H 61 43.25 -42.35 20.40
C ALA H 61 43.39 -42.13 18.90
N GLY H 62 43.39 -43.21 18.13
CA GLY H 62 43.57 -43.08 16.69
C GLY H 62 42.38 -43.54 15.87
N THR H 63 41.18 -43.43 16.45
CA THR H 63 39.97 -43.95 15.80
C THR H 63 38.95 -42.87 15.48
N GLU H 64 39.20 -41.61 15.83
CA GLU H 64 38.20 -40.56 15.65
C GLU H 64 37.97 -40.19 14.19
N GLN H 65 38.66 -40.82 13.25
CA GLN H 65 38.39 -40.60 11.84
C GLN H 65 37.56 -41.72 11.21
N PHE H 66 37.52 -42.89 11.84
CA PHE H 66 36.71 -44.01 11.36
C PHE H 66 35.31 -43.84 11.94
N THR H 67 34.39 -43.28 11.14
CA THR H 67 33.08 -42.92 11.65
C THR H 67 32.32 -44.12 12.22
N ALA H 68 32.42 -45.27 11.54
CA ALA H 68 31.74 -46.48 12.02
C ALA H 68 32.23 -46.84 13.42
N MET H 69 33.55 -46.83 13.62
CA MET H 69 34.09 -47.13 14.94
C MET H 69 33.61 -46.13 15.99
N ARG H 70 33.53 -44.85 15.62
CA ARG H 70 33.05 -43.82 16.53
C ARG H 70 31.60 -44.09 16.94
N ASP H 71 30.75 -44.42 15.97
CA ASP H 71 29.36 -44.71 16.28
C ASP H 71 29.23 -45.93 17.16
N LEU H 72 30.05 -46.96 16.92
CA LEU H 72 29.99 -48.13 17.80
C LEU H 72 30.51 -47.81 19.20
N TYR H 73 31.51 -46.93 19.30
CA TYR H 73 31.95 -46.45 20.61
C TYR H 73 30.81 -45.78 21.35
N MET H 74 30.10 -44.87 20.67
CA MET H 74 29.01 -44.15 21.33
C MET H 74 27.87 -45.10 21.70
N LYS H 75 27.53 -46.05 20.84
CA LYS H 75 26.48 -47.01 21.15
C LYS H 75 26.85 -47.87 22.35
N ASN H 76 28.08 -48.38 22.36
CA ASN H 76 28.49 -49.35 23.38
C ASN H 76 28.83 -48.69 24.71
N GLY H 77 29.10 -47.39 24.73
CA GLY H 77 29.62 -46.74 25.93
C GLY H 77 28.53 -46.35 26.89
N GLN H 78 28.73 -46.68 28.18
CA GLN H 78 27.77 -46.31 29.21
C GLN H 78 28.00 -44.88 29.68
N GLY H 79 29.26 -44.47 29.87
CA GLY H 79 29.58 -43.12 30.24
C GLY H 79 30.56 -42.52 29.25
N PHE H 80 30.56 -41.20 29.14
CA PHE H 80 31.38 -40.49 28.17
C PHE H 80 32.10 -39.33 28.84
N ALA H 81 33.42 -39.27 28.68
CA ALA H 81 34.24 -38.17 29.17
C ALA H 81 34.73 -37.36 27.98
N LEU H 82 34.25 -36.13 27.86
CA LEU H 82 34.61 -35.23 26.76
C LEU H 82 35.73 -34.32 27.24
N VAL H 83 36.95 -34.60 26.80
CA VAL H 83 38.13 -33.92 27.30
C VAL H 83 38.57 -32.86 26.30
N TYR H 84 38.87 -31.67 26.80
CA TYR H 84 39.49 -30.61 26.00
C TYR H 84 40.72 -30.10 26.74
N SER H 85 41.47 -29.23 26.07
CA SER H 85 42.69 -28.65 26.63
C SER H 85 42.44 -27.17 26.89
N ILE H 86 42.66 -26.74 28.13
CA ILE H 86 42.44 -25.35 28.51
C ILE H 86 43.37 -24.39 27.76
N THR H 87 44.37 -24.91 27.07
CA THR H 87 45.29 -24.08 26.30
C THR H 87 44.83 -23.87 24.86
N ALA H 88 43.77 -24.55 24.42
CA ALA H 88 43.29 -24.46 23.05
C ALA H 88 41.78 -24.30 23.06
N GLN H 89 41.29 -23.21 22.48
CA GLN H 89 39.85 -22.97 22.43
C GLN H 89 39.17 -23.90 21.45
N SER H 90 39.83 -24.24 20.33
CA SER H 90 39.22 -25.09 19.32
C SER H 90 38.89 -26.46 19.90
N THR H 91 39.75 -26.97 20.78
CA THR H 91 39.47 -28.27 21.41
C THR H 91 38.24 -28.19 22.31
N PHE H 92 37.96 -27.02 22.88
CA PHE H 92 36.73 -26.82 23.63
C PHE H 92 35.52 -26.77 22.71
N ASN H 93 35.61 -25.99 21.63
CA ASN H 93 34.47 -25.86 20.72
C ASN H 93 34.15 -27.17 19.99
N ASP H 94 35.14 -28.03 19.79
CA ASP H 94 34.91 -29.29 19.10
C ASP H 94 34.00 -30.24 19.87
N LEU H 95 33.72 -29.96 21.15
CA LEU H 95 32.94 -30.88 21.97
C LEU H 95 31.45 -30.83 21.68
N GLN H 96 30.95 -29.73 21.12
CA GLN H 96 29.52 -29.64 20.78
C GLN H 96 29.11 -30.75 19.81
N ASP H 97 29.85 -30.89 18.70
CA ASP H 97 29.51 -31.91 17.72
C ASP H 97 29.61 -33.30 18.31
N LEU H 98 30.63 -33.53 19.16
CA LEU H 98 30.79 -34.81 19.82
C LEU H 98 29.57 -35.14 20.69
N ARG H 99 29.15 -34.18 21.51
CA ARG H 99 27.95 -34.36 22.33
C ARG H 99 26.72 -34.61 21.46
N GLU H 100 26.57 -33.85 20.38
CA GLU H 100 25.44 -34.05 19.49
C GLU H 100 25.42 -35.46 18.91
N GLN H 101 26.59 -35.99 18.54
CA GLN H 101 26.63 -37.34 17.98
C GLN H 101 26.31 -38.38 19.04
N ILE H 102 26.75 -38.17 20.28
CA ILE H 102 26.37 -39.08 21.36
C ILE H 102 24.86 -39.03 21.58
N LEU H 103 24.29 -37.83 21.62
CA LEU H 103 22.85 -37.67 21.82
C LEU H 103 22.04 -38.19 20.63
N ARG H 104 22.66 -38.33 19.46
CA ARG H 104 21.95 -38.92 18.33
C ARG H 104 22.04 -40.45 18.33
N VAL H 105 23.20 -41.00 18.70
CA VAL H 105 23.32 -42.46 18.77
C VAL H 105 22.41 -43.02 19.85
N LYS H 106 22.43 -42.41 21.04
CA LYS H 106 21.48 -42.72 22.09
C LYS H 106 20.28 -41.78 21.92
N ASP H 107 19.12 -42.34 21.55
CA ASP H 107 17.97 -41.52 21.20
C ASP H 107 17.64 -40.48 22.26
N THR H 108 17.97 -40.75 23.52
CA THR H 108 17.64 -39.84 24.60
C THR H 108 18.60 -38.64 24.63
N ASP H 109 18.21 -37.64 25.41
CA ASP H 109 19.06 -36.48 25.70
C ASP H 109 19.81 -36.64 27.02
N ASP H 110 19.42 -37.61 27.84
CA ASP H 110 20.04 -37.85 29.14
C ASP H 110 21.10 -38.94 28.97
N VAL H 111 22.36 -38.54 28.98
CA VAL H 111 23.49 -39.47 28.82
C VAL H 111 24.53 -39.17 29.89
N PRO H 112 24.99 -40.17 30.63
CA PRO H 112 26.05 -39.93 31.63
C PRO H 112 27.30 -39.39 30.97
N MET H 113 27.73 -38.21 31.41
CA MET H 113 28.76 -37.48 30.69
C MET H 113 29.43 -36.47 31.61
N ILE H 114 30.75 -36.37 31.52
CA ILE H 114 31.53 -35.41 32.28
C ILE H 114 32.35 -34.57 31.30
N LEU H 115 32.43 -33.26 31.56
CA LEU H 115 33.20 -32.33 30.76
C LEU H 115 34.53 -32.08 31.48
N VAL H 116 35.64 -32.41 30.81
CA VAL H 116 36.96 -32.40 31.41
C VAL H 116 37.82 -31.36 30.70
N GLY H 117 38.37 -30.43 31.47
CA GLY H 117 39.38 -29.52 30.96
C GLY H 117 40.75 -29.94 31.41
N ASN H 118 41.50 -30.60 30.54
CA ASN H 118 42.79 -31.18 30.89
C ASN H 118 43.89 -30.12 30.77
N LYS H 119 45.10 -30.51 31.19
CA LYS H 119 46.27 -29.64 31.15
C LYS H 119 46.05 -28.38 31.97
N CYS H 120 45.40 -28.53 33.12
CA CYS H 120 45.12 -27.40 34.00
C CYS H 120 46.38 -26.88 34.69
N ASP H 121 47.48 -27.63 34.66
CA ASP H 121 48.71 -27.17 35.27
C ASP H 121 49.36 -26.05 34.47
N LEU H 122 49.11 -26.01 33.16
CA LEU H 122 49.66 -24.96 32.28
C LEU H 122 48.83 -23.68 32.43
N GLU H 123 48.85 -23.13 33.65
CA GLU H 123 48.03 -21.96 33.94
C GLU H 123 48.46 -20.75 33.13
N ASP H 124 49.76 -20.62 32.85
CA ASP H 124 50.23 -19.50 32.05
C ASP H 124 49.78 -19.60 30.60
N GLU H 125 49.44 -20.80 30.14
CA GLU H 125 48.98 -21.02 28.77
C GLU H 125 47.48 -21.13 28.66
N ARG H 126 46.74 -20.80 29.72
CA ARG H 126 45.29 -20.99 29.70
C ARG H 126 44.62 -19.96 28.81
N VAL H 127 43.74 -20.43 27.93
CA VAL H 127 42.90 -19.56 27.12
C VAL H 127 41.43 -19.83 27.33
N VAL H 128 41.07 -20.95 27.96
CA VAL H 128 39.68 -21.32 28.20
C VAL H 128 39.44 -21.23 29.70
N GLY H 129 38.70 -20.22 30.13
CA GLY H 129 38.43 -20.05 31.54
C GLY H 129 37.59 -21.18 32.11
N LYS H 130 37.68 -21.33 33.43
CA LYS H 130 36.88 -22.33 34.13
C LYS H 130 35.39 -22.05 33.99
N GLU H 131 35.00 -20.77 33.98
CA GLU H 131 33.61 -20.42 33.88
C GLU H 131 33.01 -20.89 32.56
N GLN H 132 33.83 -21.00 31.50
CA GLN H 132 33.34 -21.51 30.23
C GLN H 132 32.87 -22.95 30.38
N GLY H 133 33.71 -23.81 30.95
CA GLY H 133 33.32 -25.18 31.15
C GLY H 133 32.17 -25.31 32.12
N GLN H 134 32.15 -24.48 33.15
CA GLN H 134 31.03 -24.49 34.09
C GLN H 134 29.71 -24.18 33.38
N ASN H 135 29.69 -23.09 32.60
CA ASN H 135 28.49 -22.71 31.86
C ASN H 135 28.08 -23.79 30.87
N LEU H 136 29.05 -24.36 30.14
CA LEU H 136 28.71 -25.36 29.14
C LEU H 136 28.13 -26.62 29.80
N ALA H 137 28.78 -27.12 30.85
CA ALA H 137 28.26 -28.28 31.56
C ALA H 137 26.90 -28.00 32.17
N ARG H 138 26.67 -26.76 32.61
CA ARG H 138 25.35 -26.38 33.09
C ARG H 138 24.32 -26.45 31.98
N GLN H 139 24.66 -25.96 30.78
CA GLN H 139 23.76 -26.05 29.65
C GLN H 139 23.50 -27.50 29.24
N TRP H 140 24.48 -28.38 29.42
CA TRP H 140 24.37 -29.78 29.00
C TRP H 140 23.67 -30.61 30.08
N ASN H 141 22.41 -30.25 30.34
CA ASN H 141 21.56 -30.98 31.30
C ASN H 141 22.19 -30.99 32.70
N ASN H 142 23.01 -29.98 33.00
CA ASN H 142 23.67 -29.83 34.30
C ASN H 142 24.47 -31.08 34.65
N CYS H 143 25.48 -31.36 33.84
CA CYS H 143 26.33 -32.53 34.00
C CYS H 143 27.59 -32.16 34.77
N ALA H 144 28.46 -33.16 34.95
CA ALA H 144 29.67 -32.98 35.74
C ALA H 144 30.72 -32.19 34.97
N PHE H 145 31.51 -31.41 35.70
CA PHE H 145 32.58 -30.62 35.11
C PHE H 145 33.81 -30.70 36.01
N LEU H 146 34.97 -30.88 35.39
CA LEU H 146 36.22 -31.02 36.13
C LEU H 146 37.35 -30.38 35.35
N GLU H 147 38.42 -30.03 36.07
CA GLU H 147 39.66 -29.57 35.48
C GLU H 147 40.78 -30.43 36.02
N SER H 148 41.48 -31.14 35.14
CA SER H 148 42.44 -32.15 35.53
C SER H 148 43.78 -31.92 34.85
N SER H 149 44.78 -32.67 35.31
CA SER H 149 46.13 -32.62 34.75
C SER H 149 46.79 -33.97 34.97
N ALA H 150 47.09 -34.68 33.88
CA ALA H 150 47.73 -35.98 34.01
C ALA H 150 49.17 -35.85 34.50
N LYS H 151 49.84 -34.75 34.16
CA LYS H 151 51.21 -34.55 34.66
C LYS H 151 51.22 -34.25 36.15
N SER H 152 50.43 -33.25 36.57
CA SER H 152 50.36 -32.87 37.97
C SER H 152 49.46 -33.78 38.80
N LYS H 153 48.89 -34.82 38.19
CA LYS H 153 48.12 -35.83 38.91
C LYS H 153 46.94 -35.23 39.66
N ILE H 154 46.21 -34.34 38.99
CA ILE H 154 45.06 -33.66 39.56
C ILE H 154 43.79 -34.24 38.92
N ASN H 155 42.89 -34.74 39.75
CA ASN H 155 41.54 -35.13 39.33
C ASN H 155 41.56 -36.23 38.27
N VAL H 156 42.57 -37.09 38.27
CA VAL H 156 42.61 -38.17 37.28
C VAL H 156 41.55 -39.22 37.61
N ASN H 157 41.59 -39.76 38.84
CA ASN H 157 40.61 -40.77 39.24
C ASN H 157 39.22 -40.19 39.38
N GLU H 158 39.13 -38.91 39.78
CA GLU H 158 37.83 -38.29 40.02
C GLU H 158 37.00 -38.19 38.74
N ILE H 159 37.65 -38.09 37.59
CA ILE H 159 36.93 -38.04 36.32
C ILE H 159 36.03 -39.26 36.19
N PHE H 160 36.62 -40.45 36.32
CA PHE H 160 35.87 -41.68 36.13
C PHE H 160 35.02 -42.01 37.36
N TYR H 161 35.45 -41.58 38.55
CA TYR H 161 34.58 -41.68 39.71
C TYR H 161 33.25 -40.97 39.46
N ASP H 162 33.32 -39.70 39.07
CA ASP H 162 32.12 -38.93 38.79
C ASP H 162 31.35 -39.50 37.60
N LEU H 163 32.06 -40.09 36.64
CA LEU H 163 31.36 -40.78 35.56
C LEU H 163 30.51 -41.93 36.09
N VAL H 164 31.08 -42.76 36.96
CA VAL H 164 30.32 -43.86 37.56
C VAL H 164 29.14 -43.31 38.36
N ARG H 165 29.36 -42.21 39.08
CA ARG H 165 28.27 -41.57 39.82
C ARG H 165 27.14 -41.18 38.87
N GLN H 166 27.48 -40.53 37.75
CA GLN H 166 26.47 -40.13 36.77
C GLN H 166 25.74 -41.34 36.21
N ILE H 167 26.47 -42.44 36.01
CA ILE H 167 25.83 -43.66 35.52
C ILE H 167 24.82 -44.17 36.53
N ASN H 168 25.18 -44.17 37.82
CA ASN H 168 24.24 -44.61 38.85
C ASN H 168 23.14 -43.58 39.08
N ARG H 169 23.48 -42.29 38.99
CA ARG H 169 22.50 -41.22 39.14
C ARG H 169 21.57 -41.16 37.93
N LEU I 10 -28.95 -32.98 36.91
CA LEU I 10 -28.59 -34.34 37.28
C LEU I 10 -28.12 -35.14 36.06
N ASP I 11 -28.54 -36.41 36.01
CA ASP I 11 -28.19 -37.32 34.92
C ASP I 11 -26.68 -37.42 34.72
N LYS I 12 -25.92 -37.22 35.79
CA LYS I 12 -24.48 -37.50 35.83
C LYS I 12 -24.23 -38.25 37.14
N GLY I 13 -24.39 -39.56 37.10
CA GLY I 13 -24.29 -40.38 38.28
C GLY I 13 -25.62 -40.73 38.95
N CYS I 14 -26.73 -40.66 38.23
CA CYS I 14 -28.02 -40.96 38.83
C CYS I 14 -28.20 -42.46 39.01
N THR I 15 -28.84 -42.86 40.10
CA THR I 15 -29.26 -44.23 40.30
C THR I 15 -30.72 -44.38 39.87
N VAL I 16 -31.15 -45.64 39.76
CA VAL I 16 -32.51 -45.93 39.27
C VAL I 16 -33.56 -45.37 40.23
N GLU I 17 -33.28 -45.43 41.53
CA GLU I 17 -34.19 -44.86 42.51
C GLU I 17 -34.30 -43.34 42.35
N GLU I 18 -33.17 -42.67 42.29
CA GLU I 18 -33.17 -41.22 42.10
C GLU I 18 -33.88 -40.83 40.82
N LEU I 19 -33.67 -41.58 39.74
CA LEU I 19 -34.27 -41.23 38.47
C LEU I 19 -35.77 -41.49 38.47
N LEU I 20 -36.21 -42.56 39.12
CA LEU I 20 -37.64 -42.82 39.25
C LEU I 20 -38.32 -41.73 40.08
N ARG I 21 -37.70 -41.33 41.20
CA ARG I 21 -38.22 -40.20 41.95
C ARG I 21 -38.28 -38.93 41.09
N GLY I 22 -37.25 -38.68 40.28
CA GLY I 22 -37.30 -37.54 39.38
C GLY I 22 -38.46 -37.62 38.41
N CYS I 23 -38.78 -38.82 37.94
CA CYS I 23 -39.93 -38.99 37.06
C CYS I 23 -41.23 -38.72 37.80
N ILE I 24 -41.30 -39.12 39.08
CA ILE I 24 -42.50 -38.83 39.87
C ILE I 24 -42.66 -37.32 40.07
N GLU I 25 -41.58 -36.65 40.46
CA GLU I 25 -41.62 -35.21 40.71
C GLU I 25 -41.86 -34.40 39.44
N ALA I 26 -41.65 -35.00 38.27
CA ALA I 26 -41.86 -34.28 37.01
C ALA I 26 -43.33 -33.97 36.75
N PHE I 27 -44.25 -34.53 37.53
CA PHE I 27 -45.68 -34.32 37.33
C PHE I 27 -46.19 -33.19 38.25
N ASP I 28 -47.43 -32.80 38.00
CA ASP I 28 -48.13 -31.82 38.81
C ASP I 28 -49.28 -32.51 39.54
N ASP I 29 -49.74 -31.89 40.63
CA ASP I 29 -50.85 -32.44 41.38
C ASP I 29 -52.12 -32.52 40.55
N SER I 30 -52.23 -31.73 39.49
CA SER I 30 -53.38 -31.75 38.60
C SER I 30 -53.25 -32.77 37.48
N GLY I 31 -52.06 -33.34 37.28
CA GLY I 31 -51.80 -34.25 36.18
C GLY I 31 -50.92 -33.67 35.10
N LYS I 32 -50.66 -32.37 35.13
CA LYS I 32 -49.77 -31.75 34.16
C LYS I 32 -48.36 -32.29 34.33
N VAL I 33 -47.71 -32.57 33.20
CA VAL I 33 -46.32 -33.02 33.19
C VAL I 33 -45.45 -31.84 32.78
N ARG I 34 -44.46 -31.53 33.61
CA ARG I 34 -43.60 -30.38 33.37
C ARG I 34 -42.37 -30.73 32.52
N ASP I 35 -41.81 -31.92 32.71
CA ASP I 35 -40.65 -32.40 31.97
C ASP I 35 -41.03 -33.71 31.29
N PRO I 36 -41.76 -33.65 30.17
CA PRO I 36 -42.17 -34.89 29.49
C PRO I 36 -41.03 -35.65 28.87
N GLN I 37 -39.90 -34.99 28.57
CA GLN I 37 -38.78 -35.69 27.95
C GLN I 37 -38.17 -36.69 28.91
N LEU I 38 -38.01 -36.32 30.17
CA LEU I 38 -37.44 -37.22 31.17
C LEU I 38 -38.35 -38.43 31.39
N VAL I 39 -39.65 -38.18 31.53
CA VAL I 39 -40.59 -39.27 31.83
C VAL I 39 -40.70 -40.20 30.62
N ARG I 40 -40.69 -39.63 29.40
CA ARG I 40 -40.69 -40.47 28.21
C ARG I 40 -39.42 -41.30 28.10
N MSE I 41 -38.27 -40.70 28.44
CA MSE I 41 -37.00 -41.40 28.36
C MSE I 41 -36.90 -42.57 29.33
O MSE I 41 -36.58 -43.68 28.93
CB MSE I 41 -35.84 -40.44 28.60
CG MSE I 41 -34.47 -41.05 28.39
SE MSE I 41 -33.04 -39.92 29.05
CE MSE I 41 -33.47 -40.01 30.96
N PHE I 42 -37.17 -42.31 30.61
CA PHE I 42 -36.99 -43.37 31.60
C PHE I 42 -38.03 -44.48 31.42
N LEU I 43 -39.26 -44.12 31.06
CA LEU I 43 -40.30 -45.13 30.89
C LEU I 43 -40.03 -46.07 29.72
N MSE I 44 -39.23 -45.64 28.75
CA MSE I 44 -38.86 -46.52 27.64
C MSE I 44 -37.54 -47.23 27.88
O MSE I 44 -37.41 -48.42 27.58
CB MSE I 44 -38.80 -45.73 26.33
CG MSE I 44 -37.94 -46.38 25.26
SE MSE I 44 -38.27 -45.76 23.44
CE MSE I 44 -38.67 -43.90 23.83
N MSE I 45 -36.57 -46.52 28.43
CA MSE I 45 -35.20 -47.02 28.52
C MSE I 45 -34.94 -47.91 29.73
O MSE I 45 -33.90 -48.57 29.80
CB MSE I 45 -34.23 -45.85 28.54
CG MSE I 45 -34.22 -45.00 27.28
SE MSE I 45 -33.88 -46.05 25.67
CE MSE I 45 -32.30 -47.02 26.28
N HIS I 46 -35.87 -47.95 30.69
CA HIS I 46 -35.59 -48.61 31.96
C HIS I 46 -35.40 -50.14 31.84
N PRO I 47 -36.01 -50.85 30.88
CA PRO I 47 -35.69 -52.28 30.75
C PRO I 47 -34.23 -52.56 30.46
N TRP I 48 -33.48 -51.58 29.94
CA TRP I 48 -32.04 -51.73 29.79
C TRP I 48 -31.35 -51.99 31.13
N TYR I 49 -31.88 -51.42 32.21
CA TYR I 49 -31.24 -51.46 33.51
C TYR I 49 -32.02 -52.24 34.56
N ILE I 50 -33.33 -52.15 34.56
CA ILE I 50 -34.15 -52.87 35.54
C ILE I 50 -35.44 -53.34 34.85
N PRO I 51 -35.83 -54.61 35.02
CA PRO I 51 -37.07 -55.08 34.39
C PRO I 51 -38.27 -54.24 34.79
N SER I 52 -39.25 -54.18 33.88
CA SER I 52 -40.39 -53.29 34.08
C SER I 52 -41.21 -53.69 35.30
N SER I 53 -41.34 -55.00 35.55
CA SER I 53 -42.09 -55.46 36.72
C SER I 53 -41.44 -54.97 38.01
N GLN I 54 -40.11 -54.98 38.08
CA GLN I 54 -39.43 -54.50 39.28
C GLN I 54 -39.59 -53.00 39.46
N LEU I 55 -39.57 -52.24 38.36
CA LEU I 55 -39.83 -50.81 38.45
C LEU I 55 -41.24 -50.54 38.94
N ALA I 56 -42.22 -51.32 38.45
CA ALA I 56 -43.59 -51.20 38.94
C ALA I 56 -43.68 -51.53 40.43
N ALA I 57 -42.95 -52.57 40.87
CA ALA I 57 -42.92 -52.90 42.29
C ALA I 57 -42.34 -51.75 43.11
N LYS I 58 -41.31 -51.08 42.59
CA LYS I 58 -40.74 -49.95 43.29
C LYS I 58 -41.73 -48.79 43.36
N LEU I 59 -42.47 -48.54 42.28
CA LEU I 59 -43.53 -47.54 42.32
C LEU I 59 -44.59 -47.90 43.35
N LEU I 60 -44.95 -49.18 43.43
CA LEU I 60 -45.88 -49.65 44.46
C LEU I 60 -45.37 -49.33 45.86
N HIS I 61 -44.09 -49.63 46.12
CA HIS I 61 -43.51 -49.34 47.42
C HIS I 61 -43.51 -47.85 47.72
N ILE I 62 -43.19 -47.03 46.71
CA ILE I 62 -43.21 -45.58 46.88
C ILE I 62 -44.63 -45.11 47.21
N TYR I 63 -45.64 -45.65 46.54
CA TYR I 63 -47.02 -45.25 46.83
C TYR I 63 -47.40 -45.63 48.25
N GLN I 64 -47.05 -46.84 48.68
CA GLN I 64 -47.39 -47.27 50.04
C GLN I 64 -46.70 -46.36 51.05
N GLN I 65 -45.41 -46.09 50.84
CA GLN I 65 -44.67 -45.24 51.76
C GLN I 65 -45.24 -43.83 51.79
N SER I 66 -45.77 -43.35 50.67
CA SER I 66 -46.45 -42.06 50.64
C SER I 66 -47.81 -42.12 51.34
N ARG I 67 -48.47 -43.28 51.31
CA ARG I 67 -49.73 -43.44 52.05
C ARG I 67 -49.52 -43.28 53.54
N LYS I 68 -48.42 -43.82 54.06
CA LYS I 68 -47.93 -43.39 55.36
C LYS I 68 -47.22 -42.04 55.19
N ASP I 69 -47.13 -41.30 56.29
CA ASP I 69 -46.59 -39.93 56.28
C ASP I 69 -47.53 -38.99 55.55
N ASN I 70 -48.60 -39.54 54.97
CA ASN I 70 -49.72 -38.79 54.41
C ASN I 70 -49.29 -37.77 53.34
N SER I 71 -48.25 -38.09 52.57
CA SER I 71 -47.82 -37.21 51.48
C SER I 71 -48.78 -37.41 50.30
N ASN I 72 -49.91 -36.68 50.37
CA ASN I 72 -50.92 -36.77 49.32
C ASN I 72 -50.35 -36.38 47.96
N SER I 73 -49.50 -35.34 47.94
CA SER I 73 -48.89 -34.93 46.68
C SER I 73 -48.09 -36.07 46.07
N LEU I 74 -47.25 -36.73 46.87
CA LEU I 74 -46.47 -37.86 46.37
C LEU I 74 -47.39 -38.98 45.86
N GLN I 75 -48.48 -39.22 46.56
CA GLN I 75 -49.44 -40.25 46.15
C GLN I 75 -50.00 -39.95 44.76
N VAL I 76 -50.55 -38.75 44.59
CA VAL I 76 -51.21 -38.44 43.32
C VAL I 76 -50.19 -38.33 42.20
N LYS I 77 -48.97 -37.86 42.50
CA LYS I 77 -47.91 -37.83 41.49
C LYS I 77 -47.52 -39.23 41.04
N THR I 78 -47.39 -40.16 41.99
CA THR I 78 -47.12 -41.56 41.65
C THR I 78 -48.23 -42.13 40.76
N CYS I 79 -49.48 -41.86 41.12
CA CYS I 79 -50.59 -42.35 40.31
C CYS I 79 -50.58 -41.74 38.92
N HIS I 80 -50.20 -40.47 38.81
CA HIS I 80 -50.10 -39.83 37.49
C HIS I 80 -48.96 -40.43 36.68
N LEU I 81 -47.85 -40.78 37.35
CA LEU I 81 -46.77 -41.45 36.64
C LEU I 81 -47.22 -42.80 36.10
N VAL I 82 -47.94 -43.57 36.91
CA VAL I 82 -48.43 -44.86 36.44
C VAL I 82 -49.44 -44.68 35.30
N ARG I 83 -50.28 -43.66 35.39
CA ARG I 83 -51.26 -43.38 34.34
C ARG I 83 -50.56 -43.04 33.03
N TYR I 84 -49.59 -42.13 33.08
CA TYR I 84 -48.82 -41.76 31.89
C TYR I 84 -48.08 -42.96 31.33
N TRP I 85 -47.55 -43.82 32.21
CA TRP I 85 -46.86 -45.04 31.77
C TRP I 85 -47.82 -45.95 31.02
N ILE I 86 -49.03 -46.13 31.54
CA ILE I 86 -49.99 -47.02 30.91
C ILE I 86 -50.45 -46.46 29.57
N SER I 87 -50.72 -45.16 29.52
CA SER I 87 -51.18 -44.56 28.26
C SER I 87 -50.08 -44.52 27.21
N ALA I 88 -48.82 -44.40 27.63
CA ALA I 88 -47.73 -44.24 26.68
C ALA I 88 -47.28 -45.57 26.09
N PHE I 89 -47.16 -46.61 26.92
CA PHE I 89 -46.63 -47.91 26.49
C PHE I 89 -47.63 -49.01 26.88
N PRO I 90 -48.75 -49.12 26.16
CA PRO I 90 -49.74 -50.14 26.51
C PRO I 90 -49.34 -51.55 26.12
N ALA I 91 -48.61 -51.70 25.02
CA ALA I 91 -48.24 -53.03 24.54
C ALA I 91 -47.50 -53.82 25.61
N GLU I 92 -46.57 -53.17 26.32
CA GLU I 92 -45.85 -53.84 27.39
C GLU I 92 -46.77 -54.22 28.55
N PHE I 93 -47.78 -53.41 28.82
CA PHE I 93 -48.72 -53.77 29.88
C PHE I 93 -49.59 -54.95 29.49
N ASP I 94 -49.87 -55.11 28.20
CA ASP I 94 -50.60 -56.30 27.77
C ASP I 94 -49.71 -57.53 27.77
N LEU I 95 -48.46 -57.37 27.32
CA LEU I 95 -47.58 -58.53 27.13
C LEU I 95 -47.01 -59.06 28.44
N ASN I 96 -46.70 -58.17 29.38
CA ASN I 96 -45.99 -58.56 30.60
C ASN I 96 -47.00 -58.95 31.66
N PRO I 97 -47.10 -60.23 32.04
CA PRO I 97 -48.06 -60.59 33.10
C PRO I 97 -47.65 -60.09 34.46
N GLU I 98 -46.35 -60.06 34.76
CA GLU I 98 -45.89 -59.62 36.07
C GLU I 98 -46.11 -58.12 36.25
N LEU I 99 -45.84 -57.32 35.22
CA LEU I 99 -46.13 -55.90 35.26
C LEU I 99 -47.61 -55.65 35.50
N ALA I 100 -48.47 -56.36 34.78
CA ALA I 100 -49.91 -56.24 34.98
C ALA I 100 -50.32 -56.66 36.38
N GLU I 101 -49.65 -57.66 36.95
CA GLU I 101 -49.95 -58.08 38.31
C GLU I 101 -49.58 -57.00 39.33
N GLN I 102 -48.43 -56.35 39.11
CA GLN I 102 -48.06 -55.24 39.99
C GLN I 102 -49.06 -54.10 39.90
N ILE I 103 -49.49 -53.77 38.69
CA ILE I 103 -50.51 -52.72 38.53
C ILE I 103 -51.83 -53.15 39.17
N LYS I 104 -52.15 -54.44 39.12
CA LYS I 104 -53.32 -54.98 39.79
C LYS I 104 -53.25 -54.73 41.29
N GLU I 105 -52.12 -55.07 41.91
CA GLU I 105 -51.95 -54.84 43.34
C GLU I 105 -52.05 -53.35 43.68
N LEU I 106 -51.46 -52.49 42.86
CA LEU I 106 -51.54 -51.06 43.10
C LEU I 106 -52.98 -50.56 42.99
N LYS I 107 -53.72 -51.07 42.02
CA LYS I 107 -55.14 -50.72 41.89
C LYS I 107 -55.93 -51.17 43.11
N ALA I 108 -55.61 -52.35 43.65
CA ALA I 108 -56.28 -52.81 44.87
C ALA I 108 -55.97 -51.88 46.04
N LEU I 109 -54.71 -51.47 46.18
CA LEU I 109 -54.35 -50.52 47.23
C LEU I 109 -55.11 -49.21 47.08
N LEU I 110 -55.29 -48.75 45.84
CA LEU I 110 -56.07 -47.52 45.63
C LEU I 110 -57.53 -47.73 45.99
N ASP I 111 -58.09 -48.88 45.60
CA ASP I 111 -59.50 -49.18 45.87
C ASP I 111 -59.80 -49.36 47.35
N GLN I 112 -58.81 -49.74 48.16
CA GLN I 112 -59.11 -50.04 49.55
C GLN I 112 -59.51 -48.80 50.35
N GLU I 113 -58.82 -47.68 50.15
CA GLU I 113 -59.15 -46.48 50.92
C GLU I 113 -59.01 -45.23 50.05
N GLY I 114 -59.98 -44.33 50.16
CA GLY I 114 -60.01 -43.12 49.37
C GLY I 114 -59.92 -43.42 47.88
N ASN I 115 -60.75 -44.36 47.43
CA ASN I 115 -60.56 -44.97 46.13
C ASN I 115 -60.79 -43.97 44.99
N ARG I 116 -61.99 -43.38 44.94
CA ARG I 116 -62.37 -42.57 43.79
C ARG I 116 -61.45 -41.39 43.54
N ARG I 117 -60.68 -40.97 44.55
CA ARG I 117 -59.79 -39.84 44.38
C ARG I 117 -58.55 -40.20 43.58
N HIS I 118 -58.14 -41.47 43.58
CA HIS I 118 -56.90 -41.85 42.91
C HIS I 118 -57.09 -43.06 41.98
N SER I 119 -58.08 -43.90 42.28
CA SER I 119 -58.27 -45.11 41.49
C SER I 119 -58.84 -44.82 40.11
N SER I 120 -59.43 -43.64 39.91
CA SER I 120 -60.00 -43.27 38.62
C SER I 120 -58.95 -43.08 37.54
N LEU I 121 -57.67 -43.07 37.89
CA LEU I 121 -56.59 -42.82 36.95
C LEU I 121 -56.01 -44.09 36.35
N ILE I 122 -56.43 -45.26 36.81
CA ILE I 122 -55.81 -46.53 36.42
C ILE I 122 -56.91 -47.49 36.00
N ASP I 123 -56.94 -47.84 34.72
CA ASP I 123 -57.94 -48.74 34.18
C ASP I 123 -57.27 -49.73 33.23
N ILE I 124 -58.04 -50.73 32.80
CA ILE I 124 -57.50 -51.81 31.98
C ILE I 124 -58.34 -51.98 30.72
N ASP I 125 -59.47 -51.26 30.65
CA ASP I 125 -60.32 -51.35 29.46
C ASP I 125 -59.70 -50.66 28.25
N SER I 126 -58.80 -49.70 28.48
CA SER I 126 -58.28 -48.88 27.38
C SER I 126 -57.15 -49.53 26.60
N VAL I 127 -56.53 -50.58 27.15
CA VAL I 127 -55.48 -51.28 26.40
C VAL I 127 -56.15 -52.03 25.26
N PRO I 128 -55.76 -51.77 24.01
CA PRO I 128 -56.40 -52.48 22.89
C PRO I 128 -56.17 -53.98 22.93
N THR I 129 -55.10 -54.44 23.57
CA THR I 129 -54.81 -55.85 23.80
C THR I 129 -54.57 -56.59 22.49
N TYR I 130 -54.58 -55.87 21.37
CA TYR I 130 -54.38 -56.52 20.06
C TYR I 130 -52.88 -56.82 19.92
N LYS I 131 -52.48 -57.92 20.55
CA LYS I 131 -51.11 -58.39 20.48
C LYS I 131 -51.02 -59.82 19.95
N TRP I 132 -52.13 -60.42 19.54
CA TRP I 132 -52.05 -61.56 18.64
C TRP I 132 -51.48 -61.15 17.29
N LYS I 133 -51.51 -59.85 16.98
CA LYS I 133 -50.84 -59.32 15.81
C LYS I 133 -49.32 -59.32 15.96
N ARG I 134 -48.80 -59.39 17.19
CA ARG I 134 -47.36 -59.45 17.38
C ARG I 134 -46.81 -60.77 16.84
N GLN I 135 -47.48 -61.87 17.11
CA GLN I 135 -47.18 -63.17 16.52
C GLN I 135 -48.18 -63.52 15.43
N VAL I 136 -48.61 -62.52 14.65
CA VAL I 136 -49.67 -62.72 13.68
C VAL I 136 -49.24 -63.73 12.62
N THR I 137 -47.98 -63.67 12.19
CA THR I 137 -47.40 -64.57 11.19
C THR I 137 -48.38 -64.86 10.07
N GLN I 138 -48.84 -63.77 9.44
CA GLN I 138 -49.86 -63.85 8.40
C GLN I 138 -49.44 -64.75 7.24
N LYS I 148 -49.02 -65.86 -11.28
CA LYS I 148 -47.62 -65.74 -10.95
C LYS I 148 -47.11 -64.30 -11.14
N MSE I 149 -46.53 -63.74 -10.08
CA MSE I 149 -46.06 -62.36 -10.05
C MSE I 149 -44.95 -62.10 -11.07
O MSE I 149 -44.81 -61.01 -11.65
CB MSE I 149 -45.55 -62.02 -8.64
CG MSE I 149 -44.97 -60.63 -8.46
SE MSE I 149 -46.28 -59.23 -8.75
CE MSE I 149 -45.09 -57.70 -8.60
N SER I 150 -44.17 -63.17 -11.29
CA SER I 150 -42.99 -63.12 -12.14
C SER I 150 -43.32 -62.64 -13.54
N LEU I 151 -44.33 -63.25 -14.17
CA LEU I 151 -44.69 -62.87 -15.54
C LEU I 151 -45.17 -61.42 -15.63
N LEU I 152 -45.92 -60.94 -14.65
CA LEU I 152 -46.57 -59.65 -14.82
C LEU I 152 -45.71 -58.44 -14.44
N PHE I 153 -44.86 -58.54 -13.40
CA PHE I 153 -44.29 -57.32 -12.83
C PHE I 153 -43.57 -56.43 -13.84
N ASP I 154 -43.18 -56.96 -15.00
CA ASP I 154 -42.63 -56.12 -16.06
C ASP I 154 -43.59 -55.01 -16.47
N HIS I 155 -44.89 -55.31 -16.52
CA HIS I 155 -45.90 -54.40 -17.03
C HIS I 155 -46.52 -53.52 -15.94
N LEU I 156 -45.93 -53.47 -14.75
CA LEU I 156 -46.51 -52.76 -13.63
C LEU I 156 -45.85 -51.39 -13.46
N GLU I 157 -46.65 -50.42 -13.03
CA GLU I 157 -46.15 -49.08 -12.80
C GLU I 157 -45.12 -49.09 -11.68
N PRO I 158 -43.97 -48.42 -11.84
CA PRO I 158 -42.96 -48.43 -10.77
C PRO I 158 -43.46 -47.85 -9.46
N MSE I 159 -43.95 -46.61 -9.49
CA MSE I 159 -44.49 -45.93 -8.31
C MSE I 159 -45.41 -46.84 -7.51
O MSE I 159 -45.14 -47.13 -6.34
CB MSE I 159 -45.24 -44.66 -8.72
CG MSE I 159 -46.00 -43.98 -7.58
SE MSE I 159 -44.87 -43.55 -6.05
CE MSE I 159 -45.96 -42.12 -5.28
N GLU I 160 -46.49 -47.29 -8.17
CA GLU I 160 -47.40 -48.27 -7.58
C GLU I 160 -46.62 -49.38 -6.88
N LEU I 161 -45.76 -50.06 -7.63
CA LEU I 161 -44.94 -51.13 -7.05
C LEU I 161 -44.23 -50.65 -5.80
N ALA I 162 -43.49 -49.53 -5.93
CA ALA I 162 -42.81 -48.95 -4.77
C ALA I 162 -43.76 -48.82 -3.60
N GLU I 163 -44.91 -48.17 -3.83
CA GLU I 163 -45.91 -48.01 -2.78
C GLU I 163 -46.17 -49.33 -2.08
N HIS I 164 -46.52 -50.36 -2.86
CA HIS I 164 -46.85 -51.64 -2.27
C HIS I 164 -45.71 -52.18 -1.44
N LEU I 165 -44.49 -52.14 -1.99
CA LEU I 165 -43.32 -52.59 -1.24
C LEU I 165 -43.25 -51.88 0.09
N THR I 166 -43.36 -50.54 0.07
CA THR I 166 -43.35 -49.76 1.30
C THR I 166 -44.30 -50.37 2.31
N TYR I 167 -45.57 -50.55 1.89
CA TYR I 167 -46.59 -51.09 2.77
C TYR I 167 -46.06 -52.33 3.47
N LEU I 168 -45.62 -53.32 2.68
CA LEU I 168 -45.12 -54.56 3.26
C LEU I 168 -44.09 -54.27 4.35
N GLU I 169 -43.03 -53.55 3.98
CA GLU I 169 -41.97 -53.33 4.96
C GLU I 169 -42.50 -52.59 6.17
N TYR I 170 -43.33 -51.57 5.93
CA TYR I 170 -43.87 -50.81 7.05
C TYR I 170 -44.70 -51.71 7.94
N ARG I 171 -45.51 -52.59 7.34
CA ARG I 171 -46.35 -53.47 8.13
C ARG I 171 -45.52 -54.39 9.01
N SER I 172 -44.30 -54.71 8.60
CA SER I 172 -43.42 -55.47 9.48
C SER I 172 -42.82 -54.57 10.55
N PHE I 173 -42.43 -53.34 10.16
CA PHE I 173 -41.70 -52.46 11.07
C PHE I 173 -42.53 -52.15 12.31
N CYS I 174 -43.83 -51.94 12.15
CA CYS I 174 -44.69 -51.60 13.27
C CYS I 174 -44.77 -52.73 14.30
N LYS I 175 -44.45 -53.96 13.91
CA LYS I 175 -44.54 -55.09 14.82
C LYS I 175 -43.34 -55.16 15.76
N ILE I 176 -42.35 -54.30 15.59
CA ILE I 176 -41.12 -54.32 16.39
C ILE I 176 -41.34 -53.46 17.62
N LEU I 177 -41.10 -54.04 18.80
CA LEU I 177 -41.22 -53.33 20.06
C LEU I 177 -39.83 -53.01 20.62
N PHE I 178 -39.82 -52.29 21.75
CA PHE I 178 -38.57 -51.95 22.40
C PHE I 178 -37.79 -53.19 22.82
N GLN I 179 -38.50 -54.24 23.23
CA GLN I 179 -37.84 -55.48 23.64
C GLN I 179 -36.99 -56.04 22.51
N ASP I 180 -37.45 -55.92 21.27
CA ASP I 180 -36.74 -56.49 20.13
C ASP I 180 -35.45 -55.71 19.85
N TYR I 181 -35.55 -54.38 19.81
CA TYR I 181 -34.36 -53.55 19.70
C TYR I 181 -33.37 -53.84 20.82
N HIS I 182 -33.87 -53.96 22.05
CA HIS I 182 -33.01 -54.23 23.19
C HIS I 182 -32.26 -55.55 23.00
N SER I 183 -32.99 -56.60 22.61
CA SER I 183 -32.34 -57.90 22.43
C SER I 183 -31.31 -57.87 21.31
N PHE I 184 -31.63 -57.17 20.21
CA PHE I 184 -30.67 -57.05 19.11
C PHE I 184 -29.40 -56.34 19.56
N VAL I 185 -29.55 -55.16 20.14
CA VAL I 185 -28.38 -54.37 20.54
C VAL I 185 -27.57 -55.10 21.59
N THR I 186 -28.23 -55.82 22.49
CA THR I 186 -27.51 -56.58 23.50
C THR I 186 -26.72 -57.73 22.87
N HIS I 187 -27.35 -58.48 21.97
CA HIS I 187 -26.68 -59.63 21.36
C HIS I 187 -25.84 -59.26 20.15
N GLY I 188 -26.05 -58.09 19.55
CA GLY I 188 -25.37 -57.73 18.33
C GLY I 188 -26.04 -58.30 17.09
N CYS I 189 -26.74 -59.42 17.23
CA CYS I 189 -27.50 -60.05 16.16
C CYS I 189 -28.89 -60.39 16.68
N THR I 190 -29.68 -61.08 15.86
CA THR I 190 -31.00 -61.53 16.27
C THR I 190 -30.90 -62.92 16.89
N VAL I 191 -31.22 -63.02 18.18
CA VAL I 191 -31.20 -64.28 18.91
C VAL I 191 -32.55 -64.44 19.60
N ASP I 192 -33.31 -65.46 19.19
CA ASP I 192 -34.66 -65.68 19.72
C ASP I 192 -35.50 -64.41 19.60
N ASN I 193 -35.37 -63.73 18.47
CA ASN I 193 -36.04 -62.45 18.21
C ASN I 193 -36.82 -62.57 16.91
N PRO I 194 -37.96 -63.25 16.92
CA PRO I 194 -38.61 -63.61 15.65
C PRO I 194 -39.18 -62.41 14.89
N VAL I 195 -39.57 -61.34 15.58
CA VAL I 195 -40.15 -60.19 14.89
C VAL I 195 -39.09 -59.46 14.06
N LEU I 196 -37.99 -59.07 14.71
CA LEU I 196 -36.91 -58.40 13.99
C LEU I 196 -36.29 -59.32 12.96
N GLU I 197 -36.19 -60.62 13.28
CA GLU I 197 -35.72 -61.59 12.30
C GLU I 197 -36.61 -61.62 11.07
N ARG I 198 -37.93 -61.55 11.27
CA ARG I 198 -38.86 -61.54 10.14
C ARG I 198 -38.70 -60.27 9.31
N PHE I 199 -38.50 -59.13 9.98
CA PHE I 199 -38.29 -57.88 9.24
C PHE I 199 -37.02 -57.94 8.40
N ILE I 200 -35.91 -58.38 9.00
CA ILE I 200 -34.65 -58.52 8.27
C ILE I 200 -34.79 -59.49 7.11
N SER I 201 -35.51 -60.60 7.34
CA SER I 201 -35.72 -61.57 6.28
C SER I 201 -36.52 -60.96 5.13
N LEU I 202 -37.48 -60.08 5.44
CA LEU I 202 -38.22 -59.41 4.38
C LEU I 202 -37.34 -58.42 3.61
N PHE I 203 -36.47 -57.70 4.32
CA PHE I 203 -35.48 -56.84 3.69
C PHE I 203 -34.66 -57.61 2.67
N ASN I 204 -34.02 -58.69 3.12
CA ASN I 204 -33.21 -59.50 2.23
C ASN I 204 -34.05 -60.19 1.16
N SER I 205 -35.33 -60.44 1.44
CA SER I 205 -36.20 -61.00 0.41
C SER I 205 -36.43 -60.00 -0.71
N VAL I 206 -36.59 -58.72 -0.37
CA VAL I 206 -36.72 -57.69 -1.39
C VAL I 206 -35.46 -57.61 -2.25
N SER I 207 -34.29 -57.58 -1.59
CA SER I 207 -33.04 -57.51 -2.33
C SER I 207 -32.86 -58.73 -3.25
N GLN I 208 -33.05 -59.93 -2.70
CA GLN I 208 -32.89 -61.15 -3.48
C GLN I 208 -33.94 -61.25 -4.57
N TRP I 209 -35.12 -60.66 -4.37
CA TRP I 209 -36.13 -60.63 -5.40
C TRP I 209 -35.68 -59.76 -6.56
N VAL I 210 -35.07 -58.61 -6.27
CA VAL I 210 -34.45 -57.82 -7.33
C VAL I 210 -33.46 -58.66 -8.11
N GLN I 211 -32.56 -59.35 -7.38
CA GLN I 211 -31.55 -60.18 -8.04
C GLN I 211 -32.19 -61.24 -8.94
N LEU I 212 -33.21 -61.94 -8.42
CA LEU I 212 -33.84 -63.00 -9.19
C LEU I 212 -34.55 -62.45 -10.42
N MSE I 213 -35.26 -61.34 -10.27
CA MSE I 213 -36.01 -60.76 -11.38
C MSE I 213 -35.07 -60.20 -12.44
O MSE I 213 -35.47 -60.04 -13.60
CB MSE I 213 -36.96 -59.67 -10.87
CG MSE I 213 -38.12 -60.21 -10.07
SE MSE I 213 -38.91 -61.76 -10.94
CE MSE I 213 -38.88 -63.01 -9.43
N ILE I 214 -33.84 -59.91 -12.06
CA ILE I 214 -32.85 -59.52 -13.07
C ILE I 214 -32.26 -60.75 -13.76
N LEU I 215 -31.88 -61.77 -13.00
CA LEU I 215 -31.28 -62.96 -13.59
C LEU I 215 -32.28 -63.86 -14.30
N SER I 216 -33.59 -63.59 -14.19
CA SER I 216 -34.58 -64.47 -14.82
C SER I 216 -34.60 -64.31 -16.34
N LYS I 217 -34.32 -63.11 -16.85
CA LYS I 217 -34.31 -62.89 -18.28
C LYS I 217 -33.11 -63.57 -18.91
N PRO I 218 -33.25 -64.14 -20.11
CA PRO I 218 -32.16 -64.88 -20.75
C PRO I 218 -31.30 -64.08 -21.73
N THR I 219 -31.57 -62.79 -21.94
CA THR I 219 -30.80 -61.98 -22.86
C THR I 219 -30.45 -60.65 -22.20
N ALA I 220 -29.31 -60.10 -22.60
CA ALA I 220 -28.75 -58.93 -21.91
C ALA I 220 -29.64 -57.70 -21.97
N PRO I 221 -30.21 -57.30 -23.12
CA PRO I 221 -31.07 -56.10 -23.10
C PRO I 221 -32.28 -56.22 -22.18
N GLN I 222 -32.89 -57.40 -22.08
CA GLN I 222 -34.02 -57.58 -21.17
C GLN I 222 -33.60 -57.41 -19.72
N ARG I 223 -32.45 -57.98 -19.35
CA ARG I 223 -31.92 -57.79 -18.00
C ARG I 223 -31.62 -56.33 -17.73
N ALA I 224 -31.05 -55.63 -18.71
CA ALA I 224 -30.84 -54.19 -18.56
C ALA I 224 -32.16 -53.45 -18.41
N LEU I 225 -33.22 -53.91 -19.08
CA LEU I 225 -34.52 -53.29 -18.95
C LEU I 225 -35.07 -53.42 -17.54
N VAL I 226 -34.96 -54.62 -16.96
CA VAL I 226 -35.46 -54.80 -15.60
C VAL I 226 -34.57 -54.05 -14.60
N ILE I 227 -33.28 -53.92 -14.90
CA ILE I 227 -32.41 -53.09 -14.04
C ILE I 227 -32.86 -51.64 -14.07
N THR I 228 -33.14 -51.11 -15.25
CA THR I 228 -33.67 -49.75 -15.36
C THR I 228 -34.97 -49.61 -14.60
N HIS I 229 -35.84 -50.62 -14.70
CA HIS I 229 -37.13 -50.58 -14.00
C HIS I 229 -36.92 -50.49 -12.49
N PHE I 230 -36.02 -51.32 -11.95
CA PHE I 230 -35.78 -51.26 -10.51
C PHE I 230 -35.09 -49.96 -10.10
N VAL I 231 -34.28 -49.37 -10.98
CA VAL I 231 -33.75 -48.04 -10.70
C VAL I 231 -34.90 -47.03 -10.60
N HIS I 232 -35.92 -47.20 -11.45
CA HIS I 232 -37.08 -46.31 -11.38
C HIS I 232 -37.87 -46.52 -10.11
N VAL I 233 -38.03 -47.78 -9.68
CA VAL I 233 -38.77 -48.01 -8.44
C VAL I 233 -37.98 -47.51 -7.24
N ALA I 234 -36.64 -47.49 -7.34
CA ALA I 234 -35.84 -46.90 -6.28
C ALA I 234 -35.99 -45.38 -6.26
N GLU I 235 -36.01 -44.76 -7.45
CA GLU I 235 -36.31 -43.33 -7.53
C GLU I 235 -37.65 -43.01 -6.89
N LYS I 236 -38.66 -43.85 -7.16
CA LYS I 236 -39.98 -43.63 -6.57
C LYS I 236 -39.98 -43.86 -5.07
N LEU I 237 -39.18 -44.82 -4.59
CA LEU I 237 -39.03 -45.01 -3.15
C LEU I 237 -38.41 -43.78 -2.50
N LEU I 238 -37.40 -43.19 -3.13
CA LEU I 238 -36.82 -41.96 -2.61
C LEU I 238 -37.85 -40.83 -2.59
N GLN I 239 -38.64 -40.71 -3.67
CA GLN I 239 -39.72 -39.73 -3.66
C GLN I 239 -40.71 -40.04 -2.55
N LEU I 240 -40.96 -41.33 -2.30
CA LEU I 240 -41.83 -41.76 -1.20
C LEU I 240 -41.19 -41.55 0.17
N GLN I 241 -39.92 -41.16 0.22
CA GLN I 241 -39.18 -40.99 1.47
C GLN I 241 -39.14 -42.29 2.28
N ASN I 242 -39.05 -43.41 1.57
CA ASN I 242 -38.87 -44.73 2.16
C ASN I 242 -37.43 -45.15 1.88
N PHE I 243 -36.53 -44.81 2.81
CA PHE I 243 -35.12 -45.07 2.59
C PHE I 243 -34.75 -46.53 2.86
N ASN I 244 -35.51 -47.22 3.70
CA ASN I 244 -35.16 -48.60 4.05
C ASN I 244 -35.27 -49.51 2.84
N THR I 245 -36.42 -49.49 2.16
CA THR I 245 -36.58 -50.30 0.96
C THR I 245 -35.66 -49.85 -0.17
N LEU I 246 -35.39 -48.54 -0.24
CA LEU I 246 -34.44 -48.02 -1.22
C LEU I 246 -33.13 -48.78 -1.15
N MSE I 247 -32.49 -48.78 0.01
CA MSE I 247 -31.30 -49.57 0.28
C MSE I 247 -31.48 -51.03 -0.14
O MSE I 247 -30.56 -51.65 -0.69
CB MSE I 247 -30.94 -49.50 1.76
CG MSE I 247 -29.93 -50.53 2.20
SE MSE I 247 -28.12 -49.86 2.00
CE MSE I 247 -27.55 -51.05 0.57
N ALA I 248 -32.68 -51.57 0.10
CA ALA I 248 -32.96 -52.94 -0.25
C ALA I 248 -32.79 -53.18 -1.74
N VAL I 249 -33.27 -52.26 -2.57
CA VAL I 249 -33.18 -52.47 -4.01
C VAL I 249 -31.86 -51.95 -4.57
N VAL I 250 -31.42 -50.76 -4.11
CA VAL I 250 -30.13 -50.24 -4.55
C VAL I 250 -29.02 -51.23 -4.21
N GLY I 251 -28.95 -51.63 -2.94
CA GLY I 251 -28.00 -52.66 -2.56
C GLY I 251 -28.25 -53.98 -3.26
N GLY I 252 -29.50 -54.25 -3.65
CA GLY I 252 -29.78 -55.41 -4.45
C GLY I 252 -29.25 -55.29 -5.86
N LEU I 253 -29.24 -54.06 -6.41
CA LEU I 253 -28.71 -53.84 -7.74
C LEU I 253 -27.19 -53.93 -7.79
N SER I 254 -26.51 -53.91 -6.65
CA SER I 254 -25.05 -53.96 -6.61
C SER I 254 -24.53 -55.29 -6.07
N HIS I 255 -25.37 -56.33 -6.06
CA HIS I 255 -24.90 -57.64 -5.64
C HIS I 255 -23.88 -58.18 -6.64
N SER I 256 -23.06 -59.13 -6.16
CA SER I 256 -22.01 -59.70 -6.99
C SER I 256 -22.57 -60.31 -8.26
N SER I 257 -23.71 -61.00 -8.17
CA SER I 257 -24.29 -61.66 -9.34
C SER I 257 -24.60 -60.67 -10.45
N ILE I 258 -24.99 -59.44 -10.10
CA ILE I 258 -25.39 -58.46 -11.09
C ILE I 258 -24.23 -57.54 -11.49
N SER I 259 -23.28 -57.30 -10.57
CA SER I 259 -22.16 -56.42 -10.88
C SER I 259 -21.24 -57.02 -11.93
N ARG I 260 -21.13 -58.35 -11.97
CA ARG I 260 -20.26 -59.01 -12.95
C ARG I 260 -20.85 -59.02 -14.35
N LEU I 261 -22.16 -58.79 -14.50
CA LEU I 261 -22.81 -58.82 -15.80
C LEU I 261 -22.46 -57.53 -16.55
N LYS I 262 -21.23 -57.48 -17.06
CA LYS I 262 -20.79 -56.32 -17.83
C LYS I 262 -21.58 -56.18 -19.13
N GLU I 263 -22.05 -57.28 -19.71
CA GLU I 263 -22.73 -57.21 -20.99
C GLU I 263 -24.10 -56.56 -20.85
N THR I 264 -24.84 -56.88 -19.79
CA THR I 264 -26.07 -56.15 -19.52
C THR I 264 -25.79 -54.73 -19.05
N HIS I 265 -24.68 -54.52 -18.33
CA HIS I 265 -24.33 -53.18 -17.88
C HIS I 265 -23.94 -52.28 -19.05
N SER I 266 -23.58 -52.85 -20.20
CA SER I 266 -23.37 -52.04 -21.39
C SER I 266 -24.69 -51.55 -21.97
N HIS I 267 -25.77 -52.28 -21.77
CA HIS I 267 -27.06 -52.01 -22.40
C HIS I 267 -27.94 -51.05 -21.60
N VAL I 268 -27.53 -50.64 -20.42
CA VAL I 268 -28.34 -49.71 -19.63
C VAL I 268 -28.08 -48.28 -20.10
N SER I 269 -29.09 -47.43 -19.95
CA SER I 269 -28.97 -46.05 -20.40
C SER I 269 -27.97 -45.28 -19.54
N PRO I 270 -27.10 -44.47 -20.16
CA PRO I 270 -26.19 -43.63 -19.36
C PRO I 270 -26.92 -42.65 -18.47
N GLU I 271 -28.08 -42.15 -18.89
CA GLU I 271 -28.93 -41.35 -18.02
C GLU I 271 -29.40 -42.16 -16.81
N THR I 272 -29.87 -43.38 -17.07
CA THR I 272 -30.22 -44.29 -15.99
C THR I 272 -29.02 -44.56 -15.09
N ILE I 273 -27.83 -44.69 -15.69
CA ILE I 273 -26.62 -44.90 -14.90
C ILE I 273 -26.36 -43.70 -13.99
N LYS I 274 -26.52 -42.49 -14.51
CA LYS I 274 -26.34 -41.29 -13.69
C LYS I 274 -27.28 -41.31 -12.49
N LEU I 275 -28.58 -41.54 -12.75
CA LEU I 275 -29.55 -41.57 -11.65
C LEU I 275 -29.25 -42.69 -10.66
N TRP I 276 -28.89 -43.87 -11.17
CA TRP I 276 -28.59 -45.03 -10.33
C TRP I 276 -27.41 -44.75 -9.40
N GLU I 277 -26.28 -44.32 -9.97
CA GLU I 277 -25.13 -44.04 -9.13
C GLU I 277 -25.37 -42.87 -8.19
N GLY I 278 -26.24 -41.93 -8.58
CA GLY I 278 -26.64 -40.90 -7.63
C GLY I 278 -27.35 -41.47 -6.42
N LEU I 279 -28.29 -42.39 -6.67
CA LEU I 279 -28.98 -43.05 -5.56
C LEU I 279 -28.01 -43.87 -4.72
N THR I 280 -27.07 -44.57 -5.37
CA THR I 280 -26.08 -45.33 -4.63
C THR I 280 -25.22 -44.42 -3.76
N GLU I 281 -24.89 -43.23 -4.26
CA GLU I 281 -24.18 -42.25 -3.45
C GLU I 281 -25.05 -41.75 -2.29
N LEU I 282 -26.37 -41.71 -2.48
CA LEU I 282 -27.25 -41.28 -1.41
C LEU I 282 -27.12 -42.18 -0.19
N VAL I 283 -26.94 -43.48 -0.41
CA VAL I 283 -26.92 -44.46 0.67
C VAL I 283 -25.51 -44.98 0.92
N THR I 284 -24.50 -44.20 0.56
CA THR I 284 -23.12 -44.63 0.76
C THR I 284 -22.78 -44.65 2.24
N ALA I 285 -21.91 -45.59 2.63
CA ALA I 285 -21.38 -45.63 3.98
C ALA I 285 -20.22 -44.67 4.18
N THR I 286 -19.77 -44.00 3.12
CA THR I 286 -18.73 -43.00 3.24
C THR I 286 -19.24 -41.81 4.05
N GLY I 287 -18.40 -41.31 4.96
CA GLY I 287 -18.83 -40.26 5.84
C GLY I 287 -19.83 -40.70 6.89
N ASN I 288 -19.86 -41.99 7.21
CA ASN I 288 -20.77 -42.55 8.22
C ASN I 288 -22.23 -42.28 7.85
N TYR I 289 -22.56 -42.58 6.59
CA TYR I 289 -23.89 -42.36 6.05
C TYR I 289 -24.33 -40.91 6.23
N GLY I 290 -23.41 -39.99 5.95
CA GLY I 290 -23.72 -38.58 6.15
C GLY I 290 -24.82 -38.07 5.23
N ASN I 291 -24.76 -38.47 3.96
CA ASN I 291 -25.80 -38.08 3.01
C ASN I 291 -27.16 -38.58 3.45
N TYR I 292 -27.25 -39.86 3.82
CA TYR I 292 -28.50 -40.43 4.30
C TYR I 292 -29.01 -39.69 5.54
N ARG I 293 -28.13 -39.47 6.51
CA ARG I 293 -28.56 -38.80 7.74
C ARG I 293 -29.06 -37.39 7.46
N ARG I 294 -28.37 -36.66 6.57
CA ARG I 294 -28.80 -35.31 6.24
C ARG I 294 -30.15 -35.32 5.54
N ARG I 295 -30.33 -36.22 4.57
CA ARG I 295 -31.61 -36.31 3.87
C ARG I 295 -32.73 -36.68 4.83
N LEU I 296 -32.49 -37.67 5.70
CA LEU I 296 -33.49 -38.07 6.68
C LEU I 296 -33.87 -36.91 7.60
N ALA I 297 -32.87 -36.15 8.05
CA ALA I 297 -33.16 -34.99 8.89
C ALA I 297 -33.99 -33.96 8.14
N ALA I 298 -33.70 -33.78 6.85
CA ALA I 298 -34.44 -32.81 6.05
C ALA I 298 -35.85 -33.27 5.70
N CYS I 299 -36.24 -34.49 6.06
CA CYS I 299 -37.57 -34.98 5.71
C CYS I 299 -38.65 -34.34 6.58
N VAL I 300 -39.81 -34.14 5.97
CA VAL I 300 -41.00 -33.64 6.67
C VAL I 300 -42.14 -34.61 6.40
N GLY I 301 -42.92 -34.90 7.43
CA GLY I 301 -44.01 -35.86 7.30
C GLY I 301 -43.55 -37.28 7.50
N PHE I 302 -44.16 -38.22 6.78
CA PHE I 302 -43.79 -39.63 6.93
C PHE I 302 -42.38 -39.87 6.41
N ARG I 303 -41.64 -40.70 7.14
CA ARG I 303 -40.31 -41.14 6.71
C ARG I 303 -40.11 -42.57 7.17
N PHE I 304 -39.33 -43.32 6.39
CA PHE I 304 -38.98 -44.71 6.71
C PHE I 304 -37.45 -44.79 6.79
N PRO I 305 -36.88 -44.65 7.97
CA PRO I 305 -35.42 -44.75 8.09
C PRO I 305 -34.94 -46.15 7.78
N ILE I 306 -33.72 -46.24 7.23
CA ILE I 306 -33.11 -47.55 7.01
C ILE I 306 -32.71 -48.14 8.35
N LEU I 307 -33.48 -49.11 8.82
CA LEU I 307 -33.09 -49.85 10.01
C LEU I 307 -31.83 -50.65 9.72
N GLY I 308 -30.80 -50.44 10.52
CA GLY I 308 -29.51 -51.04 10.28
C GLY I 308 -28.39 -50.02 10.33
N VAL I 309 -28.64 -48.81 9.82
CA VAL I 309 -27.77 -47.69 10.16
C VAL I 309 -27.96 -47.32 11.62
N HIS I 310 -29.21 -47.23 12.05
CA HIS I 310 -29.52 -46.91 13.43
C HIS I 310 -29.23 -48.10 14.35
N LEU I 311 -29.43 -49.32 13.85
CA LEU I 311 -28.98 -50.50 14.59
C LEU I 311 -27.47 -50.51 14.75
N LYS I 312 -26.74 -50.11 13.70
CA LYS I 312 -25.29 -49.99 13.82
C LYS I 312 -24.91 -48.97 14.87
N ASP I 313 -25.58 -47.82 14.89
CA ASP I 313 -25.32 -46.80 15.89
C ASP I 313 -25.59 -47.33 17.29
N LEU I 314 -26.69 -48.06 17.47
CA LEU I 314 -27.03 -48.60 18.78
C LEU I 314 -26.00 -49.63 19.24
N VAL I 315 -25.55 -50.49 18.33
CA VAL I 315 -24.54 -51.49 18.70
C VAL I 315 -23.22 -50.83 19.04
N ALA I 316 -22.83 -49.80 18.27
CA ALA I 316 -21.63 -49.06 18.58
C ALA I 316 -21.71 -48.42 19.96
N LEU I 317 -22.85 -47.79 20.26
CA LEU I 317 -23.04 -47.18 21.57
C LEU I 317 -22.98 -48.23 22.69
N GLN I 318 -23.59 -49.40 22.45
CA GLN I 318 -23.60 -50.44 23.47
C GLN I 318 -22.19 -50.96 23.74
N LEU I 319 -21.41 -51.21 22.69
CA LEU I 319 -20.09 -51.78 22.88
C LEU I 319 -19.09 -50.75 23.41
N ALA I 320 -19.22 -49.48 23.01
CA ALA I 320 -18.22 -48.49 23.38
C ALA I 320 -18.41 -47.99 24.80
N LEU I 321 -19.65 -47.66 25.19
CA LEU I 321 -19.90 -47.06 26.49
C LEU I 321 -20.54 -48.08 27.44
N PRO I 322 -20.23 -47.99 28.72
CA PRO I 322 -20.81 -48.94 29.69
C PRO I 322 -22.19 -48.51 30.16
N ASP I 323 -22.99 -49.52 30.55
CA ASP I 323 -24.32 -49.24 31.06
C ASP I 323 -24.26 -48.45 32.36
N TRP I 324 -23.35 -48.81 33.26
CA TRP I 324 -23.22 -48.18 34.55
C TRP I 324 -21.86 -47.51 34.68
N LEU I 325 -21.77 -46.56 35.61
CA LEU I 325 -20.53 -45.85 35.89
C LEU I 325 -19.75 -46.44 37.05
N ASP I 326 -20.41 -47.13 37.97
CA ASP I 326 -19.70 -47.73 39.11
C ASP I 326 -19.63 -49.24 38.95
N PRO I 327 -18.61 -49.88 39.54
CA PRO I 327 -18.55 -51.34 39.50
C PRO I 327 -19.72 -52.03 40.19
N ALA I 328 -20.31 -51.40 41.20
CA ALA I 328 -21.45 -51.97 41.89
C ALA I 328 -22.70 -52.00 41.03
N ARG I 329 -22.70 -51.33 39.87
CA ARG I 329 -23.82 -51.30 38.94
C ARG I 329 -25.07 -50.70 39.58
N THR I 330 -24.92 -49.46 40.05
CA THR I 330 -26.02 -48.74 40.67
C THR I 330 -26.24 -47.38 40.01
N ARG I 331 -25.17 -46.73 39.56
CA ARG I 331 -25.26 -45.41 38.94
C ARG I 331 -25.43 -45.57 37.43
N LEU I 332 -26.40 -44.85 36.87
CA LEU I 332 -26.72 -44.97 35.46
C LEU I 332 -25.82 -44.06 34.63
N ASN I 333 -25.30 -44.59 33.52
CA ASN I 333 -24.55 -43.77 32.57
C ASN I 333 -25.54 -42.86 31.86
N GLY I 334 -25.64 -41.62 32.32
CA GLY I 334 -26.67 -40.72 31.82
C GLY I 334 -26.51 -40.42 30.34
N ALA I 335 -25.28 -40.28 29.87
CA ALA I 335 -25.05 -39.97 28.46
C ALA I 335 -25.54 -41.10 27.57
N LYS I 336 -25.01 -42.30 27.78
CA LYS I 336 -25.38 -43.47 26.98
C LYS I 336 -26.90 -43.57 26.84
N MSE I 337 -27.60 -43.64 27.97
CA MSE I 337 -29.06 -43.68 27.98
C MSE I 337 -29.61 -42.65 27.00
O MSE I 337 -30.24 -43.02 26.00
CB MSE I 337 -29.60 -43.41 29.38
CG MSE I 337 -31.09 -43.70 29.53
SE MSE I 337 -31.83 -43.24 31.27
CE MSE I 337 -30.23 -43.44 32.36
N LYS I 338 -29.31 -41.38 27.27
CA LYS I 338 -29.81 -40.30 26.40
C LYS I 338 -29.56 -40.62 24.94
N GLN I 339 -28.31 -40.95 24.62
CA GLN I 339 -27.96 -41.22 23.22
C GLN I 339 -28.80 -42.38 22.68
N LEU I 340 -28.81 -43.50 23.40
CA LEU I 340 -29.70 -44.61 23.05
C LEU I 340 -31.11 -44.10 22.81
N PHE I 341 -31.64 -43.36 23.79
CA PHE I 341 -32.99 -42.81 23.67
C PHE I 341 -33.13 -42.02 22.38
N SER I 342 -32.16 -41.13 22.09
CA SER I 342 -32.25 -40.27 20.92
C SER I 342 -32.44 -41.08 19.66
N ILE I 343 -31.89 -42.29 19.60
CA ILE I 343 -32.13 -43.15 18.45
C ILE I 343 -33.50 -43.79 18.54
N LEU I 344 -33.78 -44.47 19.65
CA LEU I 344 -34.95 -45.33 19.73
C LEU I 344 -36.24 -44.52 19.57
N GLU I 345 -36.31 -43.35 20.21
CA GLU I 345 -37.47 -42.49 20.05
C GLU I 345 -37.76 -42.22 18.58
N GLU I 346 -36.71 -41.93 17.80
CA GLU I 346 -36.90 -41.76 16.36
C GLU I 346 -37.56 -42.99 15.76
N LEU I 347 -37.00 -44.17 16.04
CA LEU I 347 -37.61 -45.40 15.56
C LEU I 347 -39.04 -45.55 16.06
N ALA I 348 -39.31 -45.06 17.27
CA ALA I 348 -40.67 -45.11 17.79
C ALA I 348 -41.60 -44.19 17.02
N MSE I 349 -41.10 -43.02 16.61
CA MSE I 349 -41.94 -42.00 15.99
C MSE I 349 -42.34 -42.38 14.56
O MSE I 349 -43.22 -41.76 13.97
CB MSE I 349 -41.26 -40.64 15.99
CG MSE I 349 -41.08 -40.05 17.38
SE MSE I 349 -42.78 -39.72 18.29
CE MSE I 349 -43.56 -38.46 17.02
N VAL I 350 -41.68 -43.40 14.01
CA VAL I 350 -42.04 -43.85 12.67
C VAL I 350 -43.40 -44.53 12.67
N THR I 351 -43.71 -45.26 13.73
CA THR I 351 -45.02 -45.89 13.85
C THR I 351 -46.12 -44.87 14.13
N SER I 352 -45.77 -43.64 14.50
CA SER I 352 -46.78 -42.63 14.77
C SER I 352 -47.52 -42.23 13.49
N LEU I 353 -46.85 -42.28 12.35
CA LEU I 353 -47.41 -41.87 11.08
C LEU I 353 -47.51 -43.06 10.13
N ARG I 354 -48.55 -43.06 9.31
CA ARG I 354 -48.71 -44.09 8.29
C ARG I 354 -48.27 -43.57 6.94
N PRO I 355 -47.69 -44.43 6.10
CA PRO I 355 -47.22 -43.98 4.78
C PRO I 355 -48.39 -43.58 3.90
N PRO I 356 -48.28 -42.44 3.19
CA PRO I 356 -49.35 -42.04 2.28
C PRO I 356 -49.39 -42.95 1.06
N VAL I 357 -49.87 -44.17 1.25
CA VAL I 357 -49.77 -45.22 0.25
C VAL I 357 -51.09 -45.98 0.18
N GLN I 358 -51.57 -46.21 -1.03
CA GLN I 358 -52.72 -47.07 -1.27
C GLN I 358 -52.24 -48.39 -1.87
N ALA I 359 -52.92 -49.48 -1.51
CA ALA I 359 -52.45 -50.81 -1.87
C ALA I 359 -53.61 -51.79 -1.91
N ASN I 360 -53.84 -52.42 -3.09
CA ASN I 360 -54.94 -53.37 -3.26
C ASN I 360 -54.49 -54.76 -2.81
N PRO I 361 -55.23 -55.42 -1.91
CA PRO I 361 -54.68 -56.61 -1.22
C PRO I 361 -54.26 -57.75 -2.15
N ASP I 362 -54.81 -57.83 -3.35
CA ASP I 362 -54.42 -58.89 -4.28
C ASP I 362 -52.94 -58.76 -4.65
N LEU I 363 -52.51 -57.55 -5.01
CA LEU I 363 -51.10 -57.33 -5.33
C LEU I 363 -50.22 -57.54 -4.10
N LEU I 364 -50.72 -57.19 -2.92
CA LEU I 364 -49.96 -57.46 -1.69
C LEU I 364 -49.71 -58.95 -1.54
N SER I 365 -50.76 -59.76 -1.69
CA SER I 365 -50.62 -61.21 -1.54
C SER I 365 -49.68 -61.79 -2.59
N LEU I 366 -49.88 -61.42 -3.86
CA LEU I 366 -49.02 -61.94 -4.92
C LEU I 366 -47.56 -61.57 -4.69
N LEU I 367 -47.30 -60.30 -4.32
CA LEU I 367 -45.94 -59.87 -4.04
C LEU I 367 -45.34 -60.65 -2.88
N THR I 368 -46.11 -60.85 -1.81
CA THR I 368 -45.62 -61.63 -0.66
C THR I 368 -45.25 -63.04 -1.09
N VAL I 369 -46.11 -63.69 -1.88
CA VAL I 369 -45.81 -65.05 -2.35
C VAL I 369 -44.53 -65.05 -3.18
N SER I 370 -44.33 -64.02 -4.00
CA SER I 370 -43.13 -63.98 -4.83
C SER I 370 -41.87 -63.75 -4.00
N LEU I 371 -41.93 -62.85 -3.02
CA LEU I 371 -40.75 -62.56 -2.20
C LEU I 371 -40.35 -63.74 -1.33
N ASP I 372 -41.30 -64.62 -0.97
CA ASP I 372 -41.01 -65.74 -0.09
C ASP I 372 -40.08 -66.78 -0.71
N GLN I 373 -39.76 -66.68 -2.00
CA GLN I 373 -38.86 -67.63 -2.62
C GLN I 373 -37.41 -67.27 -2.31
N TYR I 374 -36.66 -68.25 -1.81
CA TYR I 374 -35.30 -68.03 -1.34
C TYR I 374 -34.30 -68.77 -2.21
N GLN I 375 -33.17 -68.13 -2.47
CA GLN I 375 -32.04 -68.73 -3.16
C GLN I 375 -30.77 -68.45 -2.36
N THR I 376 -29.89 -69.44 -2.28
CA THR I 376 -28.63 -69.21 -1.62
C THR I 376 -27.72 -68.37 -2.51
N GLU I 377 -26.74 -67.71 -1.88
CA GLU I 377 -25.82 -66.83 -2.60
C GLU I 377 -25.15 -67.57 -3.75
N ASP I 378 -24.68 -68.79 -3.49
CA ASP I 378 -23.99 -69.57 -4.51
C ASP I 378 -24.90 -69.87 -5.70
N GLU I 379 -26.19 -70.10 -5.43
CA GLU I 379 -27.13 -70.35 -6.52
C GLU I 379 -27.27 -69.13 -7.43
N LEU I 380 -27.39 -67.95 -6.84
CA LEU I 380 -27.48 -66.74 -7.64
C LEU I 380 -26.20 -66.51 -8.44
N TYR I 381 -25.04 -66.80 -7.83
CA TYR I 381 -23.79 -66.67 -8.58
C TYR I 381 -23.72 -67.66 -9.75
N GLN I 382 -24.18 -68.90 -9.52
CA GLN I 382 -24.21 -69.88 -10.60
C GLN I 382 -25.13 -69.43 -11.73
N LEU I 383 -26.30 -68.88 -11.38
CA LEU I 383 -27.19 -68.33 -12.41
C LEU I 383 -26.53 -67.20 -13.18
N SER I 384 -25.83 -66.31 -12.46
CA SER I 384 -25.09 -65.23 -13.13
C SER I 384 -24.06 -65.78 -14.09
N LEU I 385 -23.33 -66.81 -13.69
CA LEU I 385 -22.35 -67.43 -14.59
C LEU I 385 -23.03 -68.04 -15.81
N GLN I 386 -24.20 -68.65 -15.61
CA GLN I 386 -24.95 -69.19 -16.74
C GLN I 386 -25.36 -68.09 -17.72
N ARG I 387 -25.85 -66.96 -17.20
CA ARG I 387 -26.26 -65.87 -18.06
C ARG I 387 -25.08 -65.34 -18.87
N GLU I 388 -23.95 -65.13 -18.21
CA GLU I 388 -22.71 -64.67 -18.85
C GLU I 388 -21.51 -65.35 -18.22
N PRO I 389 -20.89 -66.31 -18.91
CA PRO I 389 -19.71 -66.98 -18.34
C PRO I 389 -18.47 -66.10 -18.50
N ARG I 390 -17.39 -66.58 -17.88
CA ARG I 390 -16.10 -65.89 -17.98
C ARG I 390 -15.43 -66.18 -19.33
N MET J 3 -4.18 -34.41 0.22
CA MET J 3 -4.13 -35.48 1.20
C MET J 3 -5.03 -36.64 0.79
N ARG J 4 -4.42 -37.81 0.59
CA ARG J 4 -5.13 -38.96 0.05
C ARG J 4 -6.09 -39.54 1.09
N GLU J 5 -7.26 -39.96 0.62
CA GLU J 5 -8.30 -40.53 1.46
C GLU J 5 -8.37 -42.03 1.22
N TYR J 6 -8.52 -42.79 2.31
CA TYR J 6 -8.57 -44.25 2.26
C TYR J 6 -9.85 -44.74 2.92
N LYS J 7 -10.54 -45.66 2.25
CA LYS J 7 -11.72 -46.33 2.79
C LYS J 7 -11.32 -47.73 3.24
N LEU J 8 -11.30 -47.96 4.55
CA LEU J 8 -10.92 -49.25 5.11
C LEU J 8 -12.14 -49.84 5.80
N VAL J 9 -12.53 -51.05 5.41
CA VAL J 9 -13.75 -51.68 5.89
C VAL J 9 -13.35 -52.84 6.80
N VAL J 10 -14.01 -52.95 7.95
CA VAL J 10 -13.70 -53.98 8.94
C VAL J 10 -14.82 -55.00 8.93
N LEU J 11 -14.48 -56.24 8.58
CA LEU J 11 -15.42 -57.36 8.53
C LEU J 11 -15.10 -58.35 9.64
N GLY J 12 -16.14 -59.01 10.14
CA GLY J 12 -15.97 -59.95 11.23
C GLY J 12 -17.27 -60.68 11.52
N SER J 13 -17.19 -61.60 12.48
CA SER J 13 -18.32 -62.46 12.82
C SER J 13 -19.21 -61.85 13.89
N GLY J 14 -18.70 -60.88 14.64
CA GLY J 14 -19.51 -60.15 15.61
C GLY J 14 -19.07 -60.31 17.06
N GLY J 15 -18.65 -61.52 17.42
CA GLY J 15 -18.19 -61.81 18.76
C GLY J 15 -16.70 -61.56 18.82
N VAL J 16 -16.21 -60.87 17.80
CA VAL J 16 -14.78 -60.71 17.61
C VAL J 16 -14.23 -59.49 18.33
N GLY J 17 -14.99 -58.40 18.34
CA GLY J 17 -14.48 -57.15 18.86
C GLY J 17 -13.90 -56.25 17.79
N LYS J 18 -14.41 -56.31 16.56
CA LYS J 18 -13.94 -55.40 15.52
C LYS J 18 -14.28 -53.96 15.86
N SER J 19 -15.42 -53.72 16.51
CA SER J 19 -15.74 -52.38 16.98
C SER J 19 -14.73 -51.91 18.01
N ALA J 20 -14.24 -52.82 18.86
CA ALA J 20 -13.20 -52.47 19.83
C ALA J 20 -11.95 -51.99 19.12
N LEU J 21 -11.51 -52.72 18.09
CA LEU J 21 -10.33 -52.30 17.33
C LEU J 21 -10.58 -50.97 16.64
N THR J 22 -11.77 -50.77 16.09
CA THR J 22 -12.10 -49.52 15.41
C THR J 22 -12.01 -48.34 16.37
N VAL J 23 -12.64 -48.46 17.54
CA VAL J 23 -12.63 -47.37 18.51
C VAL J 23 -11.22 -47.14 19.04
N GLN J 24 -10.46 -48.21 19.24
CA GLN J 24 -9.08 -48.07 19.69
C GLN J 24 -8.23 -47.36 18.66
N PHE J 25 -8.48 -47.62 17.38
CA PHE J 25 -7.72 -46.96 16.32
C PHE J 25 -8.08 -45.48 16.24
N VAL J 26 -9.36 -45.16 16.12
CA VAL J 26 -9.76 -43.78 15.84
C VAL J 26 -9.76 -42.95 17.12
N GLN J 27 -10.43 -43.43 18.16
CA GLN J 27 -10.55 -42.69 19.41
C GLN J 27 -9.41 -42.97 20.39
N GLY J 28 -8.75 -44.11 20.25
CA GLY J 28 -7.80 -44.53 21.26
C GLY J 28 -8.52 -44.91 22.54
N ILE J 29 -7.80 -44.76 23.66
CA ILE J 29 -8.35 -44.94 25.00
C ILE J 29 -9.04 -43.62 25.37
N PHE J 30 -9.74 -43.61 26.50
CA PHE J 30 -10.47 -42.43 27.04
C PHE J 30 -11.44 -41.85 26.00
N VAL J 31 -12.49 -42.63 25.77
CA VAL J 31 -13.51 -42.41 24.74
C VAL J 31 -14.34 -41.16 24.99
N GLU J 32 -13.98 -40.39 26.03
CA GLU J 32 -14.93 -39.78 26.96
C GLU J 32 -16.29 -39.45 26.36
N LYS J 33 -16.35 -38.52 25.41
CA LYS J 33 -17.60 -38.21 24.73
C LYS J 33 -17.56 -38.82 23.34
N TYR J 34 -18.40 -39.83 23.10
CA TYR J 34 -18.29 -40.63 21.90
C TYR J 34 -19.64 -40.67 21.23
N ASP J 35 -19.70 -40.16 20.00
CA ASP J 35 -20.94 -40.07 19.24
C ASP J 35 -20.78 -40.87 17.95
N PRO J 36 -21.33 -42.08 17.87
CA PRO J 36 -21.22 -42.87 16.64
C PRO J 36 -22.10 -42.38 15.51
N THR J 37 -22.95 -41.39 15.73
CA THR J 37 -23.87 -40.94 14.70
C THR J 37 -23.30 -39.84 13.81
N ILE J 38 -22.14 -39.29 14.15
CA ILE J 38 -21.57 -38.16 13.44
C ILE J 38 -20.45 -38.66 12.53
N GLU J 39 -20.21 -37.91 11.45
CA GLU J 39 -19.36 -38.36 10.35
C GLU J 39 -17.93 -38.63 10.79
N ASP J 40 -17.33 -37.71 11.54
CA ASP J 40 -15.92 -37.84 11.89
C ASP J 40 -15.68 -38.70 13.12
N SER J 41 -16.63 -39.57 13.49
CA SER J 41 -16.37 -40.54 14.54
C SER J 41 -15.43 -41.64 14.07
N TYR J 42 -15.40 -41.90 12.77
CA TYR J 42 -14.58 -42.98 12.22
C TYR J 42 -13.49 -42.44 11.28
N ARG J 43 -13.21 -41.14 11.32
CA ARG J 43 -12.20 -40.53 10.48
C ARG J 43 -10.98 -40.21 11.33
N LYS J 44 -9.81 -40.63 10.86
CA LYS J 44 -8.57 -40.34 11.55
C LYS J 44 -7.49 -39.93 10.56
N GLN J 45 -6.81 -38.82 10.84
CA GLN J 45 -5.67 -38.40 10.05
C GLN J 45 -4.42 -39.07 10.60
N VAL J 46 -3.68 -39.74 9.72
CA VAL J 46 -2.58 -40.62 10.11
C VAL J 46 -1.43 -40.46 9.12
N GLU J 47 -0.21 -40.47 9.62
CA GLU J 47 0.97 -40.48 8.77
C GLU J 47 1.51 -41.90 8.67
N VAL J 48 1.67 -42.39 7.44
CA VAL J 48 2.27 -43.69 7.16
C VAL J 48 3.23 -43.53 6.01
N ASP J 49 4.47 -44.01 6.20
CA ASP J 49 5.55 -43.87 5.22
C ASP J 49 5.70 -42.41 4.79
N ALA J 50 5.76 -41.53 5.78
CA ALA J 50 5.90 -40.08 5.61
C ALA J 50 4.76 -39.46 4.82
N GLN J 51 3.68 -40.21 4.59
CA GLN J 51 2.53 -39.72 3.83
C GLN J 51 1.38 -39.39 4.78
N GLN J 52 0.81 -38.21 4.61
CA GLN J 52 -0.38 -37.82 5.35
C GLN J 52 -1.61 -38.39 4.66
N CYS J 53 -2.44 -39.10 5.41
CA CYS J 53 -3.61 -39.78 4.86
C CYS J 53 -4.80 -39.57 5.77
N MET J 54 -5.98 -39.46 5.18
CA MET J 54 -7.22 -39.42 5.93
C MET J 54 -7.89 -40.79 5.78
N LEU J 55 -7.96 -41.54 6.88
CA LEU J 55 -8.53 -42.87 6.87
C LEU J 55 -9.96 -42.80 7.40
N GLU J 56 -10.86 -43.52 6.74
CA GLU J 56 -12.21 -43.72 7.26
C GLU J 56 -12.42 -45.21 7.48
N ILE J 57 -12.78 -45.57 8.70
CA ILE J 57 -13.01 -46.96 9.09
C ILE J 57 -14.51 -47.21 9.01
N LEU J 58 -14.89 -48.17 8.18
CA LEU J 58 -16.29 -48.57 8.00
C LEU J 58 -16.50 -49.84 8.83
N ASP J 59 -17.10 -49.65 10.00
CA ASP J 59 -17.40 -50.76 10.91
C ASP J 59 -18.74 -51.37 10.54
N THR J 60 -18.78 -52.70 10.50
CA THR J 60 -19.99 -53.46 10.18
C THR J 60 -20.61 -54.08 11.43
N ALA J 61 -20.60 -53.33 12.53
CA ALA J 61 -20.94 -53.89 13.84
C ALA J 61 -22.34 -54.47 13.87
N GLY J 62 -23.34 -53.70 13.42
CA GLY J 62 -24.71 -54.17 13.49
C GLY J 62 -25.39 -54.27 12.15
N THR J 63 -24.63 -54.52 11.10
CA THR J 63 -25.14 -54.53 9.73
C THR J 63 -24.89 -55.83 8.99
N GLU J 64 -24.22 -56.80 9.61
CA GLU J 64 -23.84 -58.02 8.90
C GLU J 64 -25.03 -58.89 8.51
N GLN J 65 -26.22 -58.63 9.06
CA GLN J 65 -27.40 -59.37 8.64
C GLN J 65 -28.10 -58.76 7.44
N PHE J 66 -27.83 -57.49 7.14
CA PHE J 66 -28.44 -56.80 6.01
C PHE J 66 -27.53 -56.97 4.80
N THR J 67 -27.88 -57.93 3.93
CA THR J 67 -26.99 -58.33 2.84
C THR J 67 -26.69 -57.18 1.89
N ALA J 68 -27.70 -56.37 1.57
CA ALA J 68 -27.50 -55.23 0.68
C ALA J 68 -26.45 -54.28 1.24
N MET J 69 -26.53 -53.98 2.53
CA MET J 69 -25.54 -53.10 3.15
C MET J 69 -24.15 -53.71 3.07
N ARG J 70 -24.04 -55.03 3.25
CA ARG J 70 -22.75 -55.71 3.13
C ARG J 70 -22.18 -55.58 1.73
N ASP J 71 -23.01 -55.80 0.71
CA ASP J 71 -22.54 -55.67 -0.66
C ASP J 71 -22.10 -54.25 -0.97
N LEU J 72 -22.83 -53.26 -0.46
CA LEU J 72 -22.40 -51.87 -0.66
C LEU J 72 -21.12 -51.56 0.09
N TYR J 73 -20.92 -52.16 1.27
CA TYR J 73 -19.65 -52.02 1.97
C TYR J 73 -18.51 -52.55 1.13
N MET J 74 -18.68 -53.75 0.57
CA MET J 74 -17.60 -54.34 -0.22
C MET J 74 -17.34 -53.55 -1.49
N LYS J 75 -18.40 -53.09 -2.17
CA LYS J 75 -18.20 -52.28 -3.38
C LYS J 75 -17.50 -50.97 -3.06
N ASN J 76 -17.93 -50.28 -2.00
CA ASN J 76 -17.42 -48.95 -1.70
C ASN J 76 -16.04 -48.98 -1.06
N GLY J 77 -15.67 -50.07 -0.40
CA GLY J 77 -14.43 -50.09 0.36
C GLY J 77 -13.21 -50.36 -0.51
N GLN J 78 -12.10 -49.74 -0.11
CA GLN J 78 -10.82 -49.89 -0.79
C GLN J 78 -9.94 -50.96 -0.16
N GLY J 79 -9.85 -50.99 1.17
CA GLY J 79 -9.13 -52.02 1.87
C GLY J 79 -10.07 -52.77 2.81
N PHE J 80 -9.73 -54.02 3.10
CA PHE J 80 -10.58 -54.87 3.92
C PHE J 80 -9.76 -55.56 4.99
N ALA J 81 -10.21 -55.44 6.24
CA ALA J 81 -9.60 -56.13 7.37
C ALA J 81 -10.58 -57.19 7.86
N LEU J 82 -10.23 -58.46 7.67
CA LEU J 82 -11.06 -59.59 8.06
C LEU J 82 -10.60 -60.07 9.42
N VAL J 83 -11.37 -59.75 10.45
CA VAL J 83 -10.99 -60.00 11.84
C VAL J 83 -11.70 -61.25 12.35
N TYR J 84 -10.96 -62.10 13.03
CA TYR J 84 -11.52 -63.23 13.76
C TYR J 84 -10.98 -63.21 15.19
N SER J 85 -11.52 -64.09 16.02
CA SER J 85 -11.12 -64.20 17.41
C SER J 85 -10.38 -65.51 17.62
N ILE J 86 -9.18 -65.43 18.20
CA ILE J 86 -8.39 -66.62 18.46
C ILE J 86 -9.03 -67.52 19.52
N THR J 87 -10.01 -67.00 20.26
CA THR J 87 -10.70 -67.79 21.27
C THR J 87 -11.80 -68.67 20.69
N ALA J 88 -12.20 -68.45 19.44
CA ALA J 88 -13.25 -69.23 18.80
C ALA J 88 -12.82 -69.64 17.40
N GLN J 89 -13.17 -70.86 17.02
CA GLN J 89 -12.85 -71.36 15.69
C GLN J 89 -13.89 -70.95 14.65
N SER J 90 -15.16 -70.88 15.05
CA SER J 90 -16.23 -70.57 14.10
C SER J 90 -16.03 -69.20 13.48
N THR J 91 -15.55 -68.22 14.27
CA THR J 91 -15.30 -66.90 13.71
C THR J 91 -14.14 -66.93 12.71
N PHE J 92 -13.20 -67.85 12.89
CA PHE J 92 -12.14 -68.04 11.90
C PHE J 92 -12.70 -68.63 10.62
N ASN J 93 -13.52 -69.67 10.74
CA ASN J 93 -14.10 -70.31 9.56
C ASN J 93 -15.04 -69.39 8.81
N ASP J 94 -15.69 -68.46 9.49
CA ASP J 94 -16.63 -67.55 8.85
C ASP J 94 -15.96 -66.58 7.87
N LEU J 95 -14.64 -66.46 7.91
CA LEU J 95 -13.94 -65.49 7.07
C LEU J 95 -13.80 -65.94 5.62
N GLN J 96 -13.86 -67.26 5.37
CA GLN J 96 -13.76 -67.76 4.01
C GLN J 96 -14.85 -67.16 3.12
N ASP J 97 -16.11 -67.26 3.57
CA ASP J 97 -17.23 -66.74 2.77
C ASP J 97 -17.12 -65.24 2.57
N LEU J 98 -16.70 -64.51 3.62
CA LEU J 98 -16.52 -63.06 3.49
C LEU J 98 -15.48 -62.73 2.43
N ARG J 99 -14.34 -63.42 2.47
CA ARG J 99 -13.31 -63.24 1.44
C ARG J 99 -13.85 -63.55 0.06
N GLU J 100 -14.61 -64.65 -0.07
CA GLU J 100 -15.21 -65.00 -1.35
C GLU J 100 -16.12 -63.90 -1.87
N GLN J 101 -16.90 -63.30 -0.97
CA GLN J 101 -17.82 -62.24 -1.36
C GLN J 101 -17.08 -60.97 -1.76
N ILE J 102 -15.98 -60.64 -1.07
CA ILE J 102 -15.16 -59.51 -1.50
C ILE J 102 -14.58 -59.76 -2.88
N LEU J 103 -14.06 -60.97 -3.11
CA LEU J 103 -13.54 -61.32 -4.43
C LEU J 103 -14.63 -61.40 -5.48
N ARG J 104 -15.89 -61.51 -5.05
CA ARG J 104 -17.01 -61.54 -5.99
C ARG J 104 -17.48 -60.15 -6.38
N VAL J 105 -17.51 -59.22 -5.43
CA VAL J 105 -17.94 -57.86 -5.75
C VAL J 105 -16.93 -57.19 -6.68
N LYS J 106 -15.66 -57.23 -6.33
CA LYS J 106 -14.58 -56.77 -7.20
C LYS J 106 -14.18 -57.92 -8.11
N ASP J 107 -14.29 -57.71 -9.42
CA ASP J 107 -14.04 -58.79 -10.38
C ASP J 107 -12.68 -59.44 -10.20
N THR J 108 -11.68 -58.66 -9.77
CA THR J 108 -10.32 -59.16 -9.69
C THR J 108 -10.15 -60.08 -8.47
N ASP J 109 -9.02 -60.78 -8.46
CA ASP J 109 -8.60 -61.58 -7.32
C ASP J 109 -7.65 -60.84 -6.40
N ASP J 110 -7.05 -59.75 -6.88
CA ASP J 110 -6.06 -58.97 -6.13
C ASP J 110 -6.78 -57.83 -5.41
N VAL J 111 -7.04 -58.02 -4.12
CA VAL J 111 -7.74 -57.03 -3.30
C VAL J 111 -6.89 -56.72 -2.08
N PRO J 112 -6.70 -55.44 -1.73
CA PRO J 112 -5.95 -55.12 -0.51
C PRO J 112 -6.69 -55.63 0.72
N MET J 113 -6.03 -56.55 1.44
CA MET J 113 -6.72 -57.31 2.47
C MET J 113 -5.74 -57.80 3.52
N ILE J 114 -6.13 -57.69 4.78
CA ILE J 114 -5.34 -58.16 5.91
C ILE J 114 -6.19 -59.09 6.76
N LEU J 115 -5.60 -60.19 7.22
CA LEU J 115 -6.26 -61.17 8.08
C LEU J 115 -5.83 -60.93 9.52
N VAL J 116 -6.79 -60.62 10.39
CA VAL J 116 -6.53 -60.18 11.75
C VAL J 116 -7.07 -61.21 12.73
N GLY J 117 -6.21 -61.70 13.61
CA GLY J 117 -6.62 -62.51 14.74
C GLY J 117 -6.64 -61.69 16.01
N ASN J 118 -7.83 -61.25 16.42
CA ASN J 118 -7.96 -60.34 17.56
C ASN J 118 -7.97 -61.11 18.87
N LYS J 119 -7.93 -60.35 19.98
CA LYS J 119 -7.95 -60.90 21.33
C LYS J 119 -6.74 -61.81 21.57
N CYS J 120 -5.57 -61.39 21.06
CA CYS J 120 -4.37 -62.20 21.19
C CYS J 120 -3.78 -62.18 22.59
N ASP J 121 -4.30 -61.34 23.49
CA ASP J 121 -3.85 -61.34 24.88
C ASP J 121 -4.47 -62.47 25.70
N LEU J 122 -5.48 -63.16 25.16
CA LEU J 122 -6.12 -64.27 25.86
C LEU J 122 -5.47 -65.59 25.48
N GLU J 123 -4.17 -65.70 25.79
CA GLU J 123 -3.41 -66.88 25.44
C GLU J 123 -3.96 -68.14 26.13
N ASP J 124 -4.58 -67.96 27.30
CA ASP J 124 -5.16 -69.10 28.00
C ASP J 124 -6.44 -69.60 27.35
N GLU J 125 -7.02 -68.85 26.40
CA GLU J 125 -8.28 -69.22 25.78
C GLU J 125 -8.18 -69.44 24.28
N ARG J 126 -6.98 -69.37 23.71
CA ARG J 126 -6.84 -69.48 22.27
C ARG J 126 -7.06 -70.91 21.79
N VAL J 127 -7.72 -71.05 20.65
CA VAL J 127 -7.99 -72.35 20.04
C VAL J 127 -7.55 -72.31 18.58
N VAL J 128 -7.23 -71.11 18.09
CA VAL J 128 -6.79 -70.91 16.71
C VAL J 128 -5.30 -70.57 16.75
N GLY J 129 -4.46 -71.52 16.37
CA GLY J 129 -3.04 -71.29 16.36
C GLY J 129 -2.64 -70.24 15.34
N LYS J 130 -1.46 -69.65 15.58
CA LYS J 130 -0.94 -68.64 14.67
C LYS J 130 -0.66 -69.24 13.29
N GLU J 131 -0.21 -70.50 13.25
CA GLU J 131 0.10 -71.13 11.98
C GLU J 131 -1.14 -71.28 11.11
N GLN J 132 -2.31 -71.39 11.72
CA GLN J 132 -3.55 -71.47 10.94
C GLN J 132 -3.78 -70.19 10.16
N GLY J 133 -3.71 -69.05 10.85
CA GLY J 133 -3.87 -67.77 10.17
C GLY J 133 -2.77 -67.52 9.15
N GLN J 134 -1.54 -67.93 9.48
CA GLN J 134 -0.45 -67.78 8.52
C GLN J 134 -0.74 -68.57 7.24
N ASN J 135 -1.13 -69.83 7.38
CA ASN J 135 -1.44 -70.66 6.22
C ASN J 135 -2.61 -70.09 5.43
N LEU J 136 -3.65 -69.62 6.11
CA LEU J 136 -4.82 -69.09 5.40
C LEU J 136 -4.46 -67.82 4.62
N ALA J 137 -3.77 -66.88 5.27
CA ALA J 137 -3.34 -65.66 4.59
C ALA J 137 -2.40 -65.98 3.43
N ARG J 138 -1.58 -67.02 3.59
CA ARG J 138 -0.73 -67.46 2.49
C ARG J 138 -1.57 -67.94 1.32
N GLN J 139 -2.62 -68.72 1.61
CA GLN J 139 -3.52 -69.19 0.55
C GLN J 139 -4.25 -68.03 -0.12
N TRP J 140 -4.43 -66.91 0.58
CA TRP J 140 -5.12 -65.74 0.02
C TRP J 140 -4.10 -64.83 -0.66
N ASN J 141 -3.58 -65.30 -1.80
CA ASN J 141 -2.59 -64.58 -2.61
C ASN J 141 -1.42 -64.08 -1.76
N ASN J 142 -1.16 -64.75 -0.65
CA ASN J 142 -0.10 -64.39 0.29
C ASN J 142 -0.31 -62.97 0.81
N CYS J 143 -1.47 -62.74 1.41
CA CYS J 143 -1.83 -61.43 1.94
C CYS J 143 -1.30 -61.28 3.37
N ALA J 144 -1.51 -60.09 3.93
CA ALA J 144 -0.97 -59.79 5.25
C ALA J 144 -1.72 -60.54 6.34
N PHE J 145 -1.01 -60.89 7.40
CA PHE J 145 -1.57 -61.58 8.55
C PHE J 145 -1.04 -60.94 9.82
N LEU J 146 -1.93 -60.75 10.79
CA LEU J 146 -1.56 -60.10 12.05
C LEU J 146 -2.33 -60.73 13.19
N GLU J 147 -1.79 -60.60 14.40
CA GLU J 147 -2.48 -60.97 15.63
C GLU J 147 -2.46 -59.76 16.54
N SER J 148 -3.64 -59.22 16.82
CA SER J 148 -3.78 -57.96 17.54
C SER J 148 -4.56 -58.15 18.82
N SER J 149 -4.56 -57.10 19.65
CA SER J 149 -5.32 -57.11 20.90
C SER J 149 -5.71 -55.66 21.21
N ALA J 150 -7.00 -55.38 21.18
CA ALA J 150 -7.47 -54.02 21.50
C ALA J 150 -7.24 -53.69 22.97
N LYS J 151 -7.39 -54.68 23.86
CA LYS J 151 -7.16 -54.44 25.28
C LYS J 151 -5.69 -54.15 25.55
N SER J 152 -4.80 -55.02 25.09
CA SER J 152 -3.37 -54.86 25.31
C SER J 152 -2.72 -53.91 24.31
N LYS J 153 -3.50 -53.28 23.43
CA LYS J 153 -3.01 -52.26 22.50
C LYS J 153 -1.88 -52.80 21.62
N ILE J 154 -2.11 -53.97 21.05
CA ILE J 154 -1.14 -54.67 20.24
C ILE J 154 -1.60 -54.63 18.78
N ASN J 155 -0.74 -54.10 17.90
CA ASN J 155 -0.91 -54.17 16.46
C ASN J 155 -2.19 -53.52 15.96
N VAL J 156 -2.79 -52.61 16.74
CA VAL J 156 -4.02 -51.95 16.30
C VAL J 156 -3.73 -51.03 15.12
N ASN J 157 -2.77 -50.11 15.29
CA ASN J 157 -2.44 -49.19 14.20
C ASN J 157 -1.81 -49.91 13.02
N GLU J 158 -1.07 -50.99 13.27
CA GLU J 158 -0.38 -51.69 12.19
C GLU J 158 -1.36 -52.32 11.22
N ILE J 159 -2.55 -52.69 11.69
CA ILE J 159 -3.57 -53.26 10.80
C ILE J 159 -3.86 -52.29 9.65
N PHE J 160 -4.22 -51.06 9.99
CA PHE J 160 -4.60 -50.09 8.99
C PHE J 160 -3.38 -49.50 8.28
N TYR J 161 -2.24 -49.44 8.96
CA TYR J 161 -0.99 -49.09 8.27
C TYR J 161 -0.72 -50.05 7.13
N ASP J 162 -0.73 -51.35 7.41
CA ASP J 162 -0.50 -52.36 6.37
C ASP J 162 -1.60 -52.33 5.32
N LEU J 163 -2.83 -51.98 5.71
CA LEU J 163 -3.88 -51.81 4.72
C LEU J 163 -3.55 -50.69 3.74
N VAL J 164 -3.13 -49.55 4.26
CA VAL J 164 -2.74 -48.43 3.39
C VAL J 164 -1.55 -48.81 2.52
N ARG J 165 -0.58 -49.54 3.08
CA ARG J 165 0.55 -50.01 2.30
C ARG J 165 0.08 -50.89 1.13
N GLN J 166 -0.83 -51.83 1.40
CA GLN J 166 -1.36 -52.68 0.34
C GLN J 166 -2.08 -51.86 -0.71
N ILE J 167 -2.78 -50.82 -0.29
CA ILE J 167 -3.47 -49.95 -1.25
C ILE J 167 -2.46 -49.24 -2.15
N ASN J 168 -1.37 -48.73 -1.57
CA ASN J 168 -0.37 -48.05 -2.38
C ASN J 168 0.47 -49.04 -3.19
N ARG J 169 0.97 -50.09 -2.54
CA ARG J 169 1.85 -51.04 -3.21
C ARG J 169 1.14 -51.80 -4.32
N ASP K 11 -33.39 -21.45 30.55
CA ASP K 11 -33.11 -21.70 31.96
C ASP K 11 -33.49 -20.46 32.79
N LYS K 12 -32.83 -20.29 33.92
CA LYS K 12 -33.10 -19.18 34.84
C LYS K 12 -31.85 -18.34 34.98
N GLY K 13 -31.98 -17.05 34.67
CA GLY K 13 -30.82 -16.17 34.67
C GLY K 13 -29.99 -16.24 33.40
N CYS K 14 -30.57 -16.69 32.29
CA CYS K 14 -29.82 -16.85 31.06
C CYS K 14 -29.52 -15.50 30.43
N THR K 15 -28.59 -15.52 29.46
CA THR K 15 -28.17 -14.35 28.72
C THR K 15 -28.46 -14.59 27.24
N VAL K 16 -28.86 -13.52 26.53
CA VAL K 16 -29.25 -13.67 25.14
C VAL K 16 -28.14 -14.33 24.33
N GLU K 17 -26.88 -14.00 24.63
CA GLU K 17 -25.76 -14.69 24.00
C GLU K 17 -25.74 -16.15 24.42
N GLU K 18 -25.84 -16.42 25.72
CA GLU K 18 -25.87 -17.79 26.21
C GLU K 18 -27.03 -18.58 25.61
N LEU K 19 -28.20 -17.95 25.49
CA LEU K 19 -29.36 -18.67 24.98
C LEU K 19 -29.25 -18.93 23.48
N LEU K 20 -28.69 -17.97 22.73
CA LEU K 20 -28.44 -18.20 21.31
C LEU K 20 -27.41 -19.32 21.11
N ARG K 21 -26.34 -19.30 21.91
CA ARG K 21 -25.37 -20.38 21.88
C ARG K 21 -26.03 -21.73 22.16
N GLY K 22 -26.92 -21.77 23.15
CA GLY K 22 -27.66 -22.99 23.44
C GLY K 22 -28.52 -23.43 22.27
N CYS K 23 -29.11 -22.47 21.55
CA CYS K 23 -29.89 -22.82 20.37
C CYS K 23 -29.01 -23.42 19.29
N ILE K 24 -27.77 -22.90 19.16
CA ILE K 24 -26.84 -23.48 18.21
C ILE K 24 -26.50 -24.91 18.60
N GLU K 25 -26.16 -25.12 19.87
CA GLU K 25 -25.80 -26.46 20.35
C GLU K 25 -26.99 -27.41 20.34
N ALA K 26 -28.22 -26.90 20.28
CA ALA K 26 -29.39 -27.76 20.25
C ALA K 26 -29.52 -28.55 18.96
N PHE K 27 -28.67 -28.28 17.96
CA PHE K 27 -28.71 -28.97 16.68
C PHE K 27 -27.66 -30.08 16.62
N ASP K 28 -27.86 -30.99 15.70
CA ASP K 28 -26.87 -32.00 15.34
C ASP K 28 -26.17 -31.58 14.06
N ASP K 29 -24.93 -32.03 13.88
CA ASP K 29 -24.22 -31.72 12.66
C ASP K 29 -24.89 -32.32 11.43
N SER K 30 -25.75 -33.32 11.62
CA SER K 30 -26.53 -33.89 10.53
C SER K 30 -27.78 -33.06 10.21
N GLY K 31 -28.12 -32.09 11.04
CA GLY K 31 -29.32 -31.30 10.88
C GLY K 31 -30.42 -31.64 11.86
N LYS K 32 -30.36 -32.81 12.48
CA LYS K 32 -31.35 -33.22 13.46
C LYS K 32 -31.37 -32.24 14.64
N VAL K 33 -32.57 -31.94 15.13
CA VAL K 33 -32.75 -31.03 16.25
C VAL K 33 -33.05 -31.84 17.50
N ARG K 34 -32.35 -31.55 18.59
CA ARG K 34 -32.52 -32.27 19.86
C ARG K 34 -33.63 -31.66 20.71
N ASP K 35 -33.58 -30.36 20.95
CA ASP K 35 -34.54 -29.65 21.79
C ASP K 35 -35.28 -28.64 20.92
N PRO K 36 -36.30 -29.08 20.17
CA PRO K 36 -36.97 -28.15 19.26
C PRO K 36 -37.80 -27.09 19.97
N GLN K 37 -38.23 -27.34 21.21
CA GLN K 37 -39.03 -26.35 21.91
C GLN K 37 -38.18 -25.12 22.24
N LEU K 38 -36.93 -25.32 22.65
CA LEU K 38 -36.06 -24.21 22.99
C LEU K 38 -35.78 -23.34 21.76
N VAL K 39 -35.45 -23.96 20.63
CA VAL K 39 -35.13 -23.20 19.43
C VAL K 39 -36.38 -22.53 18.87
N ARG K 40 -37.53 -23.21 18.95
CA ARG K 40 -38.78 -22.57 18.53
C ARG K 40 -39.13 -21.39 19.42
N MSE K 41 -38.83 -21.49 20.70
CA MSE K 41 -39.12 -20.42 21.65
C MSE K 41 -38.24 -19.20 21.40
O MSE K 41 -38.75 -18.09 21.23
CB MSE K 41 -38.94 -20.91 23.09
CG MSE K 41 -39.40 -19.92 24.14
SE MSE K 41 -39.00 -20.53 25.95
CE MSE K 41 -37.05 -20.35 25.89
N PHE K 42 -36.92 -19.40 21.37
CA PHE K 42 -36.03 -18.25 21.24
C PHE K 42 -36.14 -17.62 19.86
N LEU K 43 -36.31 -18.42 18.81
CA LEU K 43 -36.40 -17.87 17.46
C LEU K 43 -37.69 -17.07 17.26
N MSE K 44 -38.71 -17.29 18.08
CA MSE K 44 -39.95 -16.55 17.97
C MSE K 44 -39.98 -15.38 18.94
O MSE K 44 -40.44 -14.29 18.61
CB MSE K 44 -41.14 -17.48 18.24
CG MSE K 44 -42.49 -16.78 18.13
SE MSE K 44 -44.00 -17.91 18.66
CE MSE K 44 -45.45 -16.77 18.02
N MSE K 45 -39.44 -15.59 20.14
CA MSE K 45 -39.60 -14.64 21.24
C MSE K 45 -38.53 -13.57 21.29
O MSE K 45 -38.69 -12.56 21.97
CB MSE K 45 -39.62 -15.39 22.58
CG MSE K 45 -40.84 -16.28 22.78
SE MSE K 45 -42.49 -15.26 22.82
CE MSE K 45 -41.97 -13.96 24.18
N HIS K 46 -37.42 -13.77 20.56
CA HIS K 46 -36.28 -12.88 20.73
C HIS K 46 -36.53 -11.42 20.37
N PRO K 47 -37.45 -11.06 19.45
CA PRO K 47 -37.69 -9.62 19.24
C PRO K 47 -38.16 -8.89 20.48
N TRP K 48 -38.72 -9.60 21.46
CA TRP K 48 -39.06 -8.97 22.74
C TRP K 48 -37.85 -8.36 23.40
N TYR K 49 -36.67 -8.97 23.22
CA TYR K 49 -35.46 -8.58 23.92
C TYR K 49 -34.38 -8.02 23.03
N ILE K 50 -34.34 -8.43 21.76
CA ILE K 50 -33.30 -7.98 20.84
C ILE K 50 -33.83 -8.05 19.41
N PRO K 51 -33.64 -7.02 18.59
CA PRO K 51 -34.14 -7.06 17.21
C PRO K 51 -33.54 -8.22 16.43
N SER K 52 -34.33 -8.72 15.46
CA SER K 52 -33.94 -9.90 14.72
C SER K 52 -32.69 -9.66 13.88
N SER K 53 -32.54 -8.45 13.33
CA SER K 53 -31.35 -8.14 12.55
C SER K 53 -30.09 -8.24 13.40
N GLN K 54 -30.17 -7.78 14.65
CA GLN K 54 -29.02 -7.86 15.54
C GLN K 54 -28.72 -9.31 15.92
N LEU K 55 -29.76 -10.11 16.12
CA LEU K 55 -29.55 -11.53 16.41
C LEU K 55 -28.89 -12.23 15.23
N ALA K 56 -29.32 -11.91 14.01
CA ALA K 56 -28.68 -12.46 12.82
C ALA K 56 -27.23 -12.01 12.72
N ALA K 57 -26.94 -10.75 13.06
CA ALA K 57 -25.57 -10.28 13.09
C ALA K 57 -24.73 -11.06 14.10
N LYS K 58 -25.32 -11.39 15.24
CA LYS K 58 -24.60 -12.18 16.24
C LYS K 58 -24.32 -13.59 15.73
N LEU K 59 -25.30 -14.21 15.06
CA LEU K 59 -25.07 -15.51 14.44
C LEU K 59 -23.97 -15.42 13.39
N LEU K 60 -23.97 -14.35 12.61
CA LEU K 60 -22.90 -14.09 11.63
C LEU K 60 -21.53 -14.04 12.29
N HIS K 61 -21.41 -13.28 13.39
CA HIS K 61 -20.14 -13.17 14.09
C HIS K 61 -19.71 -14.52 14.66
N ILE K 62 -20.67 -15.29 15.19
CA ILE K 62 -20.35 -16.63 15.70
C ILE K 62 -19.81 -17.49 14.57
N TYR K 63 -20.43 -17.40 13.39
CA TYR K 63 -19.93 -18.17 12.25
C TYR K 63 -18.52 -17.75 11.87
N GLN K 64 -18.25 -16.45 11.86
CA GLN K 64 -16.91 -15.97 11.52
C GLN K 64 -15.87 -16.49 12.50
N GLN K 65 -16.14 -16.37 13.80
CA GLN K 65 -15.19 -16.86 14.80
C GLN K 65 -15.02 -18.37 14.72
N SER K 66 -16.08 -19.11 14.40
CA SER K 66 -15.95 -20.55 14.22
C SER K 66 -15.15 -20.87 12.96
N ARG K 67 -15.26 -20.05 11.93
CA ARG K 67 -14.46 -20.20 10.73
C ARG K 67 -12.98 -20.02 11.03
N LYS K 68 -12.63 -19.00 11.81
CA LYS K 68 -11.22 -18.76 12.11
C LYS K 68 -10.63 -19.87 12.97
N ASP K 69 -11.39 -20.37 13.95
CA ASP K 69 -10.89 -21.43 14.81
C ASP K 69 -11.10 -22.82 14.23
N ASN K 70 -11.67 -22.93 13.03
CA ASN K 70 -11.87 -24.20 12.33
C ASN K 70 -12.69 -25.19 13.15
N SER K 71 -13.66 -24.68 13.92
CA SER K 71 -14.61 -25.53 14.62
C SER K 71 -15.74 -25.82 13.65
N ASN K 72 -15.57 -26.90 12.87
CA ASN K 72 -16.51 -27.21 11.80
C ASN K 72 -17.91 -27.53 12.34
N SER K 73 -17.97 -28.23 13.47
CA SER K 73 -19.26 -28.55 14.08
C SER K 73 -20.04 -27.27 14.38
N LEU K 74 -19.39 -26.29 15.00
CA LEU K 74 -20.07 -25.03 15.29
C LEU K 74 -20.56 -24.35 14.03
N GLN K 75 -19.76 -24.41 12.96
CA GLN K 75 -20.15 -23.81 11.68
C GLN K 75 -21.44 -24.46 11.16
N VAL K 76 -21.44 -25.79 11.06
CA VAL K 76 -22.59 -26.46 10.46
C VAL K 76 -23.82 -26.33 11.36
N LYS K 77 -23.63 -26.33 12.68
CA LYS K 77 -24.76 -26.11 13.58
C LYS K 77 -25.34 -24.71 13.42
N THR K 78 -24.48 -23.69 13.32
CA THR K 78 -24.95 -22.34 13.07
C THR K 78 -25.74 -22.27 11.78
N CYS K 79 -25.22 -22.89 10.71
CA CYS K 79 -25.94 -22.90 9.44
C CYS K 79 -27.28 -23.62 9.55
N HIS K 80 -27.33 -24.70 10.33
CA HIS K 80 -28.60 -25.41 10.53
C HIS K 80 -29.58 -24.56 11.32
N LEU K 81 -29.09 -23.80 12.30
CA LEU K 81 -29.98 -22.90 13.03
C LEU K 81 -30.54 -21.82 12.12
N VAL K 82 -29.69 -21.24 11.26
CA VAL K 82 -30.18 -20.21 10.34
C VAL K 82 -31.18 -20.80 9.35
N ARG K 83 -30.93 -22.03 8.89
CA ARG K 83 -31.86 -22.70 7.99
C ARG K 83 -33.21 -22.95 8.66
N TYR K 84 -33.18 -23.48 9.90
CA TYR K 84 -34.41 -23.70 10.64
C TYR K 84 -35.15 -22.40 10.88
N TRP K 85 -34.42 -21.32 11.16
CA TRP K 85 -35.03 -20.01 11.34
C TRP K 85 -35.72 -19.56 10.07
N ILE K 86 -35.07 -19.72 8.91
CA ILE K 86 -35.65 -19.25 7.66
C ILE K 86 -36.88 -20.07 7.29
N SER K 87 -36.81 -21.39 7.44
CA SER K 87 -37.94 -22.23 7.08
C SER K 87 -39.10 -22.06 8.06
N ALA K 88 -38.81 -21.79 9.34
CA ALA K 88 -39.86 -21.72 10.34
C ALA K 88 -40.57 -20.37 10.36
N PHE K 89 -39.87 -19.28 10.06
CA PHE K 89 -40.45 -17.93 10.11
C PHE K 89 -40.06 -17.16 8.85
N PRO K 90 -40.56 -17.59 7.68
CA PRO K 90 -40.16 -16.92 6.44
C PRO K 90 -40.69 -15.50 6.31
N ALA K 91 -41.88 -15.24 6.84
CA ALA K 91 -42.51 -13.92 6.69
C ALA K 91 -41.60 -12.80 7.16
N GLU K 92 -40.94 -12.99 8.31
CA GLU K 92 -40.04 -11.96 8.81
C GLU K 92 -38.83 -11.79 7.90
N PHE K 93 -38.35 -12.87 7.27
CA PHE K 93 -37.21 -12.75 6.37
C PHE K 93 -37.58 -12.03 5.08
N ASP K 94 -38.83 -12.18 4.62
CA ASP K 94 -39.25 -11.41 3.46
C ASP K 94 -39.53 -9.96 3.81
N LEU K 95 -40.16 -9.72 4.96
CA LEU K 95 -40.63 -8.38 5.33
C LEU K 95 -39.52 -7.50 5.85
N ASN K 96 -38.58 -8.05 6.62
CA ASN K 96 -37.54 -7.26 7.25
C ASN K 96 -36.35 -7.13 6.31
N PRO K 97 -36.02 -5.94 5.81
CA PRO K 97 -34.90 -5.83 4.88
C PRO K 97 -33.54 -6.00 5.54
N GLU K 98 -33.39 -5.53 6.78
CA GLU K 98 -32.10 -5.61 7.46
C GLU K 98 -31.75 -7.06 7.82
N LEU K 99 -32.73 -7.82 8.30
CA LEU K 99 -32.53 -9.25 8.55
C LEU K 99 -32.10 -9.97 7.28
N ALA K 100 -32.79 -9.69 6.17
CA ALA K 100 -32.42 -10.29 4.89
C ALA K 100 -31.02 -9.86 4.47
N GLU K 101 -30.62 -8.63 4.79
CA GLU K 101 -29.26 -8.18 4.48
C GLU K 101 -28.22 -8.95 5.28
N GLN K 102 -28.51 -9.21 6.55
CA GLN K 102 -27.61 -10.02 7.37
C GLN K 102 -27.48 -11.43 6.81
N ILE K 103 -28.61 -12.04 6.42
CA ILE K 103 -28.55 -13.37 5.83
C ILE K 103 -27.83 -13.34 4.49
N LYS K 104 -27.96 -12.24 3.73
CA LYS K 104 -27.20 -12.07 2.50
C LYS K 104 -25.71 -12.10 2.77
N GLU K 105 -25.26 -11.34 3.77
CA GLU K 105 -23.85 -11.34 4.13
C GLU K 105 -23.38 -12.73 4.54
N LEU K 106 -24.20 -13.44 5.31
CA LEU K 106 -23.83 -14.80 5.73
C LEU K 106 -23.73 -15.74 4.53
N LYS K 107 -24.66 -15.63 3.59
CA LYS K 107 -24.61 -16.43 2.37
C LYS K 107 -23.37 -16.11 1.55
N ALA K 108 -22.98 -14.83 1.49
CA ALA K 108 -21.76 -14.46 0.79
C ALA K 108 -20.54 -15.08 1.47
N LEU K 109 -20.49 -15.04 2.81
CA LEU K 109 -19.38 -15.68 3.52
C LEU K 109 -19.33 -17.18 3.25
N LEU K 110 -20.49 -17.84 3.18
CA LEU K 110 -20.51 -19.27 2.89
C LEU K 110 -20.03 -19.55 1.49
N ASP K 111 -20.46 -18.74 0.51
CA ASP K 111 -20.00 -18.93 -0.86
C ASP K 111 -18.51 -18.64 -0.98
N GLN K 112 -17.99 -17.77 -0.12
CA GLN K 112 -16.57 -17.45 -0.13
C GLN K 112 -15.74 -18.61 0.42
N GLU K 113 -16.25 -19.27 1.47
CA GLU K 113 -15.49 -20.37 2.06
C GLU K 113 -15.30 -21.52 1.09
N GLY K 114 -16.26 -21.76 0.20
CA GLY K 114 -16.17 -22.80 -0.80
C GLY K 114 -16.94 -24.06 -0.47
N ASN K 115 -17.29 -24.27 0.80
CA ASN K 115 -18.04 -25.46 1.19
C ASN K 115 -19.49 -25.30 0.73
N ARG K 116 -19.78 -25.75 -0.49
CA ARG K 116 -21.11 -25.57 -1.06
C ARG K 116 -22.20 -26.34 -0.34
N ARG K 117 -21.86 -27.17 0.64
CA ARG K 117 -22.88 -27.82 1.46
C ARG K 117 -23.48 -26.84 2.46
N HIS K 118 -22.62 -26.22 3.28
CA HIS K 118 -23.07 -25.15 4.16
C HIS K 118 -23.78 -24.06 3.37
N SER K 119 -23.21 -23.68 2.23
CA SER K 119 -23.84 -22.68 1.37
C SER K 119 -25.19 -23.17 0.85
N SER K 120 -25.32 -24.47 0.57
CA SER K 120 -26.58 -25.03 0.13
C SER K 120 -27.63 -25.03 1.24
N LEU K 121 -27.19 -24.97 2.51
CA LEU K 121 -28.15 -24.89 3.60
C LEU K 121 -28.95 -23.59 3.58
N ILE K 122 -28.37 -22.49 3.13
CA ILE K 122 -29.01 -21.18 3.17
C ILE K 122 -29.63 -20.86 1.82
N ASP K 123 -30.85 -20.36 1.83
CA ASP K 123 -31.56 -19.99 0.59
C ASP K 123 -32.62 -18.97 0.94
N ILE K 124 -32.44 -17.73 0.49
CA ILE K 124 -33.45 -16.70 0.71
C ILE K 124 -34.47 -16.60 -0.43
N ASP K 125 -34.17 -17.15 -1.60
CA ASP K 125 -35.10 -17.05 -2.72
C ASP K 125 -36.35 -17.89 -2.48
N SER K 126 -36.24 -18.94 -1.68
CA SER K 126 -37.39 -19.80 -1.41
C SER K 126 -38.49 -19.08 -0.65
N VAL K 127 -38.16 -18.00 0.06
CA VAL K 127 -39.15 -17.23 0.81
C VAL K 127 -40.09 -16.52 -0.15
N PRO K 128 -41.37 -16.86 -0.17
CA PRO K 128 -42.31 -16.17 -1.06
C PRO K 128 -42.58 -14.75 -0.58
N THR K 129 -43.29 -14.00 -1.42
CA THR K 129 -43.63 -12.62 -1.10
C THR K 129 -44.81 -12.57 -0.13
N TYR K 130 -44.69 -11.72 0.89
CA TYR K 130 -45.75 -11.53 1.87
C TYR K 130 -46.25 -10.09 1.89
N LYS K 131 -45.79 -9.25 0.96
CA LYS K 131 -46.18 -7.83 0.98
C LYS K 131 -47.67 -7.66 0.71
N TRP K 132 -48.17 -8.25 -0.39
CA TRP K 132 -49.57 -8.08 -0.75
C TRP K 132 -50.51 -8.68 0.27
N LYS K 133 -50.04 -9.61 1.10
CA LYS K 133 -50.89 -10.15 2.16
C LYS K 133 -51.11 -9.13 3.27
N ARG K 134 -50.10 -8.30 3.56
CA ARG K 134 -50.20 -7.36 4.66
C ARG K 134 -51.05 -6.13 4.30
N GLN K 135 -50.94 -5.65 3.06
CA GLN K 135 -51.58 -4.40 2.69
C GLN K 135 -53.11 -4.55 2.67
N VAL K 136 -53.78 -3.43 2.46
CA VAL K 136 -55.23 -3.35 2.65
C VAL K 136 -55.95 -4.19 1.59
N THR K 137 -57.12 -4.68 1.97
CA THR K 137 -57.95 -5.48 1.08
C THR K 137 -58.82 -4.60 0.19
N LYS K 146 -75.38 -5.37 -2.63
CA LYS K 146 -76.07 -4.20 -2.09
C LYS K 146 -76.85 -4.55 -0.83
N ARG K 147 -78.14 -4.21 -0.82
CA ARG K 147 -79.01 -4.53 0.30
C ARG K 147 -79.55 -5.96 0.24
N LYS K 148 -79.27 -6.67 -0.85
CA LYS K 148 -79.84 -8.01 -1.02
C LYS K 148 -79.53 -8.92 0.15
N MSE K 149 -78.34 -8.82 0.73
CA MSE K 149 -77.96 -9.64 1.87
C MSE K 149 -78.98 -9.57 2.99
O MSE K 149 -79.32 -10.59 3.59
CB MSE K 149 -76.58 -9.21 2.42
CG MSE K 149 -76.11 -10.03 3.60
SE MSE K 149 -75.89 -11.91 3.13
CE MSE K 149 -75.40 -12.61 4.87
N SER K 150 -79.48 -8.36 3.25
CA SER K 150 -80.54 -8.18 4.24
C SER K 150 -81.71 -9.10 3.94
N LEU K 151 -82.23 -9.05 2.70
CA LEU K 151 -83.29 -9.96 2.31
C LEU K 151 -82.85 -11.41 2.36
N LEU K 152 -81.57 -11.69 2.09
CA LEU K 152 -81.15 -13.07 1.87
C LEU K 152 -80.91 -13.83 3.19
N PHE K 153 -80.23 -13.21 4.15
CA PHE K 153 -79.79 -13.95 5.33
C PHE K 153 -80.96 -14.48 6.15
N ASP K 154 -82.14 -13.87 6.03
CA ASP K 154 -83.33 -14.39 6.69
C ASP K 154 -83.58 -15.84 6.29
N HIS K 155 -83.43 -16.14 5.00
CA HIS K 155 -83.72 -17.45 4.46
C HIS K 155 -82.48 -18.33 4.34
N LEU K 156 -81.37 -17.89 4.91
CA LEU K 156 -80.10 -18.59 4.78
C LEU K 156 -79.95 -19.65 5.86
N GLU K 157 -79.38 -20.79 5.48
CA GLU K 157 -79.08 -21.83 6.44
C GLU K 157 -78.11 -21.30 7.50
N PRO K 158 -78.37 -21.51 8.78
CA PRO K 158 -77.46 -20.97 9.81
C PRO K 158 -76.03 -21.49 9.68
N MSE K 159 -75.86 -22.81 9.66
CA MSE K 159 -74.55 -23.45 9.54
C MSE K 159 -73.70 -22.81 8.47
O MSE K 159 -72.63 -22.27 8.77
CB MSE K 159 -74.73 -24.94 9.25
CG MSE K 159 -73.42 -25.69 9.01
SE MSE K 159 -72.14 -25.46 10.46
CE MSE K 159 -71.14 -27.12 10.23
N GLU K 160 -74.18 -22.87 7.23
CA GLU K 160 -73.52 -22.19 6.11
C GLU K 160 -73.07 -20.79 6.50
N LEU K 161 -74.01 -19.97 6.95
CA LEU K 161 -73.68 -18.62 7.39
C LEU K 161 -72.51 -18.64 8.37
N ALA K 162 -72.65 -19.41 9.45
CA ALA K 162 -71.56 -19.55 10.41
C ALA K 162 -70.27 -19.89 9.69
N GLU K 163 -70.29 -20.95 8.88
CA GLU K 163 -69.11 -21.34 8.11
C GLU K 163 -68.50 -20.14 7.42
N HIS K 164 -69.30 -19.41 6.63
CA HIS K 164 -68.78 -18.29 5.87
C HIS K 164 -68.12 -17.28 6.80
N LEU K 165 -68.83 -16.93 7.89
CA LEU K 165 -68.25 -16.00 8.85
C LEU K 165 -66.88 -16.50 9.30
N THR K 166 -66.83 -17.77 9.73
CA THR K 166 -65.56 -18.36 10.12
C THR K 166 -64.50 -18.11 9.07
N TYR K 167 -64.79 -18.49 7.83
CA TYR K 167 -63.83 -18.32 6.73
C TYR K 167 -63.28 -16.90 6.75
N LEU K 168 -64.19 -15.92 6.69
CA LEU K 168 -63.77 -14.51 6.68
C LEU K 168 -62.80 -14.24 7.82
N GLU K 169 -63.22 -14.55 9.05
CA GLU K 169 -62.38 -14.24 10.20
C GLU K 169 -61.06 -14.98 10.10
N TYR K 170 -61.10 -16.25 9.70
CA TYR K 170 -59.85 -17.00 9.59
C TYR K 170 -58.94 -16.34 8.57
N ARG K 171 -59.50 -15.90 7.45
CA ARG K 171 -58.70 -15.26 6.42
C ARG K 171 -58.03 -14.00 6.95
N SER K 172 -58.65 -13.34 7.93
CA SER K 172 -58.00 -12.21 8.58
C SER K 172 -56.98 -12.67 9.60
N PHE K 173 -57.33 -13.70 10.38
CA PHE K 173 -56.48 -14.10 11.51
C PHE K 173 -55.09 -14.51 11.04
N CYS K 174 -55.01 -15.20 9.91
CA CYS K 174 -53.72 -15.67 9.40
C CYS K 174 -52.78 -14.53 9.04
N LYS K 175 -53.30 -13.32 8.82
CA LYS K 175 -52.43 -12.21 8.45
C LYS K 175 -51.70 -11.61 9.64
N ILE K 176 -51.92 -12.10 10.85
CA ILE K 176 -51.28 -11.57 12.05
C ILE K 176 -49.98 -12.31 12.28
N LEU K 177 -48.87 -11.57 12.30
CA LEU K 177 -47.55 -12.14 12.57
C LEU K 177 -47.15 -11.82 14.01
N PHE K 178 -45.98 -12.32 14.40
CA PHE K 178 -45.51 -12.10 15.77
C PHE K 178 -45.30 -10.62 16.06
N GLN K 179 -44.86 -9.86 15.05
CA GLN K 179 -44.64 -8.43 15.23
C GLN K 179 -45.90 -7.73 15.72
N ASP K 180 -47.06 -8.16 15.22
CA ASP K 180 -48.32 -7.51 15.56
C ASP K 180 -48.70 -7.79 17.01
N TYR K 181 -48.63 -9.06 17.42
CA TYR K 181 -48.85 -9.40 18.82
C TYR K 181 -47.89 -8.64 19.73
N HIS K 182 -46.61 -8.58 19.34
CA HIS K 182 -45.62 -7.89 20.15
C HIS K 182 -45.99 -6.42 20.32
N SER K 183 -46.33 -5.74 19.21
CA SER K 183 -46.67 -4.33 19.29
C SER K 183 -47.92 -4.10 20.13
N PHE K 184 -48.92 -4.98 19.98
CA PHE K 184 -50.14 -4.85 20.76
C PHE K 184 -49.86 -4.99 22.25
N VAL K 185 -49.18 -6.08 22.63
CA VAL K 185 -48.92 -6.35 24.05
C VAL K 185 -48.05 -5.25 24.64
N THR K 186 -47.09 -4.74 23.87
CA THR K 186 -46.23 -3.66 24.35
C THR K 186 -47.04 -2.38 24.59
N HIS K 187 -47.89 -2.02 23.63
CA HIS K 187 -48.66 -0.78 23.78
C HIS K 187 -49.94 -0.96 24.58
N GLY K 188 -50.39 -2.19 24.80
CA GLY K 188 -51.68 -2.44 25.41
C GLY K 188 -52.86 -2.21 24.49
N CYS K 189 -52.66 -1.55 23.35
CA CYS K 189 -53.70 -1.33 22.36
C CYS K 189 -53.05 -1.43 20.98
N THR K 190 -53.83 -1.12 19.94
CA THR K 190 -53.31 -1.10 18.58
C THR K 190 -52.76 0.29 18.28
N VAL K 191 -51.45 0.39 18.10
CA VAL K 191 -50.78 1.63 17.74
C VAL K 191 -49.93 1.33 16.52
N ASP K 192 -50.29 1.93 15.37
CA ASP K 192 -49.59 1.71 14.11
C ASP K 192 -49.54 0.22 13.76
N ASN K 193 -50.67 -0.46 13.97
CA ASN K 193 -50.77 -1.92 13.79
C ASN K 193 -51.99 -2.20 12.92
N PRO K 194 -51.88 -1.99 11.61
CA PRO K 194 -53.09 -2.03 10.76
C PRO K 194 -53.67 -3.42 10.58
N VAL K 195 -52.87 -4.47 10.65
CA VAL K 195 -53.40 -5.82 10.44
C VAL K 195 -54.27 -6.25 11.62
N LEU K 196 -53.74 -6.16 12.84
CA LEU K 196 -54.52 -6.50 14.02
C LEU K 196 -55.70 -5.55 14.17
N GLU K 197 -55.51 -4.28 13.82
CA GLU K 197 -56.63 -3.33 13.82
C GLU K 197 -57.72 -3.78 12.87
N ARG K 198 -57.34 -4.29 11.69
CA ARG K 198 -58.35 -4.76 10.74
C ARG K 198 -59.07 -5.98 11.26
N PHE K 199 -58.35 -6.90 11.93
CA PHE K 199 -59.01 -8.07 12.49
C PHE K 199 -60.01 -7.69 13.57
N ILE K 200 -59.59 -6.82 14.50
CA ILE K 200 -60.49 -6.34 15.55
C ILE K 200 -61.69 -5.61 14.94
N SER K 201 -61.45 -4.79 13.92
CA SER K 201 -62.53 -4.11 13.24
C SER K 201 -63.49 -5.08 12.59
N LEU K 202 -62.99 -6.21 12.07
CA LEU K 202 -63.87 -7.22 11.50
C LEU K 202 -64.72 -7.90 12.59
N PHE K 203 -64.10 -8.17 13.74
CA PHE K 203 -64.83 -8.66 14.90
C PHE K 203 -66.02 -7.74 15.24
N ASN K 204 -65.72 -6.46 15.45
CA ASN K 204 -66.77 -5.51 15.77
C ASN K 204 -67.74 -5.32 14.61
N SER K 205 -67.30 -5.54 13.36
CA SER K 205 -68.21 -5.47 12.23
C SER K 205 -69.22 -6.60 12.28
N VAL K 206 -68.78 -7.80 12.67
CA VAL K 206 -69.70 -8.92 12.83
C VAL K 206 -70.74 -8.60 13.91
N SER K 207 -70.26 -8.09 15.05
CA SER K 207 -71.18 -7.74 16.13
C SER K 207 -72.19 -6.68 15.68
N GLN K 208 -71.70 -5.61 15.04
CA GLN K 208 -72.59 -4.55 14.59
C GLN K 208 -73.53 -5.02 13.49
N TRP K 209 -73.11 -6.00 12.69
CA TRP K 209 -74.01 -6.57 11.69
C TRP K 209 -75.15 -7.32 12.35
N VAL K 210 -74.85 -8.09 13.40
CA VAL K 210 -75.92 -8.72 14.17
C VAL K 210 -76.88 -7.66 14.69
N GLN K 211 -76.35 -6.61 15.32
CA GLN K 211 -77.21 -5.55 15.86
C GLN K 211 -78.08 -4.92 14.78
N LEU K 212 -77.49 -4.59 13.64
CA LEU K 212 -78.24 -3.94 12.56
C LEU K 212 -79.30 -4.87 11.99
N MSE K 213 -78.99 -6.15 11.84
CA MSE K 213 -79.95 -7.11 11.30
C MSE K 213 -81.12 -7.28 12.26
O MSE K 213 -82.24 -7.55 11.82
CB MSE K 213 -79.27 -8.45 11.04
CG MSE K 213 -78.30 -8.46 9.86
SE MSE K 213 -79.05 -7.71 8.23
CE MSE K 213 -78.33 -5.89 8.34
N ILE K 214 -80.86 -7.12 13.56
CA ILE K 214 -81.96 -7.17 14.52
C ILE K 214 -82.81 -5.91 14.42
N LEU K 215 -82.16 -4.74 14.37
CA LEU K 215 -82.90 -3.48 14.34
C LEU K 215 -83.54 -3.19 12.98
N SER K 216 -83.25 -4.00 11.95
CA SER K 216 -83.81 -3.71 10.63
C SER K 216 -85.31 -4.02 10.58
N LYS K 217 -85.76 -5.04 11.30
CA LYS K 217 -87.17 -5.38 11.30
C LYS K 217 -87.97 -4.31 12.05
N PRO K 218 -89.15 -3.95 11.56
CA PRO K 218 -89.93 -2.88 12.20
C PRO K 218 -90.90 -3.34 13.28
N THR K 219 -90.98 -4.65 13.54
CA THR K 219 -91.94 -5.19 14.49
C THR K 219 -91.25 -6.20 15.40
N ALA K 220 -91.80 -6.33 16.61
CA ALA K 220 -91.12 -7.11 17.65
C ALA K 220 -90.98 -8.60 17.32
N PRO K 221 -92.02 -9.31 16.87
CA PRO K 221 -91.83 -10.74 16.59
C PRO K 221 -90.77 -11.02 15.53
N GLN K 222 -90.67 -10.17 14.50
CA GLN K 222 -89.64 -10.35 13.49
C GLN K 222 -88.23 -10.18 14.08
N ARG K 223 -88.06 -9.16 14.93
CA ARG K 223 -86.78 -8.99 15.60
C ARG K 223 -86.45 -10.19 16.48
N ALA K 224 -87.45 -10.72 17.20
CA ALA K 224 -87.23 -11.95 17.95
C ALA K 224 -86.86 -13.11 17.03
N LEU K 225 -87.42 -13.14 15.83
CA LEU K 225 -87.09 -14.21 14.88
C LEU K 225 -85.63 -14.13 14.46
N VAL K 226 -85.15 -12.93 14.14
CA VAL K 226 -83.75 -12.80 13.75
C VAL K 226 -82.83 -13.05 14.95
N ILE K 227 -83.28 -12.73 16.17
CA ILE K 227 -82.51 -13.08 17.37
C ILE K 227 -82.38 -14.60 17.48
N THR K 228 -83.49 -15.32 17.31
CA THR K 228 -83.43 -16.78 17.33
C THR K 228 -82.48 -17.31 16.26
N HIS K 229 -82.53 -16.69 15.07
CA HIS K 229 -81.64 -17.12 13.99
C HIS K 229 -80.18 -16.94 14.37
N PHE K 230 -79.84 -15.79 14.94
CA PHE K 230 -78.45 -15.57 15.32
C PHE K 230 -78.03 -16.46 16.50
N VAL K 231 -78.96 -16.80 17.39
CA VAL K 231 -78.66 -17.79 18.41
C VAL K 231 -78.32 -19.13 17.78
N HIS K 232 -79.04 -19.48 16.70
CA HIS K 232 -78.74 -20.73 16.00
C HIS K 232 -77.40 -20.66 15.28
N VAL K 233 -77.06 -19.52 14.69
CA VAL K 233 -75.76 -19.42 14.03
C VAL K 233 -74.65 -19.44 15.07
N ALA K 234 -74.91 -18.97 16.29
CA ALA K 234 -73.92 -19.08 17.35
C ALA K 234 -73.76 -20.53 17.80
N GLU K 235 -74.87 -21.26 17.90
CA GLU K 235 -74.80 -22.70 18.16
C GLU K 235 -73.96 -23.40 17.11
N LYS K 236 -74.15 -23.03 15.83
CA LYS K 236 -73.39 -23.65 14.76
C LYS K 236 -71.91 -23.26 14.82
N LEU K 237 -71.63 -22.01 15.21
CA LEU K 237 -70.24 -21.60 15.40
C LEU K 237 -69.57 -22.41 16.50
N LEU K 238 -70.29 -22.64 17.60
CA LEU K 238 -69.74 -23.49 18.66
C LEU K 238 -69.51 -24.91 18.16
N GLN K 239 -70.47 -25.45 17.39
CA GLN K 239 -70.27 -26.75 16.77
C GLN K 239 -69.06 -26.71 15.84
N LEU K 240 -68.86 -25.60 15.13
CA LEU K 240 -67.70 -25.42 14.28
C LEU K 240 -66.41 -25.22 15.06
N GLN K 241 -66.47 -25.14 16.39
CA GLN K 241 -65.31 -24.86 17.24
C GLN K 241 -64.66 -23.54 16.87
N ASN K 242 -65.48 -22.53 16.61
CA ASN K 242 -65.06 -21.17 16.32
C ASN K 242 -65.53 -20.29 17.47
N PHE K 243 -64.67 -20.12 18.48
CA PHE K 243 -65.04 -19.38 19.67
C PHE K 243 -64.93 -17.87 19.46
N ASN K 244 -64.03 -17.44 18.57
CA ASN K 244 -63.83 -16.00 18.38
C ASN K 244 -65.07 -15.35 17.80
N THR K 245 -65.58 -15.88 16.68
CA THR K 245 -66.80 -15.33 16.09
C THR K 245 -68.01 -15.57 16.97
N LEU K 246 -68.02 -16.70 17.70
CA LEU K 246 -69.08 -16.96 18.67
C LEU K 246 -69.26 -15.78 19.61
N MSE K 247 -68.20 -15.43 20.33
CA MSE K 247 -68.17 -14.25 21.18
C MSE K 247 -68.66 -13.01 20.44
O MSE K 247 -69.36 -12.17 21.00
CB MSE K 247 -66.75 -14.02 21.69
CG MSE K 247 -66.54 -12.67 22.36
SE MSE K 247 -67.11 -12.71 24.22
CE MSE K 247 -68.46 -11.31 24.13
N ALA K 248 -68.30 -12.93 19.15
CA ALA K 248 -68.70 -11.77 18.35
C ALA K 248 -70.21 -11.65 18.26
N VAL K 249 -70.91 -12.77 18.05
CA VAL K 249 -72.35 -12.69 17.88
C VAL K 249 -73.07 -12.76 19.22
N VAL K 250 -72.65 -13.66 20.12
CA VAL K 250 -73.25 -13.72 21.44
C VAL K 250 -73.12 -12.38 22.15
N GLY K 251 -71.90 -11.85 22.23
CA GLY K 251 -71.71 -10.52 22.76
C GLY K 251 -72.44 -9.46 21.96
N GLY K 252 -72.64 -9.71 20.67
CA GLY K 252 -73.45 -8.80 19.87
C GLY K 252 -74.92 -8.87 20.22
N LEU K 253 -75.39 -10.04 20.65
CA LEU K 253 -76.78 -10.18 21.07
C LEU K 253 -77.05 -9.53 22.42
N SER K 254 -76.01 -9.19 23.18
CA SER K 254 -76.16 -8.56 24.48
C SER K 254 -75.76 -7.10 24.48
N HIS K 255 -75.69 -6.49 23.29
CA HIS K 255 -75.42 -5.06 23.20
C HIS K 255 -76.57 -4.28 23.84
N SER K 256 -76.27 -3.04 24.23
CA SER K 256 -77.27 -2.21 24.90
C SER K 256 -78.51 -2.04 24.03
N SER K 257 -78.31 -1.83 22.72
CA SER K 257 -79.44 -1.59 21.81
C SER K 257 -80.39 -2.77 21.79
N ILE K 258 -79.89 -4.00 21.96
CA ILE K 258 -80.74 -5.18 21.85
C ILE K 258 -81.27 -5.63 23.21
N SER K 259 -80.50 -5.41 24.28
CA SER K 259 -80.93 -5.85 25.60
C SER K 259 -82.13 -5.07 26.10
N ARG K 260 -82.22 -3.78 25.77
CA ARG K 260 -83.33 -2.94 26.22
C ARG K 260 -84.61 -3.15 25.42
N LEU K 261 -84.60 -4.02 24.40
CA LEU K 261 -85.80 -4.34 23.64
C LEU K 261 -86.53 -5.49 24.34
N LYS K 262 -87.20 -5.14 25.44
CA LYS K 262 -87.90 -6.16 26.22
C LYS K 262 -89.08 -6.74 25.44
N GLU K 263 -89.69 -5.95 24.56
CA GLU K 263 -90.88 -6.43 23.85
C GLU K 263 -90.53 -7.51 22.83
N THR K 264 -89.41 -7.34 22.10
CA THR K 264 -88.95 -8.43 21.25
C THR K 264 -88.40 -9.58 22.08
N HIS K 265 -87.81 -9.27 23.24
CA HIS K 265 -87.30 -10.32 24.11
C HIS K 265 -88.41 -11.16 24.70
N SER K 266 -89.65 -10.64 24.73
CA SER K 266 -90.79 -11.46 25.12
C SER K 266 -91.15 -12.47 24.05
N HIS K 267 -90.88 -12.16 22.78
CA HIS K 267 -91.30 -12.99 21.67
C HIS K 267 -90.27 -14.06 21.32
N VAL K 268 -89.22 -14.20 22.12
CA VAL K 268 -88.20 -15.20 21.88
C VAL K 268 -88.61 -16.50 22.57
N SER K 269 -88.39 -17.61 21.89
CA SER K 269 -88.78 -18.91 22.42
C SER K 269 -88.04 -19.19 23.72
N PRO K 270 -88.72 -19.66 24.77
CA PRO K 270 -88.01 -20.03 26.00
C PRO K 270 -86.93 -21.08 25.77
N GLU K 271 -87.14 -21.99 24.81
CA GLU K 271 -86.08 -22.91 24.42
C GLU K 271 -84.88 -22.15 23.86
N THR K 272 -85.15 -21.22 22.95
CA THR K 272 -84.09 -20.35 22.43
C THR K 272 -83.43 -19.56 23.56
N ILE K 273 -84.22 -19.10 24.53
CA ILE K 273 -83.66 -18.36 25.67
C ILE K 273 -82.70 -19.26 26.45
N LYS K 274 -83.10 -20.51 26.71
CA LYS K 274 -82.24 -21.45 27.41
C LYS K 274 -80.92 -21.63 26.67
N LEU K 275 -81.01 -21.94 25.37
CA LEU K 275 -79.80 -22.16 24.58
C LEU K 275 -78.93 -20.90 24.53
N TRP K 276 -79.56 -19.73 24.41
CA TRP K 276 -78.84 -18.46 24.38
C TRP K 276 -78.07 -18.24 25.68
N GLU K 277 -78.75 -18.37 26.82
CA GLU K 277 -78.04 -18.18 28.09
C GLU K 277 -76.97 -19.23 28.30
N GLY K 278 -77.15 -20.44 27.75
CA GLY K 278 -76.07 -21.42 27.80
C GLY K 278 -74.85 -20.94 27.03
N LEU K 279 -75.05 -20.42 25.83
CA LEU K 279 -73.93 -19.91 25.05
C LEU K 279 -73.27 -18.71 25.73
N THR K 280 -74.07 -17.80 26.27
CA THR K 280 -73.52 -16.65 26.99
C THR K 280 -72.72 -17.08 28.22
N GLU K 281 -73.20 -18.11 28.92
CA GLU K 281 -72.46 -18.64 30.06
C GLU K 281 -71.16 -19.30 29.62
N LEU K 282 -71.13 -19.89 28.42
CA LEU K 282 -69.90 -20.51 27.94
C LEU K 282 -68.77 -19.50 27.83
N VAL K 283 -69.07 -18.27 27.42
CA VAL K 283 -68.04 -17.28 27.16
C VAL K 283 -68.07 -16.21 28.25
N THR K 284 -68.50 -16.58 29.45
CA THR K 284 -68.49 -15.66 30.57
C THR K 284 -67.05 -15.41 31.04
N ALA K 285 -66.81 -14.21 31.54
CA ALA K 285 -65.53 -13.88 32.16
C ALA K 285 -65.44 -14.37 33.59
N THR K 286 -66.54 -14.86 34.15
CA THR K 286 -66.53 -15.38 35.52
C THR K 286 -65.58 -16.56 35.63
N GLY K 287 -64.77 -16.56 36.69
CA GLY K 287 -63.75 -17.58 36.83
C GLY K 287 -62.61 -17.44 35.85
N ASN K 288 -62.36 -16.23 35.35
CA ASN K 288 -61.29 -15.96 34.40
C ASN K 288 -61.47 -16.78 33.12
N TYR K 289 -62.68 -16.74 32.57
CA TYR K 289 -63.02 -17.46 31.34
C TYR K 289 -62.71 -18.95 31.48
N GLY K 290 -63.02 -19.51 32.66
CA GLY K 290 -62.70 -20.90 32.91
C GLY K 290 -63.45 -21.85 32.00
N ASN K 291 -64.75 -21.59 31.78
CA ASN K 291 -65.54 -22.43 30.89
C ASN K 291 -64.95 -22.43 29.48
N TYR K 292 -64.65 -21.23 28.95
CA TYR K 292 -64.07 -21.13 27.63
C TYR K 292 -62.73 -21.86 27.55
N ARG K 293 -61.85 -21.66 28.53
CA ARG K 293 -60.55 -22.30 28.50
C ARG K 293 -60.69 -23.82 28.53
N ARG K 294 -61.60 -24.33 29.36
CA ARG K 294 -61.79 -25.78 29.45
C ARG K 294 -62.32 -26.34 28.14
N ARG K 295 -63.32 -25.68 27.56
CA ARG K 295 -63.88 -26.14 26.28
C ARG K 295 -62.81 -26.12 25.18
N LEU K 296 -62.05 -25.02 25.10
CA LEU K 296 -61.00 -24.93 24.09
C LEU K 296 -59.96 -26.02 24.28
N ALA K 297 -59.56 -26.29 25.53
CA ALA K 297 -58.59 -27.35 25.79
C ALA K 297 -59.15 -28.71 25.38
N ALA K 298 -60.45 -28.94 25.61
CA ALA K 298 -61.05 -30.23 25.27
C ALA K 298 -61.24 -30.43 23.77
N CYS K 299 -61.13 -29.37 22.97
CA CYS K 299 -61.38 -29.50 21.54
C CYS K 299 -60.28 -30.33 20.86
N VAL K 300 -60.65 -30.90 19.70
CA VAL K 300 -59.72 -31.66 18.88
C VAL K 300 -59.90 -31.21 17.43
N GLY K 301 -58.81 -31.18 16.68
CA GLY K 301 -58.87 -30.70 15.31
C GLY K 301 -58.75 -29.19 15.24
N PHE K 302 -59.44 -28.60 14.26
CA PHE K 302 -59.42 -27.16 14.09
C PHE K 302 -60.14 -26.47 15.25
N ARG K 303 -59.61 -25.33 15.67
CA ARG K 303 -60.23 -24.50 16.69
C ARG K 303 -59.82 -23.06 16.47
N PHE K 304 -60.72 -22.13 16.83
CA PHE K 304 -60.50 -20.71 16.66
C PHE K 304 -60.64 -20.05 18.03
N PRO K 305 -59.54 -19.86 18.75
CA PRO K 305 -59.64 -19.22 20.08
C PRO K 305 -60.06 -17.76 19.95
N ILE K 306 -60.88 -17.32 20.91
CA ILE K 306 -61.18 -15.89 21.00
C ILE K 306 -59.90 -15.15 21.32
N LEU K 307 -59.50 -14.25 20.42
CA LEU K 307 -58.20 -13.60 20.56
C LEU K 307 -58.15 -12.66 21.76
N GLY K 308 -59.31 -12.12 22.15
CA GLY K 308 -59.32 -11.13 23.23
C GLY K 308 -58.83 -11.69 24.55
N VAL K 309 -59.20 -12.93 24.87
CA VAL K 309 -58.83 -13.53 26.15
C VAL K 309 -57.32 -13.73 26.21
N HIS K 310 -56.73 -14.27 25.14
CA HIS K 310 -55.30 -14.52 25.14
C HIS K 310 -54.50 -13.22 25.06
N LEU K 311 -55.02 -12.20 24.36
CA LEU K 311 -54.40 -10.89 24.43
C LEU K 311 -54.46 -10.33 25.84
N LYS K 312 -55.55 -10.57 26.56
CA LYS K 312 -55.62 -10.19 27.97
C LYS K 312 -54.52 -10.87 28.78
N ASP K 313 -54.35 -12.17 28.56
CA ASP K 313 -53.31 -12.91 29.27
C ASP K 313 -51.93 -12.35 28.95
N LEU K 314 -51.67 -12.05 27.68
CA LEU K 314 -50.37 -11.52 27.30
C LEU K 314 -50.12 -10.15 27.91
N VAL K 315 -51.14 -9.28 27.93
CA VAL K 315 -50.97 -7.95 28.52
C VAL K 315 -50.75 -8.06 30.04
N ALA K 316 -51.49 -8.96 30.70
CA ALA K 316 -51.29 -9.17 32.12
C ALA K 316 -49.87 -9.65 32.41
N LEU K 317 -49.38 -10.63 31.63
CA LEU K 317 -48.02 -11.12 31.81
C LEU K 317 -47.00 -10.01 31.56
N GLN K 318 -47.23 -9.19 30.53
CA GLN K 318 -46.28 -8.12 30.20
C GLN K 318 -46.19 -7.09 31.32
N LEU K 319 -47.34 -6.66 31.83
CA LEU K 319 -47.35 -5.61 32.84
C LEU K 319 -46.91 -6.12 34.21
N ALA K 320 -47.21 -7.38 34.54
CA ALA K 320 -46.92 -7.88 35.87
C ALA K 320 -45.45 -8.27 36.02
N LEU K 321 -44.93 -9.13 35.12
CA LEU K 321 -43.56 -9.61 35.22
C LEU K 321 -42.61 -8.69 34.47
N PRO K 322 -41.37 -8.59 34.94
CA PRO K 322 -40.38 -7.77 34.22
C PRO K 322 -39.71 -8.55 33.11
N ASP K 323 -39.30 -7.82 32.07
CA ASP K 323 -38.61 -8.44 30.95
C ASP K 323 -37.29 -9.04 31.38
N TRP K 324 -36.51 -8.30 32.17
CA TRP K 324 -35.20 -8.71 32.61
C TRP K 324 -35.16 -8.86 34.12
N LEU K 325 -34.16 -9.58 34.60
CA LEU K 325 -33.96 -9.77 36.03
C LEU K 325 -32.99 -8.75 36.62
N ASP K 326 -32.07 -8.22 35.81
CA ASP K 326 -31.06 -7.30 36.29
C ASP K 326 -31.31 -5.89 35.79
N PRO K 327 -30.87 -4.87 36.52
CA PRO K 327 -31.03 -3.48 36.03
C PRO K 327 -30.19 -3.18 34.79
N ALA K 328 -29.13 -3.95 34.52
CA ALA K 328 -28.36 -3.76 33.31
C ALA K 328 -29.06 -4.29 32.06
N ARG K 329 -30.18 -5.00 32.23
CA ARG K 329 -30.97 -5.54 31.12
C ARG K 329 -30.14 -6.48 30.26
N THR K 330 -29.60 -7.51 30.90
CA THR K 330 -28.81 -8.53 30.22
C THR K 330 -29.24 -9.96 30.50
N ARG K 331 -29.92 -10.23 31.62
CA ARG K 331 -30.41 -11.56 31.95
C ARG K 331 -31.90 -11.65 31.65
N LEU K 332 -32.28 -12.70 30.94
CA LEU K 332 -33.66 -12.89 30.53
C LEU K 332 -34.50 -13.47 31.65
N ASN K 333 -35.70 -12.94 31.82
CA ASN K 333 -36.66 -13.51 32.77
C ASN K 333 -37.18 -14.81 32.20
N GLY K 334 -36.56 -15.93 32.63
CA GLY K 334 -36.86 -17.21 32.02
C GLY K 334 -38.33 -17.60 32.12
N ALA K 335 -38.96 -17.28 33.25
CA ALA K 335 -40.36 -17.62 33.43
C ALA K 335 -41.24 -16.89 32.42
N LYS K 336 -41.17 -15.56 32.43
CA LYS K 336 -41.97 -14.73 31.53
C LYS K 336 -41.89 -15.23 30.10
N MSE K 337 -40.68 -15.32 29.56
CA MSE K 337 -40.45 -15.76 28.19
C MSE K 337 -41.17 -17.06 27.89
O MSE K 337 -41.75 -17.22 26.82
CB MSE K 337 -38.96 -15.93 27.90
CG MSE K 337 -38.67 -16.18 26.42
SE MSE K 337 -36.86 -16.76 26.10
CE MSE K 337 -36.03 -16.00 27.69
N LYS K 338 -41.11 -18.00 28.84
CA LYS K 338 -41.82 -19.25 28.64
C LYS K 338 -43.32 -19.02 28.62
N GLN K 339 -43.84 -18.35 29.65
CA GLN K 339 -45.27 -18.15 29.77
C GLN K 339 -45.84 -17.45 28.55
N LEU K 340 -45.26 -16.29 28.19
CA LEU K 340 -45.61 -15.62 26.95
C LEU K 340 -45.61 -16.60 25.78
N PHE K 341 -44.50 -17.33 25.62
CA PHE K 341 -44.40 -18.29 24.52
C PHE K 341 -45.57 -19.26 24.55
N SER K 342 -45.86 -19.81 25.74
CA SER K 342 -46.91 -20.82 25.87
C SER K 342 -48.23 -20.30 25.31
N ILE K 343 -48.47 -18.99 25.41
CA ILE K 343 -49.67 -18.43 24.80
C ILE K 343 -49.49 -18.30 23.29
N LEU K 344 -48.42 -17.61 22.87
CA LEU K 344 -48.29 -17.20 21.49
C LEU K 344 -48.21 -18.41 20.55
N GLU K 345 -47.46 -19.43 20.94
CA GLU K 345 -47.39 -20.66 20.15
C GLU K 345 -48.78 -21.20 19.85
N GLU K 346 -49.66 -21.21 20.86
CA GLU K 346 -51.03 -21.63 20.64
C GLU K 346 -51.66 -20.87 19.48
N LEU K 347 -51.59 -19.54 19.54
CA LEU K 347 -52.15 -18.73 18.46
C LEU K 347 -51.49 -19.08 17.13
N ALA K 348 -50.18 -19.35 17.15
CA ALA K 348 -49.50 -19.71 15.92
C ALA K 348 -50.00 -21.04 15.38
N MSE K 349 -50.27 -21.99 16.27
CA MSE K 349 -50.71 -23.31 15.83
C MSE K 349 -52.09 -23.20 15.19
O MSE K 349 -52.50 -24.10 14.46
CB MSE K 349 -50.72 -24.29 17.00
CG MSE K 349 -49.34 -24.65 17.50
SE MSE K 349 -48.17 -25.34 16.10
CE MSE K 349 -49.12 -27.01 15.71
N VAL K 350 -52.79 -22.10 15.45
CA VAL K 350 -54.09 -21.91 14.82
C VAL K 350 -53.93 -21.83 13.30
N THR K 351 -52.84 -21.21 12.84
CA THR K 351 -52.57 -21.14 11.42
C THR K 351 -52.16 -22.49 10.82
N SER K 352 -51.84 -23.47 11.67
CA SER K 352 -51.41 -24.77 11.16
C SER K 352 -52.54 -25.49 10.45
N LEU K 353 -53.76 -25.40 10.97
CA LEU K 353 -54.90 -26.14 10.47
C LEU K 353 -55.93 -25.19 9.88
N ARG K 354 -56.41 -25.50 8.66
CA ARG K 354 -57.48 -24.69 8.09
C ARG K 354 -58.84 -25.23 8.53
N PRO K 355 -59.85 -24.37 8.62
CA PRO K 355 -61.16 -24.85 9.07
C PRO K 355 -61.82 -25.72 8.02
N PRO K 356 -62.60 -26.72 8.43
CA PRO K 356 -63.36 -27.54 7.47
C PRO K 356 -64.63 -26.83 7.04
N VAL K 357 -64.48 -25.87 6.14
CA VAL K 357 -65.53 -24.92 5.80
C VAL K 357 -65.59 -24.75 4.29
N GLN K 358 -66.79 -24.84 3.72
CA GLN K 358 -67.03 -24.51 2.32
C GLN K 358 -67.53 -23.08 2.23
N ALA K 359 -67.17 -22.40 1.14
CA ALA K 359 -67.45 -20.97 1.03
C ALA K 359 -67.53 -20.58 -0.46
N ASN K 360 -68.76 -20.39 -0.96
CA ASN K 360 -68.90 -19.87 -2.31
C ASN K 360 -68.60 -18.37 -2.33
N PRO K 361 -67.87 -17.88 -3.34
CA PRO K 361 -67.29 -16.54 -3.23
C PRO K 361 -68.30 -15.41 -3.30
N ASP K 362 -69.46 -15.61 -3.95
CA ASP K 362 -70.44 -14.53 -4.03
C ASP K 362 -71.00 -14.19 -2.65
N LEU K 363 -71.34 -15.21 -1.86
CA LEU K 363 -71.84 -14.95 -0.51
C LEU K 363 -70.75 -14.29 0.34
N LEU K 364 -69.48 -14.67 0.11
CA LEU K 364 -68.38 -13.98 0.78
C LEU K 364 -68.36 -12.49 0.45
N SER K 365 -68.47 -12.16 -0.84
CA SER K 365 -68.46 -10.75 -1.23
C SER K 365 -69.63 -10.00 -0.62
N LEU K 366 -70.84 -10.57 -0.73
CA LEU K 366 -72.02 -9.92 -0.16
C LEU K 366 -71.89 -9.72 1.35
N LEU K 367 -71.41 -10.76 2.06
CA LEU K 367 -71.22 -10.67 3.49
C LEU K 367 -70.21 -9.59 3.85
N THR K 368 -69.10 -9.53 3.11
CA THR K 368 -68.09 -8.50 3.37
C THR K 368 -68.68 -7.10 3.17
N VAL K 369 -69.43 -6.90 2.07
CA VAL K 369 -70.03 -5.60 1.82
C VAL K 369 -71.01 -5.25 2.95
N SER K 370 -71.76 -6.22 3.44
CA SER K 370 -72.70 -5.95 4.52
C SER K 370 -71.97 -5.61 5.83
N LEU K 371 -70.91 -6.36 6.15
CA LEU K 371 -70.14 -6.10 7.36
C LEU K 371 -69.40 -4.78 7.30
N ASP K 372 -69.10 -4.27 6.09
CA ASP K 372 -68.31 -3.05 5.97
C ASP K 372 -69.03 -1.82 6.53
N GLN K 373 -70.35 -1.75 6.39
CA GLN K 373 -71.07 -0.56 6.80
C GLN K 373 -70.93 -0.35 8.30
N TYR K 374 -70.74 0.90 8.70
CA TYR K 374 -70.42 1.26 10.08
C TYR K 374 -71.42 2.28 10.60
N GLN K 375 -72.06 1.95 11.73
CA GLN K 375 -72.91 2.86 12.47
C GLN K 375 -72.32 3.04 13.86
N THR K 376 -72.30 4.29 14.35
CA THR K 376 -71.77 4.52 15.69
C THR K 376 -72.69 3.89 16.74
N GLU K 377 -72.15 3.77 17.96
CA GLU K 377 -72.93 3.23 19.06
C GLU K 377 -74.21 4.02 19.27
N ASP K 378 -74.09 5.35 19.25
CA ASP K 378 -75.24 6.22 19.48
C ASP K 378 -76.31 6.04 18.40
N GLU K 379 -75.89 5.80 17.15
CA GLU K 379 -76.84 5.59 16.08
C GLU K 379 -77.65 4.32 16.28
N LEU K 380 -76.98 3.23 16.67
CA LEU K 380 -77.69 1.98 16.97
C LEU K 380 -78.62 2.18 18.14
N TYR K 381 -78.20 2.94 19.15
CA TYR K 381 -79.08 3.21 20.29
C TYR K 381 -80.31 4.00 19.86
N GLN K 382 -80.13 4.99 18.97
CA GLN K 382 -81.25 5.75 18.45
C GLN K 382 -82.23 4.87 17.67
N LEU K 383 -81.71 3.98 16.84
CA LEU K 383 -82.58 3.04 16.12
C LEU K 383 -83.36 2.16 17.11
N SER K 384 -82.67 1.67 18.14
CA SER K 384 -83.34 0.89 19.17
C SER K 384 -84.45 1.70 19.84
N LEU K 385 -84.19 2.98 20.10
CA LEU K 385 -85.22 3.85 20.67
C LEU K 385 -86.41 4.00 19.73
N GLN K 386 -86.15 4.08 18.42
CA GLN K 386 -87.25 4.13 17.46
C GLN K 386 -88.11 2.89 17.54
N ARG K 387 -87.47 1.72 17.55
CA ARG K 387 -88.23 0.47 17.53
C ARG K 387 -89.09 0.32 18.78
N GLU K 388 -88.57 0.71 19.94
CA GLU K 388 -89.31 0.60 21.19
C GLU K 388 -88.97 1.76 22.10
N PRO K 389 -89.73 2.85 22.04
CA PRO K 389 -89.52 3.95 22.99
C PRO K 389 -89.82 3.50 24.41
N ARG K 390 -89.35 4.29 25.37
CA ARG K 390 -89.56 3.99 26.78
C ARG K 390 -91.02 4.25 27.17
N MET L 3 -71.17 -17.11 52.77
CA MET L 3 -70.26 -16.15 52.15
C MET L 3 -70.78 -15.72 50.78
N ARG L 4 -70.85 -14.41 50.56
CA ARG L 4 -71.37 -13.87 49.32
C ARG L 4 -70.23 -13.63 48.32
N GLU L 5 -70.55 -13.81 47.04
CA GLU L 5 -69.59 -13.61 45.96
C GLU L 5 -69.88 -12.28 45.27
N TYR L 6 -68.81 -11.54 44.96
CA TYR L 6 -68.91 -10.23 44.32
C TYR L 6 -68.08 -10.25 43.04
N LYS L 7 -68.68 -9.74 41.96
CA LYS L 7 -68.04 -9.58 40.67
C LYS L 7 -67.67 -8.11 40.49
N LEU L 8 -66.38 -7.78 40.56
CA LEU L 8 -65.92 -6.40 40.44
C LEU L 8 -65.10 -6.26 39.16
N VAL L 9 -65.50 -5.33 38.31
CA VAL L 9 -64.89 -5.13 36.99
C VAL L 9 -64.11 -3.83 37.01
N VAL L 10 -62.88 -3.85 36.50
CA VAL L 10 -62.00 -2.70 36.52
C VAL L 10 -61.89 -2.14 35.10
N LEU L 11 -62.35 -0.91 34.92
CA LEU L 11 -62.33 -0.23 33.63
C LEU L 11 -61.35 0.94 33.68
N GLY L 12 -60.77 1.26 32.53
CA GLY L 12 -59.80 2.34 32.45
C GLY L 12 -59.30 2.51 31.02
N SER L 13 -58.58 3.61 30.80
CA SER L 13 -58.12 3.98 29.48
C SER L 13 -56.82 3.29 29.07
N GLY L 14 -56.12 2.66 30.01
CA GLY L 14 -54.95 1.86 29.68
C GLY L 14 -53.64 2.43 30.20
N GLY L 15 -53.48 3.74 30.11
CA GLY L 15 -52.31 4.39 30.65
C GLY L 15 -52.37 4.63 32.13
N VAL L 16 -53.36 4.06 32.81
CA VAL L 16 -53.60 4.32 34.23
C VAL L 16 -53.12 3.19 35.13
N GLY L 17 -52.65 2.09 34.56
CA GLY L 17 -52.18 0.97 35.35
C GLY L 17 -53.25 0.36 36.22
N LYS L 18 -54.43 0.12 35.65
CA LYS L 18 -55.47 -0.60 36.39
C LYS L 18 -55.05 -2.03 36.68
N SER L 19 -54.29 -2.65 35.77
CA SER L 19 -53.75 -3.97 36.03
C SER L 19 -52.82 -3.94 37.24
N ALA L 20 -52.08 -2.84 37.41
CA ALA L 20 -51.23 -2.70 38.59
C ALA L 20 -52.06 -2.74 39.87
N LEU L 21 -53.17 -2.01 39.91
CA LEU L 21 -54.03 -2.03 41.09
C LEU L 21 -54.63 -3.41 41.31
N THR L 22 -55.05 -4.08 40.24
CA THR L 22 -55.63 -5.42 40.37
C THR L 22 -54.62 -6.41 40.95
N VAL L 23 -53.42 -6.45 40.38
CA VAL L 23 -52.40 -7.39 40.85
C VAL L 23 -51.96 -7.03 42.27
N GLN L 24 -51.88 -5.74 42.58
CA GLN L 24 -51.53 -5.32 43.93
C GLN L 24 -52.59 -5.76 44.93
N PHE L 25 -53.86 -5.72 44.53
CA PHE L 25 -54.94 -6.14 45.41
C PHE L 25 -54.90 -7.65 45.62
N VAL L 26 -54.89 -8.43 44.54
CA VAL L 26 -55.05 -9.87 44.67
C VAL L 26 -53.74 -10.53 45.08
N GLN L 27 -52.66 -10.22 44.38
CA GLN L 27 -51.37 -10.87 44.65
C GLN L 27 -50.55 -10.16 45.72
N GLY L 28 -50.64 -8.85 45.82
CA GLY L 28 -49.80 -8.11 46.74
C GLY L 28 -48.47 -7.75 46.12
N ILE L 29 -47.49 -7.53 46.99
CA ILE L 29 -46.18 -7.08 46.53
C ILE L 29 -45.29 -8.25 46.12
N PHE L 30 -45.36 -9.37 46.85
CA PHE L 30 -44.57 -10.54 46.50
C PHE L 30 -45.16 -11.23 45.26
N VAL L 31 -44.68 -10.83 44.08
CA VAL L 31 -45.29 -11.28 42.83
C VAL L 31 -44.88 -12.69 42.42
N GLU L 32 -43.97 -13.34 43.17
CA GLU L 32 -42.92 -14.14 42.57
C GLU L 32 -43.32 -14.88 41.30
N LYS L 33 -44.28 -15.79 41.40
CA LYS L 33 -44.72 -16.59 40.25
C LYS L 33 -46.18 -16.30 39.99
N TYR L 34 -46.46 -15.68 38.85
CA TYR L 34 -47.78 -15.15 38.54
C TYR L 34 -48.30 -15.81 37.28
N ASP L 35 -49.53 -16.30 37.32
CA ASP L 35 -50.17 -16.94 36.18
C ASP L 35 -51.54 -16.32 35.97
N PRO L 36 -51.74 -15.52 34.93
CA PRO L 36 -53.05 -14.94 34.67
C PRO L 36 -54.02 -15.86 33.95
N THR L 37 -53.62 -17.10 33.64
CA THR L 37 -54.48 -18.00 32.88
C THR L 37 -55.31 -18.92 33.76
N ILE L 38 -54.94 -19.10 35.02
CA ILE L 38 -55.67 -20.01 35.90
C ILE L 38 -56.74 -19.22 36.64
N GLU L 39 -57.75 -19.94 37.15
CA GLU L 39 -59.00 -19.34 37.56
C GLU L 39 -58.81 -18.37 38.72
N ASP L 40 -58.27 -18.85 39.84
CA ASP L 40 -58.25 -18.06 41.07
C ASP L 40 -57.12 -17.03 41.13
N SER L 41 -56.51 -16.69 39.99
CA SER L 41 -55.55 -15.59 39.97
C SER L 41 -56.19 -14.26 40.29
N TYR L 42 -57.51 -14.13 40.12
CA TYR L 42 -58.22 -12.89 40.36
C TYR L 42 -59.25 -12.99 41.48
N ARG L 43 -59.32 -14.14 42.17
CA ARG L 43 -60.16 -14.29 43.35
C ARG L 43 -59.39 -13.99 44.63
N LYS L 44 -59.98 -13.17 45.48
CA LYS L 44 -59.44 -12.87 46.80
C LYS L 44 -60.57 -12.91 47.81
N GLN L 45 -60.37 -13.63 48.91
CA GLN L 45 -61.32 -13.63 50.00
C GLN L 45 -61.02 -12.48 50.95
N VAL L 46 -62.03 -11.66 51.23
CA VAL L 46 -61.86 -10.40 51.91
C VAL L 46 -63.02 -10.19 52.89
N GLU L 47 -62.72 -9.65 54.05
CA GLU L 47 -63.76 -9.26 55.00
C GLU L 47 -64.01 -7.77 54.92
N VAL L 48 -65.29 -7.40 54.73
CA VAL L 48 -65.70 -6.02 54.74
C VAL L 48 -66.97 -5.90 55.58
N ASP L 49 -66.98 -4.96 56.52
CA ASP L 49 -68.11 -4.70 57.41
C ASP L 49 -68.60 -5.99 58.08
N ALA L 50 -67.65 -6.70 58.70
CA ALA L 50 -67.90 -7.94 59.43
C ALA L 50 -68.42 -9.08 58.54
N GLN L 51 -68.38 -8.91 57.22
CA GLN L 51 -68.89 -9.91 56.29
C GLN L 51 -67.75 -10.52 55.50
N GLN L 52 -67.71 -11.84 55.44
CA GLN L 52 -66.75 -12.54 54.59
C GLN L 52 -67.29 -12.61 53.17
N CYS L 53 -66.47 -12.21 52.20
CA CYS L 53 -66.86 -12.12 50.81
C CYS L 53 -65.77 -12.71 49.93
N MET L 54 -66.19 -13.34 48.84
CA MET L 54 -65.27 -13.81 47.81
C MET L 54 -65.36 -12.84 46.64
N LEU L 55 -64.27 -12.11 46.38
CA LEU L 55 -64.24 -11.14 45.31
C LEU L 55 -63.55 -11.73 44.09
N GLU L 56 -64.13 -11.51 42.91
CA GLU L 56 -63.45 -11.81 41.65
C GLU L 56 -63.29 -10.52 40.87
N ILE L 57 -62.05 -10.21 40.52
CA ILE L 57 -61.71 -8.99 39.80
C ILE L 57 -61.58 -9.32 38.32
N LEU L 58 -62.38 -8.65 37.51
CA LEU L 58 -62.35 -8.79 36.06
C LEU L 58 -61.58 -7.60 35.51
N ASP L 59 -60.30 -7.83 35.19
CA ASP L 59 -59.45 -6.80 34.62
C ASP L 59 -59.62 -6.79 33.11
N THR L 60 -59.88 -5.62 32.56
CA THR L 60 -60.11 -5.43 31.12
C THR L 60 -58.86 -4.91 30.42
N ALA L 61 -57.70 -5.42 30.83
CA ALA L 61 -56.41 -4.83 30.42
C ALA L 61 -56.27 -4.79 28.91
N GLY L 62 -56.57 -5.88 28.22
CA GLY L 62 -56.38 -5.93 26.78
C GLY L 62 -57.63 -6.21 25.98
N THR L 63 -58.79 -5.80 26.51
CA THR L 63 -60.07 -6.13 25.88
C THR L 63 -60.93 -4.90 25.59
N GLU L 64 -60.42 -3.69 25.82
CA GLU L 64 -61.24 -2.50 25.61
C GLU L 64 -61.49 -2.20 24.13
N GLN L 65 -60.91 -2.96 23.20
CA GLN L 65 -61.16 -2.78 21.79
C GLN L 65 -62.18 -3.76 21.22
N PHE L 66 -62.38 -4.91 21.88
CA PHE L 66 -63.38 -5.88 21.47
C PHE L 66 -64.69 -5.49 22.14
N THR L 67 -65.57 -4.85 21.38
CA THR L 67 -66.77 -4.24 21.95
C THR L 67 -67.68 -5.28 22.61
N ALA L 68 -67.84 -6.43 21.96
CA ALA L 68 -68.69 -7.49 22.50
C ALA L 68 -68.22 -7.93 23.90
N MET L 69 -66.90 -8.14 24.04
CA MET L 69 -66.37 -8.53 25.34
C MET L 69 -66.61 -7.45 26.38
N ARG L 70 -66.49 -6.19 25.98
CA ARG L 70 -66.76 -5.08 26.90
C ARG L 70 -68.22 -5.09 27.36
N ASP L 71 -69.14 -5.27 26.43
CA ASP L 71 -70.56 -5.31 26.78
C ASP L 71 -70.86 -6.48 27.71
N LEU L 72 -70.25 -7.64 27.45
CA LEU L 72 -70.45 -8.78 28.35
C LEU L 72 -69.83 -8.53 29.72
N TYR L 73 -68.70 -7.81 29.77
CA TYR L 73 -68.14 -7.41 31.05
C TYR L 73 -69.13 -6.56 31.83
N MET L 74 -69.71 -5.56 31.17
CA MET L 74 -70.66 -4.68 31.84
C MET L 74 -71.90 -5.42 32.29
N LYS L 75 -72.42 -6.32 31.44
CA LYS L 75 -73.59 -7.10 31.82
C LYS L 75 -73.30 -8.01 33.00
N ASN L 76 -72.16 -8.70 32.98
CA ASN L 76 -71.85 -9.73 33.97
C ASN L 76 -71.36 -9.13 35.30
N GLY L 77 -70.97 -7.86 35.31
CA GLY L 77 -70.37 -7.28 36.50
C GLY L 77 -71.40 -6.74 37.49
N GLN L 78 -71.12 -6.91 38.77
CA GLN L 78 -71.94 -6.38 39.84
C GLN L 78 -71.45 -5.01 40.32
N GLY L 79 -70.14 -4.82 40.37
CA GLY L 79 -69.58 -3.53 40.70
C GLY L 79 -68.54 -3.13 39.67
N PHE L 80 -68.35 -1.82 39.53
CA PHE L 80 -67.47 -1.27 38.51
C PHE L 80 -66.56 -0.21 39.11
N ALA L 81 -65.25 -0.36 38.88
CA ALA L 81 -64.25 0.62 39.31
C ALA L 81 -63.71 1.31 38.06
N LEU L 82 -64.01 2.60 37.91
CA LEU L 82 -63.59 3.40 36.76
C LEU L 82 -62.34 4.15 37.15
N VAL L 83 -61.19 3.71 36.65
CA VAL L 83 -59.89 4.23 37.06
C VAL L 83 -59.39 5.21 36.01
N TYR L 84 -58.90 6.36 36.47
CA TYR L 84 -58.19 7.32 35.64
C TYR L 84 -56.88 7.68 36.33
N SER L 85 -56.05 8.44 35.62
CA SER L 85 -54.76 8.87 36.13
C SER L 85 -54.81 10.38 36.35
N ILE L 86 -54.37 10.81 37.55
CA ILE L 86 -54.38 12.24 37.86
C ILE L 86 -53.41 13.02 37.00
N THR L 87 -52.49 12.33 36.32
CA THR L 87 -51.49 12.98 35.49
C THR L 87 -51.96 13.23 34.07
N ALA L 88 -53.15 12.74 33.70
CA ALA L 88 -53.69 12.93 32.35
C ALA L 88 -55.16 13.29 32.45
N GLN L 89 -55.54 14.36 31.76
CA GLN L 89 -56.94 14.80 31.77
C GLN L 89 -57.79 13.95 30.84
N SER L 90 -57.22 13.52 29.71
CA SER L 90 -57.99 12.76 28.73
C SER L 90 -58.49 11.45 29.32
N THR L 91 -57.66 10.78 30.13
CA THR L 91 -58.11 9.54 30.75
C THR L 91 -59.23 9.76 31.74
N PHE L 92 -59.28 10.95 32.37
CA PHE L 92 -60.41 11.29 33.22
C PHE L 92 -61.66 11.52 32.39
N ASN L 93 -61.55 12.27 31.30
CA ASN L 93 -62.71 12.54 30.46
C ASN L 93 -63.23 11.28 29.79
N ASP L 94 -62.37 10.29 29.55
CA ASP L 94 -62.80 9.06 28.89
C ASP L 94 -63.78 8.25 29.74
N LEU L 95 -63.92 8.57 31.03
CA LEU L 95 -64.78 7.79 31.91
C LEU L 95 -66.26 8.11 31.72
N GLN L 96 -66.57 9.28 31.18
CA GLN L 96 -67.97 9.65 30.94
C GLN L 96 -68.66 8.63 30.05
N ASP L 97 -68.06 8.35 28.88
CA ASP L 97 -68.64 7.40 27.94
C ASP L 97 -68.68 5.99 28.53
N LEU L 98 -67.67 5.62 29.30
CA LEU L 98 -67.66 4.31 29.94
C LEU L 98 -68.85 4.16 30.89
N ARG L 99 -69.08 5.17 31.72
CA ARG L 99 -70.24 5.17 32.60
C ARG L 99 -71.55 5.11 31.80
N GLU L 100 -71.63 5.88 30.72
CA GLU L 100 -72.84 5.84 29.89
C GLU L 100 -73.09 4.45 29.32
N GLN L 101 -72.03 3.76 28.89
CA GLN L 101 -72.21 2.43 28.32
C GLN L 101 -72.64 1.43 29.38
N ILE L 102 -72.10 1.57 30.60
CA ILE L 102 -72.59 0.73 31.70
C ILE L 102 -74.06 1.00 31.98
N LEU L 103 -74.45 2.28 32.01
CA LEU L 103 -75.84 2.65 32.23
C LEU L 103 -76.75 2.24 31.09
N ARG L 104 -76.19 1.98 29.91
CA ARG L 104 -76.98 1.51 28.78
C ARG L 104 -77.15 -0.01 28.78
N VAL L 105 -76.11 -0.75 29.14
CA VAL L 105 -76.23 -2.21 29.21
C VAL L 105 -77.20 -2.61 30.30
N LYS L 106 -77.11 -1.96 31.47
CA LYS L 106 -78.06 -2.15 32.56
C LYS L 106 -79.07 -1.01 32.50
N ASP L 107 -80.33 -1.33 32.18
CA ASP L 107 -81.33 -0.31 31.91
C ASP L 107 -81.46 0.72 33.04
N THR L 108 -81.02 0.39 34.25
CA THR L 108 -81.16 1.30 35.38
C THR L 108 -80.15 2.44 35.30
N ASP L 109 -80.40 3.47 36.10
CA ASP L 109 -79.49 4.60 36.21
C ASP L 109 -78.47 4.40 37.33
N ASP L 110 -78.84 3.68 38.38
CA ASP L 110 -77.98 3.47 39.55
C ASP L 110 -77.23 2.16 39.38
N VAL L 111 -75.90 2.25 39.30
CA VAL L 111 -75.03 1.07 39.22
C VAL L 111 -73.93 1.21 40.26
N PRO L 112 -73.64 0.17 41.04
CA PRO L 112 -72.55 0.24 42.03
C PRO L 112 -71.23 0.56 41.33
N MET L 113 -70.59 1.65 41.77
CA MET L 113 -69.46 2.17 41.01
C MET L 113 -68.61 3.09 41.89
N ILE L 114 -67.30 2.97 41.73
CA ILE L 114 -66.34 3.83 42.43
C ILE L 114 -65.46 4.50 41.38
N LEU L 115 -65.18 5.78 41.60
CA LEU L 115 -64.32 6.57 40.72
C LEU L 115 -62.93 6.65 41.35
N VAL L 116 -61.94 6.14 40.63
CA VAL L 116 -60.59 5.97 41.16
C VAL L 116 -59.64 6.87 40.39
N GLY L 117 -58.93 7.73 41.12
CA GLY L 117 -57.83 8.48 40.55
C GLY L 117 -56.50 7.87 40.95
N ASN L 118 -55.90 7.11 40.05
CA ASN L 118 -54.68 6.36 40.35
C ASN L 118 -53.45 7.25 40.15
N LYS L 119 -52.30 6.72 40.54
CA LYS L 119 -51.01 7.41 40.41
C LYS L 119 -51.02 8.71 41.22
N CYS L 120 -51.62 8.67 42.42
CA CYS L 120 -51.73 9.87 43.23
C CYS L 120 -50.41 10.28 43.88
N ASP L 121 -49.39 9.41 43.85
CA ASP L 121 -48.09 9.75 44.40
C ASP L 121 -47.29 10.69 43.51
N LEU L 122 -47.69 10.84 42.25
CA LEU L 122 -47.01 11.76 41.32
C LEU L 122 -47.64 13.15 41.41
N GLU L 123 -47.54 13.73 42.61
CA GLU L 123 -48.12 15.05 42.84
C GLU L 123 -47.44 16.13 42.02
N ASP L 124 -46.17 15.92 41.66
CA ASP L 124 -45.48 16.85 40.77
C ASP L 124 -46.11 16.88 39.38
N GLU L 125 -46.63 15.73 38.93
CA GLU L 125 -47.18 15.60 37.60
C GLU L 125 -48.70 15.68 37.56
N ARG L 126 -49.32 16.13 38.64
CA ARG L 126 -50.79 16.17 38.70
C ARG L 126 -51.35 17.25 37.78
N VAL L 127 -52.41 16.90 37.05
CA VAL L 127 -53.12 17.86 36.22
C VAL L 127 -54.62 17.75 36.51
N VAL L 128 -55.02 16.69 37.21
CA VAL L 128 -56.42 16.45 37.55
C VAL L 128 -56.57 16.66 39.05
N GLY L 129 -57.25 17.73 39.44
CA GLY L 129 -57.47 18.00 40.84
C GLY L 129 -58.44 17.02 41.47
N LYS L 130 -58.35 16.92 42.80
CA LYS L 130 -59.25 16.04 43.55
C LYS L 130 -60.68 16.54 43.50
N GLU L 131 -60.87 17.86 43.49
CA GLU L 131 -62.22 18.42 43.46
C GLU L 131 -62.96 18.02 42.18
N GLN L 132 -62.22 17.78 41.09
CA GLN L 132 -62.85 17.34 39.85
C GLN L 132 -63.51 15.99 40.03
N GLY L 133 -62.76 15.02 40.57
CA GLY L 133 -63.32 13.71 40.82
C GLY L 133 -64.42 13.74 41.87
N GLN L 134 -64.26 14.58 42.89
CA GLN L 134 -65.32 14.72 43.88
C GLN L 134 -66.62 15.20 43.24
N ASN L 135 -66.53 16.26 42.42
CA ASN L 135 -67.71 16.79 41.74
C ASN L 135 -68.33 15.74 40.81
N LEU L 136 -67.49 15.01 40.07
CA LEU L 136 -68.02 14.03 39.13
C LEU L 136 -68.72 12.88 39.86
N ALA L 137 -68.07 12.32 40.88
CA ALA L 137 -68.70 11.25 41.67
C ALA L 137 -69.97 11.72 42.34
N ARG L 138 -70.00 12.99 42.76
CA ARG L 138 -71.23 13.56 43.30
C ARG L 138 -72.33 13.60 42.24
N GLN L 139 -71.97 14.00 41.02
CA GLN L 139 -72.92 13.99 39.92
C GLN L 139 -73.37 12.58 39.58
N TRP L 140 -72.50 11.58 39.75
CA TRP L 140 -72.78 10.19 39.41
C TRP L 140 -73.52 9.51 40.57
N ASN L 141 -74.73 10.00 40.84
CA ASN L 141 -75.61 9.42 41.85
C ASN L 141 -74.94 9.41 43.23
N ASN L 142 -74.05 10.37 43.47
CA ASN L 142 -73.33 10.49 44.74
C ASN L 142 -72.59 9.19 45.07
N CYS L 143 -71.76 8.74 44.13
CA CYS L 143 -71.08 7.46 44.26
C CYS L 143 -69.74 7.65 44.99
N ALA L 144 -68.97 6.58 45.08
CA ALA L 144 -67.71 6.60 45.82
C ALA L 144 -66.59 7.20 44.98
N PHE L 145 -65.65 7.85 45.67
CA PHE L 145 -64.48 8.45 45.05
C PHE L 145 -63.24 8.17 45.88
N LEU L 146 -62.14 7.84 45.20
CA LEU L 146 -60.91 7.52 45.89
C LEU L 146 -59.73 8.02 45.05
N GLU L 147 -58.60 8.24 45.73
CA GLU L 147 -57.33 8.52 45.08
C GLU L 147 -56.30 7.52 45.60
N SER L 148 -55.67 6.81 44.69
CA SER L 148 -54.85 5.65 45.05
C SER L 148 -53.50 5.72 44.33
N SER L 149 -52.61 4.82 44.75
CA SER L 149 -51.27 4.73 44.16
C SER L 149 -50.77 3.31 44.39
N ALA L 150 -50.69 2.52 43.30
CA ALA L 150 -50.25 1.14 43.43
C ALA L 150 -48.79 1.05 43.84
N LYS L 151 -47.98 2.06 43.51
CA LYS L 151 -46.59 2.06 43.92
C LYS L 151 -46.45 2.38 45.40
N SER L 152 -47.10 3.44 45.86
CA SER L 152 -47.01 3.87 47.25
C SER L 152 -47.98 3.11 48.16
N LYS L 153 -48.76 2.18 47.62
CA LYS L 153 -49.63 1.32 48.42
C LYS L 153 -50.66 2.13 49.20
N ILE L 154 -51.33 3.03 48.49
CA ILE L 154 -52.35 3.90 49.08
C ILE L 154 -53.70 3.52 48.49
N ASN L 155 -54.63 3.14 49.37
CA ASN L 155 -56.05 2.96 49.02
C ASN L 155 -56.26 1.87 47.97
N VAL L 156 -55.38 0.87 47.91
CA VAL L 156 -55.55 -0.21 46.95
C VAL L 156 -56.72 -1.11 47.37
N ASN L 157 -56.67 -1.62 48.59
CA ASN L 157 -57.75 -2.48 49.07
C ASN L 157 -59.04 -1.69 49.27
N GLU L 158 -58.91 -0.41 49.62
CA GLU L 158 -60.08 0.42 49.90
C GLU L 158 -60.95 0.60 48.66
N ILE L 159 -60.35 0.54 47.47
CA ILE L 159 -61.11 0.64 46.23
C ILE L 159 -62.19 -0.43 46.21
N PHE L 160 -61.79 -1.69 46.38
CA PHE L 160 -62.73 -2.79 46.29
C PHE L 160 -63.57 -2.92 47.56
N TYR L 161 -63.04 -2.50 48.70
CA TYR L 161 -63.87 -2.40 49.91
C TYR L 161 -65.07 -1.51 49.66
N ASP L 162 -64.82 -0.28 49.19
CA ASP L 162 -65.89 0.66 48.91
C ASP L 162 -66.77 0.17 47.77
N LEU L 163 -66.22 -0.58 46.81
CA LEU L 163 -67.07 -1.19 45.79
C LEU L 163 -68.07 -2.15 46.41
N VAL L 164 -67.60 -3.04 47.29
CA VAL L 164 -68.52 -3.97 47.96
C VAL L 164 -69.54 -3.20 48.79
N ARG L 165 -69.11 -2.13 49.46
CA ARG L 165 -70.04 -1.29 50.22
C ARG L 165 -71.13 -0.73 49.32
N GLN L 166 -70.74 -0.16 48.18
CA GLN L 166 -71.72 0.40 47.25
C GLN L 166 -72.66 -0.67 46.72
N ILE L 167 -72.14 -1.89 46.51
CA ILE L 167 -73.01 -2.98 46.07
C ILE L 167 -74.03 -3.30 47.16
N ASN L 168 -73.59 -3.36 48.42
CA ASN L 168 -74.51 -3.65 49.52
C ASN L 168 -75.41 -2.46 49.84
N ARG L 169 -74.92 -1.23 49.65
CA ARG L 169 -75.73 -0.05 49.96
C ARG L 169 -76.87 0.10 48.97
N ASP M 9 -32.30 31.97 19.44
CA ASP M 9 -31.54 33.20 19.20
C ASP M 9 -30.59 33.02 18.02
N LEU M 10 -29.35 32.68 18.31
CA LEU M 10 -28.33 32.41 17.31
C LEU M 10 -28.14 30.91 17.18
N ASP M 11 -28.22 30.40 15.96
CA ASP M 11 -28.17 28.96 15.74
C ASP M 11 -26.73 28.45 15.73
N LYS M 12 -25.97 28.79 16.76
CA LYS M 12 -24.60 28.33 16.94
C LYS M 12 -24.51 27.76 18.36
N GLY M 13 -24.83 26.48 18.49
CA GLY M 13 -24.82 25.81 19.77
C GLY M 13 -26.17 25.71 20.47
N CYS M 14 -27.27 25.78 19.73
CA CYS M 14 -28.60 25.72 20.33
C CYS M 14 -28.98 24.28 20.66
N THR M 15 -29.77 24.14 21.72
CA THR M 15 -30.36 22.86 22.07
C THR M 15 -31.84 22.84 21.67
N VAL M 16 -32.41 21.63 21.68
CA VAL M 16 -33.80 21.47 21.23
C VAL M 16 -34.76 22.23 22.13
N GLU M 17 -34.46 22.29 23.44
CA GLU M 17 -35.30 23.06 24.36
C GLU M 17 -35.23 24.55 24.04
N GLU M 18 -34.01 25.09 23.90
CA GLU M 18 -33.85 26.50 23.56
C GLU M 18 -34.55 26.83 22.25
N LEU M 19 -34.44 25.94 21.26
CA LEU M 19 -35.01 26.22 19.96
C LEU M 19 -36.54 26.14 20.00
N LEU M 20 -37.08 25.20 20.78
CA LEU M 20 -38.51 25.11 20.96
C LEU M 20 -39.07 26.37 21.62
N ARG M 21 -38.40 26.83 22.69
CA ARG M 21 -38.79 28.11 23.29
C ARG M 21 -38.70 29.25 22.28
N GLY M 22 -37.65 29.26 21.45
CA GLY M 22 -37.55 30.28 20.42
C GLY M 22 -38.72 30.25 19.46
N CYS M 23 -39.20 29.04 19.13
CA CYS M 23 -40.38 28.93 18.27
C CYS M 23 -41.64 29.44 18.98
N ILE M 24 -41.74 29.18 20.29
CA ILE M 24 -42.90 29.68 21.05
C ILE M 24 -42.89 31.21 21.07
N GLU M 25 -41.75 31.80 21.42
CA GLU M 25 -41.63 33.25 21.50
C GLU M 25 -41.73 33.90 20.14
N ALA M 26 -41.56 33.14 19.06
CA ALA M 26 -41.67 33.69 17.71
C ALA M 26 -43.08 34.09 17.35
N PHE M 27 -44.05 33.88 18.23
CA PHE M 27 -45.45 34.23 17.99
C PHE M 27 -45.84 35.46 18.77
N ASP M 28 -47.05 35.93 18.51
CA ASP M 28 -47.67 37.06 19.19
C ASP M 28 -48.79 36.55 20.08
N ASP M 29 -49.25 37.43 20.98
CA ASP M 29 -50.46 37.11 21.73
C ASP M 29 -51.68 37.09 20.81
N SER M 30 -51.65 37.87 19.73
CA SER M 30 -52.73 37.84 18.74
C SER M 30 -52.67 36.61 17.85
N GLY M 31 -51.50 35.98 17.72
CA GLY M 31 -51.31 34.84 16.86
C GLY M 31 -50.37 35.09 15.71
N LYS M 32 -50.01 36.34 15.44
CA LYS M 32 -49.10 36.65 14.35
C LYS M 32 -47.71 36.08 14.63
N VAL M 33 -47.06 35.57 13.59
CA VAL M 33 -45.74 34.98 13.70
C VAL M 33 -44.71 35.99 13.24
N ARG M 34 -43.72 36.26 14.09
CA ARG M 34 -42.71 37.27 13.78
C ARG M 34 -41.64 36.72 12.85
N ASP M 35 -41.03 35.59 13.23
CA ASP M 35 -39.98 34.95 12.45
C ASP M 35 -40.54 33.64 11.89
N PRO M 36 -41.22 33.66 10.74
CA PRO M 36 -41.83 32.43 10.22
C PRO M 36 -40.81 31.44 9.68
N GLN M 37 -39.62 31.89 9.29
CA GLN M 37 -38.64 30.97 8.74
C GLN M 37 -38.13 30.01 9.81
N LEU M 38 -37.88 30.52 11.02
CA LEU M 38 -37.40 29.68 12.11
C LEU M 38 -38.44 28.64 12.52
N VAL M 39 -39.69 29.07 12.67
CA VAL M 39 -40.72 28.15 13.12
C VAL M 39 -41.04 27.12 12.03
N ARG M 40 -41.02 27.55 10.76
CA ARG M 40 -41.18 26.58 9.68
C ARG M 40 -40.03 25.57 9.66
N MSE M 41 -38.80 26.04 9.90
CA MSE M 41 -37.64 25.16 9.90
C MSE M 41 -37.73 24.12 10.99
O MSE M 41 -37.60 22.93 10.72
CB MSE M 41 -36.34 25.97 10.06
CG MSE M 41 -35.10 25.11 10.03
SE MSE M 41 -33.46 26.10 10.41
CE MSE M 41 -33.82 26.57 12.27
N PHE M 42 -37.96 24.56 12.23
CA PHE M 42 -37.93 23.61 13.34
C PHE M 42 -39.14 22.67 13.31
N LEU M 43 -40.31 23.16 12.88
CA LEU M 43 -41.49 22.31 12.82
C LEU M 43 -41.37 21.23 11.77
N MSE M 44 -40.49 21.39 10.79
CA MSE M 44 -40.24 20.35 9.80
C MSE M 44 -39.05 19.48 10.18
O MSE M 44 -39.09 18.26 10.08
CB MSE M 44 -40.03 20.93 8.42
CG MSE M 44 -39.34 19.97 7.46
SE MSE M 44 -39.71 20.30 5.58
CE MSE M 44 -38.73 21.95 5.36
N MSE M 45 -37.98 20.14 10.63
CA MSE M 45 -36.68 19.48 10.80
C MSE M 45 -36.53 18.71 12.10
O MSE M 45 -35.64 17.86 12.22
CB MSE M 45 -35.57 20.52 10.71
CG MSE M 45 -35.40 21.14 9.34
SE MSE M 45 -35.20 19.80 7.96
CE MSE M 45 -33.68 18.82 8.69
N HIS M 46 -37.38 18.98 13.08
CA HIS M 46 -37.17 18.42 14.41
C HIS M 46 -37.18 16.89 14.47
N PRO M 47 -37.90 16.15 13.61
CA PRO M 47 -37.79 14.68 13.65
C PRO M 47 -36.37 14.18 13.39
N TRP M 48 -35.53 14.98 12.75
CA TRP M 48 -34.12 14.61 12.59
C TRP M 48 -33.43 14.42 13.94
N TYR M 49 -33.86 15.17 14.95
CA TYR M 49 -33.20 15.20 16.26
C TYR M 49 -34.05 14.65 17.38
N ILE M 50 -35.36 14.92 17.37
CA ILE M 50 -36.26 14.46 18.42
C ILE M 50 -37.59 14.04 17.80
N PRO M 51 -38.15 12.90 18.21
CA PRO M 51 -39.45 12.48 17.67
C PRO M 51 -40.53 13.53 17.91
N SER M 52 -41.49 13.59 16.98
CA SER M 52 -42.52 14.62 17.04
C SER M 52 -43.40 14.45 18.26
N SER M 53 -43.68 13.20 18.65
CA SER M 53 -44.50 12.97 19.84
C SER M 53 -43.83 13.55 21.09
N GLN M 54 -42.49 13.41 21.18
CA GLN M 54 -41.78 13.95 22.33
C GLN M 54 -41.76 15.47 22.31
N LEU M 55 -41.66 16.09 21.12
CA LEU M 55 -41.75 17.54 21.03
C LEU M 55 -43.13 18.03 21.46
N ALA M 56 -44.18 17.33 21.03
CA ALA M 56 -45.53 17.67 21.49
C ALA M 56 -45.65 17.52 23.00
N ALA M 57 -45.04 16.47 23.56
CA ALA M 57 -45.04 16.30 25.01
C ALA M 57 -44.34 17.47 25.71
N LYS M 58 -43.25 17.96 25.11
CA LYS M 58 -42.55 19.11 25.70
C LYS M 58 -43.42 20.37 25.63
N LEU M 59 -44.10 20.57 24.51
CA LEU M 59 -45.05 21.69 24.41
C LEU M 59 -46.17 21.55 25.43
N LEU M 60 -46.67 20.34 25.63
CA LEU M 60 -47.67 20.07 26.66
C LEU M 60 -47.17 20.47 28.03
N HIS M 61 -45.95 20.06 28.38
CA HIS M 61 -45.38 20.39 29.67
C HIS M 61 -45.21 21.90 29.84
N ILE M 62 -44.77 22.58 28.77
CA ILE M 62 -44.62 24.02 28.82
C ILE M 62 -45.97 24.68 29.08
N TYR M 63 -47.02 24.21 28.39
CA TYR M 63 -48.35 24.76 28.61
C TYR M 63 -48.83 24.53 30.04
N GLN M 64 -48.62 23.32 30.56
CA GLN M 64 -49.05 23.02 31.93
C GLN M 64 -48.34 23.91 32.94
N GLN M 65 -47.02 24.05 32.81
CA GLN M 65 -46.28 24.90 33.74
C GLN M 65 -46.68 26.36 33.61
N SER M 66 -47.02 26.81 32.39
CA SER M 66 -47.52 28.17 32.21
C SER M 66 -48.91 28.33 32.82
N ARG M 67 -49.72 27.27 32.77
CA ARG M 67 -51.01 27.27 33.43
C ARG M 67 -50.86 27.43 34.94
N LYS M 68 -49.90 26.71 35.52
CA LYS M 68 -49.64 26.85 36.95
C LYS M 68 -49.13 28.26 37.28
N ASP M 69 -48.22 28.79 36.47
CA ASP M 69 -47.68 30.13 36.72
C ASP M 69 -48.59 31.25 36.23
N ASN M 70 -49.72 30.91 35.59
CA ASN M 70 -50.70 31.89 35.13
C ASN M 70 -50.06 32.95 34.23
N SER M 71 -49.09 32.53 33.43
CA SER M 71 -48.51 33.38 32.39
C SER M 71 -49.38 33.22 31.15
N ASN M 72 -50.35 34.12 30.98
CA ASN M 72 -51.31 33.99 29.88
C ASN M 72 -50.61 34.07 28.53
N SER M 73 -49.62 34.95 28.42
CA SER M 73 -48.88 35.09 27.16
C SER M 73 -48.26 33.77 26.73
N LEU M 74 -47.55 33.10 27.65
CA LEU M 74 -46.92 31.83 27.30
C LEU M 74 -47.96 30.79 26.90
N GLN M 75 -49.11 30.77 27.59
CA GLN M 75 -50.17 29.83 27.25
C GLN M 75 -50.65 30.03 25.82
N VAL M 76 -51.04 31.27 25.50
CA VAL M 76 -51.62 31.53 24.19
C VAL M 76 -50.57 31.37 23.09
N LYS M 77 -49.31 31.72 23.37
CA LYS M 77 -48.24 31.51 22.38
C LYS M 77 -48.00 30.03 22.11
N THR M 78 -47.98 29.21 23.16
CA THR M 78 -47.84 27.77 22.98
C THR M 78 -48.99 27.22 22.15
N CYS M 79 -50.22 27.64 22.46
CA CYS M 79 -51.37 27.17 21.70
C CYS M 79 -51.28 27.62 20.24
N HIS M 80 -50.79 28.83 19.99
CA HIS M 80 -50.63 29.29 18.62
C HIS M 80 -49.56 28.50 17.89
N LEU M 81 -48.49 28.12 18.60
CA LEU M 81 -47.48 27.27 17.96
C LEU M 81 -48.06 25.91 17.58
N VAL M 82 -48.85 25.32 18.47
CA VAL M 82 -49.47 24.03 18.16
C VAL M 82 -50.44 24.18 16.99
N ARG M 83 -51.18 25.29 16.95
CA ARG M 83 -52.11 25.55 15.85
C ARG M 83 -51.36 25.67 14.52
N TYR M 84 -50.29 26.46 14.50
CA TYR M 84 -49.47 26.59 13.29
C TYR M 84 -48.88 25.26 12.87
N TRP M 85 -48.46 24.45 13.85
CA TRP M 85 -47.93 23.12 13.56
C TRP M 85 -48.99 22.24 12.89
N ILE M 86 -50.21 22.27 13.42
CA ILE M 86 -51.26 21.41 12.86
C ILE M 86 -51.67 21.89 11.48
N SER M 87 -51.81 23.20 11.29
CA SER M 87 -52.21 23.71 9.97
C SER M 87 -51.12 23.51 8.93
N ALA M 88 -49.86 23.57 9.35
CA ALA M 88 -48.75 23.48 8.38
C ALA M 88 -48.43 22.04 8.01
N PHE M 89 -48.55 21.10 8.93
CA PHE M 89 -48.19 19.70 8.70
C PHE M 89 -49.30 18.78 9.19
N PRO M 90 -50.44 18.76 8.50
CA PRO M 90 -51.55 17.91 8.97
C PRO M 90 -51.30 16.43 8.77
N ALA M 91 -50.56 16.06 7.73
CA ALA M 91 -50.35 14.64 7.42
C ALA M 91 -49.73 13.89 8.60
N GLU M 92 -48.75 14.49 9.27
CA GLU M 92 -48.14 13.84 10.41
C GLU M 92 -49.13 13.70 11.56
N PHE M 93 -50.01 14.68 11.74
CA PHE M 93 -50.99 14.61 12.82
C PHE M 93 -52.04 13.53 12.55
N ASP M 94 -52.35 13.27 11.27
CA ASP M 94 -53.24 12.15 10.97
C ASP M 94 -52.53 10.81 11.10
N LEU M 95 -51.27 10.74 10.63
CA LEU M 95 -50.59 9.46 10.56
C LEU M 95 -50.01 9.02 11.90
N ASN M 96 -49.48 9.95 12.69
CA ASN M 96 -48.79 9.61 13.93
C ASN M 96 -49.81 9.48 15.06
N PRO M 97 -50.03 8.29 15.61
CA PRO M 97 -51.04 8.17 16.66
C PRO M 97 -50.60 8.77 17.99
N GLU M 98 -49.32 8.66 18.33
CA GLU M 98 -48.83 9.19 19.60
C GLU M 98 -48.83 10.72 19.59
N LEU M 99 -48.44 11.33 18.48
CA LEU M 99 -48.53 12.78 18.33
C LEU M 99 -49.98 13.24 18.51
N ALA M 100 -50.91 12.53 17.85
CA ALA M 100 -52.32 12.86 17.99
C ALA M 100 -52.80 12.67 19.42
N GLU M 101 -52.25 11.68 20.13
CA GLU M 101 -52.60 11.49 21.53
C GLU M 101 -52.12 12.65 22.39
N GLN M 102 -50.91 13.14 22.11
CA GLN M 102 -50.43 14.31 22.83
C GLN M 102 -51.31 15.53 22.56
N ILE M 103 -51.71 15.72 21.31
CA ILE M 103 -52.60 16.83 20.99
C ILE M 103 -53.96 16.65 21.66
N LYS M 104 -54.42 15.40 21.77
CA LYS M 104 -55.66 15.09 22.49
C LYS M 104 -55.55 15.52 23.96
N GLU M 105 -54.46 15.14 24.61
CA GLU M 105 -54.25 15.52 26.00
C GLU M 105 -54.19 17.04 26.16
N LEU M 106 -53.53 17.73 25.22
CA LEU M 106 -53.45 19.18 25.29
C LEU M 106 -54.83 19.81 25.10
N LYS M 107 -55.63 19.25 24.19
CA LYS M 107 -56.99 19.74 23.98
C LYS M 107 -57.83 19.55 25.24
N ALA M 108 -57.66 18.41 25.92
CA ALA M 108 -58.35 18.19 27.19
C ALA M 108 -57.92 19.18 28.24
N LEU M 109 -56.61 19.46 28.32
CA LEU M 109 -56.10 20.46 29.26
C LEU M 109 -56.71 21.83 28.99
N LEU M 110 -56.88 22.16 27.70
CA LEU M 110 -57.53 23.43 27.36
C LEU M 110 -58.99 23.42 27.75
N ASP M 111 -59.69 22.29 27.53
CA ASP M 111 -61.10 22.20 27.88
C ASP M 111 -61.31 22.31 29.39
N GLN M 112 -60.33 21.88 30.18
CA GLN M 112 -60.48 22.02 31.63
C GLN M 112 -60.37 23.48 32.07
N GLU M 113 -59.52 24.25 31.39
CA GLU M 113 -59.51 25.68 31.60
C GLU M 113 -60.80 26.31 31.10
N GLY M 114 -61.22 27.39 31.76
CA GLY M 114 -62.45 28.05 31.37
C GLY M 114 -62.37 28.79 30.05
N ASN M 115 -61.16 29.06 29.56
CA ASN M 115 -60.97 29.82 28.33
C ASN M 115 -61.26 28.91 27.13
N ARG M 116 -62.35 29.19 26.44
CA ARG M 116 -62.71 28.43 25.25
C ARG M 116 -62.13 29.02 23.96
N ARG M 117 -61.49 30.18 24.04
CA ARG M 117 -60.73 30.68 22.89
C ARG M 117 -59.48 29.84 22.67
N HIS M 118 -58.68 29.66 23.71
CA HIS M 118 -57.54 28.74 23.65
C HIS M 118 -57.97 27.38 23.13
N SER M 119 -59.06 26.84 23.69
CA SER M 119 -59.58 25.56 23.23
C SER M 119 -60.04 25.62 21.79
N SER M 120 -60.51 26.78 21.33
CA SER M 120 -60.89 26.93 19.92
C SER M 120 -59.67 26.97 19.00
N LEU M 121 -58.48 27.28 19.55
CA LEU M 121 -57.28 27.28 18.72
C LEU M 121 -56.95 25.86 18.22
N ILE M 122 -57.09 24.85 19.08
CA ILE M 122 -56.73 23.48 18.73
C ILE M 122 -57.93 22.76 18.14
N ASP M 123 -57.68 21.94 17.12
CA ASP M 123 -58.74 21.22 16.44
C ASP M 123 -58.13 20.12 15.59
N ILE M 124 -58.89 19.04 15.39
CA ILE M 124 -58.46 17.94 14.54
C ILE M 124 -59.54 17.54 13.55
N ASP M 125 -60.58 18.36 13.41
CA ASP M 125 -61.64 18.01 12.48
C ASP M 125 -61.29 18.38 11.05
N SER M 126 -60.41 19.37 10.86
CA SER M 126 -60.05 19.84 9.54
C SER M 126 -59.09 18.91 8.81
N VAL M 127 -58.33 18.10 9.53
CA VAL M 127 -57.37 17.21 8.89
C VAL M 127 -58.13 16.12 8.13
N PRO M 128 -57.89 15.97 6.83
CA PRO M 128 -58.47 14.84 6.11
C PRO M 128 -57.71 13.57 6.41
N THR M 129 -58.42 12.44 6.32
CA THR M 129 -57.80 11.15 6.56
C THR M 129 -56.86 10.80 5.42
N TYR M 130 -55.57 10.67 5.74
CA TYR M 130 -54.51 10.47 4.75
C TYR M 130 -54.24 8.99 4.46
N LYS M 131 -54.80 8.08 5.25
CA LYS M 131 -54.37 6.68 5.24
C LYS M 131 -54.34 6.09 3.82
N TRP M 132 -55.35 6.40 3.01
CA TRP M 132 -55.40 5.81 1.67
C TRP M 132 -54.51 6.54 0.67
N LYS M 133 -54.14 7.78 0.94
CA LYS M 133 -53.15 8.45 0.09
C LYS M 133 -51.85 7.66 0.06
N ARG M 134 -51.32 7.34 1.23
CA ARG M 134 -50.04 6.64 1.35
C ARG M 134 -50.18 5.12 1.28
N GLN M 135 -51.38 4.61 1.02
CA GLN M 135 -51.53 3.17 0.81
C GLN M 135 -51.05 2.79 -0.59
N VAL M 136 -51.06 1.49 -0.87
CA VAL M 136 -50.44 0.99 -2.09
C VAL M 136 -51.16 1.49 -3.34
N THR M 137 -52.47 1.73 -3.24
CA THR M 137 -53.31 2.16 -4.36
C THR M 137 -52.99 1.45 -5.68
N LYS M 145 -54.55 -8.07 -21.03
CA LYS M 145 -53.30 -7.32 -21.15
C LYS M 145 -53.32 -6.44 -22.40
N LYS M 146 -53.19 -5.13 -22.20
CA LYS M 146 -53.29 -4.16 -23.29
C LYS M 146 -51.89 -3.82 -23.79
N ARG M 147 -51.39 -4.61 -24.73
CA ARG M 147 -50.16 -4.26 -25.43
C ARG M 147 -50.41 -3.22 -26.52
N LYS M 148 -51.67 -2.93 -26.83
CA LYS M 148 -52.01 -1.96 -27.87
C LYS M 148 -51.44 -0.58 -27.57
N MSE M 149 -51.06 -0.31 -26.33
CA MSE M 149 -50.39 0.94 -25.99
C MSE M 149 -49.19 1.15 -26.89
O MSE M 149 -48.95 2.26 -27.37
CB MSE M 149 -49.94 0.94 -24.53
CG MSE M 149 -49.12 2.17 -24.14
SE MSE M 149 -50.14 3.83 -24.18
CE MSE M 149 -48.69 5.10 -23.99
N SER M 150 -48.44 0.07 -27.14
CA SER M 150 -47.35 0.15 -28.11
C SER M 150 -47.87 0.67 -29.44
N LEU M 151 -48.87 -0.02 -30.00
CA LEU M 151 -49.47 0.41 -31.25
C LEU M 151 -49.97 1.84 -31.13
N LEU M 152 -50.38 2.23 -29.92
CA LEU M 152 -50.95 3.56 -29.73
C LEU M 152 -49.85 4.61 -29.61
N PHE M 153 -48.78 4.32 -28.86
CA PHE M 153 -47.84 5.39 -28.55
C PHE M 153 -47.11 5.91 -29.78
N ASP M 154 -47.03 5.10 -30.84
CA ASP M 154 -46.46 5.56 -32.10
C ASP M 154 -47.23 6.76 -32.63
N HIS M 155 -48.56 6.73 -32.56
CA HIS M 155 -49.41 7.77 -33.11
C HIS M 155 -49.82 8.80 -32.07
N LEU M 156 -49.29 8.72 -30.85
CA LEU M 156 -49.66 9.64 -29.79
C LEU M 156 -48.82 10.91 -29.88
N GLU M 157 -49.47 12.06 -29.77
CA GLU M 157 -48.78 13.34 -29.79
C GLU M 157 -47.73 13.37 -28.68
N PRO M 158 -46.50 13.81 -28.97
CA PRO M 158 -45.45 13.81 -27.93
C PRO M 158 -45.83 14.62 -26.70
N MSE M 159 -46.13 15.90 -26.90
CA MSE M 159 -46.55 16.80 -25.83
C MSE M 159 -47.58 16.15 -24.93
O MSE M 159 -47.34 15.98 -23.73
CB MSE M 159 -47.11 18.10 -26.42
CG MSE M 159 -47.69 19.05 -25.38
SE MSE M 159 -46.43 19.52 -23.97
CE MSE M 159 -47.36 21.07 -23.24
N GLU M 160 -48.71 15.76 -25.52
CA GLU M 160 -49.74 15.04 -24.79
C GLU M 160 -49.14 13.92 -23.94
N LEU M 161 -48.42 13.00 -24.59
CA LEU M 161 -47.77 11.91 -23.86
C LEU M 161 -46.94 12.46 -22.71
N ALA M 162 -46.05 13.42 -23.02
CA ALA M 162 -45.26 14.05 -21.97
C ALA M 162 -46.16 14.50 -20.82
N GLU M 163 -47.19 15.29 -21.14
CA GLU M 163 -48.14 15.74 -20.13
C GLU M 163 -48.57 14.60 -19.24
N HIS M 164 -49.09 13.52 -19.86
CA HIS M 164 -49.61 12.41 -19.07
C HIS M 164 -48.53 11.85 -18.17
N LEU M 165 -47.34 11.60 -18.73
CA LEU M 165 -46.24 11.11 -17.90
C LEU M 165 -46.04 12.03 -16.71
N THR M 166 -45.92 13.34 -16.97
CA THR M 166 -45.77 14.31 -15.89
C THR M 166 -46.81 14.05 -14.81
N TYR M 167 -48.09 14.03 -15.21
CA TYR M 167 -49.17 13.83 -14.24
C TYR M 167 -48.87 12.63 -13.37
N LEU M 168 -48.63 11.48 -14.01
CA LEU M 168 -48.35 10.25 -13.26
C LEU M 168 -47.27 10.49 -12.22
N GLU M 169 -46.11 10.96 -12.66
CA GLU M 169 -45.01 11.13 -11.72
C GLU M 169 -45.40 12.12 -10.63
N TYR M 170 -46.07 13.21 -11.01
CA TYR M 170 -46.48 14.19 -10.00
C TYR M 170 -47.41 13.55 -8.98
N ARG M 171 -48.34 12.72 -9.46
CA ARG M 171 -49.28 12.08 -8.55
C ARG M 171 -48.56 11.19 -7.55
N SER M 172 -47.40 10.63 -7.93
CA SER M 172 -46.62 9.87 -6.98
C SER M 172 -45.84 10.80 -6.06
N PHE M 173 -45.27 11.87 -6.61
CA PHE M 173 -44.38 12.74 -5.84
C PHE M 173 -45.09 13.34 -4.64
N CYS M 174 -46.36 13.72 -4.81
CA CYS M 174 -47.12 14.35 -3.74
C CYS M 174 -47.32 13.42 -2.55
N LYS M 175 -47.19 12.12 -2.75
CA LYS M 175 -47.41 11.17 -1.66
C LYS M 175 -46.22 11.08 -0.71
N ILE M 176 -45.12 11.76 -1.00
CA ILE M 176 -43.90 11.67 -0.20
C ILE M 176 -43.96 12.72 0.90
N LEU M 177 -43.89 12.27 2.14
CA LEU M 177 -43.84 13.16 3.30
C LEU M 177 -42.41 13.26 3.82
N PHE M 178 -42.22 14.16 4.79
CA PHE M 178 -40.89 14.39 5.33
C PHE M 178 -40.28 13.13 5.92
N GLN M 179 -41.11 12.29 6.55
CA GLN M 179 -40.60 11.05 7.14
C GLN M 179 -39.90 10.18 6.11
N ASP M 180 -40.40 10.18 4.87
CA ASP M 180 -39.81 9.33 3.84
C ASP M 180 -38.43 9.84 3.43
N TYR M 181 -38.32 11.14 3.18
CA TYR M 181 -37.02 11.75 2.93
C TYR M 181 -36.05 11.49 4.08
N HIS M 182 -36.53 11.64 5.31
CA HIS M 182 -35.69 11.42 6.49
C HIS M 182 -35.16 9.99 6.52
N SER M 183 -36.04 9.01 6.30
CA SER M 183 -35.61 7.61 6.32
C SER M 183 -34.62 7.33 5.19
N PHE M 184 -34.86 7.90 4.02
CA PHE M 184 -33.93 7.70 2.91
C PHE M 184 -32.55 8.26 3.25
N VAL M 185 -32.51 9.53 3.65
CA VAL M 185 -31.22 10.18 3.92
C VAL M 185 -30.49 9.50 5.07
N THR M 186 -31.24 9.04 6.08
CA THR M 186 -30.62 8.33 7.18
C THR M 186 -30.02 7.01 6.73
N HIS M 187 -30.77 6.22 5.97
CA HIS M 187 -30.31 4.92 5.51
C HIS M 187 -29.46 4.99 4.24
N GLY M 188 -29.47 6.12 3.54
CA GLY M 188 -28.84 6.23 2.24
C GLY M 188 -29.58 5.55 1.12
N CYS M 189 -30.53 4.68 1.44
CA CYS M 189 -31.35 3.98 0.46
C CYS M 189 -32.77 3.93 1.01
N THR M 190 -33.62 3.13 0.36
CA THR M 190 -35.00 2.92 0.81
C THR M 190 -35.05 1.63 1.62
N VAL M 191 -35.32 1.76 2.91
CA VAL M 191 -35.54 0.63 3.80
C VAL M 191 -36.86 0.86 4.52
N ASP M 192 -37.84 -0.01 4.28
CA ASP M 192 -39.18 0.13 4.84
C ASP M 192 -39.79 1.48 4.52
N ASN M 193 -39.62 1.91 3.26
CA ASN M 193 -40.09 3.20 2.78
C ASN M 193 -40.87 2.97 1.49
N PRO M 194 -42.12 2.50 1.59
CA PRO M 194 -42.82 2.05 0.38
C PRO M 194 -43.24 3.19 -0.55
N VAL M 195 -43.48 4.39 -0.02
CA VAL M 195 -43.92 5.49 -0.88
C VAL M 195 -42.79 5.94 -1.81
N LEU M 196 -41.64 6.28 -1.21
CA LEU M 196 -40.49 6.67 -2.02
C LEU M 196 -40.01 5.53 -2.90
N GLU M 197 -40.10 4.29 -2.39
CA GLU M 197 -39.78 3.14 -3.22
C GLU M 197 -40.68 3.06 -4.45
N ARG M 198 -41.97 3.33 -4.27
CA ARG M 198 -42.89 3.30 -5.41
C ARG M 198 -42.57 4.43 -6.39
N PHE M 199 -42.21 5.60 -5.89
CA PHE M 199 -41.85 6.71 -6.78
C PHE M 199 -40.60 6.35 -7.61
N ILE M 200 -39.56 5.85 -6.94
CA ILE M 200 -38.34 5.45 -7.63
C ILE M 200 -38.63 4.33 -8.64
N SER M 201 -39.48 3.36 -8.24
CA SER M 201 -39.85 2.29 -9.15
C SER M 201 -40.59 2.82 -10.37
N LEU M 202 -41.42 3.86 -10.20
CA LEU M 202 -42.10 4.46 -11.34
C LEU M 202 -41.12 5.19 -12.25
N PHE M 203 -40.14 5.88 -11.67
CA PHE M 203 -39.06 6.50 -12.43
C PHE M 203 -38.39 5.46 -13.34
N ASN M 204 -37.91 4.38 -12.72
CA ASN M 204 -37.26 3.33 -13.49
C ASN M 204 -38.23 2.63 -14.44
N SER M 205 -39.52 2.65 -14.12
CA SER M 205 -40.52 2.09 -15.02
C SER M 205 -40.64 2.91 -16.29
N VAL M 206 -40.58 4.24 -16.15
CA VAL M 206 -40.59 5.11 -17.33
C VAL M 206 -39.35 4.83 -18.19
N SER M 207 -38.18 4.76 -17.54
CA SER M 207 -36.96 4.49 -18.29
C SER M 207 -37.02 3.14 -19.02
N GLN M 208 -37.42 2.09 -18.30
CA GLN M 208 -37.51 0.76 -18.91
C GLN M 208 -38.60 0.69 -19.97
N TRP M 209 -39.65 1.51 -19.83
CA TRP M 209 -40.67 1.57 -20.87
C TRP M 209 -40.09 2.16 -22.15
N VAL M 210 -39.29 3.22 -22.02
CA VAL M 210 -38.58 3.75 -23.19
C VAL M 210 -37.74 2.65 -23.82
N GLN M 211 -36.96 1.94 -22.99
CA GLN M 211 -36.09 0.88 -23.50
C GLN M 211 -36.89 -0.19 -24.25
N LEU M 212 -37.98 -0.67 -23.65
CA LEU M 212 -38.78 -1.72 -24.28
C LEU M 212 -39.46 -1.22 -25.55
N MSE M 213 -39.93 0.02 -25.56
CA MSE M 213 -40.62 0.56 -26.73
C MSE M 213 -39.66 0.78 -27.87
O MSE M 213 -40.06 0.79 -29.03
CB MSE M 213 -41.33 1.86 -26.38
CG MSE M 213 -42.56 1.69 -25.49
SE MSE M 213 -43.78 0.32 -26.16
CE MSE M 213 -43.54 -1.03 -24.76
N ILE M 214 -38.37 0.96 -27.55
CA ILE M 214 -37.38 1.03 -28.62
C ILE M 214 -37.01 -0.37 -29.11
N LEU M 215 -36.78 -1.31 -28.19
CA LEU M 215 -36.39 -2.66 -28.60
C LEU M 215 -37.55 -3.47 -29.18
N SER M 216 -38.78 -2.96 -29.12
CA SER M 216 -39.92 -3.72 -29.61
C SER M 216 -39.94 -3.78 -31.14
N LYS M 217 -39.56 -2.69 -31.80
CA LYS M 217 -39.54 -2.68 -33.25
C LYS M 217 -38.45 -3.63 -33.76
N PRO M 218 -38.72 -4.39 -34.82
CA PRO M 218 -37.77 -5.41 -35.28
C PRO M 218 -36.75 -4.93 -36.30
N THR M 219 -36.78 -3.66 -36.70
CA THR M 219 -35.91 -3.17 -37.76
C THR M 219 -35.33 -1.82 -37.33
N ALA M 220 -34.10 -1.56 -37.79
CA ALA M 220 -33.35 -0.39 -37.30
C ALA M 220 -34.02 0.95 -37.59
N PRO M 221 -34.53 1.23 -38.79
CA PRO M 221 -35.17 2.54 -39.00
C PRO M 221 -36.37 2.79 -38.11
N GLN M 222 -37.18 1.77 -37.84
CA GLN M 222 -38.31 1.94 -36.94
C GLN M 222 -37.86 2.27 -35.51
N ARG M 223 -36.83 1.57 -35.04
CA ARG M 223 -36.27 1.89 -33.72
C ARG M 223 -35.72 3.31 -33.69
N ALA M 224 -35.06 3.74 -34.78
CA ALA M 224 -34.62 5.13 -34.86
C ALA M 224 -35.80 6.10 -34.80
N LEU M 225 -36.93 5.71 -35.40
CA LEU M 225 -38.11 6.56 -35.36
C LEU M 225 -38.63 6.72 -33.93
N VAL M 226 -38.70 5.61 -33.20
CA VAL M 226 -39.18 5.72 -31.81
C VAL M 226 -38.17 6.45 -30.94
N ILE M 227 -36.87 6.34 -31.26
CA ILE M 227 -35.87 7.13 -30.54
C ILE M 227 -36.11 8.63 -30.77
N THR M 228 -36.33 9.02 -32.02
CA THR M 228 -36.66 10.41 -32.32
C THR M 228 -37.92 10.84 -31.57
N HIS M 229 -38.92 9.96 -31.53
CA HIS M 229 -40.15 10.27 -30.81
C HIS M 229 -39.89 10.55 -29.34
N PHE M 230 -39.11 9.69 -28.70
CA PHE M 230 -38.81 9.90 -27.28
C PHE M 230 -37.94 11.13 -27.06
N VAL M 231 -37.07 11.46 -28.01
CA VAL M 231 -36.32 12.72 -27.91
C VAL M 231 -37.29 13.90 -27.97
N HIS M 232 -38.33 13.80 -28.81
CA HIS M 232 -39.32 14.87 -28.87
C HIS M 232 -40.13 14.95 -27.59
N VAL M 233 -40.49 13.82 -26.99
CA VAL M 233 -41.23 13.89 -25.73
C VAL M 233 -40.33 14.41 -24.62
N ALA M 234 -39.02 14.19 -24.71
CA ALA M 234 -38.11 14.79 -23.74
C ALA M 234 -38.02 16.29 -23.93
N GLU M 235 -37.98 16.74 -25.19
CA GLU M 235 -38.04 18.17 -25.48
C GLU M 235 -39.30 18.79 -24.90
N LYS M 236 -40.44 18.12 -25.04
CA LYS M 236 -41.69 18.64 -24.49
C LYS M 236 -41.70 18.62 -22.96
N LEU M 237 -41.09 17.59 -22.36
CA LEU M 237 -40.96 17.56 -20.90
C LEU M 237 -40.11 18.73 -20.41
N LEU M 238 -39.02 19.04 -21.11
CA LEU M 238 -38.23 20.21 -20.75
C LEU M 238 -39.05 21.49 -20.91
N GLN M 239 -39.81 21.58 -22.01
CA GLN M 239 -40.73 22.72 -22.17
C GLN M 239 -41.75 22.74 -21.04
N LEU M 240 -42.20 21.57 -20.61
CA LEU M 240 -43.10 21.44 -19.47
C LEU M 240 -42.40 21.71 -18.15
N GLN M 241 -41.08 21.95 -18.18
CA GLN M 241 -40.27 22.18 -16.97
C GLN M 241 -40.38 21.02 -15.99
N ASN M 242 -40.51 19.80 -16.54
CA ASN M 242 -40.51 18.56 -15.76
C ASN M 242 -39.15 17.90 -15.96
N PHE M 243 -38.17 18.32 -15.15
CA PHE M 243 -36.82 17.79 -15.28
C PHE M 243 -36.73 16.34 -14.80
N ASN M 244 -37.60 15.94 -13.88
CA ASN M 244 -37.52 14.60 -13.30
C ASN M 244 -37.79 13.54 -14.36
N THR M 245 -38.94 13.62 -15.04
CA THR M 245 -39.25 12.65 -16.09
C THR M 245 -38.30 12.80 -17.28
N LEU M 246 -37.85 14.03 -17.56
CA LEU M 246 -36.85 14.24 -18.60
C LEU M 246 -35.65 13.33 -18.40
N MSE M 247 -35.02 13.43 -17.22
CA MSE M 247 -33.95 12.54 -16.82
C MSE M 247 -34.33 11.08 -17.01
O MSE M 247 -33.50 10.24 -17.36
CB MSE M 247 -33.57 12.82 -15.36
CG MSE M 247 -32.67 11.78 -14.71
SE MSE M 247 -30.79 12.01 -15.12
CE MSE M 247 -30.50 10.43 -16.21
N ALA M 248 -35.60 10.78 -16.76
CA ALA M 248 -36.08 9.41 -16.91
C ALA M 248 -35.95 8.92 -18.35
N VAL M 249 -36.32 9.75 -19.31
CA VAL M 249 -36.30 9.30 -20.70
C VAL M 249 -34.93 9.50 -21.34
N VAL M 250 -34.30 10.66 -21.10
CA VAL M 250 -32.95 10.89 -21.62
C VAL M 250 -32.01 9.82 -21.12
N GLY M 251 -31.95 9.62 -19.81
CA GLY M 251 -31.17 8.54 -19.25
C GLY M 251 -31.63 7.17 -19.73
N GLY M 252 -32.93 7.04 -20.04
CA GLY M 252 -33.41 5.81 -20.63
C GLY M 252 -32.93 5.62 -22.05
N LEU M 253 -32.75 6.72 -22.79
CA LEU M 253 -32.24 6.64 -24.15
C LEU M 253 -30.76 6.27 -24.20
N SER M 254 -30.05 6.37 -23.08
CA SER M 254 -28.62 6.08 -23.02
C SER M 254 -28.33 4.79 -22.26
N HIS M 255 -29.31 3.90 -22.16
CA HIS M 255 -29.07 2.59 -21.55
C HIS M 255 -28.17 1.75 -22.45
N SER M 256 -27.52 0.76 -21.84
CA SER M 256 -26.59 -0.09 -22.59
C SER M 256 -27.29 -0.78 -23.75
N SER M 257 -28.51 -1.26 -23.54
CA SER M 257 -29.22 -2.00 -24.58
C SER M 257 -29.45 -1.15 -25.83
N ILE M 258 -29.67 0.16 -25.67
CA ILE M 258 -30.00 1.01 -26.79
C ILE M 258 -28.75 1.71 -27.34
N SER M 259 -27.78 1.97 -26.46
CA SER M 259 -26.57 2.68 -26.88
C SER M 259 -25.72 1.84 -27.83
N ARG M 260 -25.71 0.51 -27.66
CA ARG M 260 -24.90 -0.35 -28.52
C ARG M 260 -25.50 -0.58 -29.89
N LEU M 261 -26.77 -0.22 -30.09
CA LEU M 261 -27.43 -0.39 -31.39
C LEU M 261 -26.93 0.70 -32.34
N LYS M 262 -25.74 0.45 -32.90
CA LYS M 262 -25.14 1.44 -33.80
C LYS M 262 -25.94 1.56 -35.10
N GLU M 263 -26.58 0.49 -35.54
CA GLU M 263 -27.26 0.52 -36.83
C GLU M 263 -28.53 1.36 -36.77
N THR M 264 -29.28 1.29 -35.66
CA THR M 264 -30.39 2.22 -35.49
C THR M 264 -29.89 3.63 -35.24
N HIS M 265 -28.76 3.77 -34.56
CA HIS M 265 -28.17 5.09 -34.33
C HIS M 265 -27.68 5.73 -35.62
N SER M 266 -27.45 4.94 -36.67
CA SER M 266 -27.15 5.53 -37.96
C SER M 266 -28.38 6.15 -38.60
N HIS M 267 -29.57 5.63 -38.29
CA HIS M 267 -30.80 6.06 -38.94
C HIS M 267 -31.50 7.22 -38.24
N VAL M 268 -30.95 7.76 -37.16
CA VAL M 268 -31.55 8.91 -36.51
C VAL M 268 -31.05 10.18 -37.17
N SER M 269 -31.94 11.15 -37.33
CA SER M 269 -31.59 12.39 -38.01
C SER M 269 -30.46 13.10 -37.26
N PRO M 270 -29.48 13.66 -37.98
CA PRO M 270 -28.44 14.45 -37.31
C PRO M 270 -29.00 15.64 -36.54
N GLU M 271 -30.10 16.23 -37.00
CA GLU M 271 -30.78 17.26 -36.22
C GLU M 271 -31.31 16.67 -34.91
N THR M 272 -31.95 15.50 -35.00
CA THR M 272 -32.39 14.80 -33.80
C THR M 272 -31.21 14.51 -32.88
N ILE M 273 -30.06 14.14 -33.46
CA ILE M 273 -28.86 13.89 -32.64
C ILE M 273 -28.43 15.17 -31.93
N LYS M 274 -28.42 16.29 -32.65
CA LYS M 274 -28.05 17.56 -32.03
C LYS M 274 -28.95 17.86 -30.83
N LEU M 275 -30.27 17.82 -31.05
CA LEU M 275 -31.20 18.12 -29.97
C LEU M 275 -31.08 17.13 -28.81
N TRP M 276 -30.94 15.84 -29.13
CA TRP M 276 -30.81 14.80 -28.12
C TRP M 276 -29.58 15.00 -27.25
N GLU M 277 -28.41 15.14 -27.87
CA GLU M 277 -27.19 15.33 -27.09
C GLU M 277 -27.21 16.66 -26.34
N GLY M 278 -27.92 17.67 -26.85
CA GLY M 278 -28.11 18.87 -26.07
C GLY M 278 -28.89 18.61 -24.79
N LEU M 279 -29.97 17.84 -24.91
CA LEU M 279 -30.75 17.49 -23.72
C LEU M 279 -29.91 16.66 -22.75
N THR M 280 -29.13 15.72 -23.27
CA THR M 280 -28.26 14.92 -22.41
C THR M 280 -27.24 15.80 -21.69
N GLU M 281 -26.72 16.83 -22.39
CA GLU M 281 -25.83 17.79 -21.75
C GLU M 281 -26.55 18.60 -20.68
N LEU M 282 -27.85 18.84 -20.86
CA LEU M 282 -28.60 19.57 -19.84
C LEU M 282 -28.59 18.84 -18.50
N VAL M 283 -28.66 17.50 -18.53
CA VAL M 283 -28.81 16.72 -17.31
C VAL M 283 -27.50 15.99 -16.98
N THR M 284 -26.38 16.55 -17.43
CA THR M 284 -25.08 15.94 -17.14
C THR M 284 -24.73 16.12 -15.67
N ALA M 285 -23.93 15.18 -15.15
CA ALA M 285 -23.37 15.30 -13.81
C ALA M 285 -22.14 16.18 -13.76
N THR M 286 -21.62 16.59 -14.92
CA THR M 286 -20.47 17.47 -14.98
C THR M 286 -20.77 18.79 -14.26
N GLY M 287 -19.83 19.24 -13.44
CA GLY M 287 -20.03 20.47 -12.71
C GLY M 287 -21.09 20.38 -11.65
N ASN M 288 -21.29 19.20 -11.06
CA ASN M 288 -22.29 18.97 -10.02
C ASN M 288 -23.68 19.39 -10.49
N TYR M 289 -24.07 18.89 -11.66
CA TYR M 289 -25.37 19.19 -12.26
C TYR M 289 -25.61 20.69 -12.34
N GLY M 290 -24.57 21.42 -12.74
CA GLY M 290 -24.66 22.87 -12.78
C GLY M 290 -25.70 23.36 -13.78
N ASN M 291 -25.73 22.76 -14.97
CA ASN M 291 -26.72 23.15 -15.98
C ASN M 291 -28.13 22.93 -15.46
N TYR M 292 -28.39 21.75 -14.90
CA TYR M 292 -29.71 21.45 -14.35
C TYR M 292 -30.08 22.43 -13.25
N ARG M 293 -29.17 22.67 -12.31
CA ARG M 293 -29.48 23.57 -11.20
C ARG M 293 -29.76 24.98 -11.70
N ARG M 294 -29.00 25.46 -12.68
CA ARG M 294 -29.21 26.80 -13.21
C ARG M 294 -30.55 26.89 -13.92
N ARG M 295 -30.88 25.90 -14.75
CA ARG M 295 -32.17 25.90 -15.44
C ARG M 295 -33.32 25.87 -14.44
N LEU M 296 -33.22 25.00 -13.43
CA LEU M 296 -34.27 24.91 -12.42
C LEU M 296 -34.42 26.23 -11.67
N ALA M 297 -33.31 26.87 -11.31
CA ALA M 297 -33.38 28.15 -10.62
C ALA M 297 -34.03 29.21 -11.49
N ALA M 298 -33.74 29.20 -12.79
CA ALA M 298 -34.33 30.20 -13.68
C ALA M 298 -35.80 29.96 -13.96
N CYS M 299 -36.32 28.78 -13.64
CA CYS M 299 -37.71 28.46 -13.95
C CYS M 299 -38.67 29.30 -13.12
N VAL M 300 -39.80 29.64 -13.71
CA VAL M 300 -40.88 30.36 -13.05
C VAL M 300 -42.15 29.55 -13.20
N GLY M 301 -42.97 29.53 -12.14
CA GLY M 301 -44.19 28.75 -12.14
C GLY M 301 -43.97 27.32 -11.69
N PHE M 302 -44.71 26.38 -12.28
CA PHE M 302 -44.56 24.98 -11.93
C PHE M 302 -43.17 24.47 -12.33
N ARG M 303 -42.63 23.57 -11.52
CA ARG M 303 -41.36 22.92 -11.85
C ARG M 303 -41.32 21.58 -11.14
N PHE M 304 -40.68 20.60 -11.77
CA PHE M 304 -40.54 19.26 -11.22
C PHE M 304 -39.05 18.93 -11.14
N PRO M 305 -38.42 19.11 -9.99
CA PRO M 305 -36.98 18.87 -9.88
C PRO M 305 -36.64 17.38 -9.95
N ILE M 306 -35.43 17.11 -10.38
CA ILE M 306 -34.90 15.75 -10.40
C ILE M 306 -34.65 15.34 -8.94
N LEU M 307 -35.46 14.41 -8.42
CA LEU M 307 -35.37 14.07 -7.02
C LEU M 307 -34.03 13.43 -6.67
N GLY M 308 -33.45 12.67 -7.60
CA GLY M 308 -32.20 11.98 -7.30
C GLY M 308 -31.07 12.93 -6.95
N VAL M 309 -31.00 14.08 -7.64
CA VAL M 309 -29.92 15.04 -7.40
C VAL M 309 -30.01 15.61 -5.99
N HIS M 310 -31.22 16.00 -5.58
CA HIS M 310 -31.39 16.59 -4.26
C HIS M 310 -31.26 15.54 -3.15
N LEU M 311 -31.68 14.30 -3.41
CA LEU M 311 -31.40 13.22 -2.48
C LEU M 311 -29.89 13.01 -2.33
N LYS M 312 -29.15 13.11 -3.43
CA LYS M 312 -27.69 13.04 -3.36
C LYS M 312 -27.13 14.16 -2.49
N ASP M 313 -27.64 15.38 -2.67
CA ASP M 313 -27.19 16.50 -1.85
C ASP M 313 -27.49 16.26 -0.37
N LEU M 314 -28.68 15.75 -0.07
CA LEU M 314 -29.05 15.48 1.32
C LEU M 314 -28.18 14.40 1.94
N VAL M 315 -27.88 13.34 1.17
CA VAL M 315 -27.04 12.27 1.70
C VAL M 315 -25.62 12.77 1.94
N ALA M 316 -25.10 13.59 1.03
CA ALA M 316 -23.79 14.20 1.22
C ALA M 316 -23.76 15.03 2.49
N LEU M 317 -24.79 15.87 2.68
CA LEU M 317 -24.85 16.69 3.89
C LEU M 317 -24.94 15.82 5.15
N GLN M 318 -25.72 14.74 5.10
CA GLN M 318 -25.89 13.89 6.26
C GLN M 318 -24.59 13.20 6.64
N LEU M 319 -23.87 12.67 5.65
CA LEU M 319 -22.65 11.94 5.96
C LEU M 319 -21.49 12.86 6.31
N ALA M 320 -21.41 14.04 5.69
CA ALA M 320 -20.27 14.91 5.92
C ALA M 320 -20.39 15.70 7.21
N LEU M 321 -21.59 16.21 7.52
CA LEU M 321 -21.73 17.07 8.70
C LEU M 321 -22.39 16.30 9.85
N PRO M 322 -22.02 16.62 11.08
CA PRO M 322 -22.61 15.92 12.23
C PRO M 322 -23.92 16.54 12.65
N ASP M 323 -24.79 15.70 13.23
CA ASP M 323 -26.07 16.18 13.71
C ASP M 323 -25.91 17.14 14.88
N TRP M 324 -25.05 16.79 15.83
CA TRP M 324 -24.80 17.59 17.02
C TRP M 324 -23.35 18.05 17.04
N LEU M 325 -23.09 19.10 17.81
CA LEU M 325 -21.74 19.62 17.97
C LEU M 325 -21.02 19.04 19.18
N ASP M 326 -21.76 18.50 20.16
CA ASP M 326 -21.15 17.97 21.36
C ASP M 326 -21.26 16.44 21.40
N PRO M 327 -20.35 15.77 22.11
CA PRO M 327 -20.49 14.31 22.26
C PRO M 327 -21.72 13.89 23.05
N ALA M 328 -22.30 14.80 23.85
CA ALA M 328 -23.50 14.47 24.59
C ALA M 328 -24.75 14.47 23.71
N ARG M 329 -24.65 14.96 22.46
CA ARG M 329 -25.77 15.03 21.53
C ARG M 329 -26.92 15.85 22.12
N THR M 330 -26.60 17.10 22.45
CA THR M 330 -27.57 17.99 23.07
C THR M 330 -27.65 19.33 22.34
N ARG M 331 -26.54 19.78 21.76
CA ARG M 331 -26.48 21.06 21.05
C ARG M 331 -26.55 20.82 19.54
N LEU M 332 -27.52 21.46 18.89
CA LEU M 332 -27.77 21.22 17.48
C LEU M 332 -26.69 21.84 16.62
N ASN M 333 -26.39 21.18 15.50
CA ASN M 333 -25.52 21.73 14.47
C ASN M 333 -26.35 22.68 13.61
N GLY M 334 -26.25 23.97 13.90
CA GLY M 334 -27.14 24.94 13.26
C GLY M 334 -26.98 25.00 11.76
N ALA M 335 -25.75 24.86 11.27
CA ALA M 335 -25.52 24.94 9.83
C ALA M 335 -26.21 23.80 9.10
N LYS M 336 -25.88 22.56 9.48
CA LYS M 336 -26.47 21.38 8.84
C LYS M 336 -27.98 21.49 8.76
N MSE M 337 -28.63 21.72 9.91
CA MSE M 337 -30.07 21.86 9.99
C MSE M 337 -30.58 22.85 8.95
O MSE M 337 -31.54 22.57 8.23
CB MSE M 337 -30.52 22.33 11.38
CG MSE M 337 -32.02 22.51 11.50
SE MSE M 337 -32.61 23.25 13.20
CE MSE M 337 -30.92 23.16 14.17
N LYS M 338 -29.92 24.01 8.87
CA LYS M 338 -30.30 24.99 7.87
C LYS M 338 -30.11 24.44 6.47
N GLN M 339 -28.92 23.90 6.17
CA GLN M 339 -28.63 23.44 4.83
C GLN M 339 -29.63 22.38 4.39
N LEU M 340 -29.78 21.32 5.19
CA LEU M 340 -30.83 20.33 4.93
C LEU M 340 -32.16 21.00 4.66
N PHE M 341 -32.55 21.92 5.54
CA PHE M 341 -33.82 22.63 5.38
C PHE M 341 -33.90 23.27 4.00
N SER M 342 -32.84 23.99 3.60
CA SER M 342 -32.85 24.71 2.34
C SER M 342 -33.19 23.79 1.18
N ILE M 343 -32.80 22.53 1.27
CA ILE M 343 -33.18 21.57 0.23
C ILE M 343 -34.62 21.12 0.43
N LEU M 344 -34.95 20.62 1.62
CA LEU M 344 -36.21 19.92 1.81
C LEU M 344 -37.41 20.82 1.59
N GLU M 345 -37.36 22.05 2.11
CA GLU M 345 -38.43 23.00 1.87
C GLU M 345 -38.71 23.15 0.39
N GLU M 346 -37.64 23.24 -0.43
CA GLU M 346 -37.81 23.31 -1.87
C GLU M 346 -38.67 22.15 -2.38
N LEU M 347 -38.31 20.92 -2.00
CA LEU M 347 -39.09 19.77 -2.43
C LEU M 347 -40.54 19.91 -1.99
N ALA M 348 -40.76 20.43 -0.78
CA ALA M 348 -42.13 20.60 -0.31
C ALA M 348 -42.86 21.63 -1.14
N MSE M 349 -42.17 22.69 -1.53
CA MSE M 349 -42.78 23.75 -2.33
C MSE M 349 -43.24 23.19 -3.67
O MSE M 349 -44.12 23.77 -4.31
CB MSE M 349 -41.80 24.91 -2.53
CG MSE M 349 -41.45 25.65 -1.25
SE MSE M 349 -43.00 26.36 -0.30
CE MSE M 349 -43.22 24.96 1.05
N VAL M 350 -42.66 22.05 -4.09
CA VAL M 350 -43.08 21.47 -5.36
C VAL M 350 -44.54 21.05 -5.28
N THR M 351 -44.98 20.58 -4.12
CA THR M 351 -46.38 20.22 -3.95
C THR M 351 -47.30 21.44 -3.90
N SER M 352 -46.75 22.65 -3.75
CA SER M 352 -47.59 23.84 -3.66
C SER M 352 -48.31 24.13 -4.97
N LEU M 353 -47.72 23.74 -6.11
CA LEU M 353 -48.29 24.00 -7.42
C LEU M 353 -48.53 22.69 -8.16
N ARG M 354 -49.61 22.65 -8.93
CA ARG M 354 -49.93 21.53 -9.77
C ARG M 354 -49.49 21.79 -11.21
N PRO M 355 -49.18 20.75 -11.98
CA PRO M 355 -48.74 20.96 -13.36
C PRO M 355 -49.90 21.44 -14.23
N PRO M 356 -49.68 22.47 -15.04
CA PRO M 356 -50.72 22.92 -15.97
C PRO M 356 -50.88 21.92 -17.11
N VAL M 357 -51.50 20.78 -16.80
CA VAL M 357 -51.50 19.62 -17.68
C VAL M 357 -52.93 19.09 -17.81
N GLN M 358 -53.35 18.87 -19.05
CA GLN M 358 -54.61 18.17 -19.31
C GLN M 358 -54.32 16.69 -19.48
N ALA M 359 -55.08 15.86 -18.77
CA ALA M 359 -54.82 14.42 -18.76
C ALA M 359 -56.13 13.68 -18.57
N ASN M 360 -56.57 12.94 -19.59
CA ASN M 360 -57.77 12.14 -19.42
C ASN M 360 -57.43 10.83 -18.70
N PRO M 361 -58.27 10.39 -17.76
CA PRO M 361 -57.89 9.26 -16.91
C PRO M 361 -57.74 7.93 -17.65
N ASP M 362 -58.38 7.76 -18.80
CA ASP M 362 -58.26 6.50 -19.54
C ASP M 362 -56.83 6.28 -20.03
N LEU M 363 -56.22 7.31 -20.61
CA LEU M 363 -54.84 7.20 -21.05
C LEU M 363 -53.91 7.02 -19.85
N LEU M 364 -54.23 7.64 -18.72
CA LEU M 364 -53.48 7.41 -17.49
C LEU M 364 -53.49 5.94 -17.10
N SER M 365 -54.67 5.32 -17.09
CA SER M 365 -54.78 3.92 -16.71
C SER M 365 -53.99 3.03 -17.66
N LEU M 366 -54.18 3.24 -18.98
CA LEU M 366 -53.44 2.43 -19.95
C LEU M 366 -51.93 2.62 -19.80
N LEU M 367 -51.49 3.86 -19.61
CA LEU M 367 -50.07 4.15 -19.43
C LEU M 367 -49.52 3.45 -18.20
N THR M 368 -50.25 3.50 -17.09
CA THR M 368 -49.81 2.82 -15.88
C THR M 368 -49.67 1.31 -16.11
N VAL M 369 -50.67 0.71 -16.77
CA VAL M 369 -50.60 -0.72 -17.05
C VAL M 369 -49.38 -1.04 -17.90
N SER M 370 -49.07 -0.19 -18.87
CA SER M 370 -47.89 -0.44 -19.70
C SER M 370 -46.60 -0.27 -18.92
N LEU M 371 -46.53 0.77 -18.08
CA LEU M 371 -45.33 1.00 -17.28
C LEU M 371 -45.10 -0.11 -16.25
N ASP M 372 -46.15 -0.85 -15.89
CA ASP M 372 -45.99 -1.88 -14.87
C ASP M 372 -45.03 -2.99 -15.30
N GLN M 373 -44.95 -3.29 -16.60
CA GLN M 373 -44.15 -4.42 -17.05
C GLN M 373 -42.69 -4.25 -16.67
N TYR M 374 -42.11 -5.30 -16.09
CA TYR M 374 -40.75 -5.28 -15.57
C TYR M 374 -39.90 -6.30 -16.31
N GLN M 375 -38.72 -5.87 -16.76
CA GLN M 375 -37.71 -6.73 -17.34
C GLN M 375 -36.39 -6.49 -16.63
N THR M 376 -35.68 -7.57 -16.30
CA THR M 376 -34.37 -7.40 -15.70
C THR M 376 -33.39 -6.81 -16.71
N GLU M 377 -32.29 -6.26 -16.20
CA GLU M 377 -31.27 -5.68 -17.06
C GLU M 377 -30.76 -6.68 -18.08
N ASP M 378 -30.50 -7.91 -17.63
CA ASP M 378 -29.99 -8.94 -18.51
C ASP M 378 -30.97 -9.27 -19.62
N GLU M 379 -32.28 -9.23 -19.32
CA GLU M 379 -33.29 -9.48 -20.35
C GLU M 379 -33.28 -8.40 -21.42
N LEU M 380 -33.19 -7.14 -21.01
CA LEU M 380 -33.10 -6.06 -22.00
C LEU M 380 -31.83 -6.18 -22.84
N TYR M 381 -30.72 -6.57 -22.21
CA TYR M 381 -29.48 -6.77 -22.97
C TYR M 381 -29.63 -7.92 -23.97
N GLN M 382 -30.29 -9.01 -23.56
CA GLN M 382 -30.52 -10.12 -24.48
C GLN M 382 -31.40 -9.69 -25.65
N LEU M 383 -32.45 -8.92 -25.38
CA LEU M 383 -33.28 -8.39 -26.46
C LEU M 383 -32.47 -7.52 -27.41
N SER M 384 -31.60 -6.67 -26.86
CA SER M 384 -30.72 -5.85 -27.69
C SER M 384 -29.83 -6.72 -28.57
N LEU M 385 -29.26 -7.79 -27.99
CA LEU M 385 -28.44 -8.71 -28.78
C LEU M 385 -29.25 -9.37 -29.89
N GLN M 386 -30.51 -9.73 -29.60
CA GLN M 386 -31.36 -10.32 -30.62
C GLN M 386 -31.59 -9.34 -31.77
N ARG M 387 -31.89 -8.09 -31.44
CA ARG M 387 -32.17 -7.10 -32.47
C ARG M 387 -30.93 -6.83 -33.33
N GLU M 388 -29.77 -6.72 -32.69
CA GLU M 388 -28.51 -6.45 -33.40
C GLU M 388 -27.38 -7.24 -32.72
N PRO M 389 -27.05 -8.42 -33.22
CA PRO M 389 -25.93 -9.17 -32.65
C PRO M 389 -24.59 -8.52 -32.99
N ARG M 390 -23.50 -9.09 -32.46
CA ARG M 390 -22.16 -8.58 -32.77
C ARG M 390 -21.18 -9.74 -32.95
N MET N 3 -4.18 22.54 -19.27
CA MET N 3 -4.50 21.62 -18.17
C MET N 3 -5.65 20.70 -18.56
N ARG N 4 -5.48 19.41 -18.32
CA ARG N 4 -6.43 18.40 -18.74
C ARG N 4 -7.45 18.11 -17.64
N GLU N 5 -8.70 17.89 -18.04
CA GLU N 5 -9.80 17.65 -17.11
C GLU N 5 -10.16 16.18 -17.10
N TYR N 6 -10.38 15.64 -15.89
CA TYR N 6 -10.69 14.23 -15.69
C TYR N 6 -12.00 14.08 -14.93
N LYS N 7 -12.86 13.20 -15.43
CA LYS N 7 -14.11 12.84 -14.76
C LYS N 7 -13.93 11.46 -14.10
N LEU N 8 -13.88 11.44 -12.78
CA LEU N 8 -13.71 10.20 -12.03
C LEU N 8 -14.99 9.92 -11.25
N VAL N 9 -15.56 8.73 -11.45
CA VAL N 9 -16.84 8.36 -10.86
C VAL N 9 -16.58 7.32 -9.79
N VAL N 10 -17.21 7.49 -8.63
CA VAL N 10 -17.00 6.60 -7.49
C VAL N 10 -18.26 5.75 -7.33
N LEU N 11 -18.10 4.44 -7.50
CA LEU N 11 -19.18 3.48 -7.39
C LEU N 11 -18.98 2.61 -6.15
N GLY N 12 -20.08 2.19 -5.54
CA GLY N 12 -19.99 1.42 -4.33
C GLY N 12 -21.32 0.85 -3.91
N SER N 13 -21.33 0.28 -2.71
CA SER N 13 -22.49 -0.43 -2.18
C SER N 13 -23.00 0.22 -0.89
N GLY N 14 -23.01 1.55 -0.86
CA GLY N 14 -23.67 2.27 0.21
C GLY N 14 -22.97 2.28 1.55
N GLY N 15 -22.84 1.11 2.16
CA GLY N 15 -22.24 1.01 3.48
C GLY N 15 -20.73 0.96 3.47
N VAL N 16 -20.12 1.53 2.43
CA VAL N 16 -18.68 1.47 2.24
C VAL N 16 -17.98 2.78 2.58
N GLY N 17 -18.72 3.90 2.60
CA GLY N 17 -18.09 5.18 2.86
C GLY N 17 -17.27 5.68 1.68
N LYS N 18 -17.75 5.44 0.45
CA LYS N 18 -17.10 6.05 -0.70
C LYS N 18 -17.21 7.57 -0.65
N SER N 19 -18.32 8.08 -0.11
CA SER N 19 -18.45 9.52 0.11
C SER N 19 -17.39 10.02 1.08
N ALA N 20 -17.04 9.20 2.08
CA ALA N 20 -15.97 9.57 2.99
C ALA N 20 -14.65 9.74 2.23
N LEU N 21 -14.33 8.80 1.34
CA LEU N 21 -13.11 8.91 0.55
C LEU N 21 -13.17 10.15 -0.35
N THR N 22 -14.32 10.43 -0.95
CA THR N 22 -14.46 11.59 -1.81
C THR N 22 -14.20 12.89 -1.04
N VAL N 23 -14.84 13.04 0.11
CA VAL N 23 -14.67 14.26 0.90
C VAL N 23 -13.25 14.35 1.44
N GLN N 24 -12.66 13.22 1.84
CA GLN N 24 -11.29 13.22 2.32
C GLN N 24 -10.32 13.64 1.22
N PHE N 25 -10.60 13.22 -0.02
CA PHE N 25 -9.76 13.59 -1.15
C PHE N 25 -9.88 15.07 -1.47
N VAL N 26 -11.11 15.56 -1.67
CA VAL N 26 -11.29 16.90 -2.19
C VAL N 26 -11.17 17.94 -1.08
N GLN N 27 -11.92 17.76 0.01
CA GLN N 27 -11.97 18.73 1.10
C GLN N 27 -10.94 18.48 2.19
N GLY N 28 -10.33 17.31 2.25
CA GLY N 28 -9.41 17.05 3.33
C GLY N 28 -10.13 16.72 4.63
N ILE N 29 -9.45 17.03 5.74
CA ILE N 29 -9.99 16.72 7.06
C ILE N 29 -10.65 17.96 7.65
N PHE N 30 -10.20 19.15 7.22
CA PHE N 30 -10.76 20.41 7.71
C PHE N 30 -12.05 20.72 6.95
N VAL N 31 -13.14 20.18 7.49
CA VAL N 31 -14.43 20.08 6.81
C VAL N 31 -15.18 21.39 6.82
N GLU N 32 -14.58 22.44 7.39
CA GLU N 32 -15.27 23.45 8.19
C GLU N 32 -16.71 23.71 7.74
N LYS N 33 -16.89 24.25 6.53
CA LYS N 33 -18.22 24.45 5.98
C LYS N 33 -18.29 23.81 4.60
N TYR N 34 -19.30 22.98 4.37
CA TYR N 34 -19.33 22.10 3.22
C TYR N 34 -20.67 22.25 2.52
N ASP N 35 -20.63 22.63 1.24
CA ASP N 35 -21.85 22.84 0.46
C ASP N 35 -21.83 21.91 -0.75
N PRO N 36 -22.52 20.78 -0.70
CA PRO N 36 -22.46 19.83 -1.82
C PRO N 36 -23.35 20.24 -2.97
N THR N 37 -23.95 21.43 -2.90
CA THR N 37 -24.87 21.89 -3.94
C THR N 37 -24.21 22.80 -4.97
N ILE N 38 -22.98 23.26 -4.73
CA ILE N 38 -22.34 24.21 -5.61
C ILE N 38 -21.31 23.47 -6.46
N GLU N 39 -20.79 24.16 -7.48
CA GLU N 39 -20.11 23.50 -8.60
C GLU N 39 -18.80 22.85 -8.14
N ASP N 40 -17.87 23.65 -7.60
CA ASP N 40 -16.52 23.18 -7.34
C ASP N 40 -16.38 22.43 -6.02
N SER N 41 -17.47 21.93 -5.44
CA SER N 41 -17.37 21.13 -4.22
C SER N 41 -16.69 19.79 -4.48
N TYR N 42 -16.69 19.31 -5.72
CA TYR N 42 -16.08 18.04 -6.08
C TYR N 42 -14.91 18.21 -7.04
N ARG N 43 -14.38 19.43 -7.15
CA ARG N 43 -13.29 19.74 -8.07
C ARG N 43 -12.01 19.93 -7.27
N LYS N 44 -10.95 19.23 -7.69
CA LYS N 44 -9.64 19.38 -7.07
C LYS N 44 -8.57 19.42 -8.14
N GLN N 45 -7.67 20.41 -8.05
CA GLN N 45 -6.53 20.46 -8.95
C GLN N 45 -5.39 19.64 -8.37
N VAL N 46 -4.84 18.74 -9.17
CA VAL N 46 -3.92 17.71 -8.70
C VAL N 46 -2.81 17.52 -9.73
N GLU N 47 -1.58 17.35 -9.26
CA GLU N 47 -0.46 17.01 -10.14
C GLU N 47 -0.16 15.52 -10.06
N VAL N 48 -0.13 14.87 -11.21
CA VAL N 48 0.26 13.46 -11.31
C VAL N 48 1.22 13.29 -12.48
N ASP N 49 2.35 12.65 -12.23
CA ASP N 49 3.38 12.38 -13.24
C ASP N 49 3.74 13.65 -14.02
N ALA N 50 4.08 14.70 -13.27
CA ALA N 50 4.51 15.99 -13.80
C ALA N 50 3.43 16.66 -14.66
N GLN N 51 2.18 16.23 -14.54
CA GLN N 51 1.08 16.80 -15.30
C GLN N 51 0.07 17.43 -14.34
N GLN N 52 -0.32 18.67 -14.63
CA GLN N 52 -1.38 19.34 -13.89
C GLN N 52 -2.74 18.93 -14.46
N CYS N 53 -3.64 18.50 -13.58
CA CYS N 53 -4.94 17.99 -13.97
C CYS N 53 -6.01 18.56 -13.07
N MET N 54 -7.18 18.81 -13.64
CA MET N 54 -8.35 19.20 -12.87
C MET N 54 -9.27 17.99 -12.76
N LEU N 55 -9.46 17.47 -11.56
CA LEU N 55 -10.28 16.30 -11.32
C LEU N 55 -11.67 16.74 -10.84
N GLU N 56 -12.70 16.11 -11.40
CA GLU N 56 -14.05 16.23 -10.87
C GLU N 56 -14.52 14.86 -10.43
N ILE N 57 -14.92 14.75 -9.18
CA ILE N 57 -15.36 13.49 -8.59
C ILE N 57 -16.87 13.44 -8.67
N LEU N 58 -17.39 12.42 -9.33
CA LEU N 58 -18.83 12.17 -9.44
C LEU N 58 -19.17 11.11 -8.41
N ASP N 59 -19.70 11.55 -7.27
CA ASP N 59 -20.10 10.67 -6.19
C ASP N 59 -21.53 10.21 -6.43
N THR N 60 -21.76 8.91 -6.29
CA THR N 60 -23.07 8.28 -6.48
C THR N 60 -23.73 7.94 -5.16
N ALA N 61 -23.59 8.83 -4.17
CA ALA N 61 -23.98 8.51 -2.80
C ALA N 61 -25.45 8.13 -2.69
N GLY N 62 -26.34 8.94 -3.24
CA GLY N 62 -27.77 8.65 -3.13
C GLY N 62 -28.47 8.45 -4.45
N THR N 63 -27.72 8.01 -5.47
CA THR N 63 -28.26 7.90 -6.83
C THR N 63 -28.11 6.48 -7.39
N GLU N 64 -27.81 5.49 -6.55
CA GLU N 64 -27.64 4.13 -7.03
C GLU N 64 -28.97 3.38 -7.22
N GLN N 65 -30.10 4.02 -6.91
CA GLN N 65 -31.40 3.43 -7.18
C GLN N 65 -32.09 4.03 -8.40
N PHE N 66 -31.63 5.19 -8.87
CA PHE N 66 -32.15 5.81 -10.08
C PHE N 66 -31.33 5.31 -11.26
N THR N 67 -31.83 4.28 -11.94
CA THR N 67 -31.03 3.58 -12.95
C THR N 67 -30.58 4.51 -14.07
N ALA N 68 -31.46 5.40 -14.52
CA ALA N 68 -31.09 6.34 -15.57
C ALA N 68 -29.89 7.19 -15.17
N MET N 69 -29.90 7.70 -13.93
CA MET N 69 -28.77 8.49 -13.46
C MET N 69 -27.50 7.65 -13.40
N ARG N 70 -27.61 6.39 -13.01
CA ARG N 70 -26.44 5.50 -12.99
C ARG N 70 -25.87 5.31 -14.39
N ASP N 71 -26.74 5.06 -15.36
CA ASP N 71 -26.28 4.88 -16.74
C ASP N 71 -25.64 6.15 -17.27
N LEU N 72 -26.19 7.31 -16.96
CA LEU N 72 -25.56 8.56 -17.39
C LEU N 72 -24.24 8.82 -16.68
N TYR N 73 -24.12 8.41 -15.41
CA TYR N 73 -22.84 8.46 -14.72
C TYR N 73 -21.80 7.63 -15.45
N MET N 74 -22.16 6.39 -15.79
CA MET N 74 -21.22 5.51 -16.47
C MET N 74 -20.85 6.03 -17.85
N LYS N 75 -21.83 6.56 -18.60
CA LYS N 75 -21.53 7.11 -19.92
C LYS N 75 -20.62 8.33 -19.82
N ASN N 76 -20.91 9.24 -18.88
CA ASN N 76 -20.21 10.51 -18.79
C ASN N 76 -18.84 10.39 -18.14
N GLY N 77 -18.57 9.32 -17.40
CA GLY N 77 -17.33 9.21 -16.66
C GLY N 77 -16.18 8.65 -17.49
N GLN N 78 -14.97 9.16 -17.18
CA GLN N 78 -13.74 8.70 -17.80
C GLN N 78 -13.03 7.62 -16.99
N GLY N 79 -13.01 7.73 -15.67
CA GLY N 79 -12.44 6.71 -14.83
C GLY N 79 -13.44 6.27 -13.77
N PHE N 80 -13.28 5.03 -13.30
CA PHE N 80 -14.22 4.46 -12.34
C PHE N 80 -13.48 3.82 -11.18
N ALA N 81 -13.87 4.20 -9.96
CA ALA N 81 -13.33 3.61 -8.74
C ALA N 81 -14.44 2.77 -8.10
N LEU N 82 -14.25 1.45 -8.10
CA LEU N 82 -15.23 0.51 -7.57
C LEU N 82 -14.81 0.16 -6.14
N VAL N 83 -15.54 0.70 -5.16
CA VAL N 83 -15.18 0.59 -3.76
C VAL N 83 -16.02 -0.48 -3.09
N TYR N 84 -15.37 -1.35 -2.32
CA TYR N 84 -16.03 -2.31 -1.45
C TYR N 84 -15.43 -2.16 -0.06
N SER N 85 -16.02 -2.84 0.92
CA SER N 85 -15.56 -2.80 2.29
C SER N 85 -14.99 -4.17 2.67
N ILE N 86 -13.82 -4.16 3.29
CA ILE N 86 -13.18 -5.42 3.69
C ILE N 86 -13.92 -6.10 4.83
N THR N 87 -14.88 -5.42 5.45
CA THR N 87 -15.63 -5.98 6.57
C THR N 87 -16.88 -6.72 6.13
N ALA N 88 -17.25 -6.65 4.85
CA ALA N 88 -18.42 -7.36 4.35
C ALA N 88 -18.07 -7.98 3.00
N GLN N 89 -18.51 -9.22 2.79
CA GLN N 89 -18.26 -9.90 1.52
C GLN N 89 -19.25 -9.47 0.45
N SER N 90 -20.50 -9.22 0.83
CA SER N 90 -21.52 -8.88 -0.14
C SER N 90 -21.18 -7.59 -0.88
N THR N 91 -20.60 -6.61 -0.20
CA THR N 91 -20.22 -5.38 -0.90
C THR N 91 -19.11 -5.62 -1.90
N PHE N 92 -18.25 -6.61 -1.64
CA PHE N 92 -17.23 -7.00 -2.62
C PHE N 92 -17.87 -7.68 -3.82
N ASN N 93 -18.77 -8.64 -3.57
CA ASN N 93 -19.42 -9.37 -4.66
C ASN N 93 -20.32 -8.47 -5.50
N ASP N 94 -20.86 -7.40 -4.92
CA ASP N 94 -21.74 -6.50 -5.67
C ASP N 94 -21.01 -5.76 -6.77
N LEU N 95 -19.68 -5.80 -6.80
CA LEU N 95 -18.91 -5.05 -7.78
C LEU N 95 -18.89 -5.69 -9.16
N GLN N 96 -19.12 -7.01 -9.25
CA GLN N 96 -19.14 -7.67 -10.55
C GLN N 96 -20.20 -7.06 -11.46
N ASP N 97 -21.44 -6.95 -10.96
CA ASP N 97 -22.52 -6.40 -11.77
C ASP N 97 -22.25 -4.94 -12.14
N LEU N 98 -21.68 -4.18 -11.22
CA LEU N 98 -21.33 -2.78 -11.50
C LEU N 98 -20.33 -2.70 -12.65
N ARG N 99 -19.28 -3.54 -12.59
CA ARG N 99 -18.30 -3.59 -13.67
C ARG N 99 -18.95 -4.00 -14.98
N GLU N 100 -19.85 -4.99 -14.95
CA GLU N 100 -20.55 -5.41 -16.15
C GLU N 100 -21.37 -4.28 -16.74
N GLN N 101 -22.02 -3.48 -15.90
CA GLN N 101 -22.82 -2.37 -16.41
C GLN N 101 -21.93 -1.29 -17.04
N ILE N 102 -20.76 -1.05 -16.43
CA ILE N 102 -19.81 -0.12 -17.06
C ILE N 102 -19.34 -0.66 -18.40
N LEU N 103 -19.01 -1.95 -18.47
CA LEU N 103 -18.58 -2.58 -19.71
C LEU N 103 -19.68 -2.66 -20.76
N ARG N 104 -20.94 -2.55 -20.34
CA ARG N 104 -22.05 -2.53 -21.28
C ARG N 104 -22.33 -1.13 -21.80
N VAL N 105 -22.25 -0.11 -20.94
CA VAL N 105 -22.46 1.26 -21.39
C VAL N 105 -21.35 1.68 -22.36
N LYS N 106 -20.10 1.48 -21.96
CA LYS N 106 -18.97 1.64 -22.86
C LYS N 106 -18.77 0.33 -23.61
N ASP N 107 -18.96 0.37 -24.93
CA ASP N 107 -18.98 -0.86 -25.72
C ASP N 107 -17.73 -1.70 -25.52
N THR N 108 -16.62 -1.09 -25.14
CA THR N 108 -15.34 -1.80 -25.05
C THR N 108 -15.17 -2.45 -23.68
N ASP N 109 -14.31 -3.47 -23.66
CA ASP N 109 -13.88 -4.10 -22.41
C ASP N 109 -12.78 -3.31 -21.72
N ASP N 110 -12.28 -2.25 -22.36
CA ASP N 110 -11.11 -1.50 -21.89
C ASP N 110 -11.61 -0.20 -21.26
N VAL N 111 -11.74 -0.19 -19.94
CA VAL N 111 -12.23 0.99 -19.22
C VAL N 111 -11.28 1.32 -18.07
N PRO N 112 -10.89 2.58 -17.91
CA PRO N 112 -10.00 2.97 -16.80
C PRO N 112 -10.70 2.77 -15.46
N MET N 113 -10.15 1.90 -14.62
CA MET N 113 -10.86 1.42 -13.46
C MET N 113 -9.88 0.99 -12.38
N ILE N 114 -10.20 1.35 -11.14
CA ILE N 114 -9.42 0.92 -9.96
C ILE N 114 -10.38 0.25 -8.98
N LEU N 115 -9.92 -0.84 -8.39
CA LEU N 115 -10.68 -1.60 -7.39
C LEU N 115 -10.16 -1.22 -6.02
N VAL N 116 -11.05 -0.69 -5.18
CA VAL N 116 -10.68 -0.10 -3.90
C VAL N 116 -11.31 -0.92 -2.79
N GLY N 117 -10.48 -1.39 -1.86
CA GLY N 117 -10.97 -1.99 -0.63
C GLY N 117 -10.82 -1.02 0.52
N ASN N 118 -11.91 -0.36 0.90
CA ASN N 118 -11.88 0.68 1.91
C ASN N 118 -11.98 0.06 3.30
N LYS N 119 -11.88 0.91 4.33
CA LYS N 119 -11.97 0.48 5.73
C LYS N 119 -10.91 -0.57 6.05
N CYS N 120 -9.71 -0.38 5.51
CA CYS N 120 -8.61 -1.30 5.76
C CYS N 120 -8.00 -1.12 7.13
N ASP N 121 -8.48 -0.16 7.93
CA ASP N 121 -8.01 -0.02 9.31
C ASP N 121 -8.72 -0.99 10.24
N LEU N 122 -9.95 -1.39 9.92
CA LEU N 122 -10.69 -2.37 10.72
C LEU N 122 -10.18 -3.78 10.42
N GLU N 123 -8.89 -4.00 10.69
CA GLU N 123 -8.27 -5.27 10.40
C GLU N 123 -8.89 -6.40 11.22
N ASP N 124 -9.34 -6.11 12.43
CA ASP N 124 -10.03 -7.12 13.23
C ASP N 124 -11.36 -7.53 12.60
N GLU N 125 -12.05 -6.58 11.96
CA GLU N 125 -13.34 -6.83 11.34
C GLU N 125 -13.22 -7.28 9.89
N ARG N 126 -12.03 -7.65 9.44
CA ARG N 126 -11.82 -7.99 8.04
C ARG N 126 -12.40 -9.36 7.71
N VAL N 127 -13.13 -9.43 6.60
CA VAL N 127 -13.60 -10.71 6.07
C VAL N 127 -13.15 -10.95 4.64
N VAL N 128 -12.73 -9.92 3.91
CA VAL N 128 -12.25 -10.04 2.54
C VAL N 128 -10.74 -9.84 2.57
N GLY N 129 -9.99 -10.90 2.26
CA GLY N 129 -8.55 -10.80 2.25
C GLY N 129 -8.04 -9.95 1.10
N LYS N 130 -6.76 -9.57 1.21
CA LYS N 130 -6.14 -8.77 0.15
C LYS N 130 -5.98 -9.57 -1.13
N GLU N 131 -5.70 -10.88 -1.01
CA GLU N 131 -5.50 -11.70 -2.19
C GLU N 131 -6.76 -11.78 -3.04
N GLN N 132 -7.94 -11.66 -2.42
CA GLN N 132 -9.18 -11.66 -3.19
C GLN N 132 -9.23 -10.46 -4.12
N GLY N 133 -8.96 -9.27 -3.59
CA GLY N 133 -8.96 -8.08 -4.43
C GLY N 133 -7.85 -8.11 -5.46
N GLN N 134 -6.69 -8.64 -5.09
CA GLN N 134 -5.61 -8.79 -6.06
C GLN N 134 -6.03 -9.67 -7.23
N ASN N 135 -6.60 -10.85 -6.92
CA ASN N 135 -7.04 -11.77 -7.97
C ASN N 135 -8.13 -11.14 -8.83
N LEU N 136 -9.08 -10.44 -8.22
CA LEU N 136 -10.17 -9.83 -9.00
C LEU N 136 -9.63 -8.75 -9.92
N ALA N 137 -8.80 -7.84 -9.40
CA ALA N 137 -8.21 -6.80 -10.24
C ALA N 137 -7.36 -7.40 -11.34
N ARG N 138 -6.68 -8.52 -11.06
CA ARG N 138 -5.91 -9.21 -12.09
C ARG N 138 -6.83 -9.72 -13.19
N GLN N 139 -7.97 -10.33 -12.81
CA GLN N 139 -8.93 -10.79 -13.80
C GLN N 139 -9.52 -9.62 -14.58
N TRP N 140 -9.73 -8.48 -13.92
CA TRP N 140 -10.31 -7.30 -14.55
C TRP N 140 -9.29 -6.57 -15.41
N ASN N 141 -8.78 -7.29 -16.43
CA ASN N 141 -7.81 -6.75 -17.37
C ASN N 141 -6.56 -6.21 -16.67
N ASN N 142 -6.22 -6.81 -15.53
CA ASN N 142 -5.07 -6.41 -14.73
C ASN N 142 -5.11 -4.92 -14.41
N CYS N 143 -6.21 -4.51 -13.79
CA CYS N 143 -6.42 -3.11 -13.47
C CYS N 143 -5.82 -2.78 -12.10
N ALA N 144 -5.94 -1.52 -11.70
CA ALA N 144 -5.33 -1.08 -10.45
C ALA N 144 -6.11 -1.60 -9.25
N PHE N 145 -5.39 -1.86 -8.16
CA PHE N 145 -5.98 -2.34 -6.92
C PHE N 145 -5.36 -1.62 -5.75
N LEU N 146 -6.21 -1.24 -4.79
CA LEU N 146 -5.73 -0.51 -3.63
C LEU N 146 -6.54 -0.93 -2.41
N GLU N 147 -5.95 -0.74 -1.23
CA GLU N 147 -6.63 -0.91 0.04
C GLU N 147 -6.47 0.38 0.83
N SER N 148 -7.57 1.06 1.10
CA SER N 148 -7.55 2.40 1.66
C SER N 148 -8.31 2.45 2.98
N SER N 149 -8.22 3.62 3.63
CA SER N 149 -8.92 3.85 4.90
C SER N 149 -9.07 5.36 5.04
N ALA N 150 -10.33 5.84 4.96
CA ALA N 150 -10.56 7.27 5.08
C ALA N 150 -10.27 7.79 6.48
N LYS N 151 -10.49 6.95 7.50
CA LYS N 151 -10.18 7.36 8.87
C LYS N 151 -8.67 7.51 9.06
N SER N 152 -7.92 6.45 8.80
CA SER N 152 -6.47 6.48 8.94
C SER N 152 -5.77 7.22 7.81
N LYS N 153 -6.52 7.81 6.88
CA LYS N 153 -5.96 8.64 5.81
C LYS N 153 -4.99 7.85 4.93
N ILE N 154 -5.27 6.56 4.74
CA ILE N 154 -4.39 5.67 3.98
C ILE N 154 -4.90 5.59 2.54
N ASN N 155 -4.05 5.97 1.59
CA ASN N 155 -4.28 5.73 0.17
C ASN N 155 -5.54 6.42 -0.34
N VAL N 156 -5.83 7.62 0.18
CA VAL N 156 -6.96 8.39 -0.35
C VAL N 156 -6.60 9.05 -1.67
N ASN N 157 -5.51 9.82 -1.68
CA ASN N 157 -5.10 10.48 -2.91
C ASN N 157 -4.63 9.49 -3.96
N GLU N 158 -4.04 8.37 -3.52
CA GLU N 158 -3.49 7.40 -4.46
C GLU N 158 -4.57 6.75 -5.31
N ILE N 159 -5.79 6.65 -4.78
CA ILE N 159 -6.90 6.08 -5.56
C ILE N 159 -7.07 6.85 -6.86
N PHE N 160 -7.23 8.17 -6.75
CA PHE N 160 -7.49 9.00 -7.92
C PHE N 160 -6.22 9.27 -8.70
N TYR N 161 -5.06 9.28 -8.05
CA TYR N 161 -3.80 9.33 -8.78
C TYR N 161 -3.70 8.15 -9.75
N ASP N 162 -3.86 6.94 -9.24
CA ASP N 162 -3.80 5.75 -10.08
C ASP N 162 -4.94 5.73 -11.10
N LEU N 163 -6.10 6.30 -10.77
CA LEU N 163 -7.16 6.43 -11.76
C LEU N 163 -6.70 7.28 -12.94
N VAL N 164 -6.11 8.44 -12.66
CA VAL N 164 -5.61 9.29 -13.74
C VAL N 164 -4.53 8.56 -14.54
N ARG N 165 -3.67 7.82 -13.85
CA ARG N 165 -2.66 7.02 -14.54
C ARG N 165 -3.31 6.02 -15.50
N GLN N 166 -4.32 5.29 -15.01
CA GLN N 166 -5.01 4.32 -15.86
C GLN N 166 -5.69 5.00 -17.04
N ILE N 167 -6.22 6.20 -16.84
CA ILE N 167 -6.82 6.95 -17.94
C ILE N 167 -5.77 7.27 -18.98
N ASN N 168 -4.60 7.74 -18.54
CA ASN N 168 -3.52 8.05 -19.48
C ASN N 168 -2.86 6.78 -20.00
N ARG N 169 -2.88 5.70 -19.23
CA ARG N 169 -2.30 4.43 -19.65
C ARG N 169 -3.28 3.62 -20.50
N LEU O 10 -25.00 50.05 25.98
CA LEU O 10 -23.71 49.53 26.40
C LEU O 10 -22.59 50.53 26.14
N ASP O 11 -22.80 51.76 26.59
CA ASP O 11 -21.85 52.87 26.40
C ASP O 11 -21.52 53.12 24.93
N LYS O 12 -22.40 52.71 24.03
CA LYS O 12 -22.23 52.91 22.59
C LYS O 12 -23.37 53.80 22.09
N GLY O 13 -23.02 54.93 21.49
CA GLY O 13 -24.02 55.92 21.15
C GLY O 13 -24.67 56.58 22.34
N CYS O 14 -23.94 56.69 23.46
CA CYS O 14 -24.50 57.22 24.69
C CYS O 14 -24.44 58.74 24.71
N THR O 15 -25.47 59.36 25.28
CA THR O 15 -25.53 60.80 25.43
C THR O 15 -25.18 61.20 26.86
N VAL O 16 -24.93 62.50 27.05
CA VAL O 16 -24.55 62.99 28.36
C VAL O 16 -25.73 62.90 29.34
N GLU O 17 -26.94 63.17 28.85
CA GLU O 17 -28.13 63.01 29.69
C GLU O 17 -28.33 61.55 30.06
N GLU O 18 -28.27 60.66 29.07
CA GLU O 18 -28.41 59.23 29.33
C GLU O 18 -27.37 58.73 30.32
N LEU O 19 -26.13 59.20 30.18
CA LEU O 19 -25.06 58.73 31.05
C LEU O 19 -25.21 59.27 32.46
N LEU O 20 -25.65 60.53 32.59
CA LEU O 20 -25.92 61.09 33.90
C LEU O 20 -27.06 60.34 34.58
N ARG O 21 -28.11 60.02 33.84
CA ARG O 21 -29.18 59.17 34.37
C ARG O 21 -28.64 57.83 34.84
N GLY O 22 -27.75 57.22 34.05
CA GLY O 22 -27.13 55.97 34.49
C GLY O 22 -26.33 56.11 35.77
N CYS O 23 -25.65 57.24 35.93
CA CYS O 23 -24.89 57.49 37.15
C CYS O 23 -25.83 57.66 38.35
N ILE O 24 -26.98 58.31 38.14
CA ILE O 24 -27.96 58.44 39.21
C ILE O 24 -28.51 57.08 39.60
N GLU O 25 -28.91 56.29 38.62
CA GLU O 25 -29.48 54.97 38.89
C GLU O 25 -28.46 54.00 39.47
N ALA O 26 -27.16 54.31 39.35
CA ALA O 26 -26.12 53.43 39.88
C ALA O 26 -26.09 53.40 41.41
N PHE O 27 -26.89 54.23 42.08
CA PHE O 27 -26.91 54.28 43.53
C PHE O 27 -28.13 53.55 44.09
N ASP O 28 -28.03 53.20 45.36
CA ASP O 28 -29.13 52.61 46.12
C ASP O 28 -29.85 53.70 46.90
N ASP O 29 -31.11 53.42 47.25
CA ASP O 29 -31.87 54.36 48.06
C ASP O 29 -31.21 54.57 49.42
N SER O 30 -30.51 53.56 49.93
CA SER O 30 -29.77 53.69 51.18
C SER O 30 -28.50 54.50 51.00
N GLY O 31 -28.03 54.67 49.78
CA GLY O 31 -26.76 55.32 49.48
C GLY O 31 -25.69 54.38 48.98
N LYS O 32 -25.94 53.08 48.98
CA LYS O 32 -24.97 52.12 48.48
C LYS O 32 -24.77 52.32 46.98
N VAL O 33 -23.53 52.20 46.53
CA VAL O 33 -23.18 52.35 45.12
C VAL O 33 -23.07 50.97 44.50
N ARG O 34 -23.85 50.73 43.44
CA ARG O 34 -23.82 49.43 42.77
C ARG O 34 -22.65 49.33 41.82
N ASP O 35 -22.45 50.34 40.97
CA ASP O 35 -21.42 50.35 39.94
C ASP O 35 -20.53 51.56 40.18
N PRO O 36 -19.54 51.44 41.08
CA PRO O 36 -18.63 52.57 41.31
C PRO O 36 -17.74 52.88 40.11
N GLN O 37 -17.56 51.93 39.20
CA GLN O 37 -16.69 52.18 38.05
C GLN O 37 -17.31 53.22 37.12
N LEU O 38 -18.61 53.09 36.84
CA LEU O 38 -19.27 54.03 35.93
C LEU O 38 -19.34 55.43 36.54
N VAL O 39 -19.75 55.53 37.81
CA VAL O 39 -19.91 56.84 38.44
C VAL O 39 -18.55 57.50 38.65
N ARG O 40 -17.53 56.71 39.02
CA ARG O 40 -16.19 57.27 39.12
C ARG O 40 -15.68 57.73 37.77
N MSE O 41 -16.01 56.99 36.71
CA MSE O 41 -15.60 57.36 35.36
C MSE O 41 -16.19 58.68 34.92
O MSE O 41 -15.46 59.59 34.52
CB MSE O 41 -16.00 56.25 34.38
CG MSE O 41 -15.61 56.53 32.94
SE MSE O 41 -15.89 55.00 31.80
CE MSE O 41 -17.81 55.19 31.49
N PHE O 42 -17.51 58.80 35.00
CA PHE O 42 -18.15 60.00 34.45
C PHE O 42 -17.87 61.22 35.32
N LEU O 43 -17.79 61.06 36.64
CA LEU O 43 -17.55 62.20 37.51
C LEU O 43 -16.16 62.79 37.32
N MSE O 44 -15.21 62.02 36.79
CA MSE O 44 -13.89 62.56 36.48
C MSE O 44 -13.80 63.02 35.03
O MSE O 44 -13.22 64.06 34.74
CB MSE O 44 -12.80 61.52 36.76
CG MSE O 44 -11.48 61.78 36.03
SE MSE O 44 -9.92 60.93 36.84
CE MSE O 44 -10.66 59.17 37.17
N MSE O 45 -14.41 62.26 34.13
CA MSE O 45 -14.22 62.46 32.70
C MSE O 45 -15.10 63.54 32.08
O MSE O 45 -14.83 64.00 30.97
CB MSE O 45 -14.43 61.14 31.95
CG MSE O 45 -13.37 60.10 32.24
SE MSE O 45 -11.58 60.83 32.08
CE MSE O 45 -11.65 61.42 30.23
N HIS O 46 -16.17 63.93 32.78
CA HIS O 46 -17.17 64.79 32.15
C HIS O 46 -16.64 66.16 31.72
N PRO O 47 -15.63 66.78 32.35
CA PRO O 47 -15.12 68.06 31.82
C PRO O 47 -14.60 67.95 30.39
N TRP O 48 -14.22 66.74 29.94
CA TRP O 48 -13.86 66.54 28.55
C TRP O 48 -15.01 66.89 27.62
N TYR O 49 -16.24 66.65 28.07
CA TYR O 49 -17.42 66.78 27.22
C TYR O 49 -18.38 67.88 27.63
N ILE O 50 -18.38 68.28 28.91
CA ILE O 50 -19.32 69.29 29.40
C ILE O 50 -18.73 69.92 30.66
N PRO O 51 -18.79 71.25 30.81
CA PRO O 51 -18.28 71.87 32.04
C PRO O 51 -19.01 71.35 33.27
N SER O 52 -18.27 71.28 34.37
CA SER O 52 -18.81 70.68 35.60
C SER O 52 -20.01 71.46 36.12
N SER O 53 -19.98 72.80 35.97
CA SER O 53 -21.10 73.61 36.42
C SER O 53 -22.38 73.26 35.65
N GLN O 54 -22.25 73.00 34.35
CA GLN O 54 -23.42 72.64 33.55
C GLN O 54 -23.95 71.26 33.95
N LEU O 55 -23.06 70.32 34.25
CA LEU O 55 -23.51 69.01 34.73
C LEU O 55 -24.22 69.13 36.07
N ALA O 56 -23.71 69.99 36.96
CA ALA O 56 -24.40 70.24 38.23
C ALA O 56 -25.77 70.87 38.00
N ALA O 57 -25.87 71.80 37.04
CA ALA O 57 -27.16 72.39 36.71
C ALA O 57 -28.12 71.32 36.20
N LYS O 58 -27.62 70.37 35.41
CA LYS O 58 -28.48 69.29 34.94
C LYS O 58 -28.93 68.40 36.09
N LEU O 59 -28.04 68.11 37.05
CA LEU O 59 -28.46 67.38 38.24
C LEU O 59 -29.55 68.14 38.99
N LEU O 60 -29.41 69.46 39.09
CA LEU O 60 -30.44 70.30 39.69
C LEU O 60 -31.77 70.13 38.97
N HIS O 61 -31.74 70.17 37.63
CA HIS O 61 -32.96 70.02 36.86
C HIS O 61 -33.60 68.66 37.07
N ILE O 62 -32.79 67.60 37.13
CA ILE O 62 -33.30 66.26 37.41
C ILE O 62 -33.95 66.21 38.79
N TYR O 63 -33.32 66.85 39.79
CA TYR O 63 -33.91 66.86 41.13
C TYR O 63 -35.27 67.56 41.11
N GLN O 64 -35.36 68.68 40.40
CA GLN O 64 -36.63 69.39 40.28
C GLN O 64 -37.69 68.54 39.60
N GLN O 65 -37.33 67.91 38.49
CA GLN O 65 -38.28 67.06 37.76
C GLN O 65 -38.74 65.88 38.60
N SER O 66 -37.85 65.34 39.44
CA SER O 66 -38.25 64.29 40.36
C SER O 66 -39.17 64.82 41.45
N ARG O 67 -38.97 66.07 41.87
CA ARG O 67 -39.88 66.68 42.83
C ARG O 67 -41.29 66.81 42.24
N LYS O 68 -41.39 67.25 40.98
CA LYS O 68 -42.70 67.40 40.37
C LYS O 68 -43.42 66.07 40.25
N ASP O 69 -42.71 65.00 39.86
CA ASP O 69 -43.30 63.69 39.69
C ASP O 69 -43.47 62.93 40.99
N ASN O 70 -43.10 63.52 42.13
CA ASN O 70 -43.20 62.88 43.44
C ASN O 70 -42.49 61.53 43.45
N SER O 71 -41.27 61.50 42.90
CA SER O 71 -40.44 60.30 42.88
C SER O 71 -39.36 60.48 43.94
N ASN O 72 -39.63 59.95 45.14
CA ASN O 72 -38.69 60.07 46.25
C ASN O 72 -37.37 59.37 45.94
N SER O 73 -37.45 58.21 45.29
CA SER O 73 -36.25 57.46 44.94
C SER O 73 -35.31 58.29 44.08
N LEU O 74 -35.85 58.93 43.03
CA LEU O 74 -35.01 59.75 42.18
C LEU O 74 -34.37 60.90 42.95
N GLN O 75 -35.12 61.49 43.89
CA GLN O 75 -34.57 62.56 44.72
C GLN O 75 -33.37 62.08 45.52
N VAL O 76 -33.56 60.99 46.27
CA VAL O 76 -32.48 60.54 47.16
C VAL O 76 -31.29 60.01 46.34
N LYS O 77 -31.54 59.39 45.20
CA LYS O 77 -30.44 58.95 44.34
C LYS O 77 -29.64 60.12 43.80
N THR O 78 -30.33 61.17 43.33
CA THR O 78 -29.64 62.37 42.87
C THR O 78 -28.78 62.98 43.98
N CYS O 79 -29.36 63.09 45.18
CA CYS O 79 -28.60 63.66 46.30
C CYS O 79 -27.39 62.80 46.66
N HIS O 80 -27.53 61.47 46.58
CA HIS O 80 -26.40 60.60 46.85
C HIS O 80 -25.33 60.73 45.77
N LEU O 81 -25.74 60.95 44.52
CA LEU O 81 -24.76 61.20 43.47
C LEU O 81 -23.99 62.49 43.74
N VAL O 82 -24.70 63.54 44.16
CA VAL O 82 -24.02 64.79 44.47
C VAL O 82 -23.08 64.61 45.66
N ARG O 83 -23.49 63.81 46.65
CA ARG O 83 -22.61 63.55 47.79
C ARG O 83 -21.34 62.84 47.37
N TYR O 84 -21.48 61.77 46.57
CA TYR O 84 -20.32 61.03 46.11
C TYR O 84 -19.41 61.92 45.27
N TRP O 85 -20.00 62.80 44.45
CA TRP O 85 -19.23 63.74 43.65
C TRP O 85 -18.42 64.69 44.54
N ILE O 86 -19.06 65.22 45.59
CA ILE O 86 -18.38 66.19 46.45
C ILE O 86 -17.28 65.51 47.26
N SER O 87 -17.56 64.33 47.82
CA SER O 87 -16.56 63.65 48.62
C SER O 87 -15.41 63.12 47.77
N ALA O 88 -15.67 62.74 46.52
CA ALA O 88 -14.64 62.12 45.69
C ALA O 88 -13.73 63.16 45.06
N PHE O 89 -14.27 64.31 44.64
CA PHE O 89 -13.49 65.34 43.95
C PHE O 89 -13.72 66.70 44.61
N PRO O 90 -13.13 66.93 45.78
CA PRO O 90 -13.38 68.21 46.48
C PRO O 90 -12.63 69.39 45.87
N ALA O 91 -11.43 69.15 45.32
CA ALA O 91 -10.62 70.25 44.80
C ALA O 91 -11.37 71.05 43.74
N GLU O 92 -12.09 70.38 42.84
CA GLU O 92 -12.85 71.08 41.83
C GLU O 92 -13.99 71.87 42.45
N PHE O 93 -14.59 71.37 43.53
CA PHE O 93 -15.66 72.10 44.18
C PHE O 93 -15.14 73.35 44.89
N ASP O 94 -13.91 73.31 45.39
CA ASP O 94 -13.33 74.53 45.96
C ASP O 94 -12.92 75.51 44.87
N LEU O 95 -12.35 75.00 43.77
CA LEU O 95 -11.76 75.87 42.76
C LEU O 95 -12.82 76.50 41.86
N ASN O 96 -13.89 75.77 41.54
CA ASN O 96 -14.88 76.22 40.58
C ASN O 96 -15.98 76.99 41.32
N PRO O 97 -16.07 78.31 41.16
CA PRO O 97 -17.13 79.06 41.87
C PRO O 97 -18.52 78.77 41.32
N GLU O 98 -18.65 78.55 40.01
CA GLU O 98 -19.96 78.31 39.41
C GLU O 98 -20.52 76.97 39.84
N LEU O 99 -19.67 75.95 39.90
CA LEU O 99 -20.08 74.64 40.43
C LEU O 99 -20.56 74.77 41.87
N ALA O 100 -19.82 75.50 42.69
CA ALA O 100 -20.22 75.72 44.07
C ALA O 100 -21.53 76.48 44.16
N GLU O 101 -21.77 77.42 43.24
CA GLU O 101 -23.03 78.16 43.22
C GLU O 101 -24.20 77.24 42.86
N GLN O 102 -23.99 76.34 41.89
CA GLN O 102 -25.02 75.38 41.55
C GLN O 102 -25.34 74.46 42.73
N ILE O 103 -24.31 73.99 43.42
CA ILE O 103 -24.53 73.15 44.60
C ILE O 103 -25.22 73.95 45.70
N LYS O 104 -24.90 75.25 45.82
CA LYS O 104 -25.59 76.12 46.76
C LYS O 104 -27.08 76.18 46.48
N GLU O 105 -27.45 76.40 45.22
CA GLU O 105 -28.87 76.43 44.84
C GLU O 105 -29.54 75.09 45.14
N LEU O 106 -28.84 74.00 44.85
CA LEU O 106 -29.41 72.68 45.12
C LEU O 106 -29.61 72.47 46.62
N LYS O 107 -28.66 72.95 47.43
CA LYS O 107 -28.78 72.89 48.88
C LYS O 107 -29.98 73.70 49.37
N ALA O 108 -30.22 74.86 48.76
CA ALA O 108 -31.41 75.64 49.11
C ALA O 108 -32.69 74.87 48.79
N LEU O 109 -32.73 74.22 47.62
CA LEU O 109 -33.87 73.39 47.25
C LEU O 109 -34.09 72.28 48.27
N LEU O 110 -33.00 71.71 48.78
CA LEU O 110 -33.12 70.69 49.83
C LEU O 110 -33.65 71.28 51.13
N ASP O 111 -33.19 72.49 51.50
CA ASP O 111 -33.65 73.09 52.75
C ASP O 111 -35.12 73.45 52.71
N GLN O 112 -35.66 73.80 51.54
CA GLN O 112 -37.08 74.16 51.50
C GLN O 112 -38.01 72.95 51.62
N GLU O 113 -37.54 71.75 51.32
CA GLU O 113 -38.42 70.59 51.35
C GLU O 113 -38.72 70.17 52.79
N GLY O 114 -39.92 69.63 52.98
CA GLY O 114 -40.35 69.16 54.29
C GLY O 114 -40.61 67.66 54.33
N HIS O 118 -34.62 66.82 53.67
CA HIS O 118 -33.45 66.10 54.17
C HIS O 118 -32.18 66.59 53.46
N SER O 119 -31.56 67.64 54.02
CA SER O 119 -30.42 68.28 53.39
C SER O 119 -29.09 67.89 54.03
N SER O 120 -29.09 66.95 54.97
CA SER O 120 -27.88 66.58 55.67
C SER O 120 -26.88 65.85 54.78
N LEU O 121 -27.26 65.48 53.56
CA LEU O 121 -26.38 64.72 52.68
C LEU O 121 -25.31 65.58 52.01
N ILE O 122 -25.45 66.90 52.04
CA ILE O 122 -24.63 67.80 51.22
C ILE O 122 -24.05 68.89 52.11
N ASP O 123 -22.73 68.94 52.19
CA ASP O 123 -22.02 69.93 53.00
C ASP O 123 -20.80 70.42 52.23
N ILE O 124 -20.76 71.72 51.94
CA ILE O 124 -19.59 72.29 51.29
C ILE O 124 -18.44 72.44 52.27
N ASP O 125 -18.74 72.89 53.50
CA ASP O 125 -17.71 73.30 54.44
C ASP O 125 -16.68 72.20 54.74
N SER O 126 -17.02 70.94 54.48
CA SER O 126 -16.08 69.86 54.76
C SER O 126 -14.91 69.82 53.79
N VAL O 127 -14.95 70.57 52.70
CA VAL O 127 -13.81 70.55 51.77
C VAL O 127 -12.62 71.24 52.43
N PRO O 128 -11.44 70.64 52.42
CA PRO O 128 -10.32 71.21 53.17
C PRO O 128 -9.74 72.47 52.54
N THR O 129 -9.84 72.62 51.22
CA THR O 129 -9.42 73.83 50.52
C THR O 129 -7.93 74.13 50.74
N TYR O 130 -7.09 73.12 50.52
CA TYR O 130 -5.66 73.35 50.42
C TYR O 130 -5.25 73.88 49.05
N LYS O 131 -6.22 74.25 48.23
CA LYS O 131 -5.99 74.60 46.83
C LYS O 131 -5.19 75.88 46.65
N TRP O 132 -4.73 76.51 47.74
CA TRP O 132 -3.71 77.54 47.61
C TRP O 132 -2.46 76.97 46.96
N LYS O 133 -2.20 75.66 47.16
CA LYS O 133 -1.12 74.98 46.46
C LYS O 133 -1.26 75.06 44.95
N ARG O 134 -2.44 75.43 44.46
CA ARG O 134 -2.63 75.68 43.04
C ARG O 134 -1.64 76.71 42.52
N GLN O 135 -1.46 77.79 43.26
CA GLN O 135 -0.58 78.88 42.86
C GLN O 135 0.65 79.01 43.74
N VAL O 136 0.86 78.10 44.69
CA VAL O 136 2.04 78.17 45.56
C VAL O 136 3.27 77.92 44.69
N THR O 137 4.08 78.96 44.51
CA THR O 137 5.27 78.88 43.67
C THR O 137 6.46 79.57 44.34
N LYS O 146 27.00 79.57 46.91
CA LYS O 146 27.76 78.72 47.81
C LYS O 146 28.27 77.48 47.09
N ARG O 147 27.39 76.87 46.30
CA ARG O 147 27.68 75.63 45.59
C ARG O 147 28.08 74.52 46.55
N LYS O 148 27.63 74.61 47.81
CA LYS O 148 27.90 73.57 48.79
C LYS O 148 27.27 72.25 48.40
N MSE O 149 26.28 72.26 47.52
CA MSE O 149 25.70 71.02 47.01
C MSE O 149 26.65 70.36 46.02
O MSE O 149 26.74 69.14 45.96
CB MSE O 149 24.34 71.26 46.37
CG MSE O 149 23.74 70.05 45.67
SE MSE O 149 23.33 68.57 46.87
CE MSE O 149 21.83 69.37 47.84
N SER O 150 27.38 71.17 45.24
CA SER O 150 28.43 70.63 44.38
C SER O 150 29.47 69.87 45.19
N LEU O 151 30.01 70.51 46.23
CA LEU O 151 30.95 69.82 47.12
C LEU O 151 30.29 68.66 47.85
N LEU O 152 29.00 68.78 48.15
CA LEU O 152 28.32 67.83 49.05
C LEU O 152 27.92 66.54 48.35
N PHE O 153 27.38 66.62 47.14
CA PHE O 153 26.80 65.45 46.49
C PHE O 153 27.83 64.35 46.23
N ASP O 154 29.12 64.71 46.15
CA ASP O 154 30.16 63.69 46.05
C ASP O 154 30.11 62.73 47.25
N HIS O 155 29.90 63.28 48.44
CA HIS O 155 29.91 62.50 49.68
C HIS O 155 28.52 62.05 50.11
N LEU O 156 27.51 62.20 49.25
CA LEU O 156 26.14 61.83 49.59
C LEU O 156 25.90 60.35 49.32
N GLU O 157 25.25 59.70 50.28
CA GLU O 157 24.79 58.34 50.06
C GLU O 157 23.85 58.33 48.86
N PRO O 158 23.99 57.37 47.93
CA PRO O 158 23.13 57.37 46.74
C PRO O 158 21.65 57.29 47.09
N MSE O 159 21.26 56.24 47.81
CA MSE O 159 19.89 56.02 48.24
C MSE O 159 19.26 57.30 48.79
O MSE O 159 18.25 57.77 48.27
CB MSE O 159 19.84 54.92 49.30
CG MSE O 159 18.47 54.72 49.93
SE MSE O 159 17.06 54.43 48.62
CE MSE O 159 15.93 53.21 49.66
N GLU O 160 19.90 57.86 49.82
CA GLU O 160 19.46 59.12 50.41
C GLU O 160 19.14 60.14 49.33
N LEU O 161 20.13 60.44 48.48
CA LEU O 161 19.92 61.40 47.40
C LEU O 161 18.68 61.01 46.60
N ALA O 162 18.65 59.76 46.13
CA ALA O 162 17.47 59.26 45.41
C ALA O 162 16.20 59.59 46.17
N GLU O 163 16.15 59.17 47.44
CA GLU O 163 14.98 59.46 48.27
C GLU O 163 14.57 60.91 48.15
N HIS O 164 15.51 61.83 48.42
CA HIS O 164 15.18 63.24 48.40
C HIS O 164 14.65 63.65 47.04
N LEU O 165 15.32 63.23 45.96
CA LEU O 165 14.84 63.54 44.63
C LEU O 165 13.39 63.11 44.47
N THR O 166 13.11 61.85 44.83
CA THR O 166 11.74 61.35 44.77
C THR O 166 10.79 62.33 45.44
N TYR O 167 11.08 62.68 46.70
CA TYR O 167 10.21 63.59 47.44
C TYR O 167 9.90 64.82 46.61
N LEU O 168 10.95 65.49 46.15
CA LEU O 168 10.77 66.71 45.37
C LEU O 168 9.79 66.48 44.23
N GLU O 169 10.09 65.49 43.39
CA GLU O 169 9.23 65.26 42.23
C GLU O 169 7.82 64.92 42.68
N TYR O 170 7.69 64.10 43.73
CA TYR O 170 6.37 63.74 44.20
C TYR O 170 5.59 64.97 44.64
N ARG O 171 6.26 65.88 45.36
CA ARG O 171 5.55 67.08 45.81
C ARG O 171 5.04 67.90 44.65
N SER O 172 5.72 67.83 43.50
CA SER O 172 5.19 68.52 42.33
C SER O 172 4.03 67.74 41.71
N PHE O 173 4.18 66.41 41.64
CA PHE O 173 3.19 65.59 40.95
C PHE O 173 1.81 65.75 41.56
N CYS O 174 1.75 65.82 42.90
CA CYS O 174 0.47 65.92 43.58
C CYS O 174 -0.27 67.22 43.27
N LYS O 175 0.43 68.26 42.81
CA LYS O 175 -0.28 69.50 42.51
C LYS O 175 -0.98 69.46 41.16
N ILE O 176 -0.79 68.40 40.39
CA ILE O 176 -1.41 68.30 39.06
C ILE O 176 -2.84 67.78 39.22
N LEU O 177 -3.79 68.53 38.66
CA LEU O 177 -5.20 68.18 38.72
C LEU O 177 -5.68 67.68 37.35
N PHE O 178 -6.94 67.25 37.30
CA PHE O 178 -7.52 66.77 36.05
C PHE O 178 -7.56 67.87 35.01
N GLN O 179 -7.81 69.11 35.43
CA GLN O 179 -7.83 70.23 34.50
C GLN O 179 -6.52 70.36 33.75
N ASP O 180 -5.40 70.09 34.44
CA ASP O 180 -4.09 70.26 33.83
C ASP O 180 -3.83 69.19 32.78
N TYR O 181 -4.12 67.92 33.12
CA TYR O 181 -4.06 66.85 32.12
C TYR O 181 -4.96 67.16 30.93
N HIS O 182 -6.17 67.65 31.20
CA HIS O 182 -7.10 67.96 30.14
C HIS O 182 -6.51 69.01 29.19
N SER O 183 -5.96 70.09 29.75
CA SER O 183 -5.39 71.14 28.92
C SER O 183 -4.20 70.64 28.13
N PHE O 184 -3.35 69.82 28.76
CA PHE O 184 -2.20 69.28 28.05
C PHE O 184 -2.64 68.41 26.87
N VAL O 185 -3.49 67.43 27.14
CA VAL O 185 -3.91 66.49 26.10
C VAL O 185 -4.66 67.23 24.98
N THR O 186 -5.44 68.25 25.35
CA THR O 186 -6.14 69.03 24.33
C THR O 186 -5.16 69.79 23.45
N HIS O 187 -4.20 70.47 24.06
CA HIS O 187 -3.25 71.28 23.29
C HIS O 187 -2.07 70.49 22.76
N GLY O 188 -1.80 69.30 23.31
CA GLY O 188 -0.60 68.57 22.98
C GLY O 188 0.66 69.10 23.63
N CYS O 189 0.58 70.23 24.35
CA CYS O 189 1.70 70.81 25.06
C CYS O 189 1.14 71.57 26.26
N THR O 190 2.01 72.34 26.93
CA THR O 190 1.62 73.12 28.10
C THR O 190 1.35 74.55 27.65
N VAL O 191 0.07 74.92 27.57
CA VAL O 191 -0.35 76.28 27.24
C VAL O 191 -1.18 76.80 28.40
N ASP O 192 -0.70 77.85 29.06
CA ASP O 192 -1.37 78.43 30.22
C ASP O 192 -1.65 77.36 31.27
N ASN O 193 -0.62 76.57 31.56
CA ASN O 193 -0.73 75.42 32.47
C ASN O 193 0.49 75.43 33.38
N PRO O 194 0.50 76.30 34.40
CA PRO O 194 1.73 76.48 35.18
C PRO O 194 2.09 75.31 36.07
N VAL O 195 1.12 74.51 36.53
CA VAL O 195 1.42 73.39 37.41
C VAL O 195 2.17 72.29 36.67
N LEU O 196 1.58 71.82 35.57
CA LEU O 196 2.24 70.79 34.77
C LEU O 196 3.55 71.29 34.18
N GLU O 197 3.58 72.56 33.77
CA GLU O 197 4.82 73.16 33.27
C GLU O 197 5.89 73.15 34.35
N ARG O 198 5.52 73.45 35.60
CA ARG O 198 6.49 73.44 36.68
C ARG O 198 7.01 72.02 36.94
N PHE O 199 6.13 71.03 36.87
CA PHE O 199 6.56 69.64 37.06
C PHE O 199 7.55 69.22 35.96
N ILE O 200 7.20 69.50 34.70
CA ILE O 200 8.09 69.18 33.59
C ILE O 200 9.42 69.91 33.72
N SER O 201 9.37 71.18 34.15
CA SER O 201 10.59 71.94 34.34
C SER O 201 11.46 71.31 35.44
N LEU O 202 10.84 70.76 36.48
CA LEU O 202 11.61 70.08 37.52
C LEU O 202 12.25 68.79 36.99
N PHE O 203 11.49 68.04 36.18
CA PHE O 203 12.04 66.87 35.50
C PHE O 203 13.31 67.22 34.70
N ASN O 204 13.18 68.20 33.81
CA ASN O 204 14.33 68.60 33.01
C ASN O 204 15.43 69.22 33.86
N SER O 205 15.06 69.80 35.01
CA SER O 205 16.06 70.32 35.92
C SER O 205 16.89 69.20 36.52
N VAL O 206 16.24 68.08 36.87
CA VAL O 206 16.96 66.92 37.38
C VAL O 206 17.94 66.41 36.32
N SER O 207 17.46 66.26 35.09
CA SER O 207 18.33 65.77 34.02
C SER O 207 19.53 66.71 33.81
N GLN O 208 19.25 68.02 33.69
CA GLN O 208 20.31 68.99 33.47
C GLN O 208 21.25 69.08 34.67
N TRP O 209 20.75 68.81 35.87
CA TRP O 209 21.62 68.77 37.04
C TRP O 209 22.58 67.61 36.97
N VAL O 210 22.09 66.44 36.53
CA VAL O 210 23.00 65.32 36.28
C VAL O 210 24.09 65.74 35.30
N GLN O 211 23.68 66.33 34.19
CA GLN O 211 24.66 66.76 33.18
C GLN O 211 25.67 67.74 33.74
N LEU O 212 25.20 68.76 34.48
CA LEU O 212 26.08 69.79 35.01
C LEU O 212 27.03 69.23 36.07
N MSE O 213 26.56 68.29 36.89
CA MSE O 213 27.43 67.71 37.91
C MSE O 213 28.45 66.79 37.29
O MSE O 213 29.53 66.58 37.85
CB MSE O 213 26.60 66.96 38.96
CG MSE O 213 25.69 67.86 39.81
SE MSE O 213 26.60 69.35 40.66
CE MSE O 213 26.27 70.75 39.33
N ILE O 214 28.14 66.23 36.12
CA ILE O 214 29.15 65.46 35.40
C ILE O 214 30.18 66.39 34.77
N LEU O 215 29.73 67.47 34.14
CA LEU O 215 30.64 68.42 33.49
C LEU O 215 31.37 69.30 34.48
N SER O 216 31.02 69.26 35.77
CA SER O 216 31.68 70.13 36.74
C SER O 216 33.11 69.67 37.04
N LYS O 217 33.38 68.37 36.91
CA LYS O 217 34.72 67.87 37.15
C LYS O 217 35.64 68.18 35.97
N PRO O 218 36.92 68.46 36.23
CA PRO O 218 37.82 68.90 35.15
C PRO O 218 38.63 67.79 34.51
N THR O 219 38.59 66.58 35.08
CA THR O 219 39.39 65.47 34.59
C THR O 219 38.48 64.27 34.32
N ALA O 220 38.90 63.43 33.38
CA ALA O 220 38.04 62.34 32.89
C ALA O 220 37.70 61.32 33.97
N PRO O 221 38.65 60.80 34.77
CA PRO O 221 38.26 59.81 35.79
C PRO O 221 37.27 60.33 36.82
N GLN O 222 37.37 61.59 37.22
CA GLN O 222 36.42 62.15 38.17
C GLN O 222 35.01 62.20 37.57
N ARG O 223 34.91 62.60 36.29
CA ARG O 223 33.63 62.59 35.60
C ARG O 223 33.08 61.17 35.52
N ALA O 224 33.95 60.19 35.26
CA ALA O 224 33.51 58.79 35.28
C ALA O 224 33.00 58.39 36.67
N LEU O 225 33.62 58.91 37.74
CA LEU O 225 33.16 58.61 39.08
C LEU O 225 31.77 59.17 39.33
N VAL O 226 31.53 60.41 38.92
CA VAL O 226 30.20 60.98 39.14
C VAL O 226 29.16 60.30 38.24
N ILE O 227 29.55 59.83 37.06
CA ILE O 227 28.65 59.04 36.22
C ILE O 227 28.27 57.75 36.94
N THR O 228 29.27 57.07 37.51
CA THR O 228 29.01 55.87 38.30
C THR O 228 28.06 56.16 39.45
N HIS O 229 28.26 57.30 40.13
CA HIS O 229 27.39 57.68 41.23
C HIS O 229 25.96 57.85 40.77
N PHE O 230 25.75 58.55 39.65
CA PHE O 230 24.39 58.74 39.16
C PHE O 230 23.77 57.43 38.66
N VAL O 231 24.59 56.50 38.14
CA VAL O 231 24.06 55.18 37.82
C VAL O 231 23.58 54.49 39.09
N HIS O 232 24.30 54.66 40.20
CA HIS O 232 23.86 54.09 41.46
C HIS O 232 22.59 54.76 41.98
N VAL O 233 22.47 56.08 41.84
CA VAL O 233 21.24 56.72 42.29
C VAL O 233 20.07 56.30 41.40
N ALA O 234 20.33 55.97 40.14
CA ALA O 234 19.27 55.45 39.28
C ALA O 234 18.87 54.04 39.71
N GLU O 235 19.85 53.21 40.06
CA GLU O 235 19.56 51.89 40.63
C GLU O 235 18.70 52.02 41.88
N LYS O 236 19.03 52.98 42.75
CA LYS O 236 18.25 53.17 43.97
C LYS O 236 16.86 53.70 43.66
N LEU O 237 16.73 54.55 42.64
CA LEU O 237 15.40 55.00 42.22
C LEU O 237 14.56 53.83 41.74
N LEU O 238 15.16 52.92 40.98
CA LEU O 238 14.43 51.72 40.56
C LEU O 238 14.02 50.88 41.76
N GLN O 239 14.93 50.70 42.73
CA GLN O 239 14.56 50.01 43.96
C GLN O 239 13.45 50.76 44.68
N LEU O 240 13.49 52.10 44.65
CA LEU O 240 12.45 52.94 45.22
C LEU O 240 11.15 52.90 44.41
N GLN O 241 11.16 52.22 43.26
CA GLN O 241 10.00 52.12 42.37
C GLN O 241 9.54 53.49 41.89
N ASN O 242 10.50 54.42 41.75
CA ASN O 242 10.25 55.75 41.19
C ASN O 242 10.84 55.75 39.78
N PHE O 243 9.99 55.42 38.80
CA PHE O 243 10.44 55.34 37.41
C PHE O 243 10.57 56.72 36.77
N ASN O 244 9.82 57.72 37.26
CA ASN O 244 9.84 59.03 36.63
C ASN O 244 11.21 59.68 36.74
N THR O 245 11.74 59.78 37.97
CA THR O 245 13.06 60.35 38.15
C THR O 245 14.14 59.47 37.54
N LEU O 246 13.94 58.14 37.55
CA LEU O 246 14.85 57.23 36.87
C LEU O 246 15.07 57.65 35.42
N MSE O 247 13.99 57.74 34.66
CA MSE O 247 14.00 58.27 33.30
C MSE O 247 14.73 59.62 33.25
O MSE O 247 15.45 59.91 32.31
CB MSE O 247 12.57 58.42 32.79
CG MSE O 247 12.43 59.24 31.52
SE MSE O 247 12.88 58.21 29.94
CE MSE O 247 14.51 59.14 29.40
N ALA O 248 14.51 60.43 34.29
CA ALA O 248 15.15 61.75 34.32
C ALA O 248 16.66 61.64 34.37
N VAL O 249 17.20 60.72 35.17
CA VAL O 249 18.65 60.63 35.30
C VAL O 249 19.26 59.75 34.21
N VAL O 250 18.63 58.62 33.90
CA VAL O 250 19.11 57.77 32.80
C VAL O 250 19.16 58.57 31.50
N GLY O 251 18.04 59.21 31.16
CA GLY O 251 18.03 60.08 30.00
C GLY O 251 18.99 61.24 30.13
N GLY O 252 19.27 61.67 31.36
CA GLY O 252 20.30 62.67 31.57
C GLY O 252 21.70 62.14 31.31
N LEU O 253 21.90 60.85 31.59
CA LEU O 253 23.18 60.19 31.31
C LEU O 253 23.40 59.94 29.84
N SER O 254 22.37 60.07 29.00
CA SER O 254 22.49 59.85 27.56
C SER O 254 22.37 61.15 26.77
N HIS O 255 22.54 62.30 27.43
CA HIS O 255 22.49 63.56 26.71
C HIS O 255 23.71 63.70 25.81
N SER O 256 23.55 64.50 24.74
CA SER O 256 24.62 64.68 23.77
C SER O 256 25.89 65.19 24.42
N SER O 257 25.76 66.14 25.37
CA SER O 257 26.94 66.75 25.96
C SER O 257 27.85 65.74 26.65
N ILE O 258 27.28 64.75 27.33
CA ILE O 258 28.13 63.84 28.10
C ILE O 258 28.39 62.56 27.33
N SER O 259 27.46 62.19 26.44
CA SER O 259 27.63 60.95 25.69
C SER O 259 28.82 61.00 24.75
N ARG O 260 29.15 62.17 24.22
CA ARG O 260 30.29 62.31 23.32
C ARG O 260 31.62 62.32 24.05
N LEU O 261 31.61 62.32 25.39
CA LEU O 261 32.84 62.29 26.19
C LEU O 261 33.37 60.85 26.20
N LYS O 262 34.05 60.50 25.10
CA LYS O 262 34.58 59.14 24.95
C LYS O 262 35.65 58.83 25.99
N GLU O 263 36.43 59.84 26.40
CA GLU O 263 37.56 59.58 27.28
C GLU O 263 37.11 59.26 28.70
N THR O 264 36.09 59.97 29.21
CA THR O 264 35.53 59.58 30.50
C THR O 264 34.78 58.28 30.41
N HIS O 265 34.15 58.00 29.25
CA HIS O 265 33.44 56.75 29.07
C HIS O 265 34.38 55.55 29.05
N SER O 266 35.68 55.77 28.82
CA SER O 266 36.64 54.68 28.94
C SER O 266 36.88 54.29 30.39
N HIS O 267 36.70 55.24 31.32
CA HIS O 267 37.06 55.02 32.72
C HIS O 267 35.93 54.42 33.56
N VAL O 268 34.69 54.41 33.07
CA VAL O 268 33.60 53.84 33.85
C VAL O 268 33.72 52.32 33.87
N SER O 269 33.42 51.74 35.03
CA SER O 269 33.64 50.31 35.26
C SER O 269 32.75 49.47 34.34
N PRO O 270 33.22 48.28 33.95
CA PRO O 270 32.37 47.40 33.13
C PRO O 270 31.11 46.94 33.85
N GLU O 271 31.18 46.72 35.17
CA GLU O 271 29.96 46.46 35.94
C GLU O 271 29.02 47.66 35.88
N THR O 272 29.57 48.86 36.07
CA THR O 272 28.77 50.07 35.95
C THR O 272 28.13 50.18 34.57
N ILE O 273 28.88 49.82 33.51
CA ILE O 273 28.33 49.85 32.16
C ILE O 273 27.20 48.85 32.02
N LYS O 274 27.41 47.64 32.53
CA LYS O 274 26.38 46.60 32.44
C LYS O 274 25.09 47.06 33.12
N LEU O 275 25.19 47.51 34.38
CA LEU O 275 24.01 47.96 35.11
C LEU O 275 23.37 49.18 34.46
N TRP O 276 24.20 50.13 33.99
CA TRP O 276 23.70 51.34 33.36
C TRP O 276 22.90 51.02 32.11
N GLU O 277 23.48 50.27 31.18
CA GLU O 277 22.74 49.93 29.97
C GLU O 277 21.54 49.04 30.26
N GLY O 278 21.59 48.24 31.33
CA GLY O 278 20.39 47.52 31.75
C GLY O 278 19.27 48.46 32.14
N LEU O 279 19.61 49.49 32.92
CA LEU O 279 18.60 50.49 33.30
C LEU O 279 18.09 51.23 32.07
N THR O 280 18.98 51.56 31.14
CA THR O 280 18.57 52.22 29.91
C THR O 280 17.61 51.34 29.11
N GLU O 281 17.86 50.02 29.08
CA GLU O 281 16.95 49.09 28.44
C GLU O 281 15.61 49.03 29.18
N LEU O 282 15.62 49.21 30.49
CA LEU O 282 14.36 49.22 31.25
C LEU O 282 13.42 50.31 30.76
N VAL O 283 13.97 51.47 30.41
CA VAL O 283 13.17 52.63 30.05
C VAL O 283 13.27 52.89 28.55
N THR O 284 13.49 51.84 27.77
CA THR O 284 13.58 51.98 26.33
C THR O 284 12.22 52.30 25.73
N ALA O 285 12.24 53.01 24.61
CA ALA O 285 11.03 53.26 23.84
C ALA O 285 10.67 52.11 22.93
N THR O 286 11.58 51.17 22.71
CA THR O 286 11.31 50.01 21.87
C THR O 286 10.17 49.19 22.45
N GLY O 287 9.29 48.71 21.58
CA GLY O 287 8.14 47.94 22.01
C GLY O 287 7.11 48.76 22.75
N ASN O 288 7.04 50.06 22.47
CA ASN O 288 6.09 50.97 23.13
C ASN O 288 6.25 50.90 24.66
N TYR O 289 7.50 51.01 25.11
CA TYR O 289 7.83 51.00 26.53
C TYR O 289 7.29 49.74 27.21
N GLY O 290 7.45 48.59 26.55
CA GLY O 290 6.93 47.36 27.10
C GLY O 290 7.59 46.96 28.42
N ASN O 291 8.92 47.10 28.49
CA ASN O 291 9.64 46.79 29.72
C ASN O 291 9.16 47.65 30.88
N TYR O 292 9.07 48.97 30.65
CA TYR O 292 8.59 49.88 31.69
C TYR O 292 7.17 49.54 32.11
N ARG O 293 6.28 49.32 31.14
CA ARG O 293 4.89 49.01 31.48
C ARG O 293 4.78 47.72 32.28
N ARG O 294 5.55 46.69 31.91
CA ARG O 294 5.50 45.43 32.63
C ARG O 294 6.02 45.59 34.05
N ARG O 295 7.16 46.27 34.21
CA ARG O 295 7.69 46.49 35.57
C ARG O 295 6.71 47.30 36.41
N LEU O 296 6.14 48.37 35.84
CA LEU O 296 5.18 49.18 36.57
C LEU O 296 3.97 48.37 36.99
N ALA O 297 3.47 47.51 36.09
CA ALA O 297 2.34 46.65 36.43
C ALA O 297 2.70 45.69 37.55
N ALA O 298 3.93 45.17 37.54
CA ALA O 298 4.35 44.23 38.57
C ALA O 298 4.59 44.89 39.93
N CYS O 299 4.59 46.22 40.01
CA CYS O 299 4.87 46.90 41.26
C CYS O 299 3.71 46.78 42.23
N VAL O 300 4.03 46.63 43.52
CA VAL O 300 3.05 46.60 44.58
C VAL O 300 3.42 47.67 45.61
N GLY O 301 2.42 48.42 46.07
CA GLY O 301 2.67 49.52 46.97
C GLY O 301 2.86 50.83 46.23
N PHE O 302 3.66 51.73 46.79
CA PHE O 302 3.90 53.02 46.15
C PHE O 302 4.69 52.86 44.86
N ARG O 303 4.34 53.65 43.86
CA ARG O 303 5.07 53.68 42.61
C ARG O 303 4.92 55.06 41.99
N PHE O 304 5.91 55.44 41.17
CA PHE O 304 5.92 56.74 40.51
C PHE O 304 6.07 56.50 39.01
N PRO O 305 4.98 56.61 38.24
CA PRO O 305 5.06 56.34 36.80
C PRO O 305 5.81 57.45 36.08
N ILE O 306 6.25 57.12 34.86
CA ILE O 306 6.92 58.09 34.00
C ILE O 306 5.86 58.94 33.32
N LEU O 307 5.51 60.07 33.93
CA LEU O 307 4.62 61.00 33.28
C LEU O 307 5.26 61.51 31.99
N GLY O 308 4.60 61.26 30.86
CA GLY O 308 5.17 61.52 29.57
C GLY O 308 5.04 60.31 28.66
N VAL O 309 5.20 59.11 29.22
CA VAL O 309 4.72 57.92 28.52
C VAL O 309 3.20 57.90 28.53
N HIS O 310 2.61 58.15 29.69
CA HIS O 310 1.16 58.17 29.81
C HIS O 310 0.56 59.42 29.17
N LEU O 311 1.27 60.56 29.23
CA LEU O 311 0.85 61.72 28.47
C LEU O 311 0.89 61.44 26.97
N LYS O 312 1.92 60.70 26.53
CA LYS O 312 1.99 60.29 25.13
C LYS O 312 0.79 59.42 24.76
N ASP O 313 0.43 58.47 25.62
CA ASP O 313 -0.74 57.63 25.36
C ASP O 313 -2.02 58.47 25.30
N LEU O 314 -2.15 59.43 26.21
CA LEU O 314 -3.34 60.28 26.22
C LEU O 314 -3.44 61.12 24.96
N VAL O 315 -2.31 61.67 24.50
CA VAL O 315 -2.32 62.47 23.27
C VAL O 315 -2.65 61.59 22.07
N ALA O 316 -2.10 60.38 22.03
CA ALA O 316 -2.44 59.45 20.96
C ALA O 316 -3.93 59.15 20.92
N LEU O 317 -4.51 58.86 22.10
CA LEU O 317 -5.95 58.60 22.16
C LEU O 317 -6.75 59.82 21.72
N GLN O 318 -6.32 61.01 22.14
CA GLN O 318 -7.05 62.22 21.80
C GLN O 318 -7.04 62.48 20.30
N LEU O 319 -5.88 62.32 19.65
CA LEU O 319 -5.79 62.62 18.23
C LEU O 319 -6.41 61.53 17.36
N ALA O 320 -6.31 60.27 17.79
CA ALA O 320 -6.77 59.17 16.92
C ALA O 320 -8.28 59.00 16.95
N LEU O 321 -8.90 59.11 18.11
CA LEU O 321 -10.32 58.83 18.24
C LEU O 321 -11.12 60.12 18.45
N PRO O 322 -12.34 60.19 17.91
CA PRO O 322 -13.15 61.40 18.11
C PRO O 322 -13.84 61.41 19.46
N ASP O 323 -14.03 62.63 19.97
CA ASP O 323 -14.75 62.79 21.24
C ASP O 323 -16.19 62.32 21.12
N TRP O 324 -16.86 62.66 20.01
CA TRP O 324 -18.26 62.34 19.81
C TRP O 324 -18.41 61.50 18.54
N LEU O 325 -19.46 60.69 18.51
CA LEU O 325 -19.72 59.77 17.40
C LEU O 325 -20.66 60.37 16.35
N ASP O 326 -21.04 61.63 16.49
CA ASP O 326 -21.95 62.28 15.55
C ASP O 326 -21.51 63.71 15.32
N PRO O 327 -21.83 64.29 14.16
CA PRO O 327 -21.42 65.68 13.91
C PRO O 327 -22.03 66.69 14.86
N ALA O 328 -23.21 66.40 15.41
CA ALA O 328 -23.87 67.33 16.32
C ALA O 328 -23.23 67.37 17.69
N ARG O 329 -22.27 66.47 17.96
CA ARG O 329 -21.54 66.44 19.23
C ARG O 329 -22.49 66.25 20.41
N THR O 330 -23.25 65.16 20.35
CA THR O 330 -24.19 64.81 21.41
C THR O 330 -24.09 63.36 21.88
N ARG O 331 -23.53 62.46 21.08
CA ARG O 331 -23.38 61.07 21.47
C ARG O 331 -21.93 60.80 21.83
N LEU O 332 -21.69 60.43 23.09
CA LEU O 332 -20.34 60.23 23.58
C LEU O 332 -19.68 59.02 22.95
N ASN O 333 -18.37 59.12 22.74
CA ASN O 333 -17.56 57.98 22.33
C ASN O 333 -17.26 57.17 23.59
N GLY O 334 -18.00 56.08 23.79
CA GLY O 334 -17.85 55.31 25.01
C GLY O 334 -16.49 54.67 25.15
N ALA O 335 -15.91 54.21 24.04
CA ALA O 335 -14.60 53.57 24.10
C ALA O 335 -13.54 54.55 24.56
N LYS O 336 -13.38 55.66 23.83
CA LYS O 336 -12.39 56.68 24.17
C LYS O 336 -12.48 57.06 25.64
N MSE O 337 -13.67 57.45 26.10
CA MSE O 337 -13.90 57.84 27.48
C MSE O 337 -13.36 56.81 28.45
O MSE O 337 -12.73 57.15 29.45
CB MSE O 337 -15.38 58.07 27.76
CG MSE O 337 -15.71 58.27 29.23
SE MSE O 337 -17.56 58.76 29.55
CE MSE O 337 -18.43 57.42 28.44
N LYS O 338 -13.60 55.52 28.15
CA LYS O 338 -13.06 54.47 29.00
C LYS O 338 -11.54 54.45 28.95
N GLN O 339 -10.98 54.43 27.74
CA GLN O 339 -9.53 54.31 27.60
C GLN O 339 -8.81 55.44 28.32
N LEU O 340 -9.18 56.69 27.99
CA LEU O 340 -8.67 57.84 28.72
C LEU O 340 -8.78 57.61 30.23
N PHE O 341 -9.98 57.23 30.69
CA PHE O 341 -10.19 56.97 32.11
C PHE O 341 -9.16 55.98 32.64
N SER O 342 -8.99 54.86 31.93
CA SER O 342 -8.08 53.82 32.39
C SER O 342 -6.68 54.36 32.62
N ILE O 343 -6.28 55.36 31.83
CA ILE O 343 -4.99 56.00 32.08
C ILE O 343 -5.10 56.98 33.25
N LEU O 344 -6.05 57.91 33.17
CA LEU O 344 -6.07 59.03 34.10
C LEU O 344 -6.27 58.56 35.54
N GLU O 345 -7.18 57.61 35.74
CA GLU O 345 -7.37 57.03 37.07
C GLU O 345 -6.06 56.53 37.65
N GLU O 346 -5.26 55.84 36.82
CA GLU O 346 -3.94 55.41 37.26
C GLU O 346 -3.13 56.59 37.78
N LEU O 347 -3.04 57.66 36.97
CA LEU O 347 -2.32 58.85 37.40
C LEU O 347 -2.91 59.41 38.69
N ALA O 348 -4.22 59.26 38.88
CA ALA O 348 -4.85 59.72 40.12
C ALA O 348 -4.40 58.88 41.31
N MSE O 349 -4.29 57.56 41.13
CA MSE O 349 -4.04 56.66 42.26
C MSE O 349 -2.63 56.79 42.81
O MSE O 349 -2.31 56.25 43.86
CB MSE O 349 -4.32 55.22 41.85
CG MSE O 349 -5.78 54.92 41.56
SE MSE O 349 -6.94 55.24 43.09
CE MSE O 349 -8.65 54.77 42.29
N VAL O 350 -1.77 57.52 42.09
CA VAL O 350 -0.41 57.74 42.57
C VAL O 350 -0.43 58.70 43.75
N THR O 351 -1.32 59.69 43.73
CA THR O 351 -1.46 60.61 44.85
C THR O 351 -2.08 59.95 46.07
N SER O 352 -2.68 58.76 45.91
CA SER O 352 -3.29 58.08 47.05
C SER O 352 -2.25 57.63 48.07
N LEU O 353 -1.03 57.35 47.62
CA LEU O 353 0.02 56.81 48.47
C LEU O 353 1.22 57.76 48.47
N ARG O 354 1.79 57.96 49.65
CA ARG O 354 3.01 58.76 49.77
C ARG O 354 4.24 57.85 49.68
N PRO O 355 5.36 58.37 49.17
CA PRO O 355 6.56 57.55 49.05
C PRO O 355 7.11 57.18 50.41
N PRO O 356 7.54 55.92 50.60
CA PRO O 356 8.16 55.52 51.87
C PRO O 356 9.60 56.03 51.93
N VAL O 357 9.73 57.32 52.24
CA VAL O 357 10.99 58.05 52.11
C VAL O 357 11.15 58.99 53.29
N GLN O 358 12.34 59.00 53.88
CA GLN O 358 12.71 60.01 54.87
C GLN O 358 13.42 61.15 54.15
N ALA O 359 13.00 62.38 54.42
CA ALA O 359 13.51 63.55 53.71
C ALA O 359 13.84 64.65 54.70
N ASN O 360 15.11 65.05 54.74
CA ASN O 360 15.54 66.16 55.58
C ASN O 360 15.28 67.48 54.85
N PRO O 361 14.48 68.38 55.40
CA PRO O 361 14.12 69.61 54.66
C PRO O 361 15.31 70.48 54.30
N ASP O 362 16.42 70.42 55.05
CA ASP O 362 17.58 71.22 54.69
C ASP O 362 18.15 70.77 53.35
N LEU O 363 18.33 69.46 53.18
CA LEU O 363 18.80 68.93 51.91
C LEU O 363 17.79 69.18 50.81
N LEU O 364 16.49 69.13 51.13
CA LEU O 364 15.47 69.50 50.14
C LEU O 364 15.68 70.92 49.63
N SER O 365 15.87 71.87 50.54
CA SER O 365 16.07 73.26 50.13
C SER O 365 17.33 73.40 49.29
N LEU O 366 18.44 72.82 49.76
CA LEU O 366 19.69 72.91 49.01
C LEU O 366 19.54 72.29 47.61
N LEU O 367 18.91 71.12 47.53
CA LEU O 367 18.68 70.46 46.25
C LEU O 367 17.83 71.31 45.32
N THR O 368 16.76 71.92 45.85
CA THR O 368 15.93 72.79 45.01
C THR O 368 16.74 73.95 44.46
N VAL O 369 17.55 74.59 45.31
CA VAL O 369 18.37 75.70 44.86
C VAL O 369 19.34 75.24 43.78
N SER O 370 19.90 74.03 43.93
CA SER O 370 20.83 73.53 42.91
C SER O 370 20.11 73.22 41.60
N LEU O 371 18.93 72.59 41.68
CA LEU O 371 18.17 72.27 40.48
C LEU O 371 17.67 73.51 39.75
N ASP O 372 17.54 74.64 40.46
CA ASP O 372 17.06 75.85 39.81
C ASP O 372 18.01 76.36 38.73
N GLN O 373 19.30 76.08 38.87
CA GLN O 373 20.30 76.57 37.92
C GLN O 373 20.03 76.02 36.53
N TYR O 374 19.84 76.92 35.57
CA TYR O 374 19.47 76.57 34.20
C TYR O 374 20.62 76.87 33.25
N GLN O 375 20.82 75.98 32.28
CA GLN O 375 21.79 76.16 31.20
C GLN O 375 21.11 75.81 29.88
N THR O 376 21.36 76.62 28.85
CA THR O 376 20.85 76.27 27.54
C THR O 376 21.63 75.09 26.97
N GLU O 377 20.99 74.40 26.02
CA GLU O 377 21.59 73.21 25.43
C GLU O 377 22.97 73.52 24.85
N ASP O 378 23.08 74.64 24.14
CA ASP O 378 24.35 75.01 23.52
C ASP O 378 25.43 75.26 24.57
N GLU O 379 25.05 75.80 25.73
CA GLU O 379 26.03 76.02 26.79
C GLU O 379 26.58 74.70 27.33
N LEU O 380 25.71 73.72 27.53
CA LEU O 380 26.18 72.41 27.95
C LEU O 380 27.08 71.78 26.90
N TYR O 381 26.74 71.95 25.62
CA TYR O 381 27.61 71.44 24.57
C TYR O 381 28.97 72.12 24.58
N GLN O 382 28.99 73.44 24.80
CA GLN O 382 30.26 74.15 24.88
C GLN O 382 31.10 73.68 26.06
N LEU O 383 30.47 73.45 27.22
CA LEU O 383 31.19 72.90 28.36
C LEU O 383 31.76 71.52 28.04
N SER O 384 30.97 70.68 27.36
CA SER O 384 31.46 69.38 26.94
C SER O 384 32.68 69.52 26.04
N LEU O 385 32.65 70.48 25.11
CA LEU O 385 33.81 70.75 24.28
C LEU O 385 35.00 71.19 25.12
N GLN O 386 34.74 71.97 26.18
CA GLN O 386 35.81 72.39 27.07
C GLN O 386 36.50 71.19 27.70
N ARG O 387 35.72 70.26 28.24
CA ARG O 387 36.31 69.10 28.90
C ARG O 387 37.05 68.21 27.91
N GLU O 388 36.47 67.97 26.74
CA GLU O 388 37.09 67.12 25.72
C GLU O 388 36.80 67.69 24.34
N PRO O 389 37.78 68.33 23.71
CA PRO O 389 37.60 68.79 22.33
C PRO O 389 37.74 67.61 21.36
N ARG O 390 37.46 67.90 20.09
CA ARG O 390 37.55 66.89 19.04
C ARG O 390 38.83 67.05 18.24
N MET P 3 14.04 38.08 10.14
CA MET P 3 13.31 39.26 9.71
C MET P 3 13.87 40.51 10.38
N ARG P 4 14.40 41.41 9.56
CA ARG P 4 15.09 42.59 10.08
C ARG P 4 14.11 43.57 10.71
N GLU P 5 14.46 44.07 11.89
CA GLU P 5 13.65 45.02 12.62
C GLU P 5 14.23 46.43 12.48
N TYR P 6 13.35 47.41 12.27
CA TYR P 6 13.74 48.78 12.05
C TYR P 6 13.05 49.68 13.06
N LYS P 7 13.82 50.59 13.67
CA LYS P 7 13.30 51.60 14.58
C LYS P 7 13.24 52.93 13.83
N LEU P 8 12.04 53.40 13.52
CA LEU P 8 11.86 54.66 12.81
C LEU P 8 11.15 55.63 13.74
N VAL P 9 11.77 56.79 13.98
CA VAL P 9 11.28 57.77 14.93
C VAL P 9 10.75 58.97 14.16
N VAL P 10 9.57 59.44 14.56
CA VAL P 10 8.92 60.55 13.87
C VAL P 10 9.02 61.79 14.76
N LEU P 11 9.70 62.81 14.27
CA LEU P 11 9.90 64.06 15.00
C LEU P 11 9.10 65.17 14.32
N GLY P 12 8.61 66.10 15.13
CA GLY P 12 7.78 67.17 14.61
C GLY P 12 7.47 68.19 15.68
N SER P 13 6.81 69.25 15.25
CA SER P 13 6.52 70.39 16.12
C SER P 13 5.20 70.26 16.88
N GLY P 14 4.41 69.23 16.60
CA GLY P 14 3.19 69.00 17.36
C GLY P 14 1.92 69.35 16.63
N GLY P 15 1.92 70.48 15.93
CA GLY P 15 0.81 70.87 15.09
C GLY P 15 0.91 70.38 13.66
N VAL P 16 1.84 69.46 13.39
CA VAL P 16 2.12 69.02 12.03
C VAL P 16 1.44 67.71 11.68
N GLY P 17 0.81 67.04 12.64
CA GLY P 17 0.14 65.78 12.35
C GLY P 17 1.07 64.62 12.11
N LYS P 18 2.11 64.49 12.93
CA LYS P 18 2.98 63.31 12.85
C LYS P 18 2.26 62.07 13.37
N SER P 19 1.42 62.23 14.39
CA SER P 19 0.60 61.12 14.85
C SER P 19 -0.35 60.65 13.76
N ALA P 20 -0.86 61.58 12.96
CA ALA P 20 -1.71 61.21 11.83
C ALA P 20 -0.97 60.30 10.85
N LEU P 21 0.27 60.69 10.49
CA LEU P 21 1.06 59.85 9.59
C LEU P 21 1.36 58.49 10.21
N THR P 22 1.68 58.48 11.50
CA THR P 22 1.97 57.21 12.16
C THR P 22 0.77 56.27 12.14
N VAL P 23 -0.41 56.77 12.53
CA VAL P 23 -1.60 55.93 12.57
C VAL P 23 -2.01 55.52 11.17
N GLN P 24 -1.87 56.41 10.19
CA GLN P 24 -2.19 56.07 8.81
C GLN P 24 -1.27 54.97 8.28
N PHE P 25 0.01 55.01 8.68
CA PHE P 25 0.93 53.97 8.24
C PHE P 25 0.61 52.63 8.88
N VAL P 26 0.53 52.60 10.22
CA VAL P 26 0.44 51.33 10.93
C VAL P 26 -0.98 50.79 10.88
N GLN P 27 -1.96 51.61 11.25
CA GLN P 27 -3.35 51.16 11.29
C GLN P 27 -4.07 51.37 9.97
N GLY P 28 -3.65 52.36 9.18
CA GLY P 28 -4.41 52.73 8.00
C GLY P 28 -5.67 53.49 8.38
N ILE P 29 -6.67 53.40 7.51
CA ILE P 29 -8.00 53.92 7.78
C ILE P 29 -8.73 52.88 8.65
N PHE P 30 -9.93 53.22 9.13
CA PHE P 30 -10.77 52.37 9.99
C PHE P 30 -10.00 51.87 11.21
N VAL P 31 -9.78 52.81 12.12
CA VAL P 31 -8.95 52.65 13.31
C VAL P 31 -9.59 51.70 14.33
N GLU P 32 -10.75 51.14 13.97
CA GLU P 32 -11.90 51.00 14.86
C GLU P 32 -11.55 50.88 16.34
N LYS P 33 -10.86 49.81 16.73
CA LYS P 33 -10.44 49.63 18.11
C LYS P 33 -8.94 49.90 18.17
N TYR P 34 -8.57 51.03 18.76
CA TYR P 34 -7.19 51.50 18.70
C TYR P 34 -6.70 51.71 20.12
N ASP P 35 -5.63 51.01 20.48
CA ASP P 35 -5.09 51.03 21.83
C ASP P 35 -3.62 51.44 21.76
N PRO P 36 -3.29 52.69 22.09
CA PRO P 36 -1.89 53.14 22.04
C PRO P 36 -1.03 52.64 23.18
N THR P 37 -1.58 51.87 24.12
CA THR P 37 -0.84 51.45 25.30
C THR P 37 -0.22 50.06 25.17
N ILE P 38 -0.46 49.36 24.06
CA ILE P 38 -0.02 47.99 23.90
C ILE P 38 1.12 47.95 22.88
N GLU P 39 1.82 46.81 22.83
CA GLU P 39 3.07 46.71 22.09
C GLU P 39 2.87 46.81 20.58
N ASP P 40 1.82 46.18 20.05
CA ASP P 40 1.61 46.11 18.61
C ASP P 40 0.97 47.35 18.03
N SER P 41 0.77 48.41 18.82
CA SER P 41 0.13 49.62 18.33
C SER P 41 0.97 50.36 17.30
N TYR P 42 2.29 50.15 17.32
CA TYR P 42 3.19 50.88 16.43
C TYR P 42 4.10 49.94 15.65
N ARG P 43 3.76 48.66 15.58
CA ARG P 43 4.54 47.66 14.87
C ARG P 43 3.77 47.26 13.61
N LYS P 44 4.46 47.28 12.46
CA LYS P 44 3.87 46.87 11.20
C LYS P 44 4.87 46.04 10.41
N GLN P 45 4.43 44.87 9.92
CA GLN P 45 5.25 44.06 9.04
C GLN P 45 5.04 44.52 7.60
N VAL P 46 6.14 44.80 6.91
CA VAL P 46 6.12 45.46 5.60
C VAL P 46 7.17 44.81 4.71
N GLU P 47 6.84 44.64 3.44
CA GLU P 47 7.81 44.17 2.46
C GLU P 47 8.32 45.36 1.66
N VAL P 48 9.64 45.52 1.62
CA VAL P 48 10.29 46.56 0.82
C VAL P 48 11.48 45.93 0.10
N ASP P 49 11.55 46.16 -1.21
CA ASP P 49 12.64 45.63 -2.05
C ASP P 49 12.77 44.12 -1.87
N ALA P 50 11.64 43.43 -1.95
CA ALA P 50 11.58 41.97 -1.80
C ALA P 50 12.22 41.51 -0.49
N GLN P 51 12.11 42.33 0.54
CA GLN P 51 12.62 42.00 1.87
C GLN P 51 11.51 42.18 2.88
N GLN P 52 11.31 41.18 3.73
CA GLN P 52 10.35 41.28 4.83
C GLN P 52 11.01 41.98 6.02
N CYS P 53 10.34 43.02 6.52
CA CYS P 53 10.88 43.83 7.60
C CYS P 53 9.79 44.12 8.62
N MET P 54 10.17 44.18 9.90
CA MET P 54 9.26 44.62 10.95
C MET P 54 9.63 46.04 11.36
N LEU P 55 8.75 46.98 11.10
CA LEU P 55 8.99 48.39 11.42
C LEU P 55 8.28 48.74 12.72
N GLU P 56 8.97 49.47 13.59
CA GLU P 56 8.36 50.06 14.77
C GLU P 56 8.49 51.57 14.67
N ILE P 57 7.34 52.24 14.75
CA ILE P 57 7.27 53.69 14.65
C ILE P 57 7.24 54.26 16.06
N LEU P 58 8.22 55.11 16.38
CA LEU P 58 8.30 55.78 17.67
C LEU P 58 7.77 57.19 17.45
N ASP P 59 6.52 57.40 17.84
CA ASP P 59 5.87 58.70 17.73
C ASP P 59 6.16 59.50 18.99
N THR P 60 6.63 60.72 18.81
CA THR P 60 7.00 61.62 19.91
C THR P 60 5.88 62.61 20.22
N ALA P 61 4.64 62.14 20.14
CA ALA P 61 3.49 63.03 20.12
C ALA P 61 3.41 63.90 21.37
N GLY P 62 3.55 63.29 22.54
CA GLY P 62 3.43 64.05 23.77
C GLY P 62 4.68 64.07 24.63
N THR P 63 5.85 63.94 23.99
CA THR P 63 7.10 63.80 24.71
C THR P 63 8.16 64.82 24.30
N GLU P 64 7.79 65.84 23.51
CA GLU P 64 8.79 66.80 23.03
C GLU P 64 9.15 67.84 24.08
N GLN P 65 8.56 67.79 25.27
CA GLN P 65 8.96 68.68 26.36
C GLN P 65 9.81 67.97 27.42
N PHE P 66 9.96 66.66 27.32
CA PHE P 66 10.79 65.89 28.25
C PHE P 66 12.12 65.61 27.54
N THR P 67 13.11 66.45 27.82
CA THR P 67 14.37 66.41 27.09
C THR P 67 15.03 65.03 27.17
N ALA P 68 15.01 64.41 28.36
CA ALA P 68 15.59 63.08 28.52
C ALA P 68 14.95 62.08 27.57
N MET P 69 13.62 62.09 27.49
CA MET P 69 12.93 61.18 26.59
C MET P 69 13.30 61.44 25.14
N ARG P 70 13.45 62.72 24.77
CA ARG P 70 13.85 63.07 23.42
C ARG P 70 15.24 62.51 23.09
N ASP P 71 16.18 62.70 24.01
CA ASP P 71 17.53 62.20 23.80
C ASP P 71 17.54 60.67 23.70
N LEU P 72 16.75 59.98 24.51
CA LEU P 72 16.68 58.53 24.39
C LEU P 72 16.02 58.09 23.10
N TYR P 73 15.04 58.86 22.60
CA TYR P 73 14.47 58.59 21.29
C TYR P 73 15.54 58.67 20.21
N MET P 74 16.32 59.75 20.24
CA MET P 74 17.35 59.94 19.22
C MET P 74 18.44 58.88 19.32
N LYS P 75 18.86 58.53 20.54
CA LYS P 75 19.87 57.49 20.71
C LYS P 75 19.37 56.14 20.21
N ASN P 76 18.13 55.79 20.55
CA ASN P 76 17.60 54.47 20.24
C ASN P 76 17.15 54.35 18.79
N GLY P 77 16.80 55.46 18.15
CA GLY P 77 16.23 55.40 16.82
C GLY P 77 17.27 55.12 15.74
N GLN P 78 16.87 54.34 14.74
CA GLN P 78 17.69 54.02 13.58
C GLN P 78 17.43 54.94 12.40
N GLY P 79 16.17 55.27 12.12
CA GLY P 79 15.83 56.24 11.10
C GLY P 79 14.99 57.34 11.70
N PHE P 80 15.04 58.52 11.08
CA PHE P 80 14.34 59.68 11.61
C PHE P 80 13.59 60.40 10.49
N ALA P 81 12.30 60.64 10.73
CA ALA P 81 11.45 61.39 9.82
C ALA P 81 11.12 62.73 10.47
N LEU P 82 11.64 63.82 9.91
CA LEU P 82 11.44 65.17 10.44
C LEU P 82 10.29 65.81 9.68
N VAL P 83 9.13 65.88 10.33
CA VAL P 83 7.89 66.33 9.70
C VAL P 83 7.61 67.77 10.08
N TYR P 84 7.21 68.57 9.09
CA TYR P 84 6.71 69.90 9.32
C TYR P 84 5.38 70.04 8.60
N SER P 85 4.71 71.17 8.84
CA SER P 85 3.42 71.47 8.23
C SER P 85 3.60 72.62 7.25
N ILE P 86 3.26 72.37 5.98
CA ILE P 86 3.42 73.39 4.95
C ILE P 86 2.53 74.61 5.19
N THR P 87 1.58 74.52 6.12
CA THR P 87 0.70 75.64 6.45
C THR P 87 1.28 76.54 7.52
N ALA P 88 2.39 76.17 8.15
CA ALA P 88 2.99 76.96 9.21
C ALA P 88 4.50 77.00 9.01
N GLN P 89 5.06 78.20 8.94
CA GLN P 89 6.50 78.34 8.73
C GLN P 89 7.29 77.93 9.97
N SER P 90 6.74 78.21 11.16
CA SER P 90 7.46 77.91 12.39
C SER P 90 7.75 76.41 12.52
N THR P 91 6.81 75.57 12.07
CA THR P 91 7.03 74.13 12.12
C THR P 91 8.17 73.72 11.19
N PHE P 92 8.36 74.46 10.10
CA PHE P 92 9.51 74.23 9.23
C PHE P 92 10.80 74.67 9.90
N ASN P 93 10.81 75.87 10.48
CA ASN P 93 12.02 76.39 11.10
C ASN P 93 12.46 75.57 12.31
N ASP P 94 11.52 74.94 13.01
CA ASP P 94 11.86 74.16 14.20
C ASP P 94 12.67 72.91 13.90
N LEU P 95 12.78 72.49 12.64
CA LEU P 95 13.43 71.23 12.31
C LEU P 95 14.95 71.31 12.34
N GLN P 96 15.53 72.50 12.15
CA GLN P 96 16.99 72.64 12.18
C GLN P 96 17.56 72.18 13.52
N ASP P 97 17.00 72.69 14.63
CA ASP P 97 17.51 72.30 15.94
C ASP P 97 17.35 70.81 16.17
N LEU P 98 16.24 70.23 15.71
CA LEU P 98 16.04 68.79 15.82
C LEU P 98 17.12 68.03 15.08
N ARG P 99 17.42 68.45 13.85
CA ARG P 99 18.50 67.82 13.09
C ARG P 99 19.83 67.93 13.82
N GLU P 100 20.13 69.12 14.36
CA GLU P 100 21.38 69.30 15.11
C GLU P 100 21.44 68.36 16.30
N GLN P 101 20.32 68.18 17.00
CA GLN P 101 20.33 67.32 18.18
C GLN P 101 20.50 65.85 17.78
N ILE P 102 19.91 65.44 16.67
CA ILE P 102 20.16 64.08 16.17
C ILE P 102 21.62 63.91 15.79
N LEU P 103 22.20 64.89 15.09
CA LEU P 103 23.60 64.84 14.70
C LEU P 103 24.54 64.93 15.91
N ARG P 104 24.06 65.42 17.05
CA ARG P 104 24.87 65.44 18.26
C ARG P 104 24.77 64.14 19.06
N VAL P 105 23.58 63.54 19.12
CA VAL P 105 23.43 62.28 19.85
C VAL P 105 24.25 61.18 19.17
N LYS P 106 23.98 60.94 17.90
CA LYS P 106 24.90 60.15 17.10
C LYS P 106 26.13 60.98 16.79
N ASP P 107 27.32 60.43 17.05
CA ASP P 107 28.53 61.21 16.87
C ASP P 107 28.79 61.56 15.40
N THR P 108 28.11 60.90 14.48
CA THR P 108 28.39 61.08 13.06
C THR P 108 27.49 62.14 12.44
N ASP P 109 27.74 62.44 11.16
CA ASP P 109 26.93 63.35 10.39
C ASP P 109 25.99 62.63 9.42
N ASP P 110 26.24 61.34 9.17
CA ASP P 110 25.48 60.55 8.22
C ASP P 110 24.47 59.70 8.99
N VAL P 111 23.22 60.15 9.04
CA VAL P 111 22.15 59.46 9.76
C VAL P 111 20.99 59.24 8.80
N PRO P 112 20.38 58.06 8.80
CA PRO P 112 19.19 57.85 7.95
C PRO P 112 18.07 58.81 8.35
N MET P 113 17.71 59.69 7.42
CA MET P 113 16.82 60.78 7.77
C MET P 113 16.10 61.28 6.52
N ILE P 114 14.79 61.52 6.66
CA ILE P 114 13.96 62.07 5.59
C ILE P 114 13.26 63.32 6.09
N LEU P 115 13.17 64.34 5.25
CA LEU P 115 12.47 65.59 5.56
C LEU P 115 11.09 65.55 4.92
N VAL P 116 10.06 65.66 5.76
CA VAL P 116 8.67 65.46 5.34
C VAL P 116 7.89 66.75 5.51
N GLY P 117 7.27 67.21 4.44
CA GLY P 117 6.31 68.29 4.50
C GLY P 117 4.90 67.76 4.43
N ASN P 118 4.24 67.66 5.58
CA ASN P 118 2.92 67.03 5.66
C ASN P 118 1.82 68.05 5.34
N LYS P 119 0.58 67.57 5.30
CA LYS P 119 -0.60 68.40 5.07
C LYS P 119 -0.52 69.08 3.69
N CYS P 120 -0.07 68.33 2.68
CA CYS P 120 0.13 68.89 1.36
C CYS P 120 -1.16 69.01 0.57
N ASP P 121 -2.26 68.44 1.05
CA ASP P 121 -3.55 68.62 0.38
C ASP P 121 -4.16 69.99 0.62
N LEU P 122 -3.61 70.77 1.56
CA LEU P 122 -4.09 72.12 1.84
C LEU P 122 -3.33 73.14 1.01
N GLU P 123 -3.43 72.99 -0.32
CA GLU P 123 -2.70 73.85 -1.23
C GLU P 123 -3.14 75.32 -1.09
N ASP P 124 -4.37 75.55 -0.64
CA ASP P 124 -4.83 76.92 -0.43
C ASP P 124 -4.23 77.55 0.81
N GLU P 125 -3.74 76.76 1.75
CA GLU P 125 -3.22 77.27 3.02
C GLU P 125 -1.71 77.19 3.13
N ARG P 126 -1.01 76.75 2.10
CA ARG P 126 0.43 76.54 2.21
C ARG P 126 1.17 77.87 2.22
N VAL P 127 2.26 77.92 3.00
CA VAL P 127 3.12 79.09 3.07
C VAL P 127 4.57 78.65 2.91
N VAL P 128 4.80 77.35 2.88
CA VAL P 128 6.13 76.77 2.74
C VAL P 128 6.20 76.08 1.39
N GLY P 129 6.89 76.70 0.44
CA GLY P 129 7.00 76.13 -0.89
C GLY P 129 7.79 74.85 -0.92
N LYS P 130 7.60 74.10 -2.02
CA LYS P 130 8.33 72.85 -2.20
C LYS P 130 9.83 73.11 -2.34
N GLU P 131 10.19 74.21 -2.99
CA GLU P 131 11.60 74.53 -3.18
C GLU P 131 12.30 74.76 -1.85
N GLN P 132 11.58 75.22 -0.83
CA GLN P 132 12.18 75.40 0.48
C GLN P 132 12.63 74.07 1.07
N GLY P 133 11.74 73.08 1.06
CA GLY P 133 12.10 71.76 1.56
C GLY P 133 13.17 71.11 0.71
N GLN P 134 13.12 71.30 -0.61
CA GLN P 134 14.16 70.77 -1.48
C GLN P 134 15.52 71.35 -1.12
N ASN P 135 15.59 72.67 -0.98
CA ASN P 135 16.86 73.32 -0.62
C ASN P 135 17.35 72.88 0.75
N LEU P 136 16.45 72.76 1.72
CA LEU P 136 16.86 72.37 3.06
C LEU P 136 17.39 70.94 3.08
N ALA P 137 16.66 70.00 2.47
CA ALA P 137 17.12 68.62 2.39
C ALA P 137 18.43 68.52 1.63
N ARG P 138 18.61 69.35 0.61
CA ARG P 138 19.88 69.40 -0.11
C ARG P 138 21.01 69.86 0.82
N GLN P 139 20.75 70.89 1.62
CA GLN P 139 21.74 71.34 2.60
C GLN P 139 22.01 70.28 3.65
N TRP P 140 21.03 69.41 3.92
CA TRP P 140 21.19 68.34 4.92
C TRP P 140 21.81 67.10 4.28
N ASN P 141 23.05 67.26 3.81
CA ASN P 141 23.82 66.16 3.23
C ASN P 141 23.06 65.49 2.07
N ASN P 142 22.24 66.28 1.37
CA ASN P 142 21.47 65.80 0.22
C ASN P 142 20.57 64.63 0.63
N CYS P 143 19.84 64.81 1.72
CA CYS P 143 18.99 63.74 2.24
C CYS P 143 17.63 63.75 1.55
N ALA P 144 16.84 62.72 1.84
CA ALA P 144 15.56 62.54 1.17
C ALA P 144 14.56 63.61 1.59
N PHE P 145 13.68 63.97 0.64
CA PHE P 145 12.65 64.97 0.88
C PHE P 145 11.35 64.49 0.27
N LEU P 146 10.25 64.68 0.99
CA LEU P 146 8.94 64.23 0.55
C LEU P 146 7.88 65.23 1.00
N GLU P 147 6.75 65.21 0.30
CA GLU P 147 5.56 65.96 0.69
C GLU P 147 4.40 64.98 0.77
N SER P 148 3.79 64.88 1.95
CA SER P 148 2.79 63.85 2.21
C SER P 148 1.50 64.50 2.71
N SER P 149 0.45 63.70 2.74
CA SER P 149 -0.85 64.11 3.27
C SER P 149 -1.57 62.89 3.82
N ALA P 150 -1.79 62.87 5.14
CA ALA P 150 -2.46 61.73 5.75
C ALA P 150 -3.93 61.66 5.37
N LYS P 151 -4.59 62.82 5.21
CA LYS P 151 -5.98 62.83 4.80
C LYS P 151 -6.13 62.29 3.39
N SER P 152 -5.28 62.72 2.47
CA SER P 152 -5.34 62.29 1.08
C SER P 152 -4.50 61.05 0.80
N LYS P 153 -3.92 60.44 1.84
CA LYS P 153 -3.19 59.18 1.72
C LYS P 153 -2.04 59.28 0.70
N ILE P 154 -1.33 60.40 0.73
CA ILE P 154 -0.26 60.68 -0.21
C ILE P 154 1.08 60.47 0.49
N ASN P 155 1.91 59.58 -0.06
CA ASN P 155 3.31 59.44 0.32
C ASN P 155 3.48 59.04 1.78
N VAL P 156 2.49 58.35 2.37
CA VAL P 156 2.62 57.92 3.75
C VAL P 156 3.57 56.73 3.85
N ASN P 157 3.31 55.68 3.08
CA ASN P 157 4.18 54.51 3.13
C ASN P 157 5.56 54.80 2.57
N GLU P 158 5.65 55.71 1.61
CA GLU P 158 6.94 56.00 0.98
C GLU P 158 7.93 56.62 1.96
N ILE P 159 7.42 57.34 2.96
CA ILE P 159 8.29 57.93 3.98
C ILE P 159 9.13 56.83 4.64
N PHE P 160 8.45 55.83 5.18
CA PHE P 160 9.14 54.78 5.92
C PHE P 160 9.83 53.79 4.99
N TYR P 161 9.30 53.61 3.77
CA TYR P 161 10.03 52.83 2.77
C TYR P 161 11.40 53.45 2.51
N ASP P 162 11.44 54.75 2.21
CA ASP P 162 12.70 55.42 1.95
C ASP P 162 13.58 55.44 3.19
N LEU P 163 12.99 55.51 4.38
CA LEU P 163 13.78 55.41 5.60
C LEU P 163 14.49 54.06 5.69
N VAL P 164 13.75 52.97 5.44
CA VAL P 164 14.36 51.64 5.44
C VAL P 164 15.44 51.54 4.38
N ARG P 165 15.18 52.10 3.20
CA ARG P 165 16.20 52.12 2.15
C ARG P 165 17.46 52.81 2.62
N GLN P 166 17.32 53.98 3.26
CA GLN P 166 18.49 54.69 3.76
C GLN P 166 19.22 53.86 4.81
N ILE P 167 18.47 53.12 5.63
CA ILE P 167 19.10 52.28 6.65
C ILE P 167 19.93 51.18 6.00
N ASN P 168 19.38 50.52 4.98
CA ASN P 168 20.11 49.45 4.30
C ASN P 168 21.20 49.98 3.36
N ARG P 169 21.09 51.21 2.89
CA ARG P 169 22.02 51.75 1.90
C ARG P 169 23.46 51.76 2.39
#